data_8DBW
#
_entry.id   8DBW
#
_cell.length_a   1.00
_cell.length_b   1.00
_cell.length_c   1.00
_cell.angle_alpha   90.00
_cell.angle_beta   90.00
_cell.angle_gamma   90.00
#
_symmetry.space_group_name_H-M   'P 1'
#
loop_
_entity.id
_entity.type
_entity.pdbx_description
1 polymer 'ATP synthase subunit alpha'
2 polymer 'ATP synthase subunit beta'
3 polymer 'ATP synthase gamma chain'
4 polymer 'ATP synthase epsilon chain'
5 polymer 'ATP synthase subunit c'
6 polymer 'ATP synthase subunit delta'
7 polymer 'ATP synthase subunit b'
8 polymer 'ATP synthase subunit a'
9 non-polymer "ADENOSINE-5'-TRIPHOSPHATE"
10 non-polymer 'MAGNESIUM ION'
11 non-polymer "ADENOSINE-5'-DIPHOSPHATE"
#
loop_
_entity_poly.entity_id
_entity_poly.type
_entity_poly.pdbx_seq_one_letter_code
_entity_poly.pdbx_strand_id
1 'polypeptide(L)'
;QLNSTEISELIKQRIAQFNVVSEAHNEGTIVSVSDGVIRIHGLADAMQGEMISLPGNRYAIALNLERDSVGAVVMGPYAD
LAEGMKVKATGRILEVPVGRGLLGRVVNTLGAPIDGKGPLDHDGFSAVEAIAPGVIERQSVDQPVQTGYKAVDSMIPIGR
GQRELIIGDRQTGKTALAIDAIINQRDSGIKAIYVAIGQKASTISNVVRKLEEHGALANTIVVVATASESAALQYLAPYA
GAAMGEYFRDRGEDALIIYDDLSKQAVAYRQISLLLRRPPGREAFPGDVFYLHSRLLERAARVNAEYVEAFTKGEVKGKT
GSLTALPIIETQAGDVSAFVPTNVISITDGQIFLETNLFNAGIRPAVNPGISVSRVGGAAQTKIMKKLSGGIRTALAQYR
ELAAFSQFASDLDDATRNQLDHGQKVTELLKQKQYAPMSVAQQSLVLFAAERGYLADVELSKIGSFEAALLAYVDRDHAP
LMQEINQTGGYNDEIEGKLKGILDSFKATQSW
;
A,B,C
2 'polypeptide(L)'
;MATGKIVQVIGAVVDVEFPQDAVPRVYDALEVQNGNERLVLEVQQQLGGGIVRTIAMGSSDGLRRGLDVKDLEHPIEVPV
GKATLGRIMNVLGEPVDMKGEIGEEERWAIHRAAPSYEELSNSQELLETGIKVIDLMAPFAKGGKVGLFGGAGVGKTVNM
MELIRNIAIEHSGYSVFAGVGERTREGNDFYHEMTDSNVIDKVSLVYGQMNEPPGNRLRVALTGLTMAEKFRDEGRDVLL
FVDNIYRYTLAGTEVSALLGRMPSAVGYQPTLAEEMGVLQERITSTKTGSITSVQAVYVPADDLTDPSPATTFAHLDATV
VLSRQIASLGIYPAVDPLDSTSRQLDPLVVGQEHYDTARGVQSILQRYQELKDIIAILGMDELSEEDKLVVARARKIQRF
LSQPFFVAEVFTGSPGKYVSLKDTIRGFKGIMEGEYDHLPEQAFYMVGSIEEAVEKAKKL
;
D,E,F
3 'polypeptide(L)'
;AGAKDIRSKIASVQNTQKITKAMEMVAASKMRKSQDRMAASRPYAETMRKVIGHLAHGNLEYKHPYLEDRDVKRVGYLVV
STDRGLAGGLNINLFKKLLAEMKTWTDKGVQADLAMIGSKGVSFFNSVGGNVVAQVTGMGDNPSLSELIGPVKVMLQAYD
EGRLDKLYIVSNKFINTMSQVPTISQLLPLPASDDDDLKHKSWDYLYEPDPKALLDTLLRRYVESQVYQGVVENLASEQA
ARMVAMKAATDNGGSLIKELQLVYNKARQASITQELTEIVSGAA
;
G
4 'polypeptide(L)'
;TYHLDVVSAEQQMFSGLVEKIQVTGSEGELGIYPGHAPLLTAIKPGMIRIVKQHGHEEFIYLSGGILEVQPGNVTVLADT
AIRGQDLDEARAMEAKRKAEEHISSSHGDVDYAQASAELAKAIAQLRVIELTKK
;
H
5 'polypeptide(L)' NLNMDLLYMAAAVMMGLAAIGAAIGIGILGGKFLEGAARQPDLIPLLRTQFFIVMGLVDAIPMIAVGLGLYVMFAVA I,J,L,M,N,O,P,Q,R,S
6 'polypeptide(L)'
;EFITVARPYAKAAFDFAVEHQSVERWQDMLAFAAEVTKNEQMAELLSGALAPETLAESFIAVAGEQLDENGQNLIRVMAE
NGRLNALPDVLEQFIHLRAVSEATAEVDVISAAALSEQQLAKISAAMEKRLSRKVKLNAKIDKSVMAGVIIRAGDMVIDG
SVRGRLERLADVL
;
W
7 'polypeptide(L)'
;MNLNATILGQAIAFVLFVLFAMKYVWPPLMAAIEKRQKEIADGLASAERAHKDLDLAKASATDQLKKAKAEAQVIIEQAN
KRRSQILDEAKAEAEQERTKIVAQAQAEIEAERKRAREELRKQVAILAVAGAEKIIERSVDEAANSDIVDKLVAE
;
X,Y
8 'polypeptide(L)'
;ENMTPQDYIGHHLNNLQLDLRTFASLVDPQNPPAYWTINIDSFMFSVVLGLLFLVLFRSVAKKATSGVPGKFQTAIELVI
GFVNGSVKDMYHGKSKLIAPLALTIFVWVFLMNLMDLLPIDLLPYIAEHVLGLPALRVVPSADVNVTLSMALGVFILILF
YSIKMKGIGGFTKELTLQPFNHWAFIPVNLILEGVSLLSKPVSLGLRLFGNMYAGELIFILIAGLLPWWSQWILNVPWAI
FHILIITLQAFIFMVLTIVYLSMASE
;
a
#
# COMPACT_ATOMS: atom_id res chain seq x y z
N ASN A 3 41.28 -45.13 75.88
CA ASN A 3 41.30 -44.24 77.03
C ASN A 3 40.28 -43.12 76.86
N SER A 4 39.07 -43.46 76.40
CA SER A 4 38.10 -42.43 76.03
C SER A 4 37.80 -41.49 77.19
N THR A 5 37.36 -42.04 78.32
CA THR A 5 37.01 -41.18 79.46
C THR A 5 38.24 -40.46 80.01
N GLU A 6 39.37 -41.16 80.12
CA GLU A 6 40.58 -40.54 80.63
C GLU A 6 41.04 -39.40 79.74
N ILE A 7 41.02 -39.61 78.43
CA ILE A 7 41.55 -38.59 77.52
C ILE A 7 40.58 -37.41 77.41
N SER A 8 39.27 -37.67 77.45
CA SER A 8 38.32 -36.57 77.45
C SER A 8 38.45 -35.74 78.72
N GLU A 9 38.67 -36.40 79.86
CA GLU A 9 38.91 -35.66 81.10
C GLU A 9 40.20 -34.86 81.02
N LEU A 10 41.24 -35.43 80.42
CA LEU A 10 42.49 -34.70 80.25
C LEU A 10 42.27 -33.43 79.43
N ILE A 11 41.53 -33.55 78.33
CA ILE A 11 41.22 -32.38 77.50
C ILE A 11 40.44 -31.37 78.31
N LYS A 12 39.43 -31.83 79.06
CA LYS A 12 38.64 -30.89 79.86
C LYS A 12 39.51 -30.14 80.86
N GLN A 13 40.41 -30.84 81.55
CA GLN A 13 41.19 -30.17 82.60
C GLN A 13 42.21 -29.21 81.99
N ARG A 14 42.81 -29.56 80.85
CA ARG A 14 43.70 -28.59 80.24
C ARG A 14 42.96 -27.37 79.70
N ILE A 15 41.78 -27.57 79.10
CA ILE A 15 41.01 -26.44 78.59
C ILE A 15 40.56 -25.54 79.74
N ALA A 16 40.11 -26.14 80.85
CA ALA A 16 39.71 -25.34 82.01
C ALA A 16 40.90 -24.60 82.61
N GLN A 17 42.05 -25.28 82.71
CA GLN A 17 43.24 -24.64 83.24
C GLN A 17 43.74 -23.53 82.31
N PHE A 18 43.50 -23.67 81.00
CA PHE A 18 43.80 -22.61 80.05
C PHE A 18 42.88 -21.41 80.23
N ASN A 19 41.74 -21.60 80.88
CA ASN A 19 40.78 -20.54 81.19
C ASN A 19 40.16 -19.92 79.94
N VAL A 20 40.10 -20.68 78.84
CA VAL A 20 39.27 -20.29 77.71
C VAL A 20 37.81 -20.57 78.04
N VAL A 21 36.91 -19.80 77.44
CA VAL A 21 35.51 -19.84 77.84
C VAL A 21 34.63 -19.46 76.66
N SER A 22 33.39 -19.93 76.70
CA SER A 22 32.39 -19.63 75.69
C SER A 22 31.94 -18.17 75.74
N GLU A 23 31.48 -17.67 74.60
CA GLU A 23 30.74 -16.42 74.58
C GLU A 23 29.50 -16.55 75.46
N ALA A 24 29.21 -15.49 76.21
CA ALA A 24 27.92 -15.43 76.92
C ALA A 24 26.80 -15.26 75.91
N HIS A 25 25.69 -15.96 76.14
CA HIS A 25 24.53 -15.78 75.28
C HIS A 25 24.03 -14.35 75.38
N ASN A 26 23.49 -13.85 74.27
CA ASN A 26 23.10 -12.45 74.02
C ASN A 26 24.30 -11.51 73.94
N GLU A 27 25.51 -12.05 73.77
CA GLU A 27 26.70 -11.24 73.48
C GLU A 27 27.49 -11.87 72.34
N GLY A 28 28.27 -11.03 71.65
CA GLY A 28 29.09 -11.48 70.55
C GLY A 28 30.15 -10.45 70.22
N THR A 29 30.94 -10.76 69.19
CA THR A 29 32.03 -9.89 68.75
C THR A 29 31.95 -9.69 67.25
N ILE A 30 32.23 -8.46 66.81
CA ILE A 30 32.32 -8.17 65.39
C ILE A 30 33.58 -8.80 64.82
N VAL A 31 33.45 -9.48 63.69
CA VAL A 31 34.57 -10.15 63.05
C VAL A 31 34.80 -9.69 61.61
N SER A 32 33.97 -8.80 61.09
CA SER A 32 34.17 -8.23 59.77
C SER A 32 33.24 -7.03 59.60
N VAL A 33 33.78 -5.97 59.00
CA VAL A 33 33.02 -4.76 58.68
C VAL A 33 33.29 -4.41 57.22
N SER A 34 32.22 -4.23 56.45
CA SER A 34 32.38 -3.96 55.02
C SER A 34 31.12 -3.31 54.47
N ASP A 35 31.25 -2.07 53.98
CA ASP A 35 30.22 -1.41 53.19
C ASP A 35 28.87 -1.38 53.90
N GLY A 36 28.90 -1.09 55.20
CA GLY A 36 27.67 -1.01 55.97
C GLY A 36 27.09 -2.33 56.40
N VAL A 37 27.79 -3.44 56.18
CA VAL A 37 27.34 -4.77 56.58
C VAL A 37 28.40 -5.39 57.46
N ILE A 38 28.00 -5.96 58.58
CA ILE A 38 28.92 -6.51 59.57
C ILE A 38 28.59 -7.98 59.82
N ARG A 39 29.62 -8.75 60.14
CA ARG A 39 29.49 -10.15 60.52
C ARG A 39 29.90 -10.30 61.97
N ILE A 40 29.10 -11.05 62.74
CA ILE A 40 29.26 -11.15 64.19
C ILE A 40 29.40 -12.62 64.56
N HIS A 41 30.41 -12.92 65.38
CA HIS A 41 30.59 -14.26 65.92
C HIS A 41 29.91 -14.37 67.28
N GLY A 42 29.33 -15.54 67.56
CA GLY A 42 28.61 -15.75 68.80
C GLY A 42 27.16 -15.33 68.69
N LEU A 43 26.62 -14.74 69.75
CA LEU A 43 25.26 -14.18 69.74
C LEU A 43 24.23 -15.26 69.41
N ALA A 44 24.21 -16.30 70.26
CA ALA A 44 23.35 -17.44 70.00
C ALA A 44 21.87 -17.07 70.11
N ASP A 45 21.50 -16.37 71.20
CA ASP A 45 20.11 -15.99 71.41
C ASP A 45 19.79 -14.71 70.65
N ALA A 46 19.91 -14.79 69.34
CA ALA A 46 19.60 -13.69 68.43
C ALA A 46 18.47 -14.10 67.51
N MET A 47 17.40 -13.33 67.50
CA MET A 47 16.28 -13.55 66.60
C MET A 47 16.53 -12.85 65.28
N GLN A 48 15.88 -13.35 64.22
CA GLN A 48 15.91 -12.64 62.96
C GLN A 48 15.07 -11.37 63.05
N GLY A 49 15.61 -10.27 62.53
CA GLY A 49 14.96 -8.98 62.65
C GLY A 49 15.19 -8.28 63.97
N GLU A 50 16.00 -8.86 64.86
CA GLU A 50 16.28 -8.25 66.14
C GLU A 50 17.19 -7.05 65.97
N MET A 51 17.12 -6.12 66.93
CA MET A 51 18.01 -4.97 67.01
C MET A 51 19.14 -5.31 67.97
N ILE A 52 20.38 -5.23 67.48
CA ILE A 52 21.57 -5.51 68.28
C ILE A 52 22.30 -4.20 68.52
N SER A 53 22.69 -3.97 69.77
CA SER A 53 23.31 -2.71 70.17
C SER A 53 24.81 -2.76 69.89
N LEU A 54 25.29 -1.81 69.10
CA LEU A 54 26.71 -1.66 68.82
C LEU A 54 27.34 -0.71 69.83
N PRO A 55 28.67 -0.65 69.89
CA PRO A 55 29.31 0.41 70.67
C PRO A 55 28.88 1.78 70.16
N GLY A 56 28.70 2.70 71.10
CA GLY A 56 27.94 3.91 70.83
C GLY A 56 26.46 3.63 70.97
N ASN A 57 25.66 4.60 70.52
CA ASN A 57 24.21 4.42 70.51
C ASN A 57 23.70 3.83 69.21
N ARG A 58 24.59 3.49 68.28
CA ARG A 58 24.20 2.91 67.02
C ARG A 58 23.60 1.52 67.21
N TYR A 59 22.66 1.16 66.33
CA TYR A 59 21.99 -0.13 66.38
C TYR A 59 22.10 -0.81 65.02
N ALA A 60 22.04 -2.13 65.01
CA ALA A 60 22.14 -2.91 63.80
C ALA A 60 21.02 -3.94 63.73
N ILE A 61 20.56 -4.22 62.51
CA ILE A 61 19.49 -5.17 62.27
C ILE A 61 20.11 -6.50 61.87
N ALA A 62 19.81 -7.56 62.64
CA ALA A 62 20.30 -8.90 62.33
C ALA A 62 19.34 -9.54 61.33
N LEU A 63 19.75 -9.61 60.07
CA LEU A 63 18.91 -10.14 59.00
C LEU A 63 19.19 -11.59 58.64
N ASN A 64 20.43 -12.05 58.79
CA ASN A 64 20.82 -13.37 58.33
C ASN A 64 21.45 -14.15 59.49
N LEU A 65 20.86 -15.29 59.82
CA LEU A 65 21.36 -16.17 60.89
C LEU A 65 21.98 -17.40 60.25
N GLU A 66 23.27 -17.29 59.91
CA GLU A 66 24.02 -18.44 59.43
C GLU A 66 24.49 -19.29 60.61
N ARG A 67 25.05 -20.44 60.29
CA ARG A 67 25.69 -21.27 61.30
C ARG A 67 27.08 -20.70 61.58
N ASP A 68 27.35 -20.40 62.85
CA ASP A 68 28.59 -19.81 63.33
C ASP A 68 28.79 -18.36 62.89
N SER A 69 27.72 -17.68 62.46
CA SER A 69 27.85 -16.27 62.06
C SER A 69 26.48 -15.61 61.99
N VAL A 70 26.45 -14.33 62.34
CA VAL A 70 25.26 -13.49 62.20
C VAL A 70 25.61 -12.32 61.29
N GLY A 71 24.80 -12.13 60.24
CA GLY A 71 24.98 -11.04 59.32
C GLY A 71 24.01 -9.92 59.62
N ALA A 72 24.55 -8.72 59.88
CA ALA A 72 23.75 -7.60 60.31
C ALA A 72 24.05 -6.37 59.47
N VAL A 73 23.08 -5.46 59.42
CA VAL A 73 23.18 -4.21 58.67
C VAL A 73 23.20 -3.05 59.66
N VAL A 74 24.14 -2.12 59.45
CA VAL A 74 24.29 -0.97 60.34
C VAL A 74 23.31 0.11 59.92
N MET A 75 22.61 0.69 60.90
CA MET A 75 21.63 1.74 60.65
C MET A 75 22.28 3.09 60.95
N GLY A 76 23.04 3.59 59.98
CA GLY A 76 23.74 4.84 60.12
C GLY A 76 25.15 4.76 59.57
N PRO A 77 26.03 5.65 60.02
CA PRO A 77 27.44 5.55 59.60
C PRO A 77 28.11 4.33 60.23
N TYR A 78 28.94 3.65 59.44
CA TYR A 78 29.58 2.42 59.85
C TYR A 78 31.10 2.50 59.87
N ALA A 79 31.69 3.62 59.43
CA ALA A 79 33.14 3.72 59.30
C ALA A 79 33.84 3.79 60.65
N ASP A 80 33.11 3.78 61.76
CA ASP A 80 33.70 3.85 63.09
C ASP A 80 33.90 2.50 63.75
N LEU A 81 33.36 1.43 63.17
CA LEU A 81 33.38 0.11 63.77
C LEU A 81 34.65 -0.65 63.38
N ALA A 82 34.92 -1.73 64.11
CA ALA A 82 36.10 -2.55 63.87
C ALA A 82 35.90 -3.92 64.53
N GLU A 83 36.89 -4.79 64.35
CA GLU A 83 36.87 -6.10 64.98
C GLU A 83 37.03 -5.97 66.49
N GLY A 84 36.70 -7.05 67.19
CA GLY A 84 36.86 -7.13 68.63
C GLY A 84 35.84 -6.36 69.43
N MET A 85 34.89 -5.69 68.78
CA MET A 85 33.90 -4.89 69.49
C MET A 85 32.79 -5.80 70.02
N LYS A 86 32.50 -5.69 71.30
CA LYS A 86 31.42 -6.46 71.90
C LYS A 86 30.07 -5.92 71.43
N VAL A 87 29.14 -6.83 71.15
CA VAL A 87 27.80 -6.48 70.69
C VAL A 87 26.80 -7.18 71.60
N LYS A 88 25.93 -6.40 72.24
CA LYS A 88 24.83 -6.96 72.99
C LYS A 88 23.59 -7.08 72.12
N ALA A 89 22.71 -7.99 72.48
CA ALA A 89 21.51 -8.29 71.70
C ALA A 89 20.28 -7.89 72.53
N THR A 90 19.79 -6.68 72.29
CA THR A 90 18.55 -6.22 72.92
C THR A 90 17.37 -6.90 72.24
N GLY A 91 16.68 -7.77 72.96
CA GLY A 91 15.60 -8.54 72.39
C GLY A 91 14.34 -7.75 72.13
N ARG A 92 14.40 -6.79 71.20
CA ARG A 92 13.25 -5.99 70.83
C ARG A 92 13.39 -5.60 69.37
N ILE A 93 12.27 -5.65 68.64
CA ILE A 93 12.27 -5.28 67.23
C ILE A 93 12.18 -3.76 67.11
N LEU A 94 12.44 -3.24 65.91
CA LEU A 94 12.52 -1.80 65.70
C LEU A 94 11.15 -1.17 65.89
N GLU A 95 11.09 -0.16 66.76
CA GLU A 95 9.88 0.59 67.03
C GLU A 95 10.10 2.07 66.71
N VAL A 96 9.02 2.76 66.38
CA VAL A 96 9.10 4.14 65.92
C VAL A 96 8.12 5.00 66.71
N PRO A 97 8.46 6.25 67.01
CA PRO A 97 7.48 7.13 67.66
C PRO A 97 6.28 7.35 66.76
N VAL A 98 5.10 7.44 67.37
CA VAL A 98 3.85 7.62 66.63
C VAL A 98 2.88 8.39 67.50
N GLY A 99 2.05 9.21 66.85
CA GLY A 99 1.07 10.01 67.55
C GLY A 99 0.61 11.17 66.69
N ARG A 100 -0.26 11.99 67.28
CA ARG A 100 -0.75 13.17 66.59
C ARG A 100 0.27 14.30 66.55
N GLY A 101 1.23 14.32 67.46
CA GLY A 101 2.22 15.38 67.50
C GLY A 101 3.22 15.37 66.35
N LEU A 102 3.18 14.34 65.51
CA LEU A 102 4.07 14.27 64.36
C LEU A 102 3.58 15.10 63.19
N LEU A 103 2.32 15.54 63.22
CA LEU A 103 1.78 16.32 62.12
C LEU A 103 2.50 17.65 62.00
N GLY A 104 3.12 17.89 60.85
CA GLY A 104 3.91 19.09 60.63
C GLY A 104 5.39 18.94 60.89
N ARG A 105 5.85 17.76 61.30
CA ARG A 105 7.25 17.53 61.63
C ARG A 105 7.93 16.73 60.52
N VAL A 106 9.20 17.04 60.31
CA VAL A 106 10.05 16.30 59.36
C VAL A 106 10.93 15.36 60.18
N VAL A 107 10.83 14.06 59.88
CA VAL A 107 11.41 13.03 60.74
C VAL A 107 12.20 12.06 59.86
N ASN A 108 13.26 11.50 60.45
CA ASN A 108 14.03 10.45 59.79
C ASN A 108 13.41 9.08 60.07
N THR A 109 14.02 8.04 59.50
CA THR A 109 13.44 6.70 59.56
C THR A 109 13.34 6.19 61.00
N LEU A 110 14.26 6.59 61.87
CA LEU A 110 14.31 6.09 63.23
C LEU A 110 13.48 6.91 64.22
N GLY A 111 12.81 7.96 63.76
CA GLY A 111 12.01 8.79 64.63
C GLY A 111 12.68 10.06 65.13
N ALA A 112 13.86 10.40 64.62
CA ALA A 112 14.57 11.59 65.07
C ALA A 112 14.15 12.78 64.21
N PRO A 113 13.63 13.87 64.80
CA PRO A 113 13.31 15.05 64.01
C PRO A 113 14.56 15.64 63.36
N ILE A 114 14.39 16.14 62.13
CA ILE A 114 15.47 16.81 61.41
C ILE A 114 15.08 18.23 61.00
N ASP A 115 13.84 18.65 61.25
CA ASP A 115 13.46 20.03 60.97
C ASP A 115 14.06 21.01 61.97
N GLY A 116 14.49 20.52 63.14
CA GLY A 116 15.10 21.38 64.13
C GLY A 116 14.13 22.16 65.00
N LYS A 117 12.85 21.78 65.00
CA LYS A 117 11.82 22.46 65.78
C LYS A 117 11.51 21.77 67.10
N GLY A 118 12.49 21.09 67.70
CA GLY A 118 12.31 20.51 69.00
C GLY A 118 11.95 19.04 68.97
N PRO A 119 11.87 18.42 70.15
CA PRO A 119 11.54 17.00 70.22
C PRO A 119 10.07 16.74 69.90
N LEU A 120 9.76 15.47 69.65
CA LEU A 120 8.41 15.07 69.30
C LEU A 120 7.53 14.99 70.54
N ASP A 121 6.22 14.90 70.30
CA ASP A 121 5.21 14.66 71.33
C ASP A 121 4.41 13.46 70.85
N HIS A 122 4.89 12.25 71.15
CA HIS A 122 4.32 11.04 70.58
C HIS A 122 3.40 10.34 71.57
N ASP A 123 2.40 9.67 71.02
CA ASP A 123 1.47 8.87 71.81
C ASP A 123 1.94 7.40 71.85
N GLY A 124 3.10 7.22 72.48
CA GLY A 124 3.70 5.90 72.56
C GLY A 124 4.44 5.52 71.29
N PHE A 125 5.02 4.33 71.33
CA PHE A 125 5.76 3.77 70.20
C PHE A 125 4.92 2.69 69.52
N SER A 126 5.35 2.31 68.31
CA SER A 126 4.72 1.22 67.58
C SER A 126 5.77 0.51 66.74
N ALA A 127 5.49 -0.75 66.43
CA ALA A 127 6.44 -1.59 65.71
C ALA A 127 6.44 -1.26 64.22
N VAL A 128 7.64 -1.26 63.63
CA VAL A 128 7.76 -0.95 62.20
C VAL A 128 7.22 -2.08 61.35
N GLU A 129 7.58 -3.33 61.69
CA GLU A 129 7.22 -4.49 60.89
C GLU A 129 6.05 -5.21 61.58
N ALA A 130 4.86 -5.07 61.00
CA ALA A 130 3.66 -5.70 61.52
C ALA A 130 2.89 -6.34 60.36
N ILE A 131 1.89 -7.15 60.71
CA ILE A 131 1.07 -7.82 59.73
C ILE A 131 -0.24 -7.06 59.55
N ALA A 132 -0.86 -7.26 58.38
CA ALA A 132 -2.03 -6.53 57.93
C ALA A 132 -3.31 -7.17 58.46
N PRO A 133 -4.41 -6.41 58.51
CA PRO A 133 -5.69 -7.00 58.92
C PRO A 133 -6.16 -8.06 57.93
N GLY A 134 -6.86 -9.07 58.47
CA GLY A 134 -7.32 -10.18 57.67
C GLY A 134 -8.57 -9.87 56.87
N VAL A 135 -9.05 -10.89 56.16
CA VAL A 135 -10.21 -10.73 55.29
C VAL A 135 -11.44 -10.35 56.10
N ILE A 136 -11.65 -11.03 57.23
CA ILE A 136 -12.83 -10.77 58.05
C ILE A 136 -12.82 -9.38 58.68
N GLU A 137 -11.65 -8.73 58.72
CA GLU A 137 -11.49 -7.45 59.39
C GLU A 137 -11.57 -6.26 58.43
N ARG A 138 -11.75 -6.50 57.14
CA ARG A 138 -11.82 -5.46 56.12
C ARG A 138 -13.22 -4.86 56.02
N GLN A 139 -13.32 -3.79 55.24
CA GLN A 139 -14.59 -3.22 54.81
C GLN A 139 -14.40 -2.64 53.41
N SER A 140 -15.49 -2.63 52.64
CA SER A 140 -15.43 -2.22 51.23
C SER A 140 -15.22 -0.71 51.12
N VAL A 141 -14.87 -0.28 49.91
CA VAL A 141 -14.53 1.12 49.62
C VAL A 141 -15.71 1.74 48.87
N ASP A 142 -16.32 2.76 49.47
CA ASP A 142 -17.41 3.48 48.82
C ASP A 142 -17.40 4.98 49.09
N GLN A 143 -16.27 5.55 49.50
CA GLN A 143 -16.18 6.98 49.78
C GLN A 143 -15.02 7.59 48.99
N PRO A 144 -15.24 8.74 48.37
CA PRO A 144 -14.22 9.33 47.51
C PRO A 144 -13.24 10.23 48.26
N VAL A 145 -12.07 10.40 47.64
CA VAL A 145 -11.07 11.37 48.07
C VAL A 145 -10.61 12.15 46.85
N GLN A 146 -10.71 13.48 46.92
CA GLN A 146 -10.49 14.33 45.76
C GLN A 146 -9.02 14.68 45.59
N THR A 147 -8.50 14.41 44.39
CA THR A 147 -7.14 14.84 44.06
C THR A 147 -7.06 16.35 43.88
N GLY A 148 -8.16 16.98 43.49
CA GLY A 148 -8.16 18.37 43.10
C GLY A 148 -7.95 18.60 41.62
N TYR A 149 -7.53 17.59 40.89
CA TYR A 149 -7.36 17.67 39.45
C TYR A 149 -8.65 17.23 38.76
N LYS A 150 -8.70 17.42 37.44
CA LYS A 150 -9.90 17.08 36.69
C LYS A 150 -9.81 15.69 36.05
N ALA A 151 -8.73 15.42 35.33
CA ALA A 151 -8.58 14.13 34.67
C ALA A 151 -8.61 12.98 35.66
N VAL A 152 -7.87 13.12 36.77
CA VAL A 152 -7.79 12.04 37.76
C VAL A 152 -9.14 11.83 38.43
N ASP A 153 -9.68 12.89 39.05
CA ASP A 153 -10.93 12.75 39.79
C ASP A 153 -12.11 12.37 38.90
N SER A 154 -12.04 12.63 37.60
CA SER A 154 -13.13 12.23 36.72
C SER A 154 -12.94 10.80 36.20
N MET A 155 -11.84 10.56 35.47
CA MET A 155 -11.70 9.28 34.78
C MET A 155 -11.18 8.17 35.67
N ILE A 156 -10.29 8.48 36.61
CA ILE A 156 -9.62 7.45 37.41
C ILE A 156 -9.81 7.80 38.88
N PRO A 157 -11.01 7.62 39.42
CA PRO A 157 -11.28 8.08 40.79
C PRO A 157 -10.54 7.26 41.83
N ILE A 158 -10.31 7.89 42.97
CA ILE A 158 -9.64 7.26 44.11
C ILE A 158 -10.59 7.27 45.29
N GLY A 159 -10.73 6.12 45.94
CA GLY A 159 -11.59 5.99 47.10
C GLY A 159 -10.81 5.77 48.38
N ARG A 160 -11.44 6.01 49.53
CA ARG A 160 -10.77 5.88 50.82
C ARG A 160 -10.53 4.41 51.12
N GLY A 161 -9.27 3.99 51.09
CA GLY A 161 -8.89 2.60 51.21
C GLY A 161 -8.28 2.01 49.94
N GLN A 162 -8.15 2.81 48.89
CA GLN A 162 -7.70 2.35 47.59
C GLN A 162 -6.18 2.44 47.48
N ARG A 163 -5.63 1.73 46.49
CA ARG A 163 -4.19 1.71 46.25
C ARG A 163 -3.93 2.04 44.78
N GLU A 164 -3.38 3.22 44.54
CA GLU A 164 -3.21 3.74 43.18
C GLU A 164 -1.74 3.85 42.84
N LEU A 165 -1.37 3.32 41.66
CA LEU A 165 0.00 3.35 41.18
C LEU A 165 0.16 4.50 40.18
N ILE A 166 0.97 5.49 40.55
CA ILE A 166 1.30 6.61 39.68
C ILE A 166 2.64 6.26 39.02
N ILE A 167 2.63 6.04 37.71
CA ILE A 167 3.78 5.46 37.02
C ILE A 167 4.07 6.27 35.77
N GLY A 168 5.36 6.43 35.46
CA GLY A 168 5.78 7.16 34.28
C GLY A 168 7.27 7.31 34.24
N ASP A 169 7.73 8.00 33.20
CA ASP A 169 9.15 8.25 33.03
C ASP A 169 9.62 9.36 33.96
N ARG A 170 10.91 9.69 33.86
CA ARG A 170 11.47 10.76 34.68
C ARG A 170 10.96 12.12 34.22
N GLN A 171 10.78 13.02 35.19
CA GLN A 171 10.42 14.42 34.91
C GLN A 171 9.14 14.51 34.08
N THR A 172 8.08 13.87 34.58
CA THR A 172 6.78 13.88 33.92
C THR A 172 5.67 14.43 34.78
N GLY A 173 5.95 14.88 36.01
CA GLY A 173 4.96 15.47 36.88
C GLY A 173 4.42 14.59 37.99
N LYS A 174 5.05 13.44 38.26
CA LYS A 174 4.53 12.50 39.25
C LYS A 174 4.55 13.12 40.65
N THR A 175 5.70 13.68 41.06
CA THR A 175 5.82 14.31 42.36
C THR A 175 4.81 15.44 42.52
N ALA A 176 4.66 16.27 41.47
CA ALA A 176 3.73 17.38 41.52
C ALA A 176 2.30 16.86 41.71
N LEU A 177 1.92 15.83 40.97
CA LEU A 177 0.56 15.30 41.09
C LEU A 177 0.30 14.78 42.51
N ALA A 178 1.26 14.05 43.07
CA ALA A 178 1.09 13.52 44.42
C ALA A 178 0.92 14.63 45.44
N ILE A 179 1.85 15.60 45.45
CA ILE A 179 1.76 16.62 46.49
C ILE A 179 0.57 17.55 46.24
N ASP A 180 0.12 17.70 44.99
CA ASP A 180 -1.12 18.41 44.73
C ASP A 180 -2.30 17.68 45.34
N ALA A 181 -2.27 16.35 45.29
CA ALA A 181 -3.29 15.57 46.00
C ALA A 181 -3.22 15.79 47.50
N ILE A 182 -2.01 15.96 48.05
CA ILE A 182 -1.89 16.26 49.48
C ILE A 182 -2.44 17.65 49.80
N ILE A 183 -2.20 18.62 48.91
CA ILE A 183 -2.61 20.01 49.16
C ILE A 183 -4.12 20.09 49.32
N ASN A 184 -4.87 19.27 48.57
CA ASN A 184 -6.31 19.29 48.68
C ASN A 184 -6.80 18.73 50.02
N GLN A 185 -5.97 17.99 50.73
CA GLN A 185 -6.30 17.54 52.08
C GLN A 185 -6.09 18.65 53.11
N ARG A 186 -5.82 19.87 52.65
CA ARG A 186 -5.78 21.02 53.55
C ARG A 186 -7.04 21.11 54.39
N ASP A 187 -8.19 20.87 53.76
CA ASP A 187 -9.48 21.08 54.42
C ASP A 187 -10.48 19.96 54.13
N SER A 188 -10.03 18.80 53.66
CA SER A 188 -10.90 17.68 53.34
C SER A 188 -11.13 16.74 54.51
N GLY A 189 -10.50 16.98 55.65
CA GLY A 189 -10.67 16.14 56.81
C GLY A 189 -9.88 14.85 56.80
N ILE A 190 -8.94 14.70 55.88
CA ILE A 190 -8.12 13.50 55.76
C ILE A 190 -6.68 13.85 56.07
N LYS A 191 -6.05 13.08 56.95
CA LYS A 191 -4.66 13.28 57.30
C LYS A 191 -3.75 12.64 56.26
N ALA A 192 -2.51 13.11 56.18
CA ALA A 192 -1.63 12.72 55.09
C ALA A 192 -0.23 12.41 55.59
N ILE A 193 0.48 11.59 54.83
CA ILE A 193 1.88 11.25 55.08
C ILE A 193 2.62 11.23 53.75
N TYR A 194 3.82 11.79 53.74
CA TYR A 194 4.67 11.85 52.55
C TYR A 194 6.02 11.22 52.88
N VAL A 195 6.39 10.18 52.12
CA VAL A 195 7.60 9.41 52.38
C VAL A 195 8.57 9.61 51.21
N ALA A 196 9.76 10.10 51.51
CA ALA A 196 10.77 10.42 50.50
C ALA A 196 11.93 9.44 50.61
N ILE A 197 12.21 8.71 49.53
CA ILE A 197 13.23 7.67 49.51
C ILE A 197 14.23 7.98 48.40
N GLY A 198 15.52 8.00 48.75
CA GLY A 198 16.59 8.15 47.79
C GLY A 198 16.72 9.53 47.17
N GLN A 199 15.94 10.51 47.60
CA GLN A 199 15.94 11.84 47.02
C GLN A 199 17.06 12.69 47.61
N LYS A 200 17.48 13.70 46.86
CA LYS A 200 18.38 14.68 47.43
C LYS A 200 17.60 15.61 48.36
N ALA A 201 18.31 16.12 49.38
CA ALA A 201 17.67 16.83 50.48
C ALA A 201 17.05 18.15 50.01
N SER A 202 17.72 18.85 49.08
CA SER A 202 17.24 20.16 48.65
C SER A 202 15.84 20.08 48.01
N THR A 203 15.58 18.99 47.27
CA THR A 203 14.24 18.79 46.71
C THR A 203 13.20 18.66 47.82
N ILE A 204 13.56 17.95 48.89
CA ILE A 204 12.65 17.85 50.03
C ILE A 204 12.38 19.22 50.61
N SER A 205 13.42 20.05 50.74
CA SER A 205 13.20 21.40 51.20
C SER A 205 12.27 22.17 50.27
N ASN A 206 12.41 21.96 48.97
CA ASN A 206 11.58 22.67 48.01
C ASN A 206 10.10 22.30 48.17
N VAL A 207 9.81 21.01 48.27
CA VAL A 207 8.42 20.59 48.40
C VAL A 207 7.86 21.01 49.75
N VAL A 208 8.69 21.01 50.81
CA VAL A 208 8.21 21.45 52.12
C VAL A 208 7.88 22.93 52.08
N ARG A 209 8.72 23.73 51.41
CA ARG A 209 8.46 25.16 51.29
C ARG A 209 7.18 25.45 50.52
N LYS A 210 6.99 24.74 49.39
CA LYS A 210 5.77 24.92 48.62
C LYS A 210 4.54 24.43 49.37
N LEU A 211 4.71 23.44 50.26
CA LEU A 211 3.63 22.98 51.13
C LEU A 211 3.41 23.89 52.33
N GLU A 212 4.41 24.71 52.66
CA GLU A 212 4.34 25.69 53.73
C GLU A 212 3.64 26.95 53.27
N GLU A 213 3.79 27.30 52.00
CA GLU A 213 3.07 28.44 51.46
C GLU A 213 1.57 28.25 51.56
N HIS A 214 1.09 27.04 51.28
CA HIS A 214 -0.30 26.65 51.51
C HIS A 214 -0.46 26.06 52.91
N GLY A 215 -1.71 25.89 53.31
CA GLY A 215 -1.96 25.43 54.67
C GLY A 215 -1.83 23.94 54.90
N ALA A 216 -1.48 23.17 53.86
CA ALA A 216 -1.50 21.71 53.96
C ALA A 216 -0.41 21.15 54.88
N LEU A 217 0.65 21.92 55.15
CA LEU A 217 1.73 21.41 56.00
C LEU A 217 1.27 21.19 57.44
N ALA A 218 0.11 21.74 57.82
CA ALA A 218 -0.38 21.61 59.18
C ALA A 218 -0.74 20.17 59.52
N ASN A 219 -1.40 19.45 58.60
CA ASN A 219 -1.96 18.13 58.88
C ASN A 219 -1.30 17.03 58.05
N THR A 220 0.01 17.07 57.87
CA THR A 220 0.72 16.02 57.17
C THR A 220 2.03 15.71 57.88
N ILE A 221 2.46 14.45 57.75
CA ILE A 221 3.72 13.97 58.30
C ILE A 221 4.68 13.73 57.15
N VAL A 222 5.94 14.16 57.33
CA VAL A 222 6.96 14.02 56.30
C VAL A 222 8.06 13.11 56.82
N VAL A 223 8.35 12.04 56.08
CA VAL A 223 9.40 11.07 56.43
C VAL A 223 10.47 11.12 55.35
N VAL A 224 11.73 11.27 55.76
CA VAL A 224 12.83 11.57 54.84
C VAL A 224 13.93 10.55 55.00
N ALA A 225 14.43 10.05 53.86
CA ALA A 225 15.62 9.21 53.83
C ALA A 225 16.36 9.55 52.53
N THR A 226 17.41 10.36 52.65
CA THR A 226 18.07 10.93 51.47
C THR A 226 19.08 9.95 50.88
N ALA A 227 19.70 10.36 49.77
CA ALA A 227 20.63 9.49 49.05
C ALA A 227 21.88 9.19 49.86
N SER A 228 22.27 10.08 50.77
CA SER A 228 23.46 9.87 51.58
C SER A 228 23.25 8.90 52.72
N GLU A 229 21.99 8.55 53.02
CA GLU A 229 21.71 7.68 54.15
C GLU A 229 22.07 6.24 53.83
N SER A 230 22.16 5.43 54.88
CA SER A 230 22.48 4.02 54.72
C SER A 230 21.33 3.29 54.03
N ALA A 231 21.67 2.15 53.41
CA ALA A 231 20.68 1.39 52.66
C ALA A 231 19.55 0.90 53.56
N ALA A 232 19.87 0.51 54.79
CA ALA A 232 18.84 0.02 55.70
C ALA A 232 17.81 1.10 56.00
N LEU A 233 18.26 2.34 56.22
CA LEU A 233 17.32 3.42 56.51
C LEU A 233 16.38 3.69 55.35
N GLN A 234 16.92 3.72 54.11
CA GLN A 234 16.07 3.92 52.95
C GLN A 234 15.07 2.78 52.80
N TYR A 235 15.55 1.54 52.98
CA TYR A 235 14.69 0.38 52.84
C TYR A 235 13.57 0.36 53.88
N LEU A 236 13.86 0.87 55.09
CA LEU A 236 12.87 0.86 56.15
C LEU A 236 12.01 2.11 56.22
N ALA A 237 12.34 3.16 55.46
CA ALA A 237 11.52 4.38 55.51
C ALA A 237 10.06 4.12 55.14
N PRO A 238 9.72 3.42 54.04
CA PRO A 238 8.30 3.18 53.76
C PRO A 238 7.58 2.41 54.86
N TYR A 239 8.24 1.43 55.47
CA TYR A 239 7.59 0.70 56.56
C TYR A 239 7.37 1.57 57.78
N ALA A 240 8.31 2.46 58.09
CA ALA A 240 8.10 3.40 59.20
C ALA A 240 6.91 4.33 58.92
N GLY A 241 6.83 4.84 57.69
CA GLY A 241 5.68 5.67 57.35
C GLY A 241 4.38 4.90 57.41
N ALA A 242 4.40 3.63 56.99
CA ALA A 242 3.21 2.79 57.10
C ALA A 242 2.82 2.57 58.55
N ALA A 243 3.81 2.39 59.42
CA ALA A 243 3.52 2.26 60.85
C ALA A 243 2.85 3.52 61.39
N MET A 244 3.27 4.69 60.91
CA MET A 244 2.61 5.92 61.33
C MET A 244 1.18 6.02 60.79
N GLY A 245 0.95 5.56 59.57
CA GLY A 245 -0.41 5.54 59.04
C GLY A 245 -1.32 4.58 59.79
N GLU A 246 -0.78 3.45 60.22
CA GLU A 246 -1.57 2.45 60.93
C GLU A 246 -2.17 2.99 62.21
N TYR A 247 -1.51 3.96 62.85
CA TYR A 247 -2.04 4.52 64.09
C TYR A 247 -3.44 5.11 63.86
N PHE A 248 -3.55 5.98 62.86
CA PHE A 248 -4.84 6.58 62.53
C PHE A 248 -5.81 5.55 61.96
N ARG A 249 -5.30 4.60 61.16
CA ARG A 249 -6.18 3.56 60.63
C ARG A 249 -6.85 2.77 61.75
N ASP A 250 -6.05 2.29 62.71
CA ASP A 250 -6.53 1.47 63.81
C ASP A 250 -7.29 2.27 64.87
N ARG A 251 -7.15 3.59 64.88
CA ARG A 251 -7.95 4.41 65.78
C ARG A 251 -9.13 5.08 65.08
N GLY A 252 -9.38 4.78 63.81
CA GLY A 252 -10.63 5.12 63.17
C GLY A 252 -10.70 6.43 62.41
N GLU A 253 -9.60 6.90 61.82
CA GLU A 253 -9.60 8.13 61.06
C GLU A 253 -9.03 7.91 59.67
N ASP A 254 -9.46 8.74 58.73
CA ASP A 254 -9.05 8.61 57.33
C ASP A 254 -7.67 9.21 57.12
N ALA A 255 -6.87 8.55 56.29
CA ALA A 255 -5.49 9.00 56.07
C ALA A 255 -5.05 8.66 54.66
N LEU A 256 -4.01 9.37 54.21
CA LEU A 256 -3.43 9.20 52.89
C LEU A 256 -1.91 9.14 53.04
N ILE A 257 -1.27 8.18 52.37
CA ILE A 257 0.17 8.01 52.46
C ILE A 257 0.75 7.95 51.05
N ILE A 258 1.85 8.65 50.83
CA ILE A 258 2.55 8.69 49.55
C ILE A 258 3.91 8.00 49.73
N TYR A 259 4.21 7.07 48.84
CA TYR A 259 5.54 6.47 48.75
C TYR A 259 6.18 7.06 47.50
N ASP A 260 7.03 8.08 47.70
CA ASP A 260 7.49 8.91 46.59
C ASP A 260 8.24 8.10 45.54
N ASP A 261 8.93 7.03 45.94
CA ASP A 261 9.66 6.21 44.99
C ASP A 261 9.82 4.80 45.56
N LEU A 262 8.99 3.87 45.07
CA LEU A 262 9.15 2.47 45.45
C LEU A 262 10.36 1.83 44.78
N SER A 263 10.72 2.30 43.59
CA SER A 263 11.85 1.73 42.88
C SER A 263 13.15 1.96 43.63
N LYS A 264 13.30 3.13 44.26
CA LYS A 264 14.51 3.37 45.05
C LYS A 264 14.53 2.51 46.31
N GLN A 265 13.37 2.24 46.92
CA GLN A 265 13.33 1.27 48.01
C GLN A 265 13.78 -0.10 47.52
N ALA A 266 13.30 -0.50 46.34
CA ALA A 266 13.70 -1.79 45.78
C ALA A 266 15.21 -1.84 45.53
N VAL A 267 15.79 -0.73 45.05
CA VAL A 267 17.23 -0.70 44.80
C VAL A 267 18.00 -0.82 46.11
N ALA A 268 17.56 -0.11 47.15
CA ALA A 268 18.22 -0.22 48.45
C ALA A 268 18.16 -1.65 48.98
N TYR A 269 17.00 -2.29 48.85
CA TYR A 269 16.88 -3.68 49.28
C TYR A 269 17.78 -4.59 48.46
N ARG A 270 17.89 -4.33 47.16
CA ARG A 270 18.79 -5.12 46.31
C ARG A 270 20.23 -5.00 46.79
N GLN A 271 20.66 -3.78 47.12
CA GLN A 271 22.02 -3.60 47.64
C GLN A 271 22.22 -4.38 48.92
N ILE A 272 21.24 -4.31 49.84
CA ILE A 272 21.34 -5.06 51.09
C ILE A 272 21.46 -6.56 50.80
N SER A 273 20.62 -7.06 49.91
CA SER A 273 20.60 -8.49 49.62
C SER A 273 21.92 -8.96 49.01
N LEU A 274 22.46 -8.21 48.05
CA LEU A 274 23.68 -8.63 47.40
C LEU A 274 24.89 -8.53 48.33
N LEU A 275 24.94 -7.48 49.15
CA LEU A 275 26.02 -7.38 50.13
C LEU A 275 25.97 -8.52 51.13
N LEU A 276 24.78 -9.08 51.37
CA LEU A 276 24.61 -10.22 52.26
C LEU A 276 24.85 -11.56 51.56
N ARG A 277 25.20 -11.54 50.28
CA ARG A 277 25.50 -12.74 49.49
C ARG A 277 24.28 -13.66 49.36
N ARG A 278 23.08 -13.09 49.34
CA ARG A 278 21.91 -13.88 49.00
C ARG A 278 21.85 -14.12 47.50
N PRO A 279 21.26 -15.23 47.07
CA PRO A 279 21.22 -15.54 45.64
C PRO A 279 20.43 -14.51 44.86
N PRO A 280 20.93 -14.05 43.72
CA PRO A 280 20.23 -13.06 42.92
C PRO A 280 19.28 -13.67 41.92
N GLY A 281 18.25 -12.90 41.55
CA GLY A 281 17.26 -13.33 40.59
C GLY A 281 17.23 -12.50 39.32
N ARG A 282 16.03 -12.25 38.81
CA ARG A 282 15.88 -11.47 37.58
C ARG A 282 16.32 -10.03 37.81
N GLU A 283 17.09 -9.49 36.85
CA GLU A 283 17.72 -8.18 36.95
C GLU A 283 18.44 -7.99 38.27
N ALA A 284 19.02 -9.08 38.80
CA ALA A 284 19.83 -9.11 40.02
C ALA A 284 19.01 -8.83 41.27
N PHE A 285 17.73 -8.51 41.14
CA PHE A 285 16.89 -8.30 42.31
C PHE A 285 16.57 -9.66 42.95
N PRO A 286 16.58 -9.75 44.28
CA PRO A 286 16.20 -11.00 44.92
C PRO A 286 14.70 -11.27 44.79
N GLY A 287 14.34 -12.55 44.89
CA GLY A 287 12.95 -12.93 44.65
C GLY A 287 11.96 -12.31 45.59
N ASP A 288 12.38 -11.98 46.82
CA ASP A 288 11.48 -11.43 47.82
C ASP A 288 11.24 -9.92 47.64
N VAL A 289 11.56 -9.36 46.46
CA VAL A 289 11.13 -8.00 46.17
C VAL A 289 9.62 -7.92 46.10
N PHE A 290 8.99 -8.93 45.48
CA PHE A 290 7.53 -9.00 45.47
C PHE A 290 7.00 -9.12 46.89
N TYR A 291 7.67 -9.90 47.73
CA TYR A 291 7.22 -10.01 49.13
C TYR A 291 7.35 -8.67 49.83
N LEU A 292 8.44 -7.95 49.59
CA LEU A 292 8.63 -6.61 50.14
C LEU A 292 7.46 -5.70 49.79
N HIS A 293 7.24 -5.49 48.48
CA HIS A 293 6.18 -4.56 48.06
C HIS A 293 4.80 -5.06 48.46
N SER A 294 4.57 -6.38 48.43
CA SER A 294 3.25 -6.90 48.76
C SER A 294 2.93 -6.70 50.24
N ARG A 295 3.87 -7.08 51.13
CA ARG A 295 3.59 -6.91 52.54
C ARG A 295 3.56 -5.44 52.93
N LEU A 296 4.22 -4.57 52.16
CA LEU A 296 4.05 -3.14 52.41
C LEU A 296 2.67 -2.66 51.98
N LEU A 297 2.31 -2.88 50.70
CA LEU A 297 1.10 -2.29 50.15
C LEU A 297 -0.16 -2.85 50.78
N GLU A 298 -0.19 -4.16 51.10
CA GLU A 298 -1.41 -4.72 51.68
C GLU A 298 -1.68 -4.19 53.08
N ARG A 299 -0.73 -3.48 53.70
CA ARG A 299 -1.03 -2.84 54.97
C ARG A 299 -1.97 -1.65 54.83
N ALA A 300 -2.07 -1.06 53.63
CA ALA A 300 -3.04 0.00 53.38
C ALA A 300 -4.42 -0.62 53.18
N ALA A 301 -5.39 -0.20 53.98
CA ALA A 301 -6.68 -0.88 53.99
C ALA A 301 -7.73 -0.01 54.65
N ARG A 302 -8.98 -0.47 54.54
CA ARG A 302 -10.11 0.05 55.30
C ARG A 302 -10.64 -1.07 56.18
N VAL A 303 -10.85 -0.78 57.46
CA VAL A 303 -11.20 -1.78 58.46
C VAL A 303 -12.59 -1.49 59.00
N ASN A 304 -13.34 -2.55 59.28
CA ASN A 304 -14.71 -2.42 59.75
C ASN A 304 -14.75 -1.93 61.21
N ALA A 305 -15.93 -1.43 61.60
CA ALA A 305 -16.07 -0.80 62.91
C ALA A 305 -15.83 -1.78 64.05
N GLU A 306 -16.10 -3.06 63.84
CA GLU A 306 -15.79 -4.06 64.87
C GLU A 306 -14.30 -4.08 65.17
N TYR A 307 -13.48 -4.02 64.13
CA TYR A 307 -12.02 -4.01 64.32
C TYR A 307 -11.58 -2.77 65.08
N VAL A 308 -12.12 -1.60 64.72
CA VAL A 308 -11.76 -0.37 65.41
C VAL A 308 -12.17 -0.42 66.88
N GLU A 309 -13.38 -0.90 67.14
CA GLU A 309 -13.87 -0.99 68.52
C GLU A 309 -13.05 -1.97 69.34
N ALA A 310 -12.65 -3.10 68.74
CA ALA A 310 -11.82 -4.06 69.45
C ALA A 310 -10.42 -3.51 69.72
N PHE A 311 -9.84 -2.81 68.75
CA PHE A 311 -8.49 -2.28 68.92
C PHE A 311 -8.44 -1.22 70.00
N THR A 312 -9.36 -0.26 69.95
CA THR A 312 -9.38 0.85 70.91
C THR A 312 -9.94 0.46 72.26
N LYS A 313 -10.19 -0.84 72.49
CA LYS A 313 -10.73 -1.33 73.76
C LYS A 313 -12.02 -0.60 74.13
N GLY A 314 -12.86 -0.36 73.12
CA GLY A 314 -14.18 0.20 73.32
C GLY A 314 -14.28 1.71 73.26
N GLU A 315 -13.15 2.42 73.16
CA GLU A 315 -13.20 3.88 73.21
C GLU A 315 -13.89 4.47 71.99
N VAL A 316 -13.61 3.94 70.80
CA VAL A 316 -14.17 4.46 69.55
C VAL A 316 -15.17 3.45 69.00
N LYS A 317 -16.40 3.90 68.76
CA LYS A 317 -17.48 3.05 68.29
C LYS A 317 -18.19 3.71 67.13
N GLY A 318 -18.53 2.89 66.12
CA GLY A 318 -19.28 3.39 64.97
C GLY A 318 -18.46 4.05 63.90
N LYS A 319 -17.16 3.76 63.82
CA LYS A 319 -16.28 4.41 62.86
C LYS A 319 -15.40 3.38 62.17
N THR A 320 -15.17 3.58 60.88
CA THR A 320 -14.30 2.72 60.09
C THR A 320 -13.03 3.49 59.75
N GLY A 321 -11.88 2.94 60.17
CA GLY A 321 -10.61 3.53 59.80
C GLY A 321 -10.21 3.17 58.39
N SER A 322 -9.42 4.06 57.78
CA SER A 322 -9.06 3.88 56.38
C SER A 322 -7.74 4.58 56.09
N LEU A 323 -6.92 3.94 55.24
CA LEU A 323 -5.65 4.50 54.79
C LEU A 323 -5.54 4.27 53.29
N THR A 324 -5.33 5.35 52.54
CA THR A 324 -5.20 5.30 51.09
C THR A 324 -3.75 5.51 50.70
N ALA A 325 -3.25 4.69 49.77
CA ALA A 325 -1.83 4.67 49.42
C ALA A 325 -1.63 4.99 47.95
N LEU A 326 -0.61 5.80 47.67
CA LEU A 326 -0.25 6.20 46.31
C LEU A 326 1.23 5.95 46.06
N PRO A 327 1.61 4.71 45.76
CA PRO A 327 2.99 4.44 45.36
C PRO A 327 3.32 5.06 44.01
N ILE A 328 4.61 5.34 43.80
CA ILE A 328 5.12 5.97 42.59
C ILE A 328 6.27 5.15 42.04
N ILE A 329 6.28 4.93 40.72
CA ILE A 329 7.26 4.09 40.04
C ILE A 329 7.83 4.85 38.86
N GLU A 330 9.15 4.76 38.67
CA GLU A 330 9.82 5.35 37.52
C GLU A 330 10.10 4.26 36.49
N THR A 331 9.61 4.47 35.27
CA THR A 331 9.91 3.60 34.14
C THR A 331 11.05 4.19 33.31
N GLN A 332 11.97 3.33 32.89
CA GLN A 332 13.09 3.73 32.03
C GLN A 332 12.64 3.61 30.58
N ALA A 333 12.41 4.76 29.93
CA ALA A 333 12.00 4.81 28.52
C ALA A 333 10.74 3.98 28.29
N GLY A 334 9.85 3.95 29.28
CA GLY A 334 8.56 3.31 29.15
C GLY A 334 8.58 1.80 29.08
N ASP A 335 9.60 1.14 29.62
CA ASP A 335 9.71 -0.32 29.57
C ASP A 335 8.90 -0.91 30.71
N VAL A 336 7.62 -1.17 30.42
CA VAL A 336 6.73 -1.78 31.39
C VAL A 336 7.14 -3.22 31.70
N SER A 337 7.90 -3.86 30.79
CA SER A 337 8.26 -5.26 30.94
C SER A 337 9.24 -5.50 32.07
N ALA A 338 9.82 -4.45 32.67
CA ALA A 338 10.79 -4.62 33.73
C ALA A 338 10.19 -5.29 34.95
N PHE A 339 11.06 -5.87 35.78
CA PHE A 339 10.64 -6.71 36.90
C PHE A 339 9.84 -5.92 37.92
N VAL A 340 10.46 -4.89 38.51
CA VAL A 340 9.82 -4.14 39.59
C VAL A 340 8.51 -3.50 39.15
N PRO A 341 8.43 -2.80 38.01
CA PRO A 341 7.13 -2.26 37.58
C PRO A 341 6.10 -3.34 37.34
N THR A 342 6.50 -4.48 36.78
CA THR A 342 5.54 -5.58 36.59
C THR A 342 4.92 -5.98 37.92
N ASN A 343 5.77 -6.17 38.94
CA ASN A 343 5.25 -6.59 40.24
C ASN A 343 4.29 -5.54 40.82
N VAL A 344 4.73 -4.29 40.85
CA VAL A 344 3.91 -3.24 41.48
C VAL A 344 2.60 -3.06 40.71
N ILE A 345 2.66 -3.07 39.38
CA ILE A 345 1.44 -3.00 38.58
C ILE A 345 0.51 -4.14 38.95
N SER A 346 1.06 -5.34 39.14
CA SER A 346 0.19 -6.45 39.52
C SER A 346 -0.45 -6.25 40.88
N ILE A 347 0.17 -5.47 41.78
CA ILE A 347 -0.41 -5.39 43.12
C ILE A 347 -1.58 -4.41 43.20
N THR A 348 -1.44 -3.21 42.66
CA THR A 348 -2.35 -2.12 43.03
C THR A 348 -3.73 -2.28 42.41
N ASP A 349 -4.71 -1.57 42.99
CA ASP A 349 -6.10 -1.51 42.53
C ASP A 349 -6.31 -0.57 41.35
N GLY A 350 -5.24 -0.07 40.75
CA GLY A 350 -5.39 0.84 39.63
C GLY A 350 -4.04 1.39 39.22
N GLN A 351 -4.06 2.07 38.08
CA GLN A 351 -2.84 2.66 37.54
C GLN A 351 -3.17 4.02 36.97
N ILE A 352 -2.24 4.97 37.10
CA ILE A 352 -2.31 6.26 36.45
C ILE A 352 -1.01 6.44 35.68
N PHE A 353 -1.08 6.40 34.35
CA PHE A 353 0.10 6.44 33.51
C PHE A 353 0.41 7.87 33.07
N LEU A 354 1.64 8.30 33.31
CA LEU A 354 2.15 9.59 32.88
C LEU A 354 3.20 9.37 31.80
N GLU A 355 3.04 10.06 30.67
CA GLU A 355 3.81 9.76 29.47
C GLU A 355 4.59 10.98 29.01
N THR A 356 5.81 10.74 28.52
CA THR A 356 6.66 11.82 28.02
C THR A 356 6.05 12.48 26.79
N ASN A 357 5.47 11.68 25.89
CA ASN A 357 4.91 12.23 24.65
C ASN A 357 3.78 13.21 24.96
N LEU A 358 2.86 12.81 25.84
CA LEU A 358 1.75 13.68 26.22
C LEU A 358 2.27 14.93 26.91
N PHE A 359 3.27 14.79 27.78
CA PHE A 359 3.81 15.92 28.51
C PHE A 359 4.44 16.94 27.57
N ASN A 360 5.20 16.47 26.58
CA ASN A 360 5.81 17.37 25.61
C ASN A 360 4.76 17.99 24.70
N ALA A 361 3.71 17.24 24.36
CA ALA A 361 2.65 17.76 23.51
C ALA A 361 1.85 18.86 24.18
N GLY A 362 1.99 19.05 25.49
CA GLY A 362 1.26 20.06 26.22
C GLY A 362 0.09 19.55 27.03
N ILE A 363 -0.19 18.25 26.98
CA ILE A 363 -1.27 17.67 27.78
C ILE A 363 -0.74 17.43 29.19
N ARG A 364 -0.97 18.38 30.09
CA ARG A 364 -0.50 18.28 31.46
C ARG A 364 -1.66 18.53 32.41
N PRO A 365 -1.96 17.62 33.35
CA PRO A 365 -1.21 16.39 33.65
C PRO A 365 -1.27 15.34 32.52
N ALA A 366 -0.17 14.63 32.32
CA ALA A 366 0.01 13.76 31.15
C ALA A 366 -0.60 12.37 31.41
N VAL A 367 -1.91 12.36 31.62
CA VAL A 367 -2.65 11.14 31.90
C VAL A 367 -3.08 10.50 30.60
N ASN A 368 -2.86 9.18 30.47
CA ASN A 368 -3.25 8.44 29.28
C ASN A 368 -4.43 7.53 29.59
N PRO A 369 -5.64 7.87 29.15
CA PRO A 369 -6.77 6.96 29.37
C PRO A 369 -6.66 5.73 28.48
N GLY A 370 -7.27 4.64 28.93
CA GLY A 370 -7.20 3.36 28.25
C GLY A 370 -6.04 2.49 28.67
N ILE A 371 -4.96 3.09 29.14
CA ILE A 371 -3.88 2.37 29.81
C ILE A 371 -3.92 2.59 31.32
N SER A 372 -4.77 3.50 31.79
CA SER A 372 -4.97 3.77 33.22
C SER A 372 -6.42 3.47 33.58
N VAL A 373 -6.62 2.73 34.67
CA VAL A 373 -7.95 2.34 35.13
C VAL A 373 -7.99 2.39 36.65
N SER A 374 -9.20 2.51 37.18
CA SER A 374 -9.46 2.41 38.61
C SER A 374 -10.45 1.29 38.86
N ARG A 375 -10.02 0.24 39.56
CA ARG A 375 -10.87 -0.95 39.76
C ARG A 375 -12.00 -0.64 40.74
N VAL A 376 -11.78 0.23 41.71
CA VAL A 376 -12.90 0.61 42.55
C VAL A 376 -13.98 1.27 41.71
N GLY A 377 -13.58 2.06 40.72
CA GLY A 377 -14.50 2.56 39.72
C GLY A 377 -15.49 3.57 40.27
N GLY A 378 -16.72 3.47 39.75
CA GLY A 378 -17.77 4.43 40.09
C GLY A 378 -18.13 4.48 41.55
N ALA A 379 -17.82 3.42 42.31
CA ALA A 379 -18.10 3.44 43.75
C ALA A 379 -17.28 4.52 44.46
N ALA A 380 -16.11 4.86 43.93
CA ALA A 380 -15.24 5.86 44.56
C ALA A 380 -15.48 7.26 43.99
N GLN A 381 -16.75 7.68 43.97
CA GLN A 381 -17.09 9.01 43.47
C GLN A 381 -18.41 9.45 44.10
N THR A 382 -18.59 10.76 44.17
CA THR A 382 -19.91 11.30 44.47
C THR A 382 -20.86 10.97 43.33
N LYS A 383 -22.16 10.91 43.64
CA LYS A 383 -23.13 10.44 42.67
C LYS A 383 -23.12 11.29 41.41
N ILE A 384 -22.97 12.61 41.56
CA ILE A 384 -22.86 13.51 40.41
C ILE A 384 -21.63 13.16 39.58
N MET A 385 -20.48 12.97 40.24
CA MET A 385 -19.25 12.68 39.52
C MET A 385 -19.30 11.31 38.84
N LYS A 386 -19.88 10.32 39.51
CA LYS A 386 -20.13 9.01 38.91
C LYS A 386 -20.90 9.17 37.60
N LYS A 387 -22.08 9.81 37.70
CA LYS A 387 -22.94 10.03 36.54
C LYS A 387 -22.19 10.68 35.39
N LEU A 388 -21.46 11.76 35.67
CA LEU A 388 -20.85 12.51 34.58
C LEU A 388 -19.60 11.83 34.01
N SER A 389 -18.81 11.16 34.86
CA SER A 389 -17.55 10.58 34.40
C SER A 389 -17.77 9.32 33.58
N GLY A 390 -18.91 8.65 33.77
CA GLY A 390 -19.18 7.43 33.01
C GLY A 390 -18.99 7.59 31.52
N GLY A 391 -19.51 8.69 30.96
CA GLY A 391 -19.39 8.91 29.52
C GLY A 391 -17.99 9.30 29.07
N ILE A 392 -17.32 10.15 29.86
CA ILE A 392 -15.99 10.64 29.51
C ILE A 392 -15.03 9.47 29.30
N ARG A 393 -15.12 8.48 30.18
CA ARG A 393 -14.17 7.35 30.11
C ARG A 393 -14.18 6.67 28.74
N THR A 394 -15.37 6.30 28.25
CA THR A 394 -15.44 5.66 26.93
C THR A 394 -15.13 6.66 25.81
N ALA A 395 -15.57 7.91 25.98
CA ALA A 395 -15.43 8.89 24.91
C ALA A 395 -13.98 9.06 24.50
N LEU A 396 -13.10 9.30 25.48
CA LEU A 396 -11.70 9.56 25.11
C LEU A 396 -11.02 8.34 24.48
N ALA A 397 -11.27 7.15 25.05
CA ALA A 397 -10.63 5.94 24.55
C ALA A 397 -11.01 5.67 23.11
N GLN A 398 -12.28 5.82 22.76
CA GLN A 398 -12.67 5.59 21.38
C GLN A 398 -12.32 6.77 20.47
N TYR A 399 -12.19 7.97 21.04
CA TYR A 399 -11.69 9.11 20.29
C TYR A 399 -10.29 8.84 19.73
N ARG A 400 -9.41 8.27 20.56
CA ARG A 400 -8.05 8.03 20.07
C ARG A 400 -8.04 7.00 18.95
N GLU A 401 -8.91 5.97 19.04
CA GLU A 401 -9.01 5.00 17.95
C GLU A 401 -9.46 5.67 16.66
N LEU A 402 -10.49 6.52 16.73
CA LEU A 402 -10.94 7.21 15.52
C LEU A 402 -9.85 8.14 14.98
N ALA A 403 -9.14 8.84 15.87
CA ALA A 403 -8.10 9.76 15.42
C ALA A 403 -6.99 9.04 14.69
N ALA A 404 -6.61 7.85 15.17
CA ALA A 404 -5.63 7.06 14.44
C ALA A 404 -6.20 6.54 13.12
N PHE A 405 -7.45 6.09 13.14
CA PHE A 405 -8.05 5.44 11.97
C PHE A 405 -8.33 6.40 10.82
N SER A 406 -8.37 7.71 11.06
CA SER A 406 -8.80 8.68 10.06
C SER A 406 -7.83 9.85 9.96
N GLN A 407 -6.53 9.54 9.83
CA GLN A 407 -5.54 10.60 9.66
C GLN A 407 -5.66 11.27 8.30
N PHE A 408 -5.98 10.51 7.25
CA PHE A 408 -5.80 10.99 5.89
C PHE A 408 -7.09 11.16 5.10
N ALA A 409 -8.24 10.72 5.62
CA ALA A 409 -9.50 10.95 4.94
C ALA A 409 -9.87 12.43 5.04
N SER A 410 -9.78 13.15 3.92
CA SER A 410 -10.04 14.59 3.94
C SER A 410 -11.48 14.89 4.33
N ASP A 411 -12.43 14.13 3.78
CA ASP A 411 -13.83 14.25 4.15
C ASP A 411 -14.25 13.01 4.93
N LEU A 412 -15.27 13.16 5.78
CA LEU A 412 -15.61 12.11 6.72
C LEU A 412 -17.11 12.15 7.02
N ASP A 413 -17.62 11.02 7.49
CA ASP A 413 -18.99 10.94 7.99
C ASP A 413 -19.10 11.79 9.26
N ASP A 414 -20.15 12.60 9.34
CA ASP A 414 -20.25 13.57 10.42
C ASP A 414 -20.60 12.96 11.77
N ALA A 415 -21.00 11.69 11.84
CA ALA A 415 -21.06 11.02 13.13
C ALA A 415 -19.66 10.86 13.71
N THR A 416 -18.74 10.32 12.91
CA THR A 416 -17.35 10.22 13.33
C THR A 416 -16.72 11.61 13.46
N ARG A 417 -17.15 12.58 12.63
CA ARG A 417 -16.69 13.96 12.81
C ARG A 417 -17.11 14.51 14.17
N ASN A 418 -18.35 14.25 14.57
CA ASN A 418 -18.82 14.71 15.88
C ASN A 418 -18.00 14.08 17.00
N GLN A 419 -17.77 12.75 16.93
CA GLN A 419 -16.98 12.12 17.98
C GLN A 419 -15.54 12.63 17.97
N LEU A 420 -14.97 12.88 16.80
CA LEU A 420 -13.61 13.38 16.71
C LEU A 420 -13.49 14.76 17.35
N ASP A 421 -14.38 15.68 16.98
CA ASP A 421 -14.35 17.03 17.55
C ASP A 421 -14.63 17.01 19.04
N HIS A 422 -15.56 16.16 19.49
CA HIS A 422 -15.88 16.08 20.91
C HIS A 422 -14.71 15.51 21.70
N GLY A 423 -14.01 14.52 21.15
CA GLY A 423 -12.81 14.04 21.80
C GLY A 423 -11.73 15.10 21.89
N GLN A 424 -11.59 15.91 20.84
CA GLN A 424 -10.67 17.04 20.91
C GLN A 424 -11.06 18.01 22.01
N LYS A 425 -12.36 18.32 22.12
CA LYS A 425 -12.83 19.21 23.19
C LYS A 425 -12.51 18.65 24.57
N VAL A 426 -12.80 17.37 24.78
CA VAL A 426 -12.59 16.78 26.11
C VAL A 426 -11.11 16.69 26.43
N THR A 427 -10.27 16.39 25.43
CA THR A 427 -8.83 16.37 25.64
C THR A 427 -8.31 17.75 26.01
N GLU A 428 -8.80 18.78 25.34
CA GLU A 428 -8.37 20.15 25.67
C GLU A 428 -8.89 20.59 27.04
N LEU A 429 -10.06 20.10 27.44
CA LEU A 429 -10.72 20.62 28.63
C LEU A 429 -10.04 20.17 29.92
N LEU A 430 -9.40 19.00 29.92
CA LEU A 430 -8.86 18.43 31.14
C LEU A 430 -7.52 19.04 31.56
N LYS A 431 -6.98 19.97 30.79
CA LYS A 431 -5.71 20.60 31.13
C LYS A 431 -5.87 21.51 32.35
N GLN A 432 -4.79 21.65 33.10
CA GLN A 432 -4.84 22.39 34.37
C GLN A 432 -3.45 22.93 34.71
N LYS A 433 -3.43 24.04 35.44
CA LYS A 433 -2.18 24.55 35.99
C LYS A 433 -1.77 23.73 37.21
N GLN A 434 -0.48 23.81 37.55
CA GLN A 434 0.12 22.86 38.49
C GLN A 434 -0.45 23.00 39.89
N TYR A 435 -0.54 24.22 40.40
CA TYR A 435 -0.96 24.47 41.78
C TYR A 435 -2.33 25.15 41.85
N ALA A 436 -3.27 24.72 41.02
CA ALA A 436 -4.63 25.27 41.01
C ALA A 436 -5.64 24.13 41.07
N PRO A 437 -5.92 23.61 42.27
CA PRO A 437 -6.92 22.54 42.40
C PRO A 437 -8.33 23.10 42.39
N MET A 438 -9.27 22.23 42.02
CA MET A 438 -10.67 22.61 41.83
C MET A 438 -11.59 21.73 42.66
N SER A 439 -12.67 22.33 43.17
CA SER A 439 -13.61 21.65 44.04
C SER A 439 -14.54 20.73 43.24
N VAL A 440 -15.32 19.94 43.97
CA VAL A 440 -16.24 18.99 43.33
C VAL A 440 -17.29 19.74 42.51
N ALA A 441 -17.80 20.86 43.02
CA ALA A 441 -18.77 21.64 42.28
C ALA A 441 -18.21 22.14 40.96
N GLN A 442 -16.99 22.68 41.00
CA GLN A 442 -16.38 23.23 39.79
C GLN A 442 -16.08 22.12 38.78
N GLN A 443 -15.51 21.01 39.25
CA GLN A 443 -15.22 19.88 38.38
C GLN A 443 -16.49 19.35 37.75
N SER A 444 -17.54 19.18 38.56
CA SER A 444 -18.79 18.62 38.05
C SER A 444 -19.47 19.58 37.07
N LEU A 445 -19.37 20.89 37.31
CA LEU A 445 -19.94 21.85 36.38
C LEU A 445 -19.23 21.80 35.03
N VAL A 446 -17.90 21.73 35.05
CA VAL A 446 -17.17 21.64 33.78
C VAL A 446 -17.48 20.33 33.06
N LEU A 447 -17.54 19.23 33.82
CA LEU A 447 -17.91 17.94 33.25
C LEU A 447 -19.31 17.97 32.65
N PHE A 448 -20.24 18.64 33.33
CA PHE A 448 -21.60 18.79 32.82
C PHE A 448 -21.60 19.58 31.52
N ALA A 449 -20.80 20.64 31.46
CA ALA A 449 -20.65 21.39 30.21
C ALA A 449 -20.17 20.48 29.09
N ALA A 450 -19.26 19.54 29.41
CA ALA A 450 -18.77 18.62 28.39
C ALA A 450 -19.83 17.60 27.98
N GLU A 451 -20.51 17.00 28.96
CA GLU A 451 -21.40 15.87 28.70
C GLU A 451 -22.70 16.31 28.02
N ARG A 452 -23.20 17.48 28.33
CA ARG A 452 -24.43 17.99 27.72
C ARG A 452 -24.16 18.84 26.48
N GLY A 453 -22.92 18.84 25.99
CA GLY A 453 -22.62 19.36 24.67
C GLY A 453 -22.61 20.86 24.51
N TYR A 454 -22.43 21.61 25.59
CA TYR A 454 -22.43 23.07 25.48
C TYR A 454 -21.13 23.62 24.89
N LEU A 455 -20.07 22.82 24.84
CA LEU A 455 -18.80 23.26 24.26
C LEU A 455 -18.77 23.17 22.74
N ALA A 456 -19.88 22.78 22.11
CA ALA A 456 -19.90 22.47 20.68
C ALA A 456 -19.68 23.68 19.78
N ASP A 457 -19.74 24.90 20.32
CA ASP A 457 -19.72 26.10 19.49
C ASP A 457 -18.52 26.99 19.75
N VAL A 458 -17.43 26.47 20.31
CA VAL A 458 -16.25 27.27 20.61
C VAL A 458 -15.01 26.56 20.08
N GLU A 459 -13.97 27.34 19.78
CA GLU A 459 -12.70 26.82 19.35
C GLU A 459 -11.82 26.48 20.55
N LEU A 460 -10.80 25.64 20.29
CA LEU A 460 -9.98 25.12 21.38
C LEU A 460 -9.27 26.23 22.14
N SER A 461 -8.76 27.24 21.43
CA SER A 461 -8.05 28.33 22.08
C SER A 461 -8.92 29.03 23.10
N LYS A 462 -10.22 29.13 22.83
CA LYS A 462 -11.13 29.83 23.72
C LYS A 462 -11.79 28.91 24.74
N ILE A 463 -11.49 27.61 24.73
CA ILE A 463 -12.03 26.73 25.77
C ILE A 463 -11.46 27.09 27.13
N GLY A 464 -10.15 27.41 27.20
CA GLY A 464 -9.57 27.79 28.48
C GLY A 464 -10.15 29.08 29.04
N SER A 465 -10.23 30.10 28.20
CA SER A 465 -10.84 31.36 28.62
C SER A 465 -12.32 31.16 28.95
N PHE A 466 -13.00 30.25 28.23
CA PHE A 466 -14.38 29.92 28.53
C PHE A 466 -14.50 29.30 29.93
N GLU A 467 -13.60 28.39 30.27
CA GLU A 467 -13.62 27.79 31.61
C GLU A 467 -13.41 28.84 32.69
N ALA A 468 -12.41 29.71 32.49
CA ALA A 468 -12.14 30.76 33.47
C ALA A 468 -13.37 31.66 33.66
N ALA A 469 -13.97 32.09 32.53
CA ALA A 469 -15.14 32.96 32.61
C ALA A 469 -16.32 32.26 33.26
N LEU A 470 -16.54 30.98 32.94
CA LEU A 470 -17.64 30.24 33.53
C LEU A 470 -17.47 30.12 35.04
N LEU A 471 -16.26 29.82 35.50
CA LEU A 471 -16.03 29.72 36.93
C LEU A 471 -16.25 31.05 37.63
N ALA A 472 -15.75 32.15 37.04
CA ALA A 472 -15.98 33.47 37.63
C ALA A 472 -17.47 33.79 37.68
N TYR A 473 -18.18 33.55 36.58
CA TYR A 473 -19.61 33.85 36.49
C TYR A 473 -20.39 33.07 37.53
N VAL A 474 -20.10 31.78 37.69
CA VAL A 474 -20.87 30.97 38.62
C VAL A 474 -20.51 31.33 40.06
N ASP A 475 -19.27 31.72 40.34
CA ASP A 475 -18.94 32.08 41.71
C ASP A 475 -19.53 33.44 42.09
N ARG A 476 -19.79 34.30 41.10
CA ARG A 476 -20.44 35.57 41.44
C ARG A 476 -21.93 35.38 41.76
N ASP A 477 -22.64 34.54 41.00
CA ASP A 477 -24.10 34.48 41.12
C ASP A 477 -24.58 33.28 41.94
N HIS A 478 -24.36 32.06 41.46
CA HIS A 478 -24.96 30.87 42.07
C HIS A 478 -24.01 30.18 43.03
N ALA A 479 -23.59 30.93 44.05
CA ALA A 479 -22.78 30.35 45.12
C ALA A 479 -23.51 29.27 45.92
N PRO A 480 -24.80 29.41 46.28
CA PRO A 480 -25.44 28.35 47.08
C PRO A 480 -25.40 26.97 46.43
N LEU A 481 -25.54 26.90 45.10
CA LEU A 481 -25.43 25.60 44.44
C LEU A 481 -24.03 25.04 44.58
N MET A 482 -23.02 25.89 44.46
CA MET A 482 -21.64 25.45 44.67
C MET A 482 -21.46 24.89 46.07
N GLN A 483 -21.98 25.60 47.08
CA GLN A 483 -21.88 25.16 48.47
C GLN A 483 -22.58 23.82 48.66
N GLU A 484 -23.79 23.68 48.12
CA GLU A 484 -24.54 22.44 48.28
C GLU A 484 -23.84 21.28 47.62
N ILE A 485 -23.31 21.47 46.41
CA ILE A 485 -22.64 20.38 45.72
C ILE A 485 -21.35 20.00 46.46
N ASN A 486 -20.58 21.00 46.91
CA ASN A 486 -19.33 20.71 47.60
C ASN A 486 -19.57 20.00 48.93
N GLN A 487 -20.62 20.39 49.66
CA GLN A 487 -20.85 19.80 50.98
C GLN A 487 -21.54 18.45 50.89
N THR A 488 -22.49 18.30 49.96
CA THR A 488 -23.31 17.10 49.86
C THR A 488 -22.97 16.23 48.64
N GLY A 489 -22.75 16.84 47.49
CA GLY A 489 -22.48 16.09 46.27
C GLY A 489 -23.69 15.46 45.62
N GLY A 490 -24.91 15.85 46.03
CA GLY A 490 -26.10 15.23 45.50
C GLY A 490 -26.45 15.67 44.09
N TYR A 491 -27.36 14.91 43.48
CA TYR A 491 -27.80 15.16 42.12
C TYR A 491 -29.22 14.67 41.93
N ASN A 492 -30.02 15.44 41.22
CA ASN A 492 -31.41 15.11 40.92
C ASN A 492 -31.81 15.86 39.66
N ASP A 493 -32.98 15.52 39.13
CA ASP A 493 -33.48 16.20 37.94
C ASP A 493 -33.67 17.70 38.18
N GLU A 494 -34.00 18.08 39.41
CA GLU A 494 -34.07 19.50 39.74
C GLU A 494 -32.70 20.17 39.63
N ILE A 495 -31.67 19.52 40.18
CA ILE A 495 -30.31 20.04 40.05
C ILE A 495 -29.89 20.04 38.59
N GLU A 496 -30.34 19.04 37.84
CA GLU A 496 -30.03 18.94 36.41
C GLU A 496 -30.61 20.13 35.64
N GLY A 497 -31.87 20.46 35.90
CA GLY A 497 -32.49 21.61 35.26
C GLY A 497 -31.87 22.92 35.69
N LYS A 498 -31.51 23.03 36.98
CA LYS A 498 -30.81 24.20 37.46
C LYS A 498 -29.49 24.38 36.73
N LEU A 499 -28.74 23.29 36.55
CA LEU A 499 -27.47 23.36 35.83
C LEU A 499 -27.69 23.77 34.38
N LYS A 500 -28.72 23.22 33.73
CA LYS A 500 -29.01 23.63 32.35
C LYS A 500 -29.28 25.12 32.29
N GLY A 501 -30.14 25.62 33.18
CA GLY A 501 -30.44 27.05 33.17
C GLY A 501 -29.22 27.91 33.40
N ILE A 502 -28.40 27.52 34.38
CA ILE A 502 -27.22 28.32 34.72
C ILE A 502 -26.22 28.33 33.57
N LEU A 503 -25.94 27.16 32.98
CA LEU A 503 -24.98 27.10 31.90
C LEU A 503 -25.48 27.82 30.66
N ASP A 504 -26.76 27.68 30.33
CA ASP A 504 -27.30 28.39 29.18
C ASP A 504 -27.29 29.90 29.42
N SER A 505 -27.56 30.33 30.64
CA SER A 505 -27.49 31.75 30.96
C SER A 505 -26.07 32.28 30.78
N PHE A 506 -25.07 31.53 31.24
CA PHE A 506 -23.69 31.97 31.03
C PHE A 506 -23.36 32.03 29.54
N LYS A 507 -23.76 31.00 28.79
CA LYS A 507 -23.44 30.96 27.37
C LYS A 507 -24.06 32.15 26.64
N ALA A 508 -25.29 32.53 27.00
CA ALA A 508 -25.94 33.66 26.37
C ALA A 508 -25.31 34.98 26.79
N THR A 509 -25.01 35.14 28.08
CA THR A 509 -24.68 36.48 28.60
C THR A 509 -23.22 36.87 28.39
N GLN A 510 -22.28 35.97 28.62
CA GLN A 510 -20.87 36.36 28.70
C GLN A 510 -20.09 36.05 27.43
N SER A 511 -18.84 36.52 27.45
CA SER A 511 -17.86 36.32 26.38
C SER A 511 -16.67 35.56 26.95
N TRP A 512 -16.06 34.71 26.13
CA TRP A 512 -15.01 33.83 26.60
C TRP A 512 -13.76 34.61 26.96
N GLU B 6 -7.18 -73.43 39.62
CA GLU B 6 -7.36 -72.14 38.95
C GLU B 6 -6.22 -71.20 39.31
N ILE B 7 -6.23 -70.70 40.54
CA ILE B 7 -5.16 -69.82 40.97
C ILE B 7 -3.99 -70.61 41.55
N SER B 8 -4.25 -71.73 42.22
CA SER B 8 -3.19 -72.68 42.48
C SER B 8 -2.77 -73.26 41.13
N GLU B 9 -1.75 -74.12 41.11
CA GLU B 9 -1.12 -74.54 39.86
C GLU B 9 -0.42 -73.37 39.18
N LEU B 10 -1.14 -72.30 38.80
CA LEU B 10 -0.43 -71.10 38.36
C LEU B 10 0.53 -70.63 39.44
N ILE B 11 0.01 -70.45 40.66
CA ILE B 11 0.87 -70.05 41.78
C ILE B 11 1.86 -71.15 42.12
N LYS B 12 1.45 -72.42 41.98
CA LYS B 12 2.38 -73.53 42.19
C LYS B 12 3.62 -73.41 41.30
N GLN B 13 3.40 -73.32 39.98
CA GLN B 13 4.50 -73.23 39.03
C GLN B 13 5.33 -72.00 39.31
N ARG B 14 4.68 -70.91 39.73
CA ARG B 14 5.44 -69.71 40.03
C ARG B 14 6.25 -69.84 41.33
N ILE B 15 5.76 -70.66 42.28
CA ILE B 15 6.56 -71.01 43.45
C ILE B 15 7.79 -71.82 43.04
N ALA B 16 7.61 -72.77 42.11
CA ALA B 16 8.73 -73.58 41.66
C ALA B 16 9.79 -72.73 40.97
N GLN B 17 9.38 -71.61 40.36
CA GLN B 17 10.32 -70.68 39.73
C GLN B 17 10.90 -69.76 40.81
N PHE B 18 11.76 -70.33 41.64
CA PHE B 18 12.34 -69.59 42.75
C PHE B 18 13.70 -70.17 43.06
N ASN B 19 14.56 -69.35 43.68
CA ASN B 19 15.91 -69.72 44.04
C ASN B 19 16.13 -69.45 45.52
N VAL B 20 16.74 -70.41 46.22
CA VAL B 20 16.88 -70.32 47.67
C VAL B 20 18.24 -69.78 48.07
N VAL B 21 19.29 -70.07 47.29
CA VAL B 21 20.61 -69.62 47.68
C VAL B 21 20.75 -68.11 47.47
N SER B 22 21.75 -67.54 48.14
CA SER B 22 21.97 -66.10 48.13
C SER B 22 22.72 -65.67 46.87
N GLU B 23 22.73 -64.35 46.63
CA GLU B 23 23.40 -63.77 45.49
C GLU B 23 24.19 -62.54 45.93
N ALA B 24 25.34 -62.33 45.29
CA ALA B 24 26.23 -61.22 45.62
C ALA B 24 25.92 -60.01 44.76
N HIS B 25 26.00 -58.83 45.37
CA HIS B 25 25.65 -57.58 44.71
C HIS B 25 26.16 -56.42 45.56
N ASN B 26 26.20 -55.24 44.95
CA ASN B 26 26.75 -54.05 45.58
C ASN B 26 25.64 -53.17 46.14
N GLU B 27 25.83 -52.71 47.37
CA GLU B 27 24.81 -52.01 48.14
C GLU B 27 25.25 -50.58 48.42
N GLY B 28 24.43 -49.61 48.02
CA GLY B 28 24.67 -48.21 48.28
C GLY B 28 23.67 -47.64 49.28
N THR B 29 23.98 -46.43 49.75
CA THR B 29 23.19 -45.77 50.78
C THR B 29 22.76 -44.39 50.29
N ILE B 30 21.49 -44.07 50.50
CA ILE B 30 20.98 -42.76 50.10
C ILE B 30 21.46 -41.71 51.10
N VAL B 31 22.12 -40.67 50.60
CA VAL B 31 22.57 -39.58 51.45
C VAL B 31 21.58 -38.43 51.44
N SER B 32 21.00 -38.13 50.28
CA SER B 32 20.14 -36.97 50.14
C SER B 32 19.03 -37.26 49.14
N VAL B 33 17.88 -36.64 49.35
CA VAL B 33 16.72 -36.74 48.46
C VAL B 33 16.19 -35.33 48.21
N SER B 34 16.01 -34.96 46.95
CA SER B 34 15.49 -33.64 46.63
C SER B 34 15.04 -33.60 45.17
N ASP B 35 13.78 -33.23 44.96
CA ASP B 35 13.25 -32.85 43.65
C ASP B 35 13.48 -33.94 42.60
N GLY B 36 13.38 -35.19 43.01
CA GLY B 36 13.54 -36.31 42.09
C GLY B 36 14.97 -36.76 41.87
N VAL B 37 15.94 -36.17 42.56
CA VAL B 37 17.34 -36.54 42.46
C VAL B 37 17.81 -37.02 43.82
N ILE B 38 18.51 -38.15 43.84
CA ILE B 38 19.04 -38.73 45.06
C ILE B 38 20.55 -38.83 44.97
N ARG B 39 21.22 -38.54 46.09
CA ARG B 39 22.66 -38.64 46.19
C ARG B 39 22.98 -39.92 46.95
N ILE B 40 23.82 -40.77 46.37
CA ILE B 40 24.08 -42.11 46.88
C ILE B 40 25.56 -42.22 47.22
N HIS B 41 25.84 -42.63 48.46
CA HIS B 41 27.20 -42.92 48.90
C HIS B 41 27.52 -44.38 48.63
N GLY B 42 28.76 -44.63 48.22
CA GLY B 42 29.20 -45.99 47.95
C GLY B 42 29.08 -46.37 46.49
N LEU B 43 28.85 -47.66 46.22
CA LEU B 43 28.78 -48.19 44.87
C LEU B 43 30.03 -47.82 44.07
N ALA B 44 31.18 -48.27 44.57
CA ALA B 44 32.44 -48.04 43.89
C ALA B 44 32.48 -48.75 42.54
N ASP B 45 31.61 -49.74 42.32
CA ASP B 45 31.54 -50.48 41.08
C ASP B 45 30.47 -49.94 40.13
N ALA B 46 29.87 -48.79 40.45
CA ALA B 46 28.87 -48.21 39.59
C ALA B 46 29.49 -47.72 38.27
N MET B 47 28.65 -47.67 37.23
CA MET B 47 29.11 -47.27 35.90
C MET B 47 28.13 -46.27 35.29
N GLN B 48 28.65 -45.51 34.33
CA GLN B 48 27.88 -44.45 33.67
C GLN B 48 26.65 -45.02 32.98
N GLY B 49 25.47 -44.58 33.40
CA GLY B 49 24.23 -45.00 32.79
C GLY B 49 23.63 -46.27 33.34
N GLU B 50 24.06 -46.72 34.50
CA GLU B 50 23.60 -47.97 35.09
C GLU B 50 22.24 -47.79 35.77
N MET B 51 21.58 -48.91 36.03
CA MET B 51 20.33 -48.93 36.79
C MET B 51 20.63 -49.32 38.22
N ILE B 52 20.19 -48.48 39.17
CA ILE B 52 20.32 -48.75 40.59
C ILE B 52 18.94 -49.10 41.13
N SER B 53 18.85 -50.22 41.83
CA SER B 53 17.56 -50.73 42.32
C SER B 53 17.28 -50.16 43.70
N LEU B 54 16.24 -49.34 43.79
CA LEU B 54 15.77 -48.72 45.02
C LEU B 54 14.79 -49.63 45.73
N PRO B 55 14.58 -49.43 47.03
CA PRO B 55 13.50 -50.14 47.71
C PRO B 55 12.15 -49.76 47.14
N GLY B 56 11.26 -50.74 47.04
CA GLY B 56 9.97 -50.53 46.42
C GLY B 56 9.91 -50.83 44.94
N ASN B 57 10.92 -51.53 44.40
CA ASN B 57 11.00 -51.85 42.98
C ASN B 57 10.97 -50.59 42.12
N ARG B 58 11.71 -49.59 42.56
CA ARG B 58 11.86 -48.39 41.71
C ARG B 58 13.32 -48.38 41.27
N TYR B 59 13.60 -47.80 40.13
CA TYR B 59 14.95 -47.73 39.57
C TYR B 59 15.41 -46.29 39.44
N ALA B 60 16.72 -46.10 39.62
CA ALA B 60 17.38 -44.83 39.44
C ALA B 60 18.52 -45.01 38.44
N ILE B 61 18.82 -43.94 37.71
CA ILE B 61 19.84 -43.96 36.66
C ILE B 61 21.05 -43.19 37.15
N ALA B 62 22.20 -43.86 37.17
CA ALA B 62 23.44 -43.26 37.67
C ALA B 62 24.00 -42.35 36.58
N LEU B 63 23.78 -41.04 36.75
CA LEU B 63 24.25 -40.04 35.78
C LEU B 63 25.59 -39.45 36.18
N ASN B 64 25.66 -38.83 37.36
CA ASN B 64 26.90 -38.26 37.86
C ASN B 64 27.70 -39.30 38.63
N LEU B 65 28.94 -39.50 38.24
CA LEU B 65 29.90 -40.27 39.02
C LEU B 65 30.98 -39.31 39.51
N GLU B 66 30.81 -38.80 40.72
CA GLU B 66 31.79 -37.94 41.35
C GLU B 66 32.76 -38.77 42.20
N ARG B 67 33.84 -38.14 42.64
CA ARG B 67 34.90 -38.89 43.31
C ARG B 67 34.41 -39.54 44.59
N ASP B 68 33.54 -38.87 45.35
CA ASP B 68 33.07 -39.39 46.63
C ASP B 68 31.57 -39.65 46.68
N SER B 69 30.85 -39.50 45.58
CA SER B 69 29.42 -39.76 45.60
C SER B 69 28.93 -40.02 44.18
N VAL B 70 27.76 -40.65 44.10
CA VAL B 70 27.07 -40.92 42.85
C VAL B 70 25.74 -40.18 42.85
N GLY B 71 25.49 -39.41 41.79
CA GLY B 71 24.24 -38.70 41.64
C GLY B 71 23.33 -39.42 40.67
N ALA B 72 22.18 -39.88 41.17
CA ALA B 72 21.24 -40.68 40.40
C ALA B 72 19.87 -40.03 40.40
N VAL B 73 19.15 -40.21 39.29
CA VAL B 73 17.83 -39.64 39.10
C VAL B 73 16.79 -40.75 39.21
N VAL B 74 15.69 -40.45 39.90
CA VAL B 74 14.68 -41.44 40.23
C VAL B 74 13.68 -41.58 39.09
N MET B 75 13.45 -42.82 38.67
CA MET B 75 12.42 -43.12 37.66
C MET B 75 11.14 -43.58 38.35
N GLY B 76 10.49 -42.62 39.01
CA GLY B 76 9.25 -42.90 39.70
C GLY B 76 9.01 -41.93 40.85
N PRO B 77 8.02 -42.23 41.68
CA PRO B 77 7.76 -41.37 42.85
C PRO B 77 8.92 -41.41 43.82
N TYR B 78 9.34 -40.23 44.27
CA TYR B 78 10.53 -40.06 45.09
C TYR B 78 10.23 -39.52 46.49
N ALA B 79 8.97 -39.22 46.80
CA ALA B 79 8.64 -38.49 48.02
C ALA B 79 8.91 -39.27 49.29
N ASP B 80 8.98 -40.61 49.22
CA ASP B 80 9.13 -41.43 50.42
C ASP B 80 10.54 -41.97 50.63
N LEU B 81 11.44 -41.79 49.66
CA LEU B 81 12.82 -42.22 49.86
C LEU B 81 13.48 -41.40 50.95
N ALA B 82 14.41 -42.02 51.67
CA ALA B 82 14.94 -41.39 52.87
C ALA B 82 16.44 -41.63 53.00
N GLU B 83 17.09 -40.70 53.69
CA GLU B 83 18.50 -40.83 54.04
C GLU B 83 18.72 -42.08 54.88
N GLY B 84 19.76 -42.85 54.51
CA GLY B 84 20.06 -44.09 55.19
C GLY B 84 19.44 -45.34 54.61
N MET B 85 18.64 -45.21 53.54
CA MET B 85 18.04 -46.38 52.92
C MET B 85 19.05 -47.09 52.02
N LYS B 86 18.80 -48.39 51.80
CA LYS B 86 19.71 -49.25 51.07
C LYS B 86 19.27 -49.40 49.63
N VAL B 87 20.22 -49.29 48.70
CA VAL B 87 19.96 -49.45 47.27
C VAL B 87 20.99 -50.40 46.68
N LYS B 88 20.56 -51.23 45.73
CA LYS B 88 21.37 -52.29 45.16
C LYS B 88 21.66 -52.01 43.68
N ALA B 89 22.91 -52.22 43.28
CA ALA B 89 23.37 -51.95 41.93
C ALA B 89 23.32 -53.24 41.11
N THR B 90 22.80 -53.14 39.88
CA THR B 90 22.39 -54.32 39.12
C THR B 90 23.35 -54.72 38.00
N GLY B 91 24.18 -53.81 37.51
CA GLY B 91 25.05 -54.12 36.40
C GLY B 91 24.42 -53.95 35.03
N ARG B 92 23.22 -53.40 34.95
CA ARG B 92 22.48 -53.27 33.70
C ARG B 92 22.43 -51.82 33.25
N ILE B 93 22.80 -51.57 32.00
CA ILE B 93 22.40 -50.35 31.34
C ILE B 93 20.95 -50.49 30.90
N LEU B 94 20.23 -49.37 30.85
CA LEU B 94 18.78 -49.40 30.83
C LEU B 94 18.24 -50.21 29.65
N GLU B 95 17.44 -51.23 29.96
CA GLU B 95 16.81 -52.10 28.97
C GLU B 95 15.30 -51.86 28.94
N VAL B 96 14.70 -52.11 27.78
CA VAL B 96 13.25 -52.07 27.63
C VAL B 96 12.80 -53.22 26.74
N PRO B 97 11.57 -53.69 26.96
CA PRO B 97 11.06 -54.80 26.15
C PRO B 97 10.83 -54.41 24.69
N VAL B 98 10.97 -55.39 23.80
CA VAL B 98 10.74 -55.21 22.38
C VAL B 98 10.07 -56.46 21.83
N GLY B 99 9.31 -56.28 20.75
CA GLY B 99 8.68 -57.40 20.07
C GLY B 99 7.38 -56.97 19.43
N ARG B 100 6.75 -57.93 18.75
CA ARG B 100 5.42 -57.72 18.20
C ARG B 100 4.31 -57.88 19.24
N GLY B 101 4.63 -58.46 20.41
CA GLY B 101 3.61 -58.63 21.43
C GLY B 101 3.12 -57.33 22.01
N LEU B 102 3.98 -56.31 22.05
CA LEU B 102 3.60 -54.99 22.52
C LEU B 102 3.14 -54.08 21.40
N LEU B 103 3.01 -54.60 20.18
CA LEU B 103 2.42 -53.87 19.07
C LEU B 103 0.91 -53.79 19.27
N GLY B 104 0.40 -52.58 19.49
CA GLY B 104 -1.02 -52.37 19.75
C GLY B 104 -1.36 -52.06 21.19
N ARG B 105 -0.38 -51.71 22.02
CA ARG B 105 -0.60 -51.49 23.44
C ARG B 105 0.09 -50.19 23.85
N VAL B 106 -0.30 -49.67 25.02
CA VAL B 106 0.21 -48.40 25.53
C VAL B 106 1.03 -48.67 26.78
N VAL B 107 2.26 -48.14 26.82
CA VAL B 107 3.21 -48.43 27.88
C VAL B 107 3.83 -47.13 28.37
N ASN B 108 4.66 -47.25 29.40
CA ASN B 108 5.45 -46.14 29.91
C ASN B 108 6.90 -46.25 29.43
N THR B 109 7.76 -45.36 29.93
CA THR B 109 9.14 -45.32 29.49
C THR B 109 9.87 -46.62 29.80
N LEU B 110 9.58 -47.21 30.97
CA LEU B 110 10.20 -48.48 31.35
C LEU B 110 9.63 -49.66 30.58
N GLY B 111 8.57 -49.47 29.80
CA GLY B 111 7.95 -50.54 29.05
C GLY B 111 6.82 -51.24 29.77
N ALA B 112 6.55 -50.89 31.03
CA ALA B 112 5.43 -51.48 31.74
C ALA B 112 4.11 -50.95 31.17
N PRO B 113 3.11 -51.80 30.99
CA PRO B 113 1.85 -51.35 30.39
C PRO B 113 1.01 -50.57 31.38
N ILE B 114 0.54 -49.40 30.94
CA ILE B 114 -0.50 -48.65 31.64
C ILE B 114 -1.88 -48.93 31.04
N ASP B 115 -1.98 -49.95 30.18
CA ASP B 115 -3.21 -50.19 29.44
C ASP B 115 -4.32 -50.69 30.37
N GLY B 116 -3.97 -51.44 31.40
CA GLY B 116 -4.98 -52.09 32.22
C GLY B 116 -5.54 -53.36 31.61
N LYS B 117 -4.87 -53.92 30.60
CA LYS B 117 -5.38 -55.07 29.86
C LYS B 117 -4.35 -56.20 29.81
N GLY B 118 -3.68 -56.46 30.92
CA GLY B 118 -2.80 -57.59 31.04
C GLY B 118 -1.34 -57.29 30.76
N PRO B 119 -0.48 -58.29 30.95
CA PRO B 119 0.95 -58.11 30.78
C PRO B 119 1.37 -58.28 29.32
N LEU B 120 2.66 -58.10 29.08
CA LEU B 120 3.23 -58.14 27.74
C LEU B 120 3.72 -59.56 27.39
N ASP B 121 3.74 -59.84 26.09
CA ASP B 121 4.38 -61.03 25.55
C ASP B 121 5.45 -60.65 24.54
N HIS B 122 6.31 -59.71 24.94
CA HIS B 122 7.50 -59.32 24.18
C HIS B 122 8.38 -60.52 23.83
N ASP B 123 9.19 -60.39 22.79
CA ASP B 123 10.15 -61.45 22.46
C ASP B 123 11.53 -61.23 23.06
N GLY B 124 11.84 -60.03 23.52
CA GLY B 124 13.14 -59.78 24.09
C GLY B 124 13.27 -58.38 24.65
N PHE B 125 14.50 -57.98 24.91
CA PHE B 125 14.84 -56.69 25.47
C PHE B 125 15.90 -56.01 24.62
N SER B 126 15.93 -54.68 24.67
CA SER B 126 16.93 -53.89 23.96
C SER B 126 17.37 -52.73 24.83
N ALA B 127 18.62 -52.30 24.64
CA ALA B 127 19.14 -51.17 25.36
C ALA B 127 18.52 -49.87 24.85
N VAL B 128 18.20 -48.97 25.79
CA VAL B 128 17.62 -47.68 25.42
C VAL B 128 18.62 -46.86 24.63
N GLU B 129 19.90 -46.90 25.03
CA GLU B 129 20.96 -46.21 24.31
C GLU B 129 21.65 -47.17 23.34
N ALA B 130 21.77 -46.76 22.09
CA ALA B 130 22.45 -47.56 21.08
C ALA B 130 23.04 -46.65 20.03
N ILE B 131 24.12 -47.10 19.41
CA ILE B 131 24.78 -46.32 18.37
C ILE B 131 24.06 -46.52 17.03
N ALA B 132 24.05 -45.48 16.21
CA ALA B 132 23.35 -45.48 14.95
C ALA B 132 24.12 -46.28 13.90
N PRO B 133 23.44 -46.73 12.83
CA PRO B 133 24.14 -47.42 11.75
C PRO B 133 25.19 -46.54 11.11
N GLY B 134 26.28 -47.17 10.66
CA GLY B 134 27.42 -46.45 10.13
C GLY B 134 27.15 -45.88 8.75
N VAL B 135 28.17 -45.18 8.24
CA VAL B 135 28.06 -44.52 6.94
C VAL B 135 27.85 -45.54 5.82
N ILE B 136 28.64 -46.62 5.84
CA ILE B 136 28.58 -47.62 4.78
C ILE B 136 27.38 -48.55 4.92
N GLU B 137 26.71 -48.54 6.06
CA GLU B 137 25.59 -49.44 6.33
C GLU B 137 24.24 -48.84 5.97
N ARG B 138 24.20 -47.61 5.46
CA ARG B 138 22.97 -46.86 5.27
C ARG B 138 22.66 -46.75 3.77
N GLN B 139 21.38 -46.78 3.43
CA GLN B 139 20.93 -46.77 2.05
C GLN B 139 20.11 -45.51 1.75
N SER B 140 20.11 -45.11 0.48
CA SER B 140 19.39 -43.92 0.03
C SER B 140 17.88 -44.11 0.11
N VAL B 141 17.19 -43.03 0.40
CA VAL B 141 15.74 -43.03 0.59
C VAL B 141 15.06 -42.78 -0.75
N ASP B 142 14.44 -43.82 -1.31
CA ASP B 142 13.63 -43.67 -2.52
C ASP B 142 12.36 -44.53 -2.45
N GLN B 143 11.69 -44.54 -1.29
CA GLN B 143 10.39 -45.18 -1.13
C GLN B 143 9.43 -44.21 -0.47
N PRO B 144 8.15 -44.24 -0.86
CA PRO B 144 7.22 -43.22 -0.37
C PRO B 144 6.62 -43.53 1.00
N VAL B 145 6.28 -42.46 1.71
CA VAL B 145 5.50 -42.51 2.93
C VAL B 145 4.30 -41.59 2.71
N GLN B 146 3.13 -42.16 2.43
CA GLN B 146 1.95 -41.37 2.13
C GLN B 146 1.27 -40.94 3.43
N THR B 147 1.18 -39.63 3.65
CA THR B 147 0.57 -39.11 4.86
C THR B 147 -0.94 -38.91 4.74
N GLY B 148 -1.51 -38.96 3.54
CA GLY B 148 -2.93 -38.86 3.34
C GLY B 148 -3.48 -37.45 3.21
N TYR B 149 -2.68 -36.42 3.46
CA TYR B 149 -3.06 -35.04 3.21
C TYR B 149 -2.56 -34.62 1.84
N LYS B 150 -3.44 -33.96 1.07
CA LYS B 150 -3.09 -33.59 -0.30
C LYS B 150 -1.88 -32.64 -0.33
N ALA B 151 -1.89 -31.63 0.53
CA ALA B 151 -0.84 -30.61 0.48
C ALA B 151 0.53 -31.21 0.79
N VAL B 152 0.63 -31.98 1.87
CA VAL B 152 1.92 -32.53 2.27
C VAL B 152 2.40 -33.56 1.25
N ASP B 153 1.53 -34.49 0.85
CA ASP B 153 1.95 -35.53 -0.07
C ASP B 153 2.25 -35.00 -1.47
N SER B 154 1.69 -33.85 -1.84
CA SER B 154 1.97 -33.28 -3.15
C SER B 154 3.20 -32.38 -3.15
N MET B 155 3.35 -31.52 -2.13
CA MET B 155 4.43 -30.54 -2.11
C MET B 155 5.61 -30.96 -1.24
N ILE B 156 5.37 -31.63 -0.13
CA ILE B 156 6.43 -31.92 0.84
C ILE B 156 6.48 -33.43 1.06
N PRO B 157 7.00 -34.18 0.10
CA PRO B 157 6.93 -35.65 0.20
C PRO B 157 7.84 -36.19 1.29
N ILE B 158 7.44 -37.34 1.84
CA ILE B 158 8.16 -38.02 2.91
C ILE B 158 8.56 -39.40 2.42
N GLY B 159 9.80 -39.80 2.72
CA GLY B 159 10.31 -41.08 2.31
C GLY B 159 10.62 -42.04 3.44
N ARG B 160 10.70 -43.33 3.14
CA ARG B 160 10.94 -44.36 4.16
C ARG B 160 12.40 -44.28 4.60
N GLY B 161 12.64 -43.58 5.70
CA GLY B 161 13.98 -43.41 6.22
C GLY B 161 14.30 -41.95 6.51
N GLN B 162 13.42 -41.06 6.09
CA GLN B 162 13.60 -39.63 6.22
C GLN B 162 13.20 -39.16 7.62
N ARG B 163 13.61 -37.94 7.97
CA ARG B 163 13.33 -37.34 9.28
C ARG B 163 12.73 -35.95 9.06
N GLU B 164 11.41 -35.89 8.93
CA GLU B 164 10.70 -34.62 8.74
C GLU B 164 10.36 -33.99 10.08
N LEU B 165 10.28 -32.65 10.06
CA LEU B 165 10.04 -31.86 11.26
C LEU B 165 8.74 -31.08 11.11
N ILE B 166 7.77 -31.37 11.95
CA ILE B 166 6.52 -30.60 12.01
C ILE B 166 6.74 -29.51 13.07
N ILE B 167 7.03 -28.30 12.61
CA ILE B 167 7.35 -27.17 13.48
C ILE B 167 6.26 -26.12 13.34
N GLY B 168 5.79 -25.60 14.46
CA GLY B 168 4.74 -24.60 14.43
C GLY B 168 4.43 -24.09 15.82
N ASP B 169 3.42 -23.25 15.90
CA ASP B 169 2.97 -22.67 17.16
C ASP B 169 1.87 -23.54 17.78
N ARG B 170 1.46 -23.16 18.99
CA ARG B 170 0.44 -23.89 19.70
C ARG B 170 -0.91 -23.83 18.97
N GLN B 171 -1.65 -24.92 19.05
CA GLN B 171 -2.99 -25.05 18.44
C GLN B 171 -2.99 -24.67 16.96
N THR B 172 -2.21 -25.41 16.18
CA THR B 172 -2.16 -25.23 14.73
C THR B 172 -2.27 -26.53 13.94
N GLY B 173 -2.39 -27.67 14.59
CA GLY B 173 -2.59 -28.93 13.92
C GLY B 173 -1.40 -29.87 13.86
N LYS B 174 -0.41 -29.69 14.73
CA LYS B 174 0.74 -30.58 14.75
C LYS B 174 0.33 -32.00 15.15
N THR B 175 -0.39 -32.11 16.27
CA THR B 175 -0.87 -33.41 16.73
C THR B 175 -1.79 -34.06 15.70
N ALA B 176 -2.66 -33.25 15.07
CA ALA B 176 -3.60 -33.79 14.09
C ALA B 176 -2.87 -34.40 12.91
N LEU B 177 -1.89 -33.68 12.36
CA LEU B 177 -1.15 -34.18 11.22
C LEU B 177 -0.41 -35.47 11.58
N ALA B 178 0.23 -35.50 12.75
CA ALA B 178 0.94 -36.71 13.17
C ALA B 178 0.00 -37.91 13.26
N ILE B 179 -1.11 -37.75 14.00
CA ILE B 179 -1.99 -38.90 14.21
C ILE B 179 -2.68 -39.31 12.92
N ASP B 180 -2.92 -38.37 11.99
CA ASP B 180 -3.50 -38.76 10.71
C ASP B 180 -2.51 -39.54 9.86
N ALA B 181 -1.21 -39.22 9.93
CA ALA B 181 -0.22 -40.08 9.28
C ALA B 181 -0.29 -41.49 9.85
N ILE B 182 -0.30 -41.59 11.20
CA ILE B 182 -0.40 -42.91 11.84
C ILE B 182 -1.62 -43.65 11.34
N ILE B 183 -2.77 -42.97 11.28
CA ILE B 183 -4.00 -43.61 10.83
C ILE B 183 -3.89 -44.05 9.38
N ASN B 184 -3.21 -43.25 8.54
CA ASN B 184 -3.05 -43.63 7.14
C ASN B 184 -2.16 -44.85 6.96
N GLN B 185 -1.36 -45.21 7.96
CA GLN B 185 -0.58 -46.44 7.87
C GLN B 185 -1.34 -47.68 8.35
N ARG B 186 -2.67 -47.70 8.25
CA ARG B 186 -3.44 -48.88 8.65
C ARG B 186 -3.08 -50.10 7.81
N ASP B 187 -2.96 -49.93 6.49
CA ASP B 187 -2.85 -51.04 5.56
C ASP B 187 -1.50 -51.15 4.88
N SER B 188 -0.59 -50.21 5.11
CA SER B 188 0.77 -50.40 4.65
C SER B 188 1.49 -51.39 5.57
N GLY B 189 2.64 -51.87 5.11
CA GLY B 189 3.49 -52.66 5.98
C GLY B 189 4.22 -51.85 7.00
N ILE B 190 4.00 -50.54 7.02
CA ILE B 190 4.69 -49.62 7.92
C ILE B 190 3.99 -49.62 9.27
N LYS B 191 4.70 -50.09 10.29
CA LYS B 191 4.21 -49.96 11.66
C LYS B 191 4.41 -48.53 12.15
N ALA B 192 3.58 -48.13 13.11
CA ALA B 192 3.55 -46.75 13.57
C ALA B 192 3.78 -46.70 15.07
N ILE B 193 4.38 -45.60 15.52
CA ILE B 193 4.64 -45.36 16.94
C ILE B 193 4.31 -43.91 17.27
N TYR B 194 3.58 -43.69 18.35
CA TYR B 194 3.21 -42.35 18.81
C TYR B 194 3.78 -42.15 20.20
N VAL B 195 4.64 -41.15 20.36
CA VAL B 195 5.27 -40.82 21.63
C VAL B 195 4.64 -39.54 22.14
N ALA B 196 3.97 -39.63 23.29
CA ALA B 196 3.30 -38.47 23.90
C ALA B 196 4.18 -37.97 25.05
N ILE B 197 4.88 -36.87 24.82
CA ILE B 197 5.78 -36.28 25.80
C ILE B 197 5.11 -35.06 26.42
N GLY B 198 4.96 -35.08 27.75
CA GLY B 198 4.37 -33.97 28.45
C GLY B 198 2.91 -33.71 28.16
N GLN B 199 2.28 -34.50 27.30
CA GLN B 199 0.87 -34.30 26.98
C GLN B 199 0.01 -34.56 28.21
N LYS B 200 -1.03 -33.75 28.37
CA LYS B 200 -1.95 -33.99 29.48
C LYS B 200 -2.74 -35.27 29.23
N ALA B 201 -3.07 -35.95 30.33
CA ALA B 201 -3.54 -37.34 30.27
C ALA B 201 -4.83 -37.46 29.48
N SER B 202 -5.79 -36.57 29.71
CA SER B 202 -7.09 -36.68 29.04
C SER B 202 -6.98 -36.49 27.53
N THR B 203 -6.07 -35.62 27.07
CA THR B 203 -5.83 -35.50 25.64
C THR B 203 -5.29 -36.81 25.06
N ILE B 204 -4.40 -37.48 25.81
CA ILE B 204 -3.89 -38.76 25.35
C ILE B 204 -5.02 -39.77 25.25
N SER B 205 -5.93 -39.76 26.23
CA SER B 205 -7.08 -40.67 26.17
C SER B 205 -7.96 -40.37 24.95
N ASN B 206 -8.19 -39.09 24.67
CA ASN B 206 -8.97 -38.72 23.50
C ASN B 206 -8.31 -39.20 22.22
N VAL B 207 -6.99 -39.02 22.11
CA VAL B 207 -6.26 -39.43 20.91
C VAL B 207 -6.32 -40.94 20.76
N VAL B 208 -6.18 -41.68 21.87
CA VAL B 208 -6.22 -43.14 21.81
C VAL B 208 -7.59 -43.62 21.34
N ARG B 209 -8.66 -43.03 21.89
CA ARG B 209 -10.00 -43.42 21.45
C ARG B 209 -10.22 -43.08 19.98
N LYS B 210 -9.66 -41.95 19.54
CA LYS B 210 -9.74 -41.60 18.12
C LYS B 210 -9.01 -42.63 17.26
N LEU B 211 -7.84 -43.08 17.74
CA LEU B 211 -7.03 -44.03 16.97
C LEU B 211 -7.75 -45.36 16.80
N GLU B 212 -8.36 -45.88 17.87
CA GLU B 212 -9.13 -47.11 17.68
C GLU B 212 -10.42 -46.86 16.93
N GLU B 213 -10.98 -45.65 17.05
CA GLU B 213 -12.29 -45.36 16.47
C GLU B 213 -12.22 -45.15 14.97
N HIS B 214 -11.26 -44.37 14.51
CA HIS B 214 -11.11 -44.05 13.09
C HIS B 214 -10.21 -45.02 12.34
N GLY B 215 -9.81 -46.12 12.96
CA GLY B 215 -8.95 -47.06 12.29
C GLY B 215 -8.40 -48.15 13.17
N ALA B 216 -7.09 -48.38 13.12
CA ALA B 216 -6.45 -49.46 13.84
C ALA B 216 -5.42 -48.90 14.81
N LEU B 217 -5.59 -49.19 16.09
CA LEU B 217 -4.54 -49.04 17.07
C LEU B 217 -3.70 -50.31 17.19
N ALA B 218 -4.09 -51.36 16.47
CA ALA B 218 -3.33 -52.61 16.47
C ALA B 218 -1.96 -52.44 15.82
N ASN B 219 -1.80 -51.45 14.93
CA ASN B 219 -0.55 -51.23 14.24
C ASN B 219 0.37 -50.25 14.96
N THR B 220 -0.05 -49.68 16.09
CA THR B 220 0.71 -48.61 16.72
C THR B 220 1.07 -48.94 18.16
N ILE B 221 2.30 -48.61 18.52
CA ILE B 221 2.75 -48.60 19.90
C ILE B 221 2.61 -47.18 20.42
N VAL B 222 1.97 -47.03 21.57
CA VAL B 222 1.74 -45.71 22.17
C VAL B 222 2.60 -45.61 23.42
N VAL B 223 3.56 -44.70 23.39
CA VAL B 223 4.42 -44.42 24.54
C VAL B 223 3.91 -43.15 25.21
N VAL B 224 3.63 -43.23 26.51
CA VAL B 224 2.98 -42.16 27.24
C VAL B 224 3.85 -41.73 28.42
N ALA B 225 4.08 -40.43 28.53
CA ALA B 225 4.75 -39.83 29.69
C ALA B 225 4.07 -38.50 29.93
N THR B 226 3.08 -38.49 30.84
CA THR B 226 2.30 -37.29 31.10
C THR B 226 3.13 -36.29 31.91
N ALA B 227 2.55 -35.11 32.12
CA ALA B 227 3.21 -34.03 32.83
C ALA B 227 3.46 -34.33 34.30
N SER B 228 2.82 -35.36 34.86
CA SER B 228 2.91 -35.65 36.28
C SER B 228 4.05 -36.61 36.64
N GLU B 229 4.76 -37.15 35.66
CA GLU B 229 5.79 -38.13 35.91
C GLU B 229 7.17 -37.49 35.88
N SER B 230 8.14 -38.18 36.47
CA SER B 230 9.44 -37.61 36.75
C SER B 230 10.18 -37.23 35.46
N ALA B 231 11.09 -36.26 35.59
CA ALA B 231 11.77 -35.70 34.43
C ALA B 231 12.60 -36.74 33.70
N ALA B 232 13.18 -37.69 34.44
CA ALA B 232 13.97 -38.74 33.80
C ALA B 232 13.11 -39.59 32.86
N LEU B 233 11.89 -39.93 33.30
CA LEU B 233 11.01 -40.75 32.47
C LEU B 233 10.64 -40.03 31.18
N GLN B 234 10.29 -38.74 31.28
CA GLN B 234 9.96 -37.97 30.08
C GLN B 234 11.17 -37.84 29.16
N TYR B 235 12.34 -37.56 29.76
CA TYR B 235 13.58 -37.44 29.02
C TYR B 235 13.89 -38.69 28.22
N LEU B 236 13.70 -39.87 28.82
CA LEU B 236 14.05 -41.11 28.16
C LEU B 236 12.90 -41.79 27.44
N ALA B 237 11.69 -41.21 27.45
CA ALA B 237 10.59 -41.78 26.68
C ALA B 237 10.88 -41.84 25.18
N PRO B 238 11.31 -40.76 24.51
CA PRO B 238 11.59 -40.88 23.08
C PRO B 238 12.71 -41.85 22.76
N TYR B 239 13.73 -41.99 23.61
CA TYR B 239 14.76 -42.99 23.36
C TYR B 239 14.22 -44.41 23.47
N ALA B 240 13.34 -44.67 24.43
CA ALA B 240 12.72 -45.99 24.52
C ALA B 240 11.86 -46.27 23.28
N GLY B 241 11.09 -45.29 22.84
CA GLY B 241 10.35 -45.45 21.59
C GLY B 241 11.28 -45.69 20.41
N ALA B 242 12.44 -45.03 20.41
CA ALA B 242 13.43 -45.24 19.37
C ALA B 242 13.94 -46.68 19.36
N ALA B 243 14.17 -47.25 20.55
CA ALA B 243 14.55 -48.66 20.62
C ALA B 243 13.47 -49.56 20.03
N MET B 244 12.21 -49.30 20.40
CA MET B 244 11.12 -50.11 19.86
C MET B 244 11.04 -50.01 18.34
N GLY B 245 11.20 -48.80 17.79
CA GLY B 245 11.23 -48.64 16.35
C GLY B 245 12.43 -49.28 15.69
N GLU B 246 13.58 -49.23 16.36
CA GLU B 246 14.82 -49.77 15.80
C GLU B 246 14.76 -51.28 15.66
N TYR B 247 13.99 -51.94 16.55
CA TYR B 247 13.70 -53.36 16.36
C TYR B 247 13.15 -53.63 14.96
N PHE B 248 12.04 -52.98 14.61
CA PHE B 248 11.46 -53.14 13.27
C PHE B 248 12.45 -52.72 12.19
N ARG B 249 13.17 -51.62 12.42
CA ARG B 249 14.12 -51.12 11.43
C ARG B 249 15.10 -52.21 11.02
N ASP B 250 15.70 -52.89 11.99
CA ASP B 250 16.70 -53.90 11.70
C ASP B 250 16.11 -55.30 11.52
N ARG B 251 14.79 -55.46 11.59
CA ARG B 251 14.18 -56.72 11.21
C ARG B 251 13.81 -56.81 9.73
N GLY B 252 14.08 -55.79 8.93
CA GLY B 252 13.73 -55.81 7.53
C GLY B 252 12.37 -55.27 7.20
N GLU B 253 11.76 -54.53 8.11
CA GLU B 253 10.41 -54.00 7.95
C GLU B 253 10.45 -52.49 8.17
N ASP B 254 9.47 -51.80 7.60
CA ASP B 254 9.42 -50.34 7.68
C ASP B 254 8.56 -49.89 8.85
N ALA B 255 8.87 -48.71 9.38
CA ALA B 255 8.18 -48.18 10.54
C ALA B 255 8.17 -46.66 10.47
N LEU B 256 7.25 -46.07 11.24
CA LEU B 256 7.07 -44.61 11.28
C LEU B 256 6.85 -44.20 12.73
N ILE B 257 7.67 -43.29 13.23
CA ILE B 257 7.62 -42.85 14.62
C ILE B 257 7.40 -41.34 14.67
N ILE B 258 6.59 -40.90 15.64
CA ILE B 258 6.30 -39.49 15.85
C ILE B 258 6.70 -39.11 17.27
N TYR B 259 7.50 -38.05 17.39
CA TYR B 259 7.94 -37.51 18.67
C TYR B 259 7.15 -36.23 18.92
N ASP B 260 6.14 -36.30 19.78
CA ASP B 260 5.30 -35.15 20.07
C ASP B 260 6.00 -34.23 21.06
N ASP B 261 6.21 -32.98 20.68
CA ASP B 261 6.80 -31.95 21.55
C ASP B 261 8.20 -32.35 22.03
N LEU B 262 9.13 -32.41 21.06
CA LEU B 262 10.53 -32.57 21.41
C LEU B 262 11.02 -31.45 22.32
N SER B 263 10.40 -30.27 22.23
CA SER B 263 10.76 -29.16 23.09
C SER B 263 10.54 -29.50 24.56
N LYS B 264 9.47 -30.25 24.85
CA LYS B 264 9.22 -30.64 26.24
C LYS B 264 10.23 -31.68 26.72
N GLN B 265 10.71 -32.55 25.83
CA GLN B 265 11.83 -33.41 26.19
C GLN B 265 13.08 -32.58 26.52
N ALA B 266 13.33 -31.53 25.72
CA ALA B 266 14.44 -30.64 26.02
C ALA B 266 14.26 -29.99 27.39
N VAL B 267 13.02 -29.63 27.72
CA VAL B 267 12.73 -29.05 29.04
C VAL B 267 13.07 -30.04 30.15
N ALA B 268 12.66 -31.30 29.98
CA ALA B 268 12.97 -32.31 30.98
C ALA B 268 14.47 -32.48 31.15
N TYR B 269 15.21 -32.51 30.04
CA TYR B 269 16.66 -32.64 30.13
C TYR B 269 17.27 -31.42 30.82
N ARG B 270 16.74 -30.23 30.55
CA ARG B 270 17.20 -29.03 31.24
C ARG B 270 17.07 -29.17 32.74
N GLN B 271 15.89 -29.62 33.19
CA GLN B 271 15.65 -29.78 34.62
C GLN B 271 16.63 -30.77 35.23
N ILE B 272 16.81 -31.92 34.56
CA ILE B 272 17.72 -32.95 35.07
C ILE B 272 19.14 -32.41 35.19
N SER B 273 19.61 -31.72 34.15
CA SER B 273 20.97 -31.21 34.16
C SER B 273 21.16 -30.16 35.25
N LEU B 274 20.19 -29.27 35.42
CA LEU B 274 20.34 -28.21 36.42
C LEU B 274 20.32 -28.76 37.83
N LEU B 275 19.50 -29.79 38.10
CA LEU B 275 19.49 -30.34 39.44
C LEU B 275 20.77 -31.11 39.78
N LEU B 276 21.52 -31.54 38.78
CA LEU B 276 22.81 -32.20 39.00
C LEU B 276 23.98 -31.23 38.99
N ARG B 277 23.71 -29.93 38.95
CA ARG B 277 24.70 -28.85 39.06
C ARG B 277 25.62 -28.77 37.84
N ARG B 278 25.20 -29.31 36.70
CA ARG B 278 26.01 -29.22 35.50
C ARG B 278 25.96 -27.81 34.91
N PRO B 279 27.06 -27.35 34.32
CA PRO B 279 27.13 -25.96 33.85
C PRO B 279 26.08 -25.66 32.79
N PRO B 280 25.47 -24.48 32.84
CA PRO B 280 24.40 -24.13 31.91
C PRO B 280 24.92 -23.44 30.64
N GLY B 281 24.03 -23.32 29.65
CA GLY B 281 24.35 -22.78 28.35
C GLY B 281 23.41 -21.66 27.94
N ARG B 282 23.18 -21.58 26.63
CA ARG B 282 22.58 -20.39 26.01
C ARG B 282 21.26 -20.00 26.66
N GLU B 283 20.29 -20.92 26.67
CA GLU B 283 19.01 -20.72 27.33
C GLU B 283 18.90 -21.59 28.58
N ALA B 284 20.01 -21.66 29.33
CA ALA B 284 20.21 -22.47 30.53
C ALA B 284 20.27 -23.96 30.20
N PHE B 285 20.09 -24.35 28.95
CA PHE B 285 20.20 -25.74 28.57
C PHE B 285 21.64 -26.20 28.72
N PRO B 286 21.86 -27.48 29.04
CA PRO B 286 23.23 -27.99 29.15
C PRO B 286 23.94 -27.94 27.80
N GLY B 287 25.27 -28.09 27.87
CA GLY B 287 26.08 -27.93 26.68
C GLY B 287 25.82 -28.97 25.60
N ASP B 288 25.29 -30.14 25.98
CA ASP B 288 25.15 -31.27 25.07
C ASP B 288 23.70 -31.51 24.64
N VAL B 289 22.86 -30.48 24.66
CA VAL B 289 21.47 -30.64 24.21
C VAL B 289 21.44 -30.97 22.72
N PHE B 290 22.33 -30.37 21.94
CA PHE B 290 22.49 -30.78 20.55
C PHE B 290 22.82 -32.25 20.45
N TYR B 291 23.71 -32.74 21.32
CA TYR B 291 24.04 -34.15 21.31
C TYR B 291 22.91 -35.00 21.88
N LEU B 292 21.90 -34.38 22.49
CA LEU B 292 20.69 -35.12 22.84
C LEU B 292 19.84 -35.37 21.61
N HIS B 293 19.36 -34.29 20.97
CA HIS B 293 18.48 -34.50 19.81
C HIS B 293 19.20 -35.10 18.61
N SER B 294 20.50 -34.83 18.46
CA SER B 294 21.24 -35.35 17.31
C SER B 294 21.34 -36.87 17.37
N ARG B 295 21.78 -37.40 18.52
CA ARG B 295 21.87 -38.85 18.64
C ARG B 295 20.50 -39.50 18.77
N LEU B 296 19.47 -38.73 19.15
CA LEU B 296 18.12 -39.27 19.09
C LEU B 296 17.67 -39.47 17.63
N LEU B 297 17.86 -38.46 16.80
CA LEU B 297 17.29 -38.50 15.46
C LEU B 297 18.15 -39.27 14.45
N GLU B 298 19.48 -39.27 14.61
CA GLU B 298 20.29 -39.99 13.62
C GLU B 298 20.11 -41.50 13.67
N ARG B 299 19.27 -42.03 14.57
CA ARG B 299 18.94 -43.44 14.52
C ARG B 299 17.84 -43.75 13.49
N ALA B 300 17.16 -42.73 12.99
CA ALA B 300 16.14 -42.93 11.96
C ALA B 300 16.82 -42.95 10.59
N ALA B 301 16.69 -44.06 9.87
CA ALA B 301 17.40 -44.23 8.62
C ALA B 301 16.75 -45.32 7.80
N ARG B 302 17.15 -45.40 6.53
CA ARG B 302 16.87 -46.54 5.68
C ARG B 302 18.14 -47.40 5.61
N VAL B 303 17.95 -48.71 5.56
CA VAL B 303 19.02 -49.68 5.77
C VAL B 303 19.13 -50.60 4.57
N ASN B 304 20.37 -50.88 4.15
CA ASN B 304 20.61 -51.71 2.97
C ASN B 304 20.44 -53.20 3.29
N ALA B 305 20.39 -54.00 2.23
CA ALA B 305 20.06 -55.42 2.37
C ALA B 305 21.15 -56.19 3.12
N GLU B 306 22.42 -55.88 2.86
CA GLU B 306 23.49 -56.61 3.53
C GLU B 306 23.50 -56.39 5.04
N TYR B 307 23.28 -55.14 5.48
CA TYR B 307 23.20 -54.89 6.92
C TYR B 307 22.07 -55.69 7.55
N VAL B 308 20.88 -55.59 6.97
CA VAL B 308 19.72 -56.22 7.61
C VAL B 308 19.82 -57.75 7.53
N GLU B 309 20.46 -58.27 6.49
CA GLU B 309 20.63 -59.71 6.36
C GLU B 309 21.65 -60.23 7.37
N ALA B 310 22.75 -59.51 7.55
CA ALA B 310 23.72 -59.88 8.58
C ALA B 310 23.10 -59.76 9.97
N PHE B 311 22.34 -58.69 10.21
CA PHE B 311 21.70 -58.48 11.51
C PHE B 311 20.68 -59.57 11.79
N THR B 312 19.81 -59.85 10.83
CA THR B 312 18.80 -60.90 10.98
C THR B 312 19.39 -62.30 10.83
N LYS B 313 20.70 -62.40 10.65
CA LYS B 313 21.41 -63.67 10.56
C LYS B 313 20.89 -64.54 9.41
N GLY B 314 20.42 -63.90 8.34
CA GLY B 314 19.94 -64.60 7.17
C GLY B 314 18.49 -65.02 7.19
N GLU B 315 17.70 -64.55 8.15
CA GLU B 315 16.28 -64.89 8.17
C GLU B 315 15.58 -64.35 6.93
N VAL B 316 15.94 -63.14 6.50
CA VAL B 316 15.51 -62.57 5.23
C VAL B 316 16.75 -62.10 4.49
N LYS B 317 16.69 -62.17 3.16
CA LYS B 317 17.89 -61.99 2.33
C LYS B 317 17.93 -60.68 1.57
N GLY B 318 16.83 -60.22 1.01
CA GLY B 318 16.91 -59.11 0.07
C GLY B 318 16.19 -57.82 0.44
N LYS B 319 15.48 -57.80 1.56
CA LYS B 319 14.66 -56.64 1.91
C LYS B 319 15.53 -55.51 2.49
N THR B 320 14.91 -54.35 2.63
CA THR B 320 15.55 -53.15 3.18
C THR B 320 14.58 -52.48 4.13
N GLY B 321 14.87 -52.53 5.44
CA GLY B 321 14.03 -51.90 6.44
C GLY B 321 14.33 -50.42 6.62
N SER B 322 13.45 -49.74 7.37
CA SER B 322 13.59 -48.31 7.56
C SER B 322 12.80 -47.88 8.79
N LEU B 323 13.11 -46.69 9.29
CA LEU B 323 12.37 -46.05 10.38
C LEU B 323 12.25 -44.56 10.05
N THR B 324 11.10 -44.16 9.53
CA THR B 324 10.83 -42.75 9.26
C THR B 324 10.43 -42.06 10.56
N ALA B 325 10.88 -40.81 10.71
CA ALA B 325 10.64 -40.05 11.93
C ALA B 325 9.97 -38.72 11.59
N LEU B 326 8.98 -38.34 12.41
CA LEU B 326 8.28 -37.06 12.28
C LEU B 326 8.23 -36.36 13.62
N PRO B 327 9.34 -35.79 14.08
CA PRO B 327 9.32 -35.01 15.32
C PRO B 327 8.48 -33.75 15.20
N ILE B 328 8.04 -33.24 16.35
CA ILE B 328 7.18 -32.07 16.46
C ILE B 328 7.85 -31.05 17.37
N ILE B 329 7.84 -29.79 16.96
CA ILE B 329 8.44 -28.69 17.72
C ILE B 329 7.44 -27.56 17.85
N GLU B 330 7.35 -26.97 19.04
CA GLU B 330 6.48 -25.82 19.30
C GLU B 330 7.34 -24.56 19.41
N THR B 331 7.24 -23.69 18.42
CA THR B 331 7.83 -22.36 18.53
C THR B 331 6.90 -21.45 19.33
N GLN B 332 7.47 -20.40 19.91
CA GLN B 332 6.73 -19.44 20.73
C GLN B 332 6.62 -18.14 19.95
N ALA B 333 5.39 -17.77 19.58
CA ALA B 333 5.13 -16.62 18.71
C ALA B 333 5.91 -16.73 17.39
N GLY B 334 6.18 -17.96 16.98
CA GLY B 334 6.88 -18.21 15.73
C GLY B 334 8.32 -17.73 15.68
N ASP B 335 9.09 -17.92 16.76
CA ASP B 335 10.50 -17.58 16.76
C ASP B 335 11.32 -18.80 16.33
N VAL B 336 11.91 -18.72 15.13
CA VAL B 336 12.64 -19.84 14.56
C VAL B 336 14.11 -19.82 14.97
N SER B 337 14.60 -18.73 15.55
CA SER B 337 16.00 -18.59 15.91
C SER B 337 16.30 -19.04 17.33
N ALA B 338 15.33 -19.62 18.03
CA ALA B 338 15.56 -20.12 19.38
C ALA B 338 16.49 -21.34 19.34
N PHE B 339 17.09 -21.62 20.50
CA PHE B 339 18.16 -22.62 20.57
C PHE B 339 17.67 -24.00 20.16
N VAL B 340 16.62 -24.50 20.83
CA VAL B 340 16.12 -25.84 20.52
C VAL B 340 15.57 -25.93 19.09
N PRO B 341 14.72 -25.02 18.62
CA PRO B 341 14.28 -25.12 17.23
C PRO B 341 15.41 -25.09 16.22
N THR B 342 16.43 -24.25 16.42
CA THR B 342 17.49 -24.19 15.42
C THR B 342 18.35 -25.45 15.46
N ASN B 343 18.58 -26.02 16.65
CA ASN B 343 19.27 -27.31 16.72
C ASN B 343 18.50 -28.36 15.94
N VAL B 344 17.19 -28.47 16.17
CA VAL B 344 16.40 -29.51 15.51
C VAL B 344 16.35 -29.27 14.01
N ILE B 345 16.25 -28.01 13.58
CA ILE B 345 16.19 -27.69 12.16
C ILE B 345 17.49 -28.07 11.48
N SER B 346 18.63 -27.87 12.16
CA SER B 346 19.89 -28.31 11.59
C SER B 346 19.97 -29.83 11.54
N ILE B 347 19.43 -30.53 12.54
CA ILE B 347 19.57 -31.98 12.58
C ILE B 347 18.74 -32.66 11.50
N THR B 348 17.52 -32.18 11.25
CA THR B 348 16.62 -32.87 10.34
C THR B 348 16.92 -32.50 8.89
N ASP B 349 16.18 -33.12 7.96
CA ASP B 349 16.29 -32.86 6.53
C ASP B 349 14.89 -32.65 5.96
N GLY B 350 14.43 -31.40 6.00
CA GLY B 350 13.11 -31.00 5.56
C GLY B 350 12.21 -30.77 6.76
N GLN B 351 11.38 -29.73 6.68
CA GLN B 351 10.45 -29.42 7.75
C GLN B 351 9.09 -29.07 7.16
N ILE B 352 8.04 -29.46 7.87
CA ILE B 352 6.67 -29.08 7.55
C ILE B 352 6.31 -27.93 8.48
N PHE B 353 6.30 -26.71 7.94
CA PHE B 353 6.08 -25.51 8.73
C PHE B 353 4.59 -25.19 8.74
N LEU B 354 4.01 -25.10 9.93
CA LEU B 354 2.58 -24.87 10.10
C LEU B 354 2.38 -23.46 10.65
N GLU B 355 2.00 -22.53 9.77
CA GLU B 355 1.84 -21.14 10.14
C GLU B 355 0.47 -20.91 10.79
N THR B 356 0.43 -19.97 11.73
CA THR B 356 -0.73 -19.83 12.60
C THR B 356 -1.86 -19.01 11.97
N ASN B 357 -1.52 -17.94 11.24
CA ASN B 357 -2.57 -17.10 10.68
C ASN B 357 -3.27 -17.74 9.49
N LEU B 358 -2.67 -18.78 8.90
CA LEU B 358 -3.39 -19.60 7.93
C LEU B 358 -4.37 -20.53 8.63
N PHE B 359 -3.97 -21.07 9.79
CA PHE B 359 -4.87 -21.92 10.56
C PHE B 359 -6.07 -21.13 11.08
N ASN B 360 -5.83 -19.92 11.57
CA ASN B 360 -6.92 -19.07 12.04
C ASN B 360 -7.84 -18.67 10.89
N ALA B 361 -7.30 -18.59 9.68
CA ALA B 361 -8.09 -18.26 8.51
C ALA B 361 -8.97 -19.40 8.04
N GLY B 362 -8.84 -20.59 8.63
CA GLY B 362 -9.63 -21.74 8.24
C GLY B 362 -9.00 -22.60 7.16
N ILE B 363 -7.80 -22.27 6.69
CA ILE B 363 -7.11 -23.06 5.68
C ILE B 363 -6.35 -24.14 6.43
N ARG B 364 -7.04 -25.25 6.70
CA ARG B 364 -6.49 -26.34 7.48
C ARG B 364 -6.42 -27.60 6.62
N PRO B 365 -5.27 -28.29 6.57
CA PRO B 365 -4.05 -28.00 7.33
C PRO B 365 -3.30 -26.77 6.83
N ALA B 366 -2.68 -26.04 7.76
CA ALA B 366 -2.07 -24.74 7.47
C ALA B 366 -0.59 -24.87 7.14
N VAL B 367 -0.25 -25.69 6.16
CA VAL B 367 1.13 -25.77 5.70
C VAL B 367 1.44 -24.52 4.86
N ASN B 368 2.70 -24.10 4.91
CA ASN B 368 3.13 -22.87 4.24
C ASN B 368 4.20 -23.18 3.21
N PRO B 369 3.91 -23.07 1.91
CA PRO B 369 4.95 -23.27 0.90
C PRO B 369 5.99 -22.15 0.94
N GLY B 370 7.15 -22.45 0.38
CA GLY B 370 8.26 -21.51 0.35
C GLY B 370 9.19 -21.63 1.54
N ILE B 371 8.62 -21.87 2.72
CA ILE B 371 9.40 -22.02 3.95
C ILE B 371 9.52 -23.49 4.29
N SER B 372 8.51 -24.28 3.93
CA SER B 372 8.51 -25.71 4.17
C SER B 372 9.06 -26.42 2.94
N VAL B 373 10.13 -27.20 3.13
CA VAL B 373 10.82 -27.87 2.04
C VAL B 373 11.02 -29.33 2.41
N SER B 374 11.49 -30.11 1.43
CA SER B 374 11.80 -31.51 1.62
C SER B 374 13.17 -31.77 1.00
N ARG B 375 14.17 -32.02 1.84
CA ARG B 375 15.54 -32.16 1.37
C ARG B 375 15.78 -33.46 0.61
N VAL B 376 14.86 -34.42 0.69
CA VAL B 376 15.03 -35.68 -0.03
C VAL B 376 14.58 -35.57 -1.48
N GLY B 377 13.80 -34.54 -1.83
CA GLY B 377 13.40 -34.33 -3.21
C GLY B 377 12.29 -35.26 -3.67
N GLY B 378 12.12 -35.28 -4.99
CA GLY B 378 11.10 -36.09 -5.63
C GLY B 378 11.40 -37.55 -5.74
N ALA B 379 12.57 -38.00 -5.27
CA ALA B 379 12.89 -39.41 -5.24
C ALA B 379 12.01 -40.17 -4.24
N ALA B 380 11.37 -39.46 -3.31
CA ALA B 380 10.48 -40.09 -2.36
C ALA B 380 9.05 -40.25 -2.87
N GLN B 381 8.68 -39.51 -3.91
CA GLN B 381 7.33 -39.59 -4.45
C GLN B 381 7.19 -40.79 -5.39
N THR B 382 5.97 -41.32 -5.45
CA THR B 382 5.62 -42.25 -6.51
C THR B 382 5.40 -41.47 -7.81
N LYS B 383 5.51 -42.19 -8.93
CA LYS B 383 5.66 -41.51 -10.21
C LYS B 383 4.46 -40.65 -10.57
N ILE B 384 3.25 -41.16 -10.34
CA ILE B 384 2.05 -40.40 -10.73
C ILE B 384 1.91 -39.15 -9.86
N MET B 385 2.25 -39.26 -8.57
CA MET B 385 2.22 -38.08 -7.71
C MET B 385 3.32 -37.10 -8.08
N LYS B 386 4.44 -37.59 -8.59
CA LYS B 386 5.52 -36.70 -9.01
C LYS B 386 5.16 -35.94 -10.28
N LYS B 387 4.54 -36.62 -11.24
CA LYS B 387 4.17 -35.97 -12.51
C LYS B 387 3.10 -34.91 -12.30
N LEU B 388 2.14 -35.17 -11.43
CA LEU B 388 0.98 -34.31 -11.26
C LEU B 388 1.18 -33.23 -10.20
N SER B 389 2.35 -33.13 -9.59
CA SER B 389 2.60 -32.15 -8.55
C SER B 389 3.65 -31.11 -8.90
N GLY B 390 4.35 -31.25 -10.02
CA GLY B 390 5.40 -30.29 -10.36
C GLY B 390 4.84 -28.88 -10.58
N GLY B 391 3.71 -28.78 -11.26
CA GLY B 391 3.14 -27.48 -11.55
C GLY B 391 2.41 -26.82 -10.40
N ILE B 392 2.02 -27.60 -9.38
CA ILE B 392 1.37 -27.02 -8.21
C ILE B 392 2.32 -26.06 -7.51
N ARG B 393 3.58 -26.44 -7.38
CA ARG B 393 4.61 -25.58 -6.81
C ARG B 393 4.65 -24.24 -7.53
N THR B 394 4.73 -24.28 -8.86
CA THR B 394 4.84 -23.06 -9.65
C THR B 394 3.58 -22.21 -9.53
N ALA B 395 2.41 -22.85 -9.59
CA ALA B 395 1.15 -22.10 -9.51
C ALA B 395 1.04 -21.38 -8.19
N LEU B 396 1.36 -22.07 -7.08
CA LEU B 396 1.30 -21.42 -5.78
C LEU B 396 2.34 -20.32 -5.65
N ALA B 397 3.56 -20.55 -6.16
CA ALA B 397 4.60 -19.54 -6.06
C ALA B 397 4.19 -18.26 -6.79
N GLN B 398 3.64 -18.40 -7.99
CA GLN B 398 3.13 -17.23 -8.71
C GLN B 398 1.97 -16.58 -7.97
N TYR B 399 1.08 -17.40 -7.40
CA TYR B 399 -0.06 -16.86 -6.66
C TYR B 399 0.38 -16.01 -5.48
N ARG B 400 1.42 -16.43 -4.75
CA ARG B 400 1.79 -15.69 -3.54
C ARG B 400 2.05 -14.22 -3.85
N GLU B 401 2.87 -13.96 -4.86
CA GLU B 401 3.22 -12.58 -5.18
C GLU B 401 2.09 -11.87 -5.93
N LEU B 402 1.34 -12.59 -6.78
CA LEU B 402 0.32 -11.89 -7.56
C LEU B 402 -0.94 -11.59 -6.74
N ALA B 403 -1.21 -12.37 -5.69
CA ALA B 403 -2.39 -12.15 -4.85
C ALA B 403 -2.26 -10.88 -4.02
N ALA B 404 -1.04 -10.53 -3.60
CA ALA B 404 -0.84 -9.25 -2.92
C ALA B 404 -1.28 -8.09 -3.80
N PHE B 405 -1.04 -8.18 -5.10
CA PHE B 405 -1.50 -7.20 -6.08
C PHE B 405 -3.00 -7.35 -6.35
N SER B 406 -3.55 -8.55 -6.15
CA SER B 406 -4.95 -8.81 -6.48
C SER B 406 -5.91 -7.93 -5.69
N GLN B 407 -5.64 -7.70 -4.40
CA GLN B 407 -6.63 -7.10 -3.51
C GLN B 407 -7.06 -5.70 -3.94
N PHE B 408 -6.23 -4.98 -4.69
CA PHE B 408 -6.52 -3.59 -5.04
C PHE B 408 -6.30 -3.33 -6.53
N ALA B 409 -6.52 -4.33 -7.37
CA ALA B 409 -6.22 -4.20 -8.79
C ALA B 409 -7.36 -4.73 -9.65
N SER B 410 -7.50 -4.12 -10.82
CA SER B 410 -8.44 -4.55 -11.85
C SER B 410 -7.91 -4.02 -13.18
N ASP B 411 -8.59 -4.41 -14.26
CA ASP B 411 -8.17 -4.05 -15.61
C ASP B 411 -6.74 -4.51 -15.87
N LEU B 412 -6.46 -5.76 -15.52
CA LEU B 412 -5.13 -6.34 -15.58
C LEU B 412 -4.97 -7.21 -16.82
N ASP B 413 -3.72 -7.60 -17.09
CA ASP B 413 -3.45 -8.51 -18.19
C ASP B 413 -4.10 -9.86 -17.91
N ASP B 414 -4.78 -10.41 -18.92
CA ASP B 414 -5.56 -11.62 -18.71
C ASP B 414 -4.68 -12.82 -18.35
N ALA B 415 -3.44 -12.85 -18.83
CA ALA B 415 -2.52 -13.90 -18.39
C ALA B 415 -2.30 -13.83 -16.89
N THR B 416 -2.05 -12.63 -16.38
CA THR B 416 -1.93 -12.44 -14.94
C THR B 416 -3.25 -12.71 -14.23
N ARG B 417 -4.37 -12.33 -14.84
CA ARG B 417 -5.68 -12.61 -14.25
C ARG B 417 -5.87 -14.10 -14.03
N ASN B 418 -5.61 -14.90 -15.07
CA ASN B 418 -5.78 -16.34 -14.96
C ASN B 418 -4.77 -16.96 -14.00
N GLN B 419 -3.52 -16.49 -14.04
CA GLN B 419 -2.51 -16.97 -13.10
C GLN B 419 -2.97 -16.76 -11.67
N LEU B 420 -3.43 -15.55 -11.36
CA LEU B 420 -3.95 -15.20 -10.05
C LEU B 420 -5.13 -16.09 -9.65
N ASP B 421 -6.13 -16.18 -10.53
CA ASP B 421 -7.37 -16.88 -10.17
C ASP B 421 -7.12 -18.39 -10.01
N HIS B 422 -6.31 -18.97 -10.89
CA HIS B 422 -5.95 -20.37 -10.77
C HIS B 422 -5.16 -20.63 -9.49
N GLY B 423 -4.28 -19.70 -9.12
CA GLY B 423 -3.61 -19.83 -7.83
C GLY B 423 -4.58 -19.81 -6.66
N GLN B 424 -5.58 -18.92 -6.73
CA GLN B 424 -6.55 -18.82 -5.63
C GLN B 424 -7.34 -20.13 -5.48
N LYS B 425 -7.79 -20.70 -6.60
CA LYS B 425 -8.52 -21.97 -6.51
C LYS B 425 -7.65 -23.17 -6.19
N VAL B 426 -6.40 -23.20 -6.65
CA VAL B 426 -5.56 -24.33 -6.24
C VAL B 426 -5.24 -24.23 -4.75
N THR B 427 -5.16 -23.00 -4.21
CA THR B 427 -5.07 -22.83 -2.77
C THR B 427 -6.32 -23.34 -2.08
N GLU B 428 -7.49 -23.08 -2.67
CA GLU B 428 -8.74 -23.60 -2.11
C GLU B 428 -8.74 -25.14 -2.11
N LEU B 429 -8.18 -25.75 -3.14
CA LEU B 429 -8.25 -27.21 -3.26
C LEU B 429 -7.49 -27.92 -2.16
N LEU B 430 -6.32 -27.41 -1.77
CA LEU B 430 -5.43 -28.11 -0.84
C LEU B 430 -5.86 -27.86 0.60
N LYS B 431 -7.03 -28.39 0.94
CA LYS B 431 -7.53 -28.35 2.31
C LYS B 431 -8.61 -29.42 2.46
N GLN B 432 -8.67 -30.04 3.64
CA GLN B 432 -9.53 -31.21 3.82
C GLN B 432 -9.85 -31.39 5.29
N LYS B 433 -10.90 -32.15 5.56
CA LYS B 433 -11.32 -32.42 6.93
C LYS B 433 -10.26 -33.24 7.66
N GLN B 434 -10.38 -33.27 8.99
CA GLN B 434 -9.30 -33.76 9.84
C GLN B 434 -9.04 -35.25 9.64
N TYR B 435 -10.03 -36.09 9.95
CA TYR B 435 -9.83 -37.53 9.98
C TYR B 435 -10.24 -38.21 8.67
N ALA B 436 -10.05 -37.53 7.55
CA ALA B 436 -10.28 -38.13 6.23
C ALA B 436 -8.96 -38.22 5.48
N PRO B 437 -8.27 -39.37 5.51
CA PRO B 437 -7.09 -39.55 4.68
C PRO B 437 -7.46 -39.99 3.28
N MET B 438 -6.58 -39.67 2.34
CA MET B 438 -6.87 -39.80 0.91
C MET B 438 -5.84 -40.70 0.26
N SER B 439 -6.33 -41.68 -0.52
CA SER B 439 -5.45 -42.62 -1.19
C SER B 439 -4.71 -41.95 -2.34
N VAL B 440 -3.70 -42.65 -2.86
CA VAL B 440 -2.84 -42.06 -3.90
C VAL B 440 -3.65 -41.80 -5.17
N ALA B 441 -4.59 -42.70 -5.51
CA ALA B 441 -5.40 -42.49 -6.70
C ALA B 441 -6.32 -41.28 -6.56
N GLN B 442 -6.93 -41.11 -5.39
CA GLN B 442 -7.85 -40.01 -5.17
C GLN B 442 -7.12 -38.67 -5.24
N GLN B 443 -6.03 -38.54 -4.47
CA GLN B 443 -5.18 -37.37 -4.56
C GLN B 443 -4.71 -37.13 -5.98
N SER B 444 -4.32 -38.20 -6.67
CA SER B 444 -3.79 -38.09 -8.02
C SER B 444 -4.81 -37.48 -8.97
N LEU B 445 -6.04 -38.02 -8.97
CA LEU B 445 -7.03 -37.51 -9.90
C LEU B 445 -7.49 -36.10 -9.54
N VAL B 446 -7.53 -35.76 -8.24
CA VAL B 446 -7.87 -34.39 -7.88
C VAL B 446 -6.81 -33.41 -8.35
N LEU B 447 -5.53 -33.75 -8.13
CA LEU B 447 -4.44 -32.92 -8.64
C LEU B 447 -4.48 -32.84 -10.16
N PHE B 448 -4.85 -33.94 -10.83
CA PHE B 448 -4.98 -33.94 -12.28
C PHE B 448 -6.07 -32.99 -12.74
N ALA B 449 -7.20 -32.97 -12.04
CA ALA B 449 -8.27 -32.03 -12.35
C ALA B 449 -7.79 -30.60 -12.20
N ALA B 450 -7.01 -30.32 -11.16
CA ALA B 450 -6.46 -28.98 -10.99
C ALA B 450 -5.49 -28.62 -12.10
N GLU B 451 -4.58 -29.55 -12.45
CA GLU B 451 -3.47 -29.24 -13.34
C GLU B 451 -3.90 -29.17 -14.80
N ARG B 452 -4.80 -30.05 -15.23
CA ARG B 452 -5.23 -30.08 -16.62
C ARG B 452 -6.30 -29.04 -16.93
N GLY B 453 -6.76 -28.29 -15.94
CA GLY B 453 -7.66 -27.18 -16.18
C GLY B 453 -9.14 -27.47 -16.04
N TYR B 454 -9.51 -28.64 -15.52
CA TYR B 454 -10.92 -28.97 -15.40
C TYR B 454 -11.62 -28.14 -14.33
N LEU B 455 -10.86 -27.49 -13.44
CA LEU B 455 -11.43 -26.55 -12.48
C LEU B 455 -11.49 -25.12 -13.00
N ALA B 456 -10.91 -24.85 -14.18
CA ALA B 456 -10.75 -23.47 -14.64
C ALA B 456 -12.09 -22.77 -14.84
N ASP B 457 -13.11 -23.51 -15.27
CA ASP B 457 -14.45 -22.93 -15.43
C ASP B 457 -15.29 -23.07 -14.16
N VAL B 458 -14.77 -23.73 -13.13
CA VAL B 458 -15.52 -23.97 -11.90
C VAL B 458 -14.85 -23.23 -10.75
N GLU B 459 -14.17 -22.14 -11.07
CA GLU B 459 -13.40 -21.38 -10.08
C GLU B 459 -14.35 -20.55 -9.22
N LEU B 460 -15.05 -21.25 -8.33
CA LEU B 460 -16.02 -20.66 -7.42
C LEU B 460 -16.07 -21.51 -6.15
N SER B 461 -16.98 -21.14 -5.24
CA SER B 461 -16.99 -21.71 -3.89
C SER B 461 -17.34 -23.19 -3.84
N LYS B 462 -17.84 -23.76 -4.93
CA LYS B 462 -18.31 -25.14 -4.90
C LYS B 462 -17.20 -26.17 -4.85
N ILE B 463 -15.92 -25.77 -4.88
CA ILE B 463 -14.83 -26.71 -5.17
C ILE B 463 -14.84 -27.90 -4.20
N GLY B 464 -15.16 -27.67 -2.93
CA GLY B 464 -15.23 -28.78 -2.00
C GLY B 464 -16.32 -29.77 -2.36
N SER B 465 -17.53 -29.26 -2.64
CA SER B 465 -18.62 -30.13 -3.07
C SER B 465 -18.30 -30.80 -4.40
N PHE B 466 -17.63 -30.08 -5.28
CA PHE B 466 -17.21 -30.62 -6.57
C PHE B 466 -16.26 -31.79 -6.38
N GLU B 467 -15.29 -31.66 -5.47
CA GLU B 467 -14.37 -32.75 -5.17
C GLU B 467 -15.11 -33.94 -4.59
N ALA B 468 -16.02 -33.70 -3.65
CA ALA B 468 -16.78 -34.80 -3.06
C ALA B 468 -17.61 -35.52 -4.12
N ALA B 469 -18.28 -34.76 -4.99
CA ALA B 469 -19.08 -35.36 -6.05
C ALA B 469 -18.21 -36.12 -7.05
N LEU B 470 -17.05 -35.58 -7.37
CA LEU B 470 -16.13 -36.29 -8.28
C LEU B 470 -15.69 -37.62 -7.70
N LEU B 471 -15.33 -37.62 -6.41
CA LEU B 471 -14.93 -38.86 -5.77
C LEU B 471 -16.08 -39.86 -5.73
N ALA B 472 -17.29 -39.39 -5.41
CA ALA B 472 -18.45 -40.28 -5.36
C ALA B 472 -18.74 -40.89 -6.72
N TYR B 473 -18.72 -40.06 -7.77
CA TYR B 473 -18.97 -40.54 -9.12
C TYR B 473 -17.91 -41.56 -9.56
N VAL B 474 -16.63 -41.24 -9.31
CA VAL B 474 -15.55 -42.13 -9.71
C VAL B 474 -15.68 -43.47 -9.00
N ASP B 475 -15.97 -43.44 -7.70
CA ASP B 475 -16.27 -44.67 -6.98
C ASP B 475 -17.46 -45.40 -7.60
N ARG B 476 -18.44 -44.65 -8.10
CA ARG B 476 -19.64 -45.26 -8.64
C ARG B 476 -19.37 -46.04 -9.92
N ASP B 477 -18.51 -45.52 -10.81
CA ASP B 477 -18.40 -46.22 -12.10
C ASP B 477 -17.01 -46.42 -12.70
N HIS B 478 -15.93 -45.85 -12.17
CA HIS B 478 -14.61 -46.02 -12.77
C HIS B 478 -13.58 -46.52 -11.77
N ALA B 479 -13.97 -47.48 -10.92
CA ALA B 479 -13.12 -48.13 -9.92
C ALA B 479 -11.88 -48.83 -10.46
N PRO B 480 -11.91 -49.50 -11.63
CA PRO B 480 -10.71 -50.23 -12.06
C PRO B 480 -9.45 -49.38 -12.14
N LEU B 481 -9.56 -48.14 -12.64
CA LEU B 481 -8.39 -47.26 -12.65
C LEU B 481 -7.94 -46.94 -11.24
N MET B 482 -8.88 -46.78 -10.31
CA MET B 482 -8.52 -46.53 -8.93
C MET B 482 -7.68 -47.67 -8.37
N GLN B 483 -8.11 -48.91 -8.62
CA GLN B 483 -7.35 -50.06 -8.14
C GLN B 483 -5.96 -50.11 -8.79
N GLU B 484 -5.90 -49.90 -10.11
CA GLU B 484 -4.62 -49.97 -10.80
C GLU B 484 -3.65 -48.89 -10.30
N ILE B 485 -4.15 -47.68 -10.11
CA ILE B 485 -3.30 -46.58 -9.64
C ILE B 485 -2.83 -46.83 -8.22
N ASN B 486 -3.75 -47.24 -7.33
CA ASN B 486 -3.36 -47.53 -5.96
C ASN B 486 -2.33 -48.63 -5.88
N GLN B 487 -2.43 -49.63 -6.76
CA GLN B 487 -1.46 -50.72 -6.74
C GLN B 487 -0.11 -50.30 -7.31
N THR B 488 -0.10 -49.54 -8.40
CA THR B 488 1.14 -49.23 -9.11
C THR B 488 1.72 -47.86 -8.77
N GLY B 489 0.88 -46.83 -8.69
CA GLY B 489 1.40 -45.48 -8.70
C GLY B 489 2.01 -45.07 -10.02
N GLY B 490 1.75 -45.85 -11.09
CA GLY B 490 2.36 -45.57 -12.37
C GLY B 490 1.59 -44.56 -13.18
N TYR B 491 2.25 -44.07 -14.23
CA TYR B 491 1.70 -43.05 -15.09
C TYR B 491 2.26 -43.23 -16.50
N ASN B 492 1.39 -43.08 -17.50
CA ASN B 492 1.77 -43.18 -18.90
C ASN B 492 0.63 -42.62 -19.74
N ASP B 493 0.78 -42.73 -21.07
CA ASP B 493 -0.18 -42.10 -21.98
C ASP B 493 -1.59 -42.67 -21.82
N GLU B 494 -1.71 -43.99 -21.70
CA GLU B 494 -3.02 -44.60 -21.54
C GLU B 494 -3.68 -44.14 -20.25
N ILE B 495 -2.90 -44.06 -19.16
CA ILE B 495 -3.41 -43.56 -17.89
C ILE B 495 -3.82 -42.11 -18.02
N GLU B 496 -3.02 -41.30 -18.72
CA GLU B 496 -3.33 -39.90 -18.96
C GLU B 496 -4.68 -39.76 -19.66
N GLY B 497 -4.88 -40.52 -20.75
CA GLY B 497 -6.13 -40.45 -21.47
C GLY B 497 -7.31 -40.97 -20.68
N LYS B 498 -7.11 -42.02 -19.88
CA LYS B 498 -8.19 -42.54 -19.06
C LYS B 498 -8.62 -41.52 -18.02
N LEU B 499 -7.66 -40.82 -17.42
CA LEU B 499 -7.99 -39.72 -16.50
C LEU B 499 -8.76 -38.62 -17.21
N LYS B 500 -8.34 -38.27 -18.43
CA LYS B 500 -9.10 -37.30 -19.22
C LYS B 500 -10.54 -37.76 -19.43
N GLY B 501 -10.73 -39.03 -19.79
CA GLY B 501 -12.07 -39.54 -20.00
C GLY B 501 -12.92 -39.46 -18.74
N ILE B 502 -12.33 -39.81 -17.59
CA ILE B 502 -13.05 -39.76 -16.33
C ILE B 502 -13.51 -38.33 -16.03
N LEU B 503 -12.60 -37.36 -16.17
CA LEU B 503 -12.97 -35.98 -15.88
C LEU B 503 -14.01 -35.46 -16.86
N ASP B 504 -13.85 -35.79 -18.15
CA ASP B 504 -14.81 -35.36 -19.15
C ASP B 504 -16.20 -35.91 -18.84
N SER B 505 -16.28 -37.18 -18.43
CA SER B 505 -17.57 -37.74 -18.07
C SER B 505 -18.14 -37.08 -16.82
N PHE B 506 -17.29 -36.79 -15.83
CA PHE B 506 -17.80 -36.20 -14.59
C PHE B 506 -18.38 -34.81 -14.82
N LYS B 507 -17.76 -34.01 -15.69
CA LYS B 507 -18.28 -32.66 -15.90
C LYS B 507 -19.74 -32.66 -16.36
N ALA B 508 -20.22 -33.76 -16.95
CA ALA B 508 -21.63 -33.86 -17.28
C ALA B 508 -22.50 -33.95 -16.03
N THR B 509 -22.00 -34.62 -14.98
CA THR B 509 -22.79 -34.83 -13.78
C THR B 509 -22.71 -33.63 -12.85
N GLN B 510 -23.53 -33.67 -11.80
CA GLN B 510 -23.59 -32.66 -10.76
C GLN B 510 -22.20 -32.28 -10.23
N GLN C 1 32.73 -26.40 51.01
CA GLN C 1 34.18 -26.55 51.11
C GLN C 1 34.78 -26.87 49.76
N LEU C 2 36.04 -26.47 49.55
CA LEU C 2 36.75 -26.70 48.31
C LEU C 2 38.21 -27.02 48.61
N ASN C 3 38.85 -27.71 47.66
CA ASN C 3 40.26 -28.06 47.77
C ASN C 3 41.05 -26.91 47.15
N SER C 4 41.48 -25.98 48.00
CA SER C 4 42.08 -24.72 47.56
C SER C 4 43.58 -24.89 47.29
N THR C 5 43.87 -25.55 46.16
CA THR C 5 45.24 -25.73 45.69
C THR C 5 46.13 -26.40 46.74
N GLU C 6 45.57 -27.28 47.54
CA GLU C 6 46.31 -28.05 48.51
C GLU C 6 46.36 -29.52 48.09
N ILE C 7 47.57 -30.08 48.00
CA ILE C 7 47.79 -31.43 47.49
C ILE C 7 48.83 -32.16 48.34
N SER C 8 48.94 -33.47 48.11
CA SER C 8 49.58 -34.36 49.08
C SER C 8 51.08 -34.08 49.24
N GLU C 9 51.81 -33.96 48.14
CA GLU C 9 53.27 -33.87 48.29
C GLU C 9 53.71 -32.50 48.78
N LEU C 10 53.03 -31.43 48.37
CA LEU C 10 53.31 -30.12 48.95
C LEU C 10 53.04 -30.12 50.46
N ILE C 11 51.92 -30.72 50.86
CA ILE C 11 51.60 -30.85 52.28
C ILE C 11 52.66 -31.68 53.00
N LYS C 12 53.17 -32.72 52.36
CA LYS C 12 54.16 -33.57 52.99
C LYS C 12 55.49 -32.84 53.15
N GLN C 13 55.85 -31.98 52.20
CA GLN C 13 57.03 -31.13 52.41
C GLN C 13 56.81 -30.16 53.56
N ARG C 14 55.61 -29.57 53.67
CA ARG C 14 55.35 -28.75 54.86
C ARG C 14 55.40 -29.57 56.14
N ILE C 15 54.97 -30.83 56.08
CA ILE C 15 55.03 -31.71 57.24
C ILE C 15 56.47 -31.94 57.67
N ALA C 16 57.36 -32.14 56.69
CA ALA C 16 58.77 -32.33 57.02
C ALA C 16 59.44 -31.04 57.46
N GLN C 17 58.97 -29.89 56.97
CA GLN C 17 59.58 -28.58 57.26
C GLN C 17 58.44 -27.58 57.39
N PHE C 18 58.06 -27.25 58.63
CA PHE C 18 56.89 -26.37 58.79
C PHE C 18 57.14 -24.98 58.23
N ASN C 19 58.35 -24.45 58.34
CA ASN C 19 58.67 -23.16 57.75
C ASN C 19 59.23 -23.38 56.35
N VAL C 20 58.60 -22.74 55.36
CA VAL C 20 58.85 -23.06 53.96
C VAL C 20 60.09 -22.38 53.40
N VAL C 21 60.72 -21.48 54.15
CA VAL C 21 61.78 -20.63 53.63
C VAL C 21 63.06 -21.41 53.37
N SER C 22 63.04 -22.72 53.64
CA SER C 22 64.23 -23.53 53.37
C SER C 22 64.59 -23.54 51.89
N GLU C 23 63.59 -23.42 51.02
CA GLU C 23 63.82 -23.30 49.59
C GLU C 23 63.98 -21.83 49.22
N ALA C 24 64.82 -21.58 48.21
CA ALA C 24 65.08 -20.20 47.78
C ALA C 24 63.80 -19.55 47.29
N HIS C 25 63.67 -18.25 47.57
CA HIS C 25 62.47 -17.50 47.21
C HIS C 25 62.40 -17.17 45.73
N ASN C 26 63.45 -17.48 44.96
CA ASN C 26 63.51 -17.14 43.54
C ASN C 26 62.88 -18.19 42.64
N GLU C 27 62.40 -19.30 43.19
CA GLU C 27 61.96 -20.42 42.37
C GLU C 27 60.62 -20.96 42.86
N GLY C 28 59.94 -21.66 41.96
CA GLY C 28 58.65 -22.25 42.26
C GLY C 28 58.37 -23.37 41.28
N THR C 29 57.19 -23.99 41.45
CA THR C 29 56.79 -25.11 40.62
C THR C 29 55.39 -24.87 40.05
N ILE C 30 55.19 -25.29 38.81
CA ILE C 30 53.88 -25.18 38.18
C ILE C 30 52.94 -26.18 38.83
N VAL C 31 51.77 -25.71 39.26
CA VAL C 31 50.79 -26.55 39.92
C VAL C 31 49.57 -26.84 39.04
N SER C 32 49.23 -25.95 38.11
CA SER C 32 48.12 -26.19 37.20
C SER C 32 48.37 -25.47 35.88
N VAL C 33 47.82 -26.04 34.81
CA VAL C 33 47.90 -25.46 33.47
C VAL C 33 46.52 -25.55 32.85
N SER C 34 45.92 -24.40 32.53
CA SER C 34 44.53 -24.37 32.05
C SER C 34 44.39 -23.32 30.95
N ASP C 35 44.47 -23.76 29.70
CA ASP C 35 44.09 -22.96 28.54
C ASP C 35 44.86 -21.63 28.47
N GLY C 36 46.12 -21.67 28.87
CA GLY C 36 46.96 -20.47 28.78
C GLY C 36 47.31 -19.87 30.12
N VAL C 37 46.35 -19.85 31.04
CA VAL C 37 46.59 -19.35 32.39
C VAL C 37 47.32 -20.42 33.19
N ILE C 38 48.35 -20.02 33.91
CA ILE C 38 49.20 -20.94 34.66
C ILE C 38 49.22 -20.51 36.12
N ARG C 39 49.42 -21.49 37.00
CA ARG C 39 49.32 -21.28 38.44
C ARG C 39 50.55 -21.86 39.11
N ILE C 40 51.45 -20.99 39.57
CA ILE C 40 52.71 -21.41 40.18
C ILE C 40 52.55 -21.39 41.69
N HIS C 41 53.29 -22.30 42.35
CA HIS C 41 53.35 -22.35 43.81
C HIS C 41 54.78 -22.05 44.25
N GLY C 42 54.92 -21.17 45.23
CA GLY C 42 56.22 -20.72 45.67
C GLY C 42 56.43 -19.26 45.31
N LEU C 43 57.64 -18.91 44.87
CA LEU C 43 57.96 -17.57 44.38
C LEU C 43 57.59 -16.51 45.43
N ALA C 44 58.21 -16.63 46.61
CA ALA C 44 58.03 -15.62 47.64
C ALA C 44 58.73 -14.31 47.32
N ASP C 45 59.56 -14.28 46.28
CA ASP C 45 60.27 -13.09 45.85
C ASP C 45 59.64 -12.47 44.60
N ALA C 46 58.37 -12.73 44.36
CA ALA C 46 57.70 -12.30 43.14
C ALA C 46 56.84 -11.07 43.39
N MET C 47 56.76 -10.21 42.37
CA MET C 47 55.94 -9.02 42.39
C MET C 47 55.06 -9.01 41.15
N GLN C 48 53.93 -8.30 41.23
CA GLN C 48 53.03 -8.24 40.08
C GLN C 48 53.71 -7.49 38.94
N GLY C 49 53.65 -8.06 37.75
CA GLY C 49 54.24 -7.46 36.57
C GLY C 49 55.59 -8.04 36.15
N GLU C 50 56.04 -9.10 36.81
CA GLU C 50 57.35 -9.66 36.51
C GLU C 50 57.31 -10.54 35.26
N MET C 51 58.50 -11.01 34.88
CA MET C 51 58.70 -11.90 33.73
C MET C 51 59.21 -13.22 34.28
N ILE C 52 58.29 -14.12 34.60
CA ILE C 52 58.65 -15.40 35.19
C ILE C 52 59.14 -16.32 34.07
N SER C 53 60.37 -16.83 34.22
CA SER C 53 61.02 -17.58 33.15
C SER C 53 60.69 -19.06 33.29
N LEU C 54 59.95 -19.59 32.32
CA LEU C 54 59.59 -20.99 32.28
C LEU C 54 60.72 -21.83 31.69
N PRO C 55 60.67 -23.16 31.88
CA PRO C 55 61.61 -24.03 31.17
C PRO C 55 61.46 -23.87 29.66
N GLY C 56 62.59 -23.96 28.96
CA GLY C 56 62.65 -23.46 27.60
C GLY C 56 62.83 -21.96 27.63
N ASN C 57 62.77 -21.35 26.44
CA ASN C 57 62.86 -19.90 26.34
C ASN C 57 61.45 -19.30 26.20
N ARG C 58 60.67 -19.46 27.26
CA ARG C 58 59.33 -18.90 27.34
C ARG C 58 59.19 -18.09 28.61
N TYR C 59 58.28 -17.11 28.58
CA TYR C 59 58.01 -16.24 29.71
C TYR C 59 56.53 -16.25 30.05
N ALA C 60 56.23 -16.08 31.33
CA ALA C 60 54.88 -15.92 31.83
C ALA C 60 54.83 -14.68 32.71
N ILE C 61 53.76 -13.91 32.60
CA ILE C 61 53.64 -12.61 33.25
C ILE C 61 52.82 -12.76 34.52
N ALA C 62 53.42 -12.43 35.67
CA ALA C 62 52.71 -12.53 36.94
C ALA C 62 51.58 -11.50 36.97
N LEU C 63 50.37 -11.97 37.27
CA LEU C 63 49.18 -11.13 37.31
C LEU C 63 48.54 -11.05 38.67
N ASN C 64 48.40 -12.16 39.37
CA ASN C 64 47.76 -12.20 40.69
C ASN C 64 48.71 -12.80 41.71
N LEU C 65 48.89 -12.10 42.82
CA LEU C 65 49.65 -12.60 43.96
C LEU C 65 48.65 -12.93 45.06
N GLU C 66 48.36 -14.21 45.22
CA GLU C 66 47.35 -14.66 46.17
C GLU C 66 48.00 -14.98 47.52
N ARG C 67 47.17 -15.49 48.44
CA ARG C 67 47.67 -15.90 49.75
C ARG C 67 48.76 -16.95 49.63
N ASP C 68 48.64 -17.87 48.66
CA ASP C 68 49.53 -19.01 48.58
C ASP C 68 49.95 -19.39 47.17
N SER C 69 49.57 -18.64 46.14
CA SER C 69 49.91 -19.01 44.77
C SER C 69 50.04 -17.77 43.91
N VAL C 70 50.73 -17.93 42.78
CA VAL C 70 50.95 -16.87 41.81
C VAL C 70 50.26 -17.27 40.51
N GLY C 71 49.46 -16.36 39.96
CA GLY C 71 48.76 -16.59 38.70
C GLY C 71 49.39 -15.79 37.58
N ALA C 72 49.71 -16.48 36.49
CA ALA C 72 50.39 -15.88 35.35
C ALA C 72 49.78 -16.37 34.06
N VAL C 73 50.10 -15.68 32.97
CA VAL C 73 49.66 -16.04 31.62
C VAL C 73 50.88 -16.32 30.75
N VAL C 74 50.81 -17.39 29.97
CA VAL C 74 51.95 -17.85 29.19
C VAL C 74 51.98 -17.10 27.87
N MET C 75 53.14 -16.54 27.52
CA MET C 75 53.34 -15.82 26.26
C MET C 75 53.97 -16.76 25.25
N GLY C 76 53.12 -17.45 24.49
CA GLY C 76 53.57 -18.41 23.50
C GLY C 76 52.76 -19.68 23.56
N PRO C 77 53.27 -20.76 22.96
CA PRO C 77 52.59 -22.06 23.07
C PRO C 77 52.73 -22.61 24.49
N TYR C 78 51.59 -22.79 25.16
CA TYR C 78 51.53 -23.24 26.54
C TYR C 78 51.35 -24.75 26.68
N ALA C 79 51.12 -25.45 25.57
CA ALA C 79 50.72 -26.86 25.67
C ALA C 79 51.86 -27.76 26.11
N ASP C 80 53.10 -27.30 26.05
CA ASP C 80 54.24 -28.14 26.39
C ASP C 80 54.46 -28.27 27.89
N LEU C 81 53.74 -27.51 28.71
CA LEU C 81 54.03 -27.39 30.12
C LEU C 81 53.27 -28.43 30.94
N ALA C 82 53.88 -28.85 32.05
CA ALA C 82 53.30 -29.84 32.94
C ALA C 82 53.46 -29.39 34.39
N GLU C 83 52.90 -30.19 35.31
CA GLU C 83 53.10 -29.95 36.72
C GLU C 83 54.56 -30.17 37.11
N GLY C 84 55.00 -29.46 38.14
CA GLY C 84 56.27 -29.72 38.77
C GLY C 84 57.49 -29.19 38.04
N MET C 85 57.33 -28.50 36.92
CA MET C 85 58.47 -27.90 36.26
C MET C 85 58.99 -26.73 37.08
N LYS C 86 60.29 -26.74 37.35
CA LYS C 86 60.89 -25.66 38.13
C LYS C 86 60.87 -24.37 37.31
N VAL C 87 60.41 -23.29 37.94
CA VAL C 87 60.23 -22.02 37.27
C VAL C 87 60.95 -20.96 38.08
N LYS C 88 61.93 -20.30 37.48
CA LYS C 88 62.73 -19.28 38.14
C LYS C 88 62.21 -17.89 37.76
N ALA C 89 62.26 -16.97 38.72
CA ALA C 89 61.74 -15.63 38.55
C ALA C 89 62.89 -14.65 38.33
N THR C 90 62.77 -13.83 37.30
CA THR C 90 63.71 -12.75 37.07
C THR C 90 63.29 -11.54 37.92
N GLY C 91 64.13 -10.50 37.90
CA GLY C 91 63.80 -9.28 38.61
C GLY C 91 63.46 -8.15 37.66
N ARG C 92 62.79 -8.49 36.56
CA ARG C 92 62.55 -7.56 35.46
C ARG C 92 61.05 -7.40 35.25
N ILE C 93 60.58 -6.16 35.26
CA ILE C 93 59.14 -5.88 35.14
C ILE C 93 58.86 -5.69 33.65
N LEU C 94 58.70 -6.81 32.97
CA LEU C 94 58.19 -6.90 31.59
C LEU C 94 58.81 -5.82 30.69
N GLU C 95 60.13 -5.92 30.52
CA GLU C 95 60.83 -4.99 29.65
C GLU C 95 60.88 -5.52 28.21
N VAL C 96 61.17 -4.62 27.29
CA VAL C 96 61.28 -4.96 25.87
C VAL C 96 62.45 -4.21 25.26
N PRO C 97 63.16 -4.84 24.31
CA PRO C 97 64.29 -4.16 23.67
C PRO C 97 63.84 -2.89 22.96
N VAL C 98 64.72 -1.91 22.93
CA VAL C 98 64.40 -0.63 22.30
C VAL C 98 65.70 0.03 21.86
N GLY C 99 65.59 0.86 20.83
CA GLY C 99 66.73 1.53 20.23
C GLY C 99 66.41 1.91 18.81
N ARG C 100 67.30 2.68 18.21
CA ARG C 100 67.14 3.06 16.81
C ARG C 100 67.72 2.03 15.85
N GLY C 101 68.32 0.96 16.36
CA GLY C 101 68.71 -0.19 15.55
C GLY C 101 67.59 -1.15 15.25
N LEU C 102 66.40 -0.90 15.80
CA LEU C 102 65.20 -1.65 15.43
C LEU C 102 64.60 -1.17 14.14
N LEU C 103 65.04 -0.02 13.61
CA LEU C 103 64.45 0.55 12.40
C LEU C 103 64.71 -0.34 11.20
N GLY C 104 63.67 -1.02 10.73
CA GLY C 104 63.81 -1.88 9.57
C GLY C 104 63.36 -3.31 9.80
N ARG C 105 63.34 -3.75 11.05
CA ARG C 105 63.10 -5.15 11.37
C ARG C 105 61.61 -5.45 11.55
N VAL C 106 61.30 -6.74 11.49
CA VAL C 106 59.97 -7.26 11.80
C VAL C 106 60.14 -8.09 13.08
N VAL C 107 59.72 -7.54 14.20
CA VAL C 107 60.02 -8.14 15.50
C VAL C 107 58.75 -8.70 16.13
N ASN C 108 58.95 -9.59 17.09
CA ASN C 108 57.88 -10.18 17.86
C ASN C 108 57.41 -9.19 18.94
N THR C 109 56.24 -9.49 19.52
CA THR C 109 55.76 -8.68 20.63
C THR C 109 56.62 -8.84 21.88
N LEU C 110 57.60 -9.74 21.86
CA LEU C 110 58.58 -9.87 22.93
C LEU C 110 59.91 -9.23 22.58
N GLY C 111 60.00 -8.58 21.42
CA GLY C 111 61.26 -8.02 20.97
C GLY C 111 62.24 -9.04 20.43
N ALA C 112 61.76 -10.06 19.73
CA ALA C 112 62.59 -11.06 19.09
C ALA C 112 62.41 -10.99 17.58
N PRO C 113 63.48 -11.02 16.79
CA PRO C 113 63.33 -10.79 15.35
C PRO C 113 62.61 -11.92 14.63
N ILE C 114 61.39 -11.62 14.16
CA ILE C 114 60.64 -12.60 13.38
C ILE C 114 61.29 -12.79 12.01
N ASP C 115 61.76 -11.70 11.41
CA ASP C 115 62.52 -11.82 10.17
C ASP C 115 63.86 -12.51 10.43
N GLY C 116 64.43 -13.05 9.36
CA GLY C 116 65.66 -13.83 9.49
C GLY C 116 66.91 -13.06 9.15
N LYS C 117 66.93 -11.77 9.46
CA LYS C 117 68.04 -10.90 9.10
C LYS C 117 69.08 -10.75 10.21
N GLY C 118 68.94 -11.49 11.31
CA GLY C 118 69.98 -11.55 12.32
C GLY C 118 69.52 -11.14 13.70
N PRO C 119 70.47 -11.01 14.62
CA PRO C 119 70.13 -10.53 15.96
C PRO C 119 69.90 -9.03 15.98
N LEU C 120 69.13 -8.60 16.98
CA LEU C 120 68.78 -7.20 17.11
C LEU C 120 69.96 -6.39 17.65
N ASP C 121 69.88 -5.07 17.45
CA ASP C 121 70.84 -4.12 18.00
C ASP C 121 70.02 -3.12 18.81
N HIS C 122 69.76 -3.46 20.06
CA HIS C 122 69.01 -2.59 20.96
C HIS C 122 69.96 -1.62 21.65
N ASP C 123 69.45 -0.42 21.95
CA ASP C 123 70.17 0.48 22.82
C ASP C 123 70.02 0.02 24.27
N GLY C 124 68.77 -0.13 24.72
CA GLY C 124 68.50 -0.56 26.07
C GLY C 124 67.19 -1.31 26.21
N PHE C 125 66.70 -1.43 27.44
CA PHE C 125 65.47 -2.15 27.74
C PHE C 125 64.55 -1.25 28.54
N SER C 126 63.30 -1.12 28.10
CA SER C 126 62.33 -0.24 28.75
C SER C 126 61.09 -1.03 29.16
N ALA C 127 60.50 -0.65 30.28
CA ALA C 127 59.34 -1.36 30.80
C ALA C 127 58.10 -1.10 29.95
N VAL C 128 57.32 -2.16 29.74
CA VAL C 128 56.14 -2.08 28.87
C VAL C 128 55.01 -1.34 29.58
N GLU C 129 54.73 -1.67 30.83
CA GLU C 129 53.69 -1.00 31.61
C GLU C 129 54.30 0.21 32.31
N ALA C 130 53.86 1.40 31.91
CA ALA C 130 54.35 2.63 32.51
C ALA C 130 53.32 3.73 32.31
N ILE C 131 53.31 4.68 33.24
CA ILE C 131 52.35 5.78 33.23
C ILE C 131 52.84 6.87 32.28
N ALA C 132 51.88 7.48 31.57
CA ALA C 132 52.17 8.48 30.55
C ALA C 132 52.65 9.79 31.20
N PRO C 133 53.27 10.66 30.39
CA PRO C 133 53.73 11.95 30.92
C PRO C 133 52.62 12.77 31.54
N GLY C 134 52.96 13.51 32.60
CA GLY C 134 51.98 14.26 33.35
C GLY C 134 51.44 15.48 32.63
N VAL C 135 50.43 16.09 33.25
CA VAL C 135 49.73 17.22 32.65
C VAL C 135 50.64 18.42 32.49
N ILE C 136 51.67 18.54 33.34
CA ILE C 136 52.58 19.68 33.28
C ILE C 136 53.75 19.45 32.33
N GLU C 137 53.98 18.21 31.92
CA GLU C 137 55.11 17.86 31.08
C GLU C 137 54.79 17.93 29.60
N ARG C 138 53.55 18.22 29.25
CA ARG C 138 53.07 18.21 27.88
C ARG C 138 53.07 19.61 27.27
N GLN C 139 53.03 19.64 25.94
CA GLN C 139 53.01 20.89 25.18
C GLN C 139 51.96 20.78 24.07
N SER C 140 51.16 21.82 23.93
CA SER C 140 50.05 21.80 22.97
C SER C 140 50.56 21.56 21.56
N VAL C 141 49.84 20.72 20.82
CA VAL C 141 50.24 20.32 19.48
C VAL C 141 49.90 21.43 18.49
N ASP C 142 50.92 21.93 17.80
CA ASP C 142 50.72 22.99 16.82
C ASP C 142 51.58 22.82 15.58
N GLN C 143 52.02 21.58 15.29
CA GLN C 143 52.86 21.25 14.15
C GLN C 143 52.20 20.18 13.31
N PRO C 144 52.40 20.21 11.98
CA PRO C 144 51.64 19.33 11.10
C PRO C 144 52.20 17.91 11.01
N VAL C 145 51.32 16.98 10.70
CA VAL C 145 51.67 15.63 10.24
C VAL C 145 50.99 15.40 8.90
N GLN C 146 51.79 15.17 7.87
CA GLN C 146 51.30 15.15 6.49
C GLN C 146 51.08 13.71 6.06
N THR C 147 49.81 13.33 5.86
CA THR C 147 49.48 12.09 5.17
C THR C 147 49.23 12.39 3.69
N GLY C 148 49.21 11.31 2.90
CA GLY C 148 49.23 11.42 1.44
C GLY C 148 47.93 11.84 0.79
N TYR C 149 46.82 11.91 1.52
CA TYR C 149 45.53 12.07 0.86
C TYR C 149 45.00 13.49 0.99
N LYS C 150 44.33 13.94 -0.09
CA LYS C 150 43.72 15.26 -0.11
C LYS C 150 42.63 15.39 0.94
N ALA C 151 41.77 14.37 1.04
CA ALA C 151 40.56 14.47 1.85
C ALA C 151 40.89 14.69 3.32
N VAL C 152 41.82 13.90 3.86
CA VAL C 152 42.13 14.02 5.29
C VAL C 152 43.01 15.23 5.57
N ASP C 153 43.99 15.51 4.70
CA ASP C 153 44.81 16.70 4.89
C ASP C 153 44.00 17.98 4.85
N SER C 154 42.91 17.99 4.08
CA SER C 154 42.07 19.18 4.01
C SER C 154 41.02 19.22 5.12
N MET C 155 40.25 18.15 5.27
CA MET C 155 39.10 18.15 6.17
C MET C 155 39.45 17.72 7.59
N ILE C 156 40.32 16.72 7.75
CA ILE C 156 40.57 16.13 9.06
C ILE C 156 42.07 16.16 9.34
N PRO C 157 42.64 17.33 9.62
CA PRO C 157 44.11 17.42 9.75
C PRO C 157 44.62 16.73 11.00
N ILE C 158 45.88 16.30 10.95
CA ILE C 158 46.55 15.60 12.03
C ILE C 158 47.80 16.38 12.43
N GLY C 159 48.08 16.44 13.73
CA GLY C 159 49.24 17.13 14.25
C GLY C 159 50.23 16.25 14.98
N ARG C 160 51.46 16.75 15.17
CA ARG C 160 52.52 16.01 15.85
C ARG C 160 52.15 15.76 17.31
N GLY C 161 51.89 14.51 17.68
CA GLY C 161 51.50 14.18 19.03
C GLY C 161 50.01 14.01 19.26
N GLN C 162 49.21 14.06 18.20
CA GLN C 162 47.77 13.89 18.30
C GLN C 162 47.39 12.44 18.07
N ARG C 163 46.23 12.05 18.60
CA ARG C 163 45.71 10.70 18.46
C ARG C 163 44.42 10.73 17.64
N GLU C 164 44.43 9.99 16.54
CA GLU C 164 43.36 10.05 15.55
C GLU C 164 42.81 8.65 15.30
N LEU C 165 41.52 8.46 15.56
CA LEU C 165 40.88 7.17 15.37
C LEU C 165 40.49 6.98 13.90
N ILE C 166 40.79 5.80 13.37
CA ILE C 166 40.36 5.39 12.03
C ILE C 166 39.40 4.23 12.22
N ILE C 167 38.10 4.49 12.02
CA ILE C 167 37.04 3.54 12.31
C ILE C 167 36.23 3.28 11.06
N GLY C 168 35.89 2.02 10.83
CA GLY C 168 35.10 1.67 9.66
C GLY C 168 34.65 0.23 9.70
N ASP C 169 33.95 -0.18 8.65
CA ASP C 169 33.50 -1.54 8.48
C ASP C 169 34.58 -2.37 7.80
N ARG C 170 34.28 -3.65 7.56
CA ARG C 170 35.23 -4.54 6.92
C ARG C 170 35.54 -4.09 5.50
N GLN C 171 36.82 -4.19 5.12
CA GLN C 171 37.30 -3.83 3.79
C GLN C 171 36.79 -2.46 3.35
N THR C 172 37.05 -1.45 4.18
CA THR C 172 36.70 -0.07 3.87
C THR C 172 37.91 0.83 3.69
N GLY C 173 39.12 0.27 3.61
CA GLY C 173 40.31 1.04 3.33
C GLY C 173 41.07 1.55 4.52
N LYS C 174 40.84 0.98 5.71
CA LYS C 174 41.55 1.41 6.92
C LYS C 174 43.07 1.21 6.77
N THR C 175 43.47 -0.01 6.41
CA THR C 175 44.88 -0.37 6.33
C THR C 175 45.60 0.45 5.27
N ALA C 176 44.94 0.67 4.13
CA ALA C 176 45.57 1.41 3.04
C ALA C 176 45.92 2.83 3.46
N LEU C 177 44.98 3.50 4.14
CA LEU C 177 45.22 4.86 4.61
C LEU C 177 46.38 4.89 5.58
N ALA C 178 46.41 3.94 6.53
CA ALA C 178 47.52 3.89 7.48
C ALA C 178 48.87 3.76 6.79
N ILE C 179 49.01 2.77 5.91
CA ILE C 179 50.34 2.50 5.36
C ILE C 179 50.77 3.60 4.38
N ASP C 180 49.82 4.23 3.68
CA ASP C 180 50.16 5.40 2.88
C ASP C 180 50.70 6.52 3.74
N ALA C 181 50.08 6.75 4.90
CA ALA C 181 50.61 7.77 5.80
C ALA C 181 52.06 7.47 6.20
N ILE C 182 52.36 6.20 6.51
CA ILE C 182 53.74 5.85 6.86
C ILE C 182 54.70 6.16 5.72
N ILE C 183 54.34 5.73 4.51
CA ILE C 183 55.20 5.97 3.35
C ILE C 183 55.46 7.45 3.19
N ASN C 184 54.42 8.28 3.36
CA ASN C 184 54.64 9.71 3.19
C ASN C 184 55.53 10.27 4.31
N GLN C 185 55.42 9.70 5.52
CA GLN C 185 56.35 10.11 6.59
C GLN C 185 57.79 9.78 6.28
N ARG C 186 58.05 8.86 5.35
CA ARG C 186 59.45 8.60 4.99
C ARG C 186 60.25 9.89 4.79
N ASP C 187 59.75 10.83 3.99
CA ASP C 187 60.51 12.03 3.67
C ASP C 187 60.55 13.03 4.81
N SER C 188 59.54 13.00 5.68
CA SER C 188 59.38 14.04 6.69
C SER C 188 60.51 14.03 7.70
N GLY C 189 60.97 12.84 8.08
CA GLY C 189 61.91 12.70 9.16
C GLY C 189 61.32 12.15 10.45
N ILE C 190 60.20 11.44 10.38
CA ILE C 190 59.50 10.92 11.55
C ILE C 190 59.58 9.41 11.53
N LYS C 191 59.99 8.83 12.65
CA LYS C 191 60.04 7.38 12.76
C LYS C 191 58.64 6.78 12.79
N ALA C 192 58.47 5.63 12.15
CA ALA C 192 57.18 4.98 12.02
C ALA C 192 57.18 3.64 12.72
N ILE C 193 56.02 3.26 13.27
CA ILE C 193 55.86 1.98 13.95
C ILE C 193 54.50 1.41 13.60
N TYR C 194 54.48 0.20 13.03
CA TYR C 194 53.26 -0.49 12.64
C TYR C 194 53.19 -1.81 13.40
N VAL C 195 52.13 -2.01 14.18
CA VAL C 195 51.97 -3.23 14.97
C VAL C 195 50.70 -3.93 14.50
N ALA C 196 50.85 -5.18 14.06
CA ALA C 196 49.72 -5.97 13.56
C ALA C 196 49.17 -6.82 14.69
N ILE C 197 47.89 -6.64 14.99
CA ILE C 197 47.25 -7.29 16.14
C ILE C 197 46.28 -8.34 15.61
N GLY C 198 46.63 -9.61 15.81
CA GLY C 198 45.76 -10.72 15.42
C GLY C 198 45.50 -10.84 13.94
N GLN C 199 46.38 -10.32 13.08
CA GLN C 199 46.18 -10.40 11.65
C GLN C 199 46.64 -11.74 11.11
N LYS C 200 46.04 -12.14 9.98
CA LYS C 200 46.49 -13.34 9.29
C LYS C 200 47.83 -13.09 8.61
N ALA C 201 48.72 -14.10 8.67
CA ALA C 201 50.13 -13.89 8.38
C ALA C 201 50.39 -13.42 6.95
N SER C 202 49.63 -13.95 5.99
CA SER C 202 49.86 -13.61 4.59
C SER C 202 49.73 -12.11 4.36
N THR C 203 48.71 -11.49 4.97
CA THR C 203 48.52 -10.05 4.83
C THR C 203 49.70 -9.28 5.43
N ILE C 204 50.22 -9.75 6.56
CA ILE C 204 51.37 -9.08 7.19
C ILE C 204 52.58 -9.12 6.27
N SER C 205 52.87 -10.29 5.71
CA SER C 205 53.98 -10.39 4.77
C SER C 205 53.77 -9.50 3.55
N ASN C 206 52.53 -9.47 3.05
CA ASN C 206 52.20 -8.64 1.90
C ASN C 206 52.49 -7.17 2.18
N VAL C 207 52.02 -6.67 3.32
CA VAL C 207 52.23 -5.25 3.60
C VAL C 207 53.69 -4.95 3.90
N VAL C 208 54.43 -5.91 4.46
CA VAL C 208 55.85 -5.68 4.70
C VAL C 208 56.60 -5.50 3.38
N ARG C 209 56.37 -6.41 2.43
CA ARG C 209 57.06 -6.27 1.15
C ARG C 209 56.52 -5.08 0.35
N LYS C 210 55.26 -4.70 0.57
CA LYS C 210 54.76 -3.47 -0.03
C LYS C 210 55.48 -2.26 0.54
N LEU C 211 55.77 -2.26 1.83
CA LEU C 211 56.47 -1.13 2.44
C LEU C 211 57.90 -1.02 1.93
N GLU C 212 58.61 -2.15 1.79
CA GLU C 212 59.95 -2.01 1.22
C GLU C 212 59.90 -1.75 -0.28
N GLU C 213 58.79 -2.09 -0.95
CA GLU C 213 58.61 -1.80 -2.36
C GLU C 213 58.59 -0.30 -2.63
N HIS C 214 58.35 0.51 -1.60
CA HIS C 214 58.31 1.96 -1.74
C HIS C 214 59.40 2.65 -0.90
N GLY C 215 60.42 1.91 -0.47
CA GLY C 215 61.55 2.47 0.26
C GLY C 215 61.24 2.99 1.64
N ALA C 216 60.10 2.59 2.23
CA ALA C 216 59.70 3.10 3.54
C ALA C 216 60.11 2.17 4.69
N LEU C 217 60.45 0.91 4.39
CA LEU C 217 60.73 -0.05 5.45
C LEU C 217 61.98 0.30 6.24
N ALA C 218 62.89 1.08 5.67
CA ALA C 218 64.07 1.53 6.40
C ALA C 218 63.75 2.60 7.44
N ASN C 219 62.50 3.03 7.52
CA ASN C 219 62.10 4.03 8.49
C ASN C 219 61.16 3.49 9.56
N THR C 220 60.71 2.23 9.46
CA THR C 220 59.66 1.72 10.32
C THR C 220 60.18 0.63 11.24
N ILE C 221 59.42 0.39 12.30
CA ILE C 221 59.52 -0.80 13.11
C ILE C 221 58.20 -1.56 12.98
N VAL C 222 58.28 -2.83 12.61
CA VAL C 222 57.10 -3.67 12.43
C VAL C 222 57.06 -4.69 13.55
N VAL C 223 55.95 -4.69 14.30
CA VAL C 223 55.69 -5.62 15.38
C VAL C 223 54.52 -6.48 14.97
N VAL C 224 54.63 -7.79 15.13
CA VAL C 224 53.66 -8.74 14.57
C VAL C 224 53.20 -9.68 15.67
N ALA C 225 51.89 -9.90 15.73
CA ALA C 225 51.31 -10.96 16.57
C ALA C 225 50.12 -11.51 15.79
N THR C 226 50.33 -12.64 15.12
CA THR C 226 49.33 -13.17 14.21
C THR C 226 48.21 -13.87 14.97
N ALA C 227 47.13 -14.17 14.24
CA ALA C 227 45.93 -14.78 14.82
C ALA C 227 46.18 -16.16 15.41
N SER C 228 47.20 -16.87 14.95
CA SER C 228 47.49 -18.19 15.51
C SER C 228 48.12 -18.11 16.90
N GLU C 229 48.55 -16.92 17.33
CA GLU C 229 49.36 -16.79 18.53
C GLU C 229 48.47 -16.53 19.73
N SER C 230 49.04 -16.74 20.92
CA SER C 230 48.24 -16.75 22.15
C SER C 230 47.66 -15.37 22.42
N ALA C 231 46.54 -15.38 23.16
CA ALA C 231 45.83 -14.14 23.47
C ALA C 231 46.66 -13.20 24.33
N ALA C 232 47.56 -13.75 25.16
CA ALA C 232 48.46 -12.90 25.92
C ALA C 232 49.39 -12.11 25.01
N LEU C 233 49.87 -12.75 23.94
CA LEU C 233 50.76 -12.06 23.00
C LEU C 233 50.03 -10.92 22.29
N GLN C 234 48.82 -11.20 21.81
CA GLN C 234 48.01 -10.18 21.15
C GLN C 234 47.68 -9.05 22.11
N TYR C 235 47.37 -9.40 23.36
CA TYR C 235 46.99 -8.45 24.38
C TYR C 235 48.09 -7.41 24.63
N LEU C 236 49.33 -7.86 24.75
CA LEU C 236 50.42 -6.96 25.13
C LEU C 236 51.13 -6.31 23.96
N ALA C 237 50.85 -6.73 22.73
CA ALA C 237 51.57 -6.22 21.55
C ALA C 237 51.54 -4.69 21.41
N PRO C 238 50.35 -4.05 21.46
CA PRO C 238 50.34 -2.58 21.31
C PRO C 238 51.13 -1.85 22.38
N TYR C 239 51.15 -2.35 23.61
CA TYR C 239 51.97 -1.73 24.65
C TYR C 239 53.46 -1.81 24.33
N ALA C 240 53.92 -2.95 23.79
CA ALA C 240 55.32 -3.05 23.40
C ALA C 240 55.66 -2.04 22.31
N GLY C 241 54.80 -1.95 21.29
CA GLY C 241 55.03 -0.94 20.26
C GLY C 241 55.05 0.46 20.83
N ALA C 242 54.17 0.72 21.82
CA ALA C 242 54.12 2.04 22.45
C ALA C 242 55.42 2.36 23.19
N ALA C 243 55.98 1.37 23.89
CA ALA C 243 57.28 1.60 24.52
C ALA C 243 58.35 1.95 23.49
N MET C 244 58.34 1.24 22.36
CA MET C 244 59.36 1.53 21.34
C MET C 244 59.22 2.96 20.83
N GLY C 245 57.98 3.40 20.56
CA GLY C 245 57.76 4.79 20.17
C GLY C 245 58.13 5.79 21.25
N GLU C 246 57.90 5.42 22.52
CA GLU C 246 58.21 6.30 23.63
C GLU C 246 59.71 6.57 23.73
N TYR C 247 60.54 5.62 23.30
CA TYR C 247 61.98 5.87 23.26
C TYR C 247 62.27 7.14 22.45
N PHE C 248 61.76 7.20 21.23
CA PHE C 248 61.97 8.37 20.38
C PHE C 248 61.29 9.60 20.95
N ARG C 249 60.12 9.42 21.57
CA ARG C 249 59.45 10.58 22.16
C ARG C 249 60.33 11.23 23.22
N ASP C 250 60.94 10.42 24.09
CA ASP C 250 61.71 10.94 25.21
C ASP C 250 63.14 11.32 24.84
N ARG C 251 63.64 10.89 23.68
CA ARG C 251 64.89 11.46 23.19
C ARG C 251 64.73 12.81 22.52
N GLY C 252 63.50 13.34 22.43
CA GLY C 252 63.26 14.61 21.79
C GLY C 252 62.98 14.54 20.31
N GLU C 253 62.68 13.37 19.78
CA GLU C 253 62.47 13.15 18.36
C GLU C 253 60.98 12.88 18.12
N ASP C 254 60.63 12.80 16.84
CA ASP C 254 59.24 12.63 16.41
C ASP C 254 59.01 11.22 15.91
N ALA C 255 57.89 10.62 16.32
CA ALA C 255 57.54 9.27 15.92
C ALA C 255 56.05 9.18 15.65
N LEU C 256 55.66 8.13 14.92
CA LEU C 256 54.27 7.87 14.56
C LEU C 256 54.01 6.37 14.68
N ILE C 257 52.97 5.99 15.41
CA ILE C 257 52.66 4.58 15.65
C ILE C 257 51.25 4.29 15.17
N ILE C 258 51.07 3.10 14.59
CA ILE C 258 49.79 2.65 14.07
C ILE C 258 49.45 1.32 14.72
N TYR C 259 48.28 1.25 15.36
CA TYR C 259 47.76 0.01 15.92
C TYR C 259 46.75 -0.56 14.93
N ASP C 260 47.02 -1.76 14.43
CA ASP C 260 46.26 -2.26 13.28
C ASP C 260 44.80 -2.50 13.64
N ASP C 261 44.51 -2.98 14.85
CA ASP C 261 43.12 -3.15 15.28
C ASP C 261 43.10 -3.21 16.81
N LEU C 262 42.65 -2.12 17.45
CA LEU C 262 42.47 -2.14 18.89
C LEU C 262 41.26 -2.94 19.32
N SER C 263 40.27 -3.11 18.44
CA SER C 263 39.12 -3.91 18.80
C SER C 263 39.48 -5.38 18.97
N LYS C 264 40.46 -5.88 18.20
CA LYS C 264 40.85 -7.27 18.40
C LYS C 264 41.85 -7.42 19.55
N GLN C 265 42.59 -6.38 19.91
CA GLN C 265 43.26 -6.38 21.22
C GLN C 265 42.24 -6.47 22.33
N ALA C 266 41.12 -5.74 22.20
CA ALA C 266 40.06 -5.84 23.18
C ALA C 266 39.47 -7.25 23.23
N VAL C 267 39.35 -7.90 22.08
CA VAL C 267 38.88 -9.29 22.06
C VAL C 267 39.86 -10.21 22.80
N ALA C 268 41.17 -10.04 22.56
CA ALA C 268 42.16 -10.86 23.25
C ALA C 268 42.08 -10.64 24.77
N TYR C 269 41.96 -9.38 25.18
CA TYR C 269 41.88 -9.10 26.61
C TYR C 269 40.58 -9.61 27.21
N ARG C 270 39.49 -9.58 26.45
CA ARG C 270 38.24 -10.17 26.92
C ARG C 270 38.41 -11.67 27.15
N GLN C 271 39.09 -12.35 26.24
CA GLN C 271 39.34 -13.78 26.42
C GLN C 271 40.16 -14.04 27.68
N ILE C 272 41.21 -13.24 27.89
CA ILE C 272 42.03 -13.41 29.09
C ILE C 272 41.20 -13.15 30.34
N SER C 273 40.39 -12.10 30.32
CA SER C 273 39.61 -11.74 31.50
C SER C 273 38.54 -12.78 31.82
N LEU C 274 37.97 -13.41 30.79
CA LEU C 274 36.97 -14.44 31.03
C LEU C 274 37.59 -15.76 31.48
N LEU C 275 38.80 -16.07 31.03
CA LEU C 275 39.45 -17.27 31.54
C LEU C 275 39.87 -17.14 33.00
N LEU C 276 39.88 -15.93 33.55
CA LEU C 276 40.20 -15.72 34.96
C LEU C 276 38.95 -15.49 35.81
N ARG C 277 37.76 -15.74 35.26
CA ARG C 277 36.49 -15.73 35.99
C ARG C 277 36.16 -14.35 36.55
N ARG C 278 36.56 -13.29 35.85
CA ARG C 278 36.20 -11.94 36.25
C ARG C 278 34.85 -11.56 35.67
N PRO C 279 33.88 -11.14 36.49
CA PRO C 279 32.54 -10.86 35.99
C PRO C 279 32.54 -9.75 34.95
N PRO C 280 31.92 -9.96 33.80
CA PRO C 280 31.93 -8.96 32.74
C PRO C 280 30.73 -8.03 32.82
N GLY C 281 30.76 -7.01 31.97
CA GLY C 281 29.70 -6.01 31.91
C GLY C 281 28.99 -5.94 30.58
N ARG C 282 28.96 -4.74 29.98
CA ARG C 282 28.22 -4.52 28.75
C ARG C 282 28.92 -5.19 27.57
N GLU C 283 28.14 -5.91 26.75
CA GLU C 283 28.67 -6.75 25.66
C GLU C 283 29.78 -7.69 26.13
N ALA C 284 29.67 -8.17 27.37
CA ALA C 284 30.54 -9.19 27.95
C ALA C 284 32.01 -8.77 28.04
N PHE C 285 32.34 -7.51 27.75
CA PHE C 285 33.70 -7.05 27.95
C PHE C 285 33.94 -6.79 29.44
N PRO C 286 35.18 -6.92 29.90
CA PRO C 286 35.48 -6.67 31.31
C PRO C 286 35.30 -5.20 31.66
N GLY C 287 35.19 -4.93 32.96
CA GLY C 287 34.95 -3.59 33.44
C GLY C 287 36.08 -2.61 33.15
N ASP C 288 37.30 -3.11 32.93
CA ASP C 288 38.47 -2.26 32.78
C ASP C 288 38.95 -2.15 31.34
N VAL C 289 38.11 -2.50 30.36
CA VAL C 289 38.50 -2.36 28.96
C VAL C 289 38.80 -0.89 28.64
N PHE C 290 38.02 0.01 29.22
CA PHE C 290 38.27 1.43 29.05
C PHE C 290 39.64 1.82 29.57
N TYR C 291 40.02 1.31 30.74
CA TYR C 291 41.37 1.59 31.26
C TYR C 291 42.45 1.02 30.36
N LEU C 292 42.25 -0.21 29.86
CA LEU C 292 43.20 -0.78 28.91
C LEU C 292 43.49 0.21 27.79
N HIS C 293 42.44 0.61 27.06
CA HIS C 293 42.67 1.53 25.96
C HIS C 293 43.12 2.91 26.42
N SER C 294 42.65 3.39 27.56
CA SER C 294 43.01 4.74 28.01
C SER C 294 44.50 4.84 28.31
N ARG C 295 45.04 3.90 29.10
CA ARG C 295 46.46 3.99 29.39
C ARG C 295 47.29 3.63 28.18
N LEU C 296 46.77 2.79 27.27
CA LEU C 296 47.54 2.55 26.05
C LEU C 296 47.65 3.82 25.21
N LEU C 297 46.52 4.48 24.94
CA LEU C 297 46.54 5.61 24.02
C LEU C 297 47.11 6.88 24.64
N GLU C 298 46.88 7.14 25.93
CA GLU C 298 47.36 8.38 26.53
C GLU C 298 48.89 8.46 26.56
N ARG C 299 49.60 7.40 26.19
CA ARG C 299 51.05 7.46 26.10
C ARG C 299 51.53 8.22 24.87
N ALA C 300 50.65 8.49 23.91
CA ALA C 300 51.01 9.25 22.72
C ALA C 300 50.80 10.73 23.00
N ALA C 301 51.85 11.53 22.85
CA ALA C 301 51.79 12.91 23.33
C ALA C 301 52.88 13.76 22.68
N ARG C 302 52.85 15.04 23.02
CA ARG C 302 53.86 16.04 22.69
C ARG C 302 54.36 16.61 24.01
N VAL C 303 55.68 16.53 24.24
CA VAL C 303 56.25 16.91 25.53
C VAL C 303 57.11 18.15 25.34
N ASN C 304 57.13 19.00 26.36
CA ASN C 304 57.90 20.23 26.31
C ASN C 304 59.40 19.96 26.48
N ALA C 305 60.20 20.98 26.13
CA ALA C 305 61.66 20.85 26.14
C ALA C 305 62.20 20.61 27.55
N GLU C 306 61.53 21.13 28.58
CA GLU C 306 62.01 20.93 29.94
C GLU C 306 61.96 19.44 30.32
N TYR C 307 60.89 18.75 29.92
CA TYR C 307 60.78 17.32 30.18
C TYR C 307 61.86 16.53 29.46
N VAL C 308 62.13 16.86 28.19
CA VAL C 308 63.16 16.14 27.45
C VAL C 308 64.53 16.39 28.08
N GLU C 309 64.80 17.64 28.48
CA GLU C 309 66.07 17.98 29.09
C GLU C 309 66.26 17.25 30.41
N ALA C 310 65.20 17.16 31.21
CA ALA C 310 65.27 16.39 32.45
C ALA C 310 65.49 14.91 32.18
N PHE C 311 64.81 14.38 31.16
CA PHE C 311 64.91 12.94 30.88
C PHE C 311 66.28 12.58 30.33
N THR C 312 66.77 13.34 29.36
CA THR C 312 68.08 13.08 28.77
C THR C 312 69.22 13.60 29.61
N LYS C 313 68.94 14.13 30.80
CA LYS C 313 69.95 14.64 31.72
C LYS C 313 70.78 15.75 31.09
N GLY C 314 70.16 16.56 30.24
CA GLY C 314 70.81 17.71 29.65
C GLY C 314 71.53 17.46 28.33
N GLU C 315 71.58 16.22 27.85
CA GLU C 315 72.30 15.95 26.61
C GLU C 315 71.52 16.45 25.39
N VAL C 316 70.20 16.44 25.44
CA VAL C 316 69.35 17.03 24.41
C VAL C 316 68.71 18.28 25.01
N LYS C 317 68.85 19.40 24.33
CA LYS C 317 68.45 20.68 24.89
C LYS C 317 67.65 21.48 23.87
N GLY C 318 66.51 22.01 24.29
CA GLY C 318 65.72 22.89 23.45
C GLY C 318 64.87 22.23 22.40
N LYS C 319 64.60 20.92 22.51
CA LYS C 319 63.81 20.22 21.52
C LYS C 319 62.62 19.51 22.19
N THR C 320 61.54 19.38 21.43
CA THR C 320 60.31 18.75 21.90
C THR C 320 60.12 17.43 21.16
N GLY C 321 59.98 16.34 21.92
CA GLY C 321 59.65 15.07 21.32
C GLY C 321 58.15 14.85 21.22
N SER C 322 57.77 13.95 20.33
CA SER C 322 56.35 13.71 20.09
C SER C 322 56.14 12.30 19.57
N LEU C 323 54.96 11.76 19.85
CA LEU C 323 54.56 10.42 19.38
C LEU C 323 53.11 10.50 18.93
N THR C 324 52.91 10.59 17.61
CA THR C 324 51.57 10.57 17.04
C THR C 324 51.07 9.13 16.93
N ALA C 325 49.77 8.93 17.14
CA ALA C 325 49.19 7.59 17.20
C ALA C 325 47.83 7.60 16.53
N LEU C 326 47.65 6.72 15.52
CA LEU C 326 46.37 6.57 14.83
C LEU C 326 45.91 5.12 14.94
N PRO C 327 45.07 4.78 15.92
CA PRO C 327 44.55 3.43 16.02
C PRO C 327 43.43 3.17 15.03
N ILE C 328 43.14 1.88 14.85
CA ILE C 328 42.12 1.41 13.91
C ILE C 328 41.08 0.60 14.67
N ILE C 329 39.81 0.85 14.38
CA ILE C 329 38.69 0.15 15.00
C ILE C 329 37.74 -0.35 13.93
N GLU C 330 37.31 -1.61 14.07
CA GLU C 330 36.33 -2.20 13.17
C GLU C 330 34.96 -2.22 13.84
N THR C 331 33.94 -1.76 13.13
CA THR C 331 32.58 -1.74 13.63
C THR C 331 31.67 -2.49 12.66
N GLN C 332 30.69 -3.22 13.22
CA GLN C 332 29.84 -4.09 12.44
C GLN C 332 28.63 -3.31 11.93
N ALA C 333 28.41 -3.36 10.62
CA ALA C 333 27.29 -2.67 9.95
C ALA C 333 27.37 -1.16 10.07
N GLY C 334 28.54 -0.62 10.45
CA GLY C 334 28.78 0.80 10.36
C GLY C 334 28.05 1.68 11.34
N ASP C 335 27.85 1.22 12.58
CA ASP C 335 27.31 2.07 13.63
C ASP C 335 28.42 2.43 14.61
N VAL C 336 28.45 3.70 15.03
CA VAL C 336 29.47 4.17 15.96
C VAL C 336 29.05 4.06 17.42
N SER C 337 27.80 3.69 17.69
CA SER C 337 27.26 3.71 19.04
C SER C 337 27.56 2.45 19.84
N ALA C 338 28.40 1.56 19.32
CA ALA C 338 28.74 0.35 20.06
C ALA C 338 29.68 0.69 21.23
N PHE C 339 29.81 -0.27 22.15
CA PHE C 339 30.54 -0.02 23.39
C PHE C 339 32.01 0.32 23.12
N VAL C 340 32.74 -0.60 22.49
CA VAL C 340 34.17 -0.37 22.25
C VAL C 340 34.41 0.84 21.33
N PRO C 341 33.68 1.01 20.22
CA PRO C 341 33.89 2.23 19.41
C PRO C 341 33.67 3.51 20.18
N THR C 342 32.62 3.58 21.00
CA THR C 342 32.38 4.80 21.78
C THR C 342 33.43 4.99 22.85
N ASN C 343 33.95 3.90 23.43
CA ASN C 343 35.03 4.03 24.38
C ASN C 343 36.27 4.63 23.73
N VAL C 344 36.62 4.17 22.53
CA VAL C 344 37.81 4.70 21.89
C VAL C 344 37.58 6.13 21.40
N ILE C 345 36.37 6.43 20.89
CA ILE C 345 36.07 7.80 20.48
C ILE C 345 36.21 8.75 21.67
N SER C 346 35.99 8.25 22.88
CA SER C 346 36.11 9.06 24.09
C SER C 346 37.56 9.22 24.53
N ILE C 347 38.52 8.61 23.84
CA ILE C 347 39.92 8.71 24.22
C ILE C 347 40.76 9.43 23.16
N THR C 348 40.39 9.37 21.89
CA THR C 348 41.19 9.95 20.82
C THR C 348 40.82 11.41 20.57
N ASP C 349 41.78 12.16 20.04
CA ASP C 349 41.63 13.57 19.73
C ASP C 349 41.11 13.81 18.31
N GLY C 350 40.51 12.80 17.71
CA GLY C 350 40.04 12.90 16.34
C GLY C 350 39.39 11.60 15.95
N GLN C 351 38.74 11.63 14.78
CA GLN C 351 37.92 10.48 14.37
C GLN C 351 37.70 10.56 12.87
N ILE C 352 38.22 9.59 12.13
CA ILE C 352 38.00 9.46 10.69
C ILE C 352 37.11 8.25 10.48
N PHE C 353 35.91 8.48 9.95
CA PHE C 353 34.93 7.41 9.74
C PHE C 353 34.88 7.10 8.25
N LEU C 354 35.36 5.91 7.87
CA LEU C 354 35.32 5.44 6.49
C LEU C 354 34.05 4.61 6.31
N GLU C 355 33.06 5.19 5.64
CA GLU C 355 31.77 4.52 5.46
C GLU C 355 31.81 3.56 4.29
N THR C 356 31.00 2.50 4.40
CA THR C 356 30.96 1.47 3.36
C THR C 356 30.04 1.82 2.20
N ASN C 357 29.10 2.75 2.39
CA ASN C 357 28.21 3.12 1.29
C ASN C 357 28.96 3.90 0.22
N LEU C 358 29.84 4.81 0.63
CA LEU C 358 30.66 5.55 -0.34
C LEU C 358 31.76 4.69 -0.92
N PHE C 359 32.28 3.74 -0.14
CA PHE C 359 33.37 2.89 -0.62
C PHE C 359 32.93 2.03 -1.79
N ASN C 360 31.79 1.36 -1.66
CA ASN C 360 31.30 0.49 -2.72
C ASN C 360 30.75 1.27 -3.91
N ALA C 361 30.57 2.58 -3.77
CA ALA C 361 30.10 3.43 -4.85
C ALA C 361 31.23 4.12 -5.60
N GLY C 362 32.49 3.76 -5.30
CA GLY C 362 33.64 4.26 -6.02
C GLY C 362 34.36 5.42 -5.37
N ILE C 363 33.79 6.03 -4.33
CA ILE C 363 34.39 7.18 -3.68
C ILE C 363 35.45 6.66 -2.71
N ARG C 364 36.72 6.80 -3.08
CA ARG C 364 37.83 6.37 -2.24
C ARG C 364 38.91 7.43 -2.21
N PRO C 365 39.42 7.80 -1.02
CA PRO C 365 39.02 7.26 0.27
C PRO C 365 37.60 7.68 0.68
N ALA C 366 36.98 6.88 1.55
CA ALA C 366 35.54 6.97 1.81
C ALA C 366 35.23 7.76 3.07
N VAL C 367 35.98 8.85 3.32
CA VAL C 367 35.74 9.68 4.49
C VAL C 367 34.31 10.22 4.46
N ASN C 368 33.60 10.04 5.57
CA ASN C 368 32.28 10.64 5.73
C ASN C 368 32.50 12.01 6.34
N PRO C 369 32.20 13.10 5.62
CA PRO C 369 32.48 14.44 6.16
C PRO C 369 31.77 14.76 7.46
N GLY C 370 30.54 14.27 7.63
CA GLY C 370 29.75 14.68 8.78
C GLY C 370 30.25 14.08 10.09
N ILE C 371 30.51 12.77 10.09
CA ILE C 371 30.84 12.07 11.33
C ILE C 371 32.32 12.20 11.69
N SER C 372 33.15 12.64 10.76
CA SER C 372 34.60 12.71 10.96
C SER C 372 34.99 14.12 11.39
N VAL C 373 35.76 14.21 12.49
CA VAL C 373 36.24 15.49 13.02
C VAL C 373 37.66 15.32 13.53
N SER C 374 38.32 16.46 13.75
CA SER C 374 39.62 16.53 14.40
C SER C 374 39.56 17.58 15.48
N ARG C 375 39.75 17.16 16.74
CA ARG C 375 39.65 18.10 17.86
C ARG C 375 40.81 19.07 17.93
N VAL C 376 41.91 18.81 17.24
CA VAL C 376 42.99 19.79 17.20
C VAL C 376 42.71 20.86 16.16
N GLY C 377 42.17 20.45 15.01
CA GLY C 377 41.68 21.43 14.04
C GLY C 377 42.80 22.18 13.35
N GLY C 378 42.53 23.46 13.05
CA GLY C 378 43.43 24.27 12.26
C GLY C 378 44.78 24.51 12.89
N ALA C 379 44.92 24.28 14.20
CA ALA C 379 46.20 24.48 14.85
C ALA C 379 47.28 23.58 14.27
N ALA C 380 46.89 22.41 13.74
CA ALA C 380 47.86 21.48 13.17
C ALA C 380 48.26 21.85 11.74
N GLN C 381 47.36 22.48 10.98
CA GLN C 381 47.60 22.69 9.56
C GLN C 381 48.63 23.79 9.33
N THR C 382 49.31 23.70 8.20
CA THR C 382 50.08 24.82 7.68
C THR C 382 49.12 25.88 7.17
N LYS C 383 49.58 27.14 7.17
CA LYS C 383 48.66 28.24 6.93
C LYS C 383 48.12 28.25 5.49
N ILE C 384 48.88 27.71 4.54
CA ILE C 384 48.35 27.56 3.18
C ILE C 384 47.17 26.59 3.17
N MET C 385 47.36 25.41 3.78
CA MET C 385 46.27 24.44 3.88
C MET C 385 45.13 24.98 4.72
N LYS C 386 45.44 25.67 5.81
CA LYS C 386 44.41 26.22 6.67
C LYS C 386 43.57 27.25 5.94
N LYS C 387 44.21 28.12 5.14
CA LYS C 387 43.47 29.16 4.44
C LYS C 387 42.67 28.57 3.28
N LEU C 388 43.25 27.62 2.53
CA LEU C 388 42.55 27.06 1.38
C LEU C 388 41.34 26.22 1.81
N SER C 389 41.53 25.35 2.80
CA SER C 389 40.46 24.46 3.26
C SER C 389 39.65 25.15 4.37
N GLY C 390 39.11 26.32 4.06
CA GLY C 390 38.49 27.14 5.08
C GLY C 390 37.26 26.48 5.69
N GLY C 391 36.34 26.01 4.85
CA GLY C 391 35.12 25.41 5.35
C GLY C 391 34.60 24.26 4.49
N ILE C 392 35.48 23.66 3.69
CA ILE C 392 35.03 22.69 2.69
C ILE C 392 34.44 21.44 3.33
N ARG C 393 34.87 21.08 4.54
CA ARG C 393 34.25 19.94 5.23
C ARG C 393 32.77 20.20 5.47
N THR C 394 32.44 21.35 6.05
CA THR C 394 31.05 21.67 6.34
C THR C 394 30.24 21.77 5.05
N ALA C 395 30.84 22.33 4.01
CA ALA C 395 30.18 22.40 2.71
C ALA C 395 29.83 21.01 2.19
N LEU C 396 30.77 20.07 2.30
CA LEU C 396 30.49 18.70 1.84
C LEU C 396 29.42 18.02 2.69
N ALA C 397 29.48 18.19 4.02
CA ALA C 397 28.50 17.57 4.90
C ALA C 397 27.10 18.09 4.60
N GLN C 398 26.96 19.41 4.48
CA GLN C 398 25.65 19.97 4.16
C GLN C 398 25.23 19.63 2.73
N TYR C 399 26.20 19.45 1.83
CA TYR C 399 25.88 18.96 0.49
C TYR C 399 25.23 17.59 0.56
N ARG C 400 25.78 16.69 1.39
CA ARG C 400 25.20 15.37 1.54
C ARG C 400 23.80 15.44 2.15
N GLU C 401 23.64 16.19 3.23
CA GLU C 401 22.34 16.27 3.90
C GLU C 401 21.30 16.89 2.97
N LEU C 402 21.67 17.96 2.28
CA LEU C 402 20.77 18.61 1.34
C LEU C 402 20.42 17.71 0.16
N ALA C 403 21.40 16.99 -0.38
CA ALA C 403 21.14 16.07 -1.47
C ALA C 403 20.16 14.99 -1.05
N ALA C 404 20.28 14.50 0.19
CA ALA C 404 19.27 13.59 0.71
C ALA C 404 17.90 14.26 0.76
N PHE C 405 17.84 15.50 1.25
CA PHE C 405 16.56 16.17 1.37
C PHE C 405 16.04 16.76 0.05
N SER C 406 16.85 16.75 -1.01
CA SER C 406 16.45 17.27 -2.32
C SER C 406 16.48 16.18 -3.38
N GLN C 407 16.31 14.93 -2.98
CA GLN C 407 16.42 13.82 -3.91
C GLN C 407 15.30 13.84 -4.97
N PHE C 408 14.14 14.37 -4.62
CA PHE C 408 12.93 14.21 -5.42
C PHE C 408 12.46 15.47 -6.12
N ALA C 409 13.18 16.59 -6.04
CA ALA C 409 12.65 17.83 -6.58
C ALA C 409 13.77 18.76 -7.02
N SER C 410 13.40 19.70 -7.89
CA SER C 410 14.28 20.77 -8.36
C SER C 410 13.93 22.12 -7.74
N ASP C 411 13.21 22.11 -6.62
CA ASP C 411 12.74 23.36 -6.03
C ASP C 411 13.91 24.26 -5.62
N LEU C 412 13.86 25.51 -6.09
CA LEU C 412 14.92 26.49 -5.85
C LEU C 412 16.29 25.98 -6.30
N ASP C 413 16.32 25.31 -7.45
CA ASP C 413 17.58 24.81 -8.00
C ASP C 413 18.35 25.89 -8.76
N ASP C 414 18.52 27.06 -8.14
CA ASP C 414 19.31 28.12 -8.77
C ASP C 414 20.70 28.28 -8.16
N ALA C 415 20.75 28.64 -6.87
CA ALA C 415 21.99 28.68 -6.13
C ALA C 415 22.22 27.39 -5.37
N THR C 416 21.13 26.73 -4.99
CA THR C 416 21.24 25.37 -4.48
C THR C 416 21.78 24.43 -5.54
N ARG C 417 21.39 24.62 -6.81
CA ARG C 417 21.95 23.79 -7.86
C ARG C 417 23.43 24.10 -8.08
N ASN C 418 23.81 25.37 -8.00
CA ASN C 418 25.23 25.70 -8.06
C ASN C 418 25.98 25.08 -6.89
N GLN C 419 25.36 25.10 -5.70
CA GLN C 419 25.95 24.47 -4.52
C GLN C 419 26.14 22.97 -4.73
N LEU C 420 25.14 22.31 -5.31
CA LEU C 420 25.24 20.87 -5.56
C LEU C 420 26.23 20.55 -6.67
N ASP C 421 26.29 21.39 -7.71
CA ASP C 421 27.28 21.23 -8.77
C ASP C 421 28.69 21.33 -8.19
N HIS C 422 28.92 22.36 -7.37
CA HIS C 422 30.21 22.53 -6.71
C HIS C 422 30.52 21.34 -5.81
N GLY C 423 29.53 20.87 -5.05
CA GLY C 423 29.75 19.74 -4.18
C GLY C 423 30.08 18.46 -4.93
N GLN C 424 29.38 18.22 -6.04
CA GLN C 424 29.67 17.06 -6.88
C GLN C 424 31.10 17.13 -7.41
N LYS C 425 31.51 18.30 -7.90
CA LYS C 425 32.85 18.41 -8.47
C LYS C 425 33.92 18.28 -7.40
N VAL C 426 33.70 18.82 -6.19
CA VAL C 426 34.73 18.65 -5.16
C VAL C 426 34.76 17.23 -4.64
N THR C 427 33.60 16.55 -4.58
CA THR C 427 33.59 15.14 -4.21
C THR C 427 34.37 14.31 -5.23
N GLU C 428 34.25 14.66 -6.51
CA GLU C 428 35.12 14.05 -7.51
C GLU C 428 36.58 14.42 -7.29
N LEU C 429 36.84 15.64 -6.82
CA LEU C 429 38.21 16.11 -6.64
C LEU C 429 38.91 15.41 -5.48
N LEU C 430 38.16 14.98 -4.47
CA LEU C 430 38.77 14.35 -3.30
C LEU C 430 39.08 12.87 -3.51
N LYS C 431 38.70 12.31 -4.65
CA LYS C 431 39.03 10.92 -4.95
C LYS C 431 40.52 10.79 -5.25
N GLN C 432 41.09 9.65 -4.86
CA GLN C 432 42.53 9.46 -4.98
C GLN C 432 42.83 7.97 -5.10
N LYS C 433 44.07 7.67 -5.47
CA LYS C 433 44.55 6.30 -5.62
C LYS C 433 45.52 5.96 -4.50
N GLN C 434 45.44 4.72 -4.01
CA GLN C 434 46.36 4.24 -3.00
C GLN C 434 47.79 4.19 -3.55
N TYR C 435 48.75 4.49 -2.67
CA TYR C 435 50.18 4.58 -3.03
C TYR C 435 50.46 5.71 -4.01
N ALA C 436 49.72 6.82 -3.91
CA ALA C 436 49.96 8.02 -4.71
C ALA C 436 49.86 9.24 -3.81
N PRO C 437 50.83 9.45 -2.93
CA PRO C 437 50.74 10.57 -1.99
C PRO C 437 50.95 11.91 -2.68
N MET C 438 50.29 12.94 -2.14
CA MET C 438 50.29 14.30 -2.69
C MET C 438 51.08 15.21 -1.76
N SER C 439 52.08 15.91 -2.31
CA SER C 439 52.79 16.92 -1.54
C SER C 439 51.92 18.15 -1.32
N VAL C 440 52.29 18.95 -0.30
CA VAL C 440 51.45 20.07 0.12
C VAL C 440 51.33 21.10 -0.99
N ALA C 441 52.33 21.22 -1.85
CA ALA C 441 52.24 22.13 -2.98
C ALA C 441 51.17 21.67 -3.97
N GLN C 442 51.22 20.40 -4.37
CA GLN C 442 50.22 19.85 -5.27
C GLN C 442 48.82 19.97 -4.68
N GLN C 443 48.67 19.59 -3.41
CA GLN C 443 47.37 19.71 -2.73
C GLN C 443 46.91 21.15 -2.71
N SER C 444 47.80 22.08 -2.37
CA SER C 444 47.43 23.48 -2.25
C SER C 444 46.91 24.01 -3.58
N LEU C 445 47.60 23.71 -4.68
CA LEU C 445 47.12 24.24 -5.94
C LEU C 445 45.85 23.54 -6.43
N VAL C 446 45.69 22.24 -6.11
CA VAL C 446 44.44 21.57 -6.46
C VAL C 446 43.27 22.19 -5.70
N LEU C 447 43.44 22.43 -4.40
CA LEU C 447 42.40 23.08 -3.61
C LEU C 447 42.15 24.49 -4.11
N PHE C 448 43.21 25.19 -4.54
CA PHE C 448 43.08 26.51 -5.11
C PHE C 448 42.20 26.49 -6.35
N ALA C 449 42.42 25.51 -7.23
CA ALA C 449 41.56 25.36 -8.40
C ALA C 449 40.13 25.04 -8.00
N ALA C 450 39.96 24.26 -6.94
CA ALA C 450 38.63 23.86 -6.51
C ALA C 450 37.83 25.05 -6.00
N GLU C 451 38.39 25.86 -5.10
CA GLU C 451 37.62 26.86 -4.39
C GLU C 451 37.65 28.25 -5.03
N ARG C 452 38.41 28.47 -6.10
CA ARG C 452 38.24 29.65 -6.92
C ARG C 452 37.57 29.35 -8.27
N GLY C 453 36.72 28.33 -8.31
CA GLY C 453 35.74 28.17 -9.36
C GLY C 453 36.25 27.69 -10.69
N TYR C 454 37.55 27.38 -10.81
CA TYR C 454 38.11 26.99 -12.10
C TYR C 454 37.53 25.69 -12.63
N LEU C 455 36.98 24.84 -11.77
CA LEU C 455 36.35 23.61 -12.22
C LEU C 455 34.86 23.78 -12.54
N ALA C 456 34.24 24.86 -12.04
CA ALA C 456 32.79 24.97 -12.08
C ALA C 456 32.26 25.33 -13.47
N ASP C 457 33.04 26.03 -14.28
CA ASP C 457 32.58 26.49 -15.58
C ASP C 457 32.94 25.54 -16.72
N VAL C 458 33.47 24.35 -16.40
CA VAL C 458 33.72 23.32 -17.39
C VAL C 458 32.98 22.06 -16.96
N GLU C 459 32.18 21.51 -17.88
CA GLU C 459 31.35 20.34 -17.60
C GLU C 459 31.98 19.06 -18.13
N LEU C 460 33.32 18.96 -18.04
CA LEU C 460 34.01 17.75 -18.44
C LEU C 460 33.59 16.56 -17.59
N SER C 461 33.47 16.76 -16.27
CA SER C 461 33.12 15.73 -15.31
C SER C 461 34.08 14.54 -15.35
N LYS C 462 35.30 14.76 -15.82
CA LYS C 462 36.38 13.78 -15.84
C LYS C 462 37.61 14.39 -15.17
N ILE C 463 37.40 14.91 -13.96
CA ILE C 463 38.29 15.88 -13.33
C ILE C 463 39.70 15.31 -13.12
N GLY C 464 39.84 13.99 -13.02
CA GLY C 464 41.15 13.41 -12.76
C GLY C 464 42.18 13.79 -13.80
N SER C 465 41.77 13.81 -15.07
CA SER C 465 42.66 14.25 -16.14
C SER C 465 43.06 15.70 -15.94
N PHE C 466 42.12 16.55 -15.52
CA PHE C 466 42.42 17.95 -15.26
C PHE C 466 43.46 18.08 -14.15
N GLU C 467 43.31 17.30 -13.08
CA GLU C 467 44.28 17.36 -11.99
C GLU C 467 45.66 16.92 -12.45
N ALA C 468 45.74 15.81 -13.19
CA ALA C 468 47.03 15.32 -13.64
C ALA C 468 47.70 16.34 -14.55
N ALA C 469 46.94 16.91 -15.48
CA ALA C 469 47.51 17.86 -16.43
C ALA C 469 47.94 19.13 -15.73
N LEU C 470 47.17 19.62 -14.76
CA LEU C 470 47.56 20.81 -14.01
C LEU C 470 48.87 20.57 -13.26
N LEU C 471 48.97 19.42 -12.59
CA LEU C 471 50.19 19.08 -11.85
C LEU C 471 51.37 19.01 -12.80
N ALA C 472 51.18 18.40 -13.97
CA ALA C 472 52.23 18.35 -14.98
C ALA C 472 52.62 19.75 -15.44
N TYR C 473 51.63 20.61 -15.70
CA TYR C 473 51.90 21.96 -16.16
C TYR C 473 52.82 22.70 -15.18
N VAL C 474 52.47 22.66 -13.90
CA VAL C 474 53.28 23.40 -12.92
C VAL C 474 54.61 22.70 -12.68
N ASP C 475 54.63 21.36 -12.73
CA ASP C 475 55.83 20.59 -12.39
C ASP C 475 56.91 20.78 -13.45
N ARG C 476 56.50 20.78 -14.72
CA ARG C 476 57.55 20.85 -15.76
C ARG C 476 57.95 22.28 -16.07
N ASP C 477 56.99 23.22 -16.20
CA ASP C 477 57.41 24.54 -16.64
C ASP C 477 57.21 25.64 -15.61
N HIS C 478 55.98 25.80 -15.10
CA HIS C 478 55.59 27.12 -14.61
C HIS C 478 55.94 27.43 -13.16
N ALA C 479 56.64 26.55 -12.41
CA ALA C 479 56.93 26.97 -11.04
C ALA C 479 58.11 26.25 -10.39
N PRO C 480 59.10 27.02 -9.92
CA PRO C 480 59.98 26.53 -8.87
C PRO C 480 59.38 26.73 -7.50
N LEU C 481 58.29 27.49 -7.43
CA LEU C 481 57.62 27.80 -6.17
C LEU C 481 57.12 26.55 -5.45
N MET C 482 56.98 25.43 -6.16
CA MET C 482 56.53 24.20 -5.51
C MET C 482 57.43 23.85 -4.33
N GLN C 483 58.74 23.85 -4.55
CA GLN C 483 59.68 23.53 -3.48
C GLN C 483 59.58 24.54 -2.34
N GLU C 484 59.57 25.83 -2.65
CA GLU C 484 59.58 26.84 -1.61
C GLU C 484 58.31 26.79 -0.77
N ILE C 485 57.16 26.58 -1.41
CA ILE C 485 55.89 26.52 -0.71
C ILE C 485 55.66 25.20 0.01
N ASN C 486 56.41 24.16 -0.35
CA ASN C 486 56.41 22.94 0.44
C ASN C 486 57.54 22.93 1.47
N GLN C 487 58.37 23.96 1.48
CA GLN C 487 59.33 24.17 2.54
C GLN C 487 58.90 25.25 3.51
N THR C 488 57.76 25.91 3.27
CA THR C 488 57.32 27.03 4.09
C THR C 488 55.82 26.97 4.32
N GLY C 489 55.35 27.75 5.30
CA GLY C 489 53.92 27.84 5.54
C GLY C 489 53.16 28.55 4.42
N GLY C 490 53.69 29.69 3.96
CA GLY C 490 53.21 30.31 2.72
C GLY C 490 51.95 31.15 2.86
N TYR C 491 51.15 31.13 1.78
CA TYR C 491 49.97 31.98 1.60
C TYR C 491 50.29 33.44 1.89
N ASN C 492 51.24 33.99 1.15
CA ASN C 492 51.29 35.43 0.99
C ASN C 492 50.31 35.87 -0.09
N ASP C 493 49.96 37.15 -0.08
CA ASP C 493 49.14 37.70 -1.15
C ASP C 493 49.84 37.53 -2.49
N GLU C 494 51.16 37.74 -2.51
CA GLU C 494 51.96 37.51 -3.71
C GLU C 494 51.81 36.08 -4.21
N ILE C 495 51.80 35.10 -3.29
CA ILE C 495 51.64 33.71 -3.67
C ILE C 495 50.24 33.47 -4.23
N GLU C 496 49.23 34.10 -3.62
CA GLU C 496 47.88 33.99 -4.15
C GLU C 496 47.82 34.48 -5.60
N GLY C 497 48.44 35.64 -5.87
CA GLY C 497 48.43 36.16 -7.23
C GLY C 497 49.17 35.28 -8.19
N LYS C 498 50.32 34.74 -7.77
CA LYS C 498 51.09 33.90 -8.68
C LYS C 498 50.36 32.60 -8.99
N LEU C 499 49.69 32.01 -8.00
CA LEU C 499 48.88 30.82 -8.26
C LEU C 499 47.72 31.15 -9.19
N LYS C 500 47.08 32.31 -8.99
CA LYS C 500 46.08 32.80 -9.92
C LYS C 500 46.61 32.80 -11.35
N GLY C 501 47.80 33.37 -11.54
CA GLY C 501 48.35 33.46 -12.89
C GLY C 501 48.68 32.11 -13.48
N ILE C 502 49.29 31.23 -12.69
CA ILE C 502 49.67 29.90 -13.20
C ILE C 502 48.43 29.13 -13.62
N LEU C 503 47.40 29.15 -12.78
CA LEU C 503 46.21 28.37 -13.11
C LEU C 503 45.39 29.04 -14.20
N ASP C 504 45.48 30.37 -14.36
CA ASP C 504 44.92 31.00 -15.55
C ASP C 504 45.62 30.51 -16.81
N SER C 505 46.96 30.41 -16.77
CA SER C 505 47.68 29.93 -17.92
C SER C 505 47.28 28.50 -18.29
N PHE C 506 47.12 27.65 -17.28
CA PHE C 506 46.70 26.27 -17.56
C PHE C 506 45.25 26.20 -18.03
N LYS C 507 44.37 27.01 -17.41
CA LYS C 507 42.95 26.99 -17.73
C LYS C 507 42.67 27.49 -19.15
N ALA C 508 43.33 28.57 -19.56
CA ALA C 508 43.07 29.14 -20.88
C ALA C 508 43.44 28.17 -22.00
N THR C 509 44.32 27.21 -21.72
CA THR C 509 44.75 26.22 -22.71
C THR C 509 44.51 24.80 -22.20
N GLN C 510 43.33 24.54 -21.65
CA GLN C 510 42.99 23.18 -21.23
C GLN C 510 42.96 22.24 -22.43
N MET D 1 7.57 -34.62 73.32
CA MET D 1 9.01 -34.48 73.25
C MET D 1 9.44 -33.79 71.95
N ALA D 2 10.59 -33.11 72.00
CA ALA D 2 11.16 -32.45 70.84
C ALA D 2 12.45 -33.15 70.43
N THR D 3 12.72 -33.15 69.13
CA THR D 3 13.77 -33.99 68.58
C THR D 3 14.77 -33.28 67.67
N GLY D 4 14.55 -32.02 67.30
CA GLY D 4 15.44 -31.32 66.41
C GLY D 4 15.71 -29.91 66.87
N LYS D 5 16.74 -29.31 66.25
CA LYS D 5 17.15 -27.95 66.57
C LYS D 5 17.39 -27.16 65.30
N ILE D 6 17.04 -25.87 65.33
CA ILE D 6 17.26 -25.00 64.19
C ILE D 6 18.73 -24.60 64.12
N VAL D 7 19.29 -24.67 62.92
CA VAL D 7 20.69 -24.30 62.73
C VAL D 7 20.88 -23.15 61.76
N GLN D 8 19.93 -22.86 60.88
CA GLN D 8 20.01 -21.72 59.97
C GLN D 8 18.64 -21.12 59.78
N VAL D 9 18.59 -19.78 59.74
CA VAL D 9 17.39 -19.04 59.37
C VAL D 9 17.83 -17.99 58.35
N ILE D 10 17.72 -18.32 57.07
CA ILE D 10 18.04 -17.40 55.98
C ILE D 10 16.73 -17.01 55.32
N GLY D 11 16.32 -15.76 55.51
CA GLY D 11 15.07 -15.31 54.92
C GLY D 11 13.90 -16.15 55.39
N ALA D 12 13.23 -16.79 54.43
CA ALA D 12 12.07 -17.62 54.70
C ALA D 12 12.41 -19.11 54.79
N VAL D 13 13.68 -19.48 54.72
CA VAL D 13 14.10 -20.87 54.69
C VAL D 13 14.78 -21.21 56.01
N VAL D 14 14.41 -22.34 56.59
CA VAL D 14 14.89 -22.77 57.90
C VAL D 14 15.49 -24.17 57.78
N ASP D 15 16.68 -24.35 58.33
CA ASP D 15 17.33 -25.65 58.40
C ASP D 15 17.22 -26.20 59.81
N VAL D 16 16.90 -27.49 59.92
CA VAL D 16 16.74 -28.17 61.20
C VAL D 16 17.61 -29.42 61.20
N GLU D 17 18.33 -29.65 62.31
CA GLU D 17 19.18 -30.81 62.46
C GLU D 17 18.54 -31.81 63.41
N PHE D 18 18.56 -33.08 63.02
CA PHE D 18 17.97 -34.18 63.76
C PHE D 18 19.01 -35.26 63.98
N PRO D 19 18.76 -36.18 64.92
CA PRO D 19 19.60 -37.38 65.00
C PRO D 19 19.53 -38.15 63.70
N GLN D 20 20.64 -38.81 63.36
CA GLN D 20 20.76 -39.46 62.07
C GLN D 20 19.82 -40.66 61.91
N ASP D 21 19.19 -41.11 62.99
CA ASP D 21 18.07 -42.04 62.91
C ASP D 21 16.77 -41.26 63.03
N ALA D 22 15.75 -41.70 62.30
CA ALA D 22 14.42 -41.09 62.33
C ALA D 22 14.47 -39.63 61.89
N VAL D 23 15.12 -39.38 60.76
CA VAL D 23 15.12 -38.07 60.12
C VAL D 23 13.79 -37.88 59.41
N PRO D 24 13.16 -36.71 59.50
CA PRO D 24 11.88 -36.50 58.80
C PRO D 24 12.04 -36.66 57.29
N ARG D 25 11.00 -37.21 56.67
CA ARG D 25 11.01 -37.42 55.22
C ARG D 25 10.34 -36.25 54.50
N VAL D 26 10.48 -36.25 53.17
CA VAL D 26 10.10 -35.09 52.38
C VAL D 26 8.62 -34.80 52.49
N TYR D 27 8.27 -33.51 52.47
CA TYR D 27 6.90 -33.01 52.58
C TYR D 27 6.24 -33.35 53.91
N ASP D 28 7.04 -33.65 54.94
CA ASP D 28 6.50 -33.78 56.28
C ASP D 28 6.29 -32.40 56.89
N ALA D 29 5.61 -32.38 58.03
CA ALA D 29 5.37 -31.16 58.79
C ALA D 29 6.16 -31.20 60.09
N LEU D 30 6.60 -30.01 60.53
CA LEU D 30 7.31 -29.86 61.79
C LEU D 30 6.70 -28.69 62.55
N GLU D 31 6.94 -28.66 63.86
CA GLU D 31 6.32 -27.67 64.74
C GLU D 31 7.36 -27.07 65.66
N VAL D 32 7.28 -25.75 65.84
CA VAL D 32 8.21 -25.02 66.70
C VAL D 32 7.47 -23.82 67.30
N GLN D 33 7.81 -23.48 68.53
CA GLN D 33 7.21 -22.34 69.22
C GLN D 33 7.99 -21.08 68.89
N ASN D 34 7.45 -20.26 67.98
CA ASN D 34 8.00 -18.93 67.71
C ASN D 34 7.43 -17.98 68.75
N GLY D 35 8.06 -18.00 69.92
CA GLY D 35 7.52 -17.29 71.07
C GLY D 35 6.22 -17.94 71.53
N ASN D 36 5.14 -17.16 71.57
CA ASN D 36 3.83 -17.73 71.84
C ASN D 36 3.17 -18.32 70.61
N GLU D 37 3.70 -18.06 69.41
CA GLU D 37 3.09 -18.48 68.16
C GLU D 37 3.54 -19.89 67.81
N ARG D 38 2.57 -20.77 67.57
CA ARG D 38 2.84 -22.08 67.01
C ARG D 38 3.13 -21.95 65.52
N LEU D 39 4.34 -22.36 65.11
CA LEU D 39 4.78 -22.20 63.73
C LEU D 39 5.03 -23.57 63.11
N VAL D 40 4.51 -23.77 61.91
CA VAL D 40 4.64 -25.02 61.18
C VAL D 40 5.70 -24.87 60.09
N LEU D 41 6.58 -25.87 59.99
CA LEU D 41 7.57 -25.94 58.94
C LEU D 41 7.29 -27.17 58.07
N GLU D 42 7.54 -27.04 56.76
CA GLU D 42 7.37 -28.15 55.84
C GLU D 42 8.72 -28.57 55.27
N VAL D 43 9.04 -29.85 55.38
CA VAL D 43 10.32 -30.36 54.93
C VAL D 43 10.34 -30.41 53.41
N GLN D 44 11.41 -29.88 52.82
CA GLN D 44 11.55 -29.85 51.36
C GLN D 44 12.73 -30.66 50.85
N GLN D 45 13.80 -30.80 51.62
CA GLN D 45 14.98 -31.53 51.19
C GLN D 45 15.58 -32.28 52.35
N GLN D 46 15.97 -33.53 52.10
CA GLN D 46 16.84 -34.28 53.00
C GLN D 46 18.25 -34.10 52.46
N LEU D 47 19.08 -33.36 53.19
CA LEU D 47 20.42 -33.03 52.70
C LEU D 47 21.43 -33.13 53.82
N GLY D 48 22.58 -33.72 53.51
CA GLY D 48 23.62 -33.88 54.51
C GLY D 48 23.26 -34.93 55.55
N GLY D 49 24.08 -34.98 56.59
CA GLY D 49 23.88 -35.93 57.66
C GLY D 49 22.95 -35.43 58.75
N GLY D 50 21.70 -35.88 58.70
CA GLY D 50 20.74 -35.56 59.73
C GLY D 50 20.06 -34.22 59.60
N ILE D 51 20.31 -33.46 58.54
CA ILE D 51 19.78 -32.11 58.38
C ILE D 51 18.71 -32.12 57.31
N VAL D 52 17.61 -31.40 57.57
CA VAL D 52 16.54 -31.19 56.59
C VAL D 52 16.35 -29.69 56.42
N ARG D 53 16.09 -29.26 55.19
CA ARG D 53 15.86 -27.86 54.88
C ARG D 53 14.39 -27.66 54.57
N THR D 54 13.78 -26.65 55.21
CA THR D 54 12.34 -26.54 55.30
C THR D 54 11.90 -25.11 54.96
N ILE D 55 10.59 -24.95 54.77
CA ILE D 55 9.96 -23.67 54.50
C ILE D 55 8.94 -23.39 55.59
N ALA D 56 8.94 -22.15 56.10
CA ALA D 56 8.04 -21.78 57.18
C ALA D 56 6.66 -21.46 56.66
N MET D 57 5.64 -22.06 57.26
CA MET D 57 4.24 -21.73 56.96
C MET D 57 3.75 -20.60 57.86
N GLY D 58 4.48 -19.51 57.83
CA GLY D 58 4.24 -18.37 58.69
C GLY D 58 5.43 -17.44 58.64
N SER D 59 5.35 -16.38 59.45
CA SER D 59 6.44 -15.42 59.48
C SER D 59 7.67 -16.05 60.12
N SER D 60 8.83 -15.89 59.46
CA SER D 60 10.07 -16.41 59.97
C SER D 60 10.70 -15.53 61.04
N ASP D 61 10.16 -14.33 61.26
CA ASP D 61 10.70 -13.43 62.26
C ASP D 61 10.52 -14.00 63.65
N GLY D 62 11.49 -13.70 64.53
CA GLY D 62 11.46 -14.17 65.89
C GLY D 62 12.09 -15.53 66.14
N LEU D 63 12.65 -16.16 65.11
CA LEU D 63 13.26 -17.47 65.25
C LEU D 63 14.73 -17.34 65.64
N ARG D 64 15.17 -18.18 66.57
CA ARG D 64 16.56 -18.21 67.01
C ARG D 64 17.20 -19.54 66.63
N ARG D 65 18.50 -19.50 66.39
CA ARG D 65 19.27 -20.73 66.24
C ARG D 65 19.26 -21.49 67.56
N GLY D 66 18.99 -22.78 67.50
CA GLY D 66 18.94 -23.62 68.68
C GLY D 66 17.57 -23.90 69.24
N LEU D 67 16.51 -23.38 68.62
CA LEU D 67 15.16 -23.69 69.07
C LEU D 67 14.82 -25.14 68.81
N ASP D 68 14.07 -25.74 69.72
CA ASP D 68 13.65 -27.14 69.57
C ASP D 68 12.55 -27.25 68.52
N VAL D 69 12.59 -28.35 67.76
CA VAL D 69 11.61 -28.63 66.72
C VAL D 69 11.05 -30.03 66.95
N LYS D 70 9.74 -30.16 66.84
CA LYS D 70 9.03 -31.42 67.01
C LYS D 70 8.53 -31.89 65.64
N ASP D 71 8.87 -33.13 65.28
CA ASP D 71 8.58 -33.65 63.95
C ASP D 71 7.26 -34.42 63.98
N LEU D 72 6.22 -33.86 63.38
CA LEU D 72 4.99 -34.59 63.13
C LEU D 72 5.21 -35.54 61.96
N GLU D 73 4.84 -36.81 62.14
CA GLU D 73 5.09 -37.82 61.11
C GLU D 73 3.89 -37.95 60.16
N HIS D 74 3.52 -36.82 59.57
CA HIS D 74 2.55 -36.79 58.49
C HIS D 74 2.72 -35.47 57.74
N PRO D 75 2.23 -35.40 56.49
CA PRO D 75 2.27 -34.10 55.79
C PRO D 75 1.27 -33.12 56.37
N ILE D 76 1.17 -31.93 55.78
CA ILE D 76 0.14 -30.98 56.19
C ILE D 76 -1.22 -31.57 55.87
N GLU D 77 -2.07 -31.69 56.88
CA GLU D 77 -3.38 -32.32 56.73
C GLU D 77 -4.48 -31.29 57.02
N VAL D 78 -5.52 -31.32 56.20
CA VAL D 78 -6.57 -30.30 56.25
C VAL D 78 -7.93 -30.95 56.43
N PRO D 79 -8.89 -30.27 57.05
CA PRO D 79 -10.25 -30.80 57.11
C PRO D 79 -10.87 -30.92 55.73
N VAL D 80 -11.65 -31.98 55.52
CA VAL D 80 -12.36 -32.21 54.27
C VAL D 80 -13.76 -32.73 54.59
N GLY D 81 -14.75 -32.28 53.83
CA GLY D 81 -16.10 -32.75 53.96
C GLY D 81 -17.08 -31.60 53.93
N LYS D 82 -18.33 -31.90 54.31
CA LYS D 82 -19.37 -30.89 54.34
C LYS D 82 -19.05 -29.78 55.33
N ALA D 83 -18.27 -30.08 56.37
CA ALA D 83 -17.96 -29.09 57.40
C ALA D 83 -17.16 -27.91 56.86
N THR D 84 -16.55 -28.05 55.70
CA THR D 84 -15.78 -26.96 55.09
C THR D 84 -16.64 -26.00 54.29
N LEU D 85 -17.93 -26.28 54.14
CA LEU D 85 -18.80 -25.46 53.32
C LEU D 85 -19.25 -24.23 54.09
N GLY D 86 -19.09 -23.05 53.49
CA GLY D 86 -19.47 -21.81 54.12
C GLY D 86 -18.42 -21.23 55.06
N ARG D 87 -17.20 -21.75 55.05
CA ARG D 87 -16.15 -21.33 55.96
C ARG D 87 -14.93 -20.87 55.17
N ILE D 88 -14.28 -19.82 55.66
CA ILE D 88 -12.99 -19.38 55.14
C ILE D 88 -11.89 -20.05 55.93
N MET D 89 -10.84 -20.48 55.22
CA MET D 89 -9.73 -21.19 55.85
C MET D 89 -8.41 -20.70 55.25
N ASN D 90 -7.33 -20.92 56.01
CA ASN D 90 -5.99 -20.62 55.54
C ASN D 90 -5.37 -21.88 54.95
N VAL D 91 -4.07 -21.82 54.65
CA VAL D 91 -3.39 -22.94 53.99
C VAL D 91 -3.39 -24.19 54.87
N LEU D 92 -3.38 -24.01 56.19
CA LEU D 92 -3.33 -25.12 57.12
C LEU D 92 -4.71 -25.64 57.51
N GLY D 93 -5.77 -25.13 56.87
CA GLY D 93 -7.12 -25.52 57.22
C GLY D 93 -7.56 -25.04 58.59
N GLU D 94 -7.17 -23.82 58.96
CA GLU D 94 -7.61 -23.17 60.18
C GLU D 94 -8.57 -22.04 59.85
N PRO D 95 -9.68 -21.92 60.58
CA PRO D 95 -10.68 -20.90 60.25
C PRO D 95 -10.16 -19.49 60.45
N VAL D 96 -10.46 -18.62 59.50
CA VAL D 96 -10.11 -17.20 59.57
C VAL D 96 -11.35 -16.32 59.44
N ASP D 97 -12.54 -16.90 59.66
CA ASP D 97 -13.79 -16.16 59.62
C ASP D 97 -14.37 -15.90 61.00
N MET D 98 -13.71 -16.36 62.07
CA MET D 98 -14.12 -16.09 63.45
C MET D 98 -15.53 -16.61 63.73
N LYS D 99 -15.87 -17.75 63.14
CA LYS D 99 -17.12 -18.43 63.46
C LYS D 99 -16.91 -19.64 64.38
N GLY D 100 -15.68 -19.96 64.73
CA GLY D 100 -15.39 -21.06 65.61
C GLY D 100 -14.75 -22.24 64.87
N GLU D 101 -14.78 -23.39 65.54
CA GLU D 101 -14.12 -24.59 65.02
C GLU D 101 -14.80 -25.07 63.75
N ILE D 102 -14.02 -25.70 62.88
CA ILE D 102 -14.56 -26.29 61.66
C ILE D 102 -15.51 -27.44 61.99
N GLY D 103 -15.14 -28.29 62.94
CA GLY D 103 -15.96 -29.42 63.30
C GLY D 103 -15.88 -30.59 62.33
N GLU D 104 -14.70 -30.82 61.74
CA GLU D 104 -14.57 -31.80 60.69
C GLU D 104 -14.65 -33.23 61.21
N GLU D 105 -15.06 -34.14 60.32
CA GLU D 105 -15.11 -35.57 60.58
C GLU D 105 -13.84 -36.27 60.11
N GLU D 106 -13.21 -35.77 59.05
CA GLU D 106 -12.06 -36.42 58.44
C GLU D 106 -11.06 -35.36 58.00
N ARG D 107 -9.77 -35.71 58.05
CA ARG D 107 -8.71 -34.83 57.61
C ARG D 107 -7.84 -35.56 56.59
N TRP D 108 -7.42 -34.82 55.56
CA TRP D 108 -6.72 -35.39 54.41
C TRP D 108 -5.40 -34.67 54.18
N ALA D 109 -4.41 -35.43 53.73
CA ALA D 109 -3.11 -34.87 53.40
C ALA D 109 -3.15 -34.19 52.03
N ILE D 110 -2.52 -33.01 51.94
CA ILE D 110 -2.59 -32.21 50.72
C ILE D 110 -1.66 -32.69 49.62
N HIS D 111 -0.69 -33.54 49.94
CA HIS D 111 0.21 -34.11 48.94
C HIS D 111 -0.28 -35.52 48.60
N ARG D 112 -0.78 -35.70 47.38
CA ARG D 112 -1.28 -36.99 46.94
C ARG D 112 -1.10 -37.11 45.44
N ALA D 113 -1.10 -38.35 44.96
CA ALA D 113 -0.82 -38.63 43.56
C ALA D 113 -2.06 -38.40 42.68
N ALA D 114 -1.82 -38.23 41.39
CA ALA D 114 -2.86 -37.99 40.41
C ALA D 114 -3.54 -39.29 40.00
N PRO D 115 -4.74 -39.21 39.43
CA PRO D 115 -5.43 -40.42 38.99
C PRO D 115 -4.64 -41.16 37.92
N SER D 116 -4.75 -42.50 37.94
CA SER D 116 -4.10 -43.33 36.94
C SER D 116 -4.78 -43.14 35.58
N TYR D 117 -4.04 -43.48 34.53
CA TYR D 117 -4.51 -43.20 33.18
C TYR D 117 -5.84 -43.88 32.87
N GLU D 118 -6.07 -45.07 33.41
CA GLU D 118 -7.33 -45.77 33.11
C GLU D 118 -8.50 -45.30 33.97
N GLU D 119 -8.25 -44.40 34.92
CA GLU D 119 -9.34 -43.79 35.69
C GLU D 119 -10.02 -42.65 34.95
N LEU D 120 -9.40 -42.13 33.90
CA LEU D 120 -9.91 -40.93 33.23
C LEU D 120 -11.25 -41.20 32.57
N SER D 121 -12.10 -40.17 32.57
CA SER D 121 -13.44 -40.27 32.02
C SER D 121 -13.62 -39.22 30.92
N ASN D 122 -14.19 -39.64 29.79
CA ASN D 122 -14.39 -38.76 28.64
C ASN D 122 -15.75 -38.09 28.72
N SER D 123 -15.81 -36.83 28.32
CA SER D 123 -17.04 -36.05 28.41
C SER D 123 -17.08 -35.00 27.31
N GLN D 124 -18.30 -34.74 26.82
CA GLN D 124 -18.56 -33.69 25.86
C GLN D 124 -19.87 -32.96 26.19
N GLU D 125 -20.18 -32.84 27.48
CA GLU D 125 -21.44 -32.26 27.94
C GLU D 125 -21.28 -30.75 28.02
N LEU D 126 -21.59 -30.09 26.89
CA LEU D 126 -21.38 -28.65 26.76
C LEU D 126 -22.15 -27.86 27.82
N LEU D 127 -21.45 -26.93 28.47
CA LEU D 127 -22.07 -25.93 29.32
C LEU D 127 -22.47 -24.71 28.51
N GLU D 128 -23.60 -24.11 28.88
CA GLU D 128 -24.04 -22.86 28.28
C GLU D 128 -23.81 -21.71 29.25
N THR D 129 -23.28 -20.60 28.72
CA THR D 129 -23.06 -19.39 29.50
C THR D 129 -23.66 -18.20 28.77
N GLY D 130 -23.90 -17.13 29.52
CA GLY D 130 -24.53 -15.95 28.95
C GLY D 130 -23.61 -15.09 28.08
N ILE D 131 -22.30 -15.30 28.18
CA ILE D 131 -21.33 -14.48 27.46
C ILE D 131 -21.29 -14.93 26.02
N LYS D 132 -21.46 -13.99 25.08
CA LYS D 132 -21.57 -14.32 23.67
C LYS D 132 -20.28 -14.92 23.14
N VAL D 133 -19.18 -14.16 23.24
CA VAL D 133 -17.94 -14.52 22.55
C VAL D 133 -17.39 -15.83 23.10
N ILE D 134 -17.56 -16.09 24.39
CA ILE D 134 -17.04 -17.32 24.98
C ILE D 134 -17.81 -18.53 24.47
N ASP D 135 -19.14 -18.44 24.46
CA ASP D 135 -19.94 -19.55 23.94
C ASP D 135 -19.74 -19.73 22.44
N LEU D 136 -19.41 -18.65 21.72
CA LEU D 136 -19.27 -18.75 20.27
C LEU D 136 -17.91 -19.29 19.87
N MET D 137 -16.84 -18.72 20.45
CA MET D 137 -15.48 -19.04 20.08
C MET D 137 -14.89 -20.17 20.89
N ALA D 138 -15.35 -20.36 22.13
CA ALA D 138 -14.75 -21.39 22.97
C ALA D 138 -15.74 -22.05 23.91
N PRO D 139 -16.78 -22.73 23.41
CA PRO D 139 -17.67 -23.46 24.31
C PRO D 139 -16.93 -24.62 24.98
N PHE D 140 -17.35 -24.93 26.21
CA PHE D 140 -16.65 -25.92 27.02
C PHE D 140 -17.65 -26.84 27.69
N ALA D 141 -17.17 -28.03 28.05
CA ALA D 141 -17.99 -29.12 28.54
C ALA D 141 -17.82 -29.31 30.05
N LYS D 142 -18.83 -29.92 30.66
CA LYS D 142 -18.75 -30.25 32.09
C LYS D 142 -17.65 -31.27 32.34
N GLY D 143 -16.80 -30.98 33.34
CA GLY D 143 -15.68 -31.84 33.65
C GLY D 143 -14.35 -31.42 33.04
N GLY D 144 -14.29 -30.24 32.40
CA GLY D 144 -13.08 -29.79 31.74
C GLY D 144 -12.46 -28.58 32.44
N LYS D 145 -11.25 -28.24 31.98
CA LYS D 145 -10.52 -27.10 32.48
C LYS D 145 -10.74 -25.89 31.59
N VAL D 146 -10.88 -24.72 32.21
CA VAL D 146 -11.00 -23.45 31.51
C VAL D 146 -9.96 -22.48 32.08
N GLY D 147 -9.29 -21.75 31.19
CA GLY D 147 -8.33 -20.74 31.62
C GLY D 147 -8.56 -19.39 30.97
N LEU D 148 -8.67 -18.35 31.80
CA LEU D 148 -8.84 -16.98 31.31
C LEU D 148 -7.48 -16.30 31.35
N PHE D 149 -6.85 -16.19 30.19
CA PHE D 149 -5.54 -15.57 30.07
C PHE D 149 -5.67 -14.06 29.98
N GLY D 150 -4.76 -13.34 30.63
CA GLY D 150 -4.76 -11.89 30.51
C GLY D 150 -3.66 -11.16 31.25
N GLY D 151 -3.33 -9.97 30.77
CA GLY D 151 -2.40 -9.09 31.45
C GLY D 151 -3.06 -8.35 32.59
N ALA D 152 -2.33 -7.38 33.12
CA ALA D 152 -2.84 -6.62 34.27
C ALA D 152 -4.05 -5.79 33.87
N GLY D 153 -5.15 -5.97 34.61
CA GLY D 153 -6.31 -5.11 34.43
C GLY D 153 -7.11 -5.32 33.18
N VAL D 154 -7.09 -6.51 32.58
CA VAL D 154 -7.80 -6.74 31.32
C VAL D 154 -9.15 -7.42 31.51
N GLY D 155 -9.51 -7.82 32.74
CA GLY D 155 -10.84 -8.32 32.98
C GLY D 155 -10.95 -9.74 33.48
N LYS D 156 -9.88 -10.27 34.06
CA LYS D 156 -9.90 -11.65 34.54
C LYS D 156 -10.89 -11.80 35.70
N THR D 157 -10.79 -10.93 36.70
CA THR D 157 -11.64 -11.08 37.89
C THR D 157 -13.10 -10.82 37.58
N VAL D 158 -13.39 -9.83 36.74
CA VAL D 158 -14.79 -9.53 36.40
C VAL D 158 -15.40 -10.71 35.64
N ASN D 159 -14.66 -11.26 34.69
CA ASN D 159 -15.15 -12.43 33.95
C ASN D 159 -15.35 -13.62 34.86
N MET D 160 -14.45 -13.82 35.83
CA MET D 160 -14.62 -14.96 36.73
C MET D 160 -15.82 -14.77 37.65
N MET D 161 -16.07 -13.54 38.10
CA MET D 161 -17.28 -13.29 38.89
C MET D 161 -18.54 -13.53 38.06
N GLU D 162 -18.54 -13.08 36.81
CA GLU D 162 -19.68 -13.33 35.92
C GLU D 162 -19.89 -14.83 35.71
N LEU D 163 -18.81 -15.57 35.50
CA LEU D 163 -18.93 -17.01 35.28
C LEU D 163 -19.38 -17.72 36.55
N ILE D 164 -18.93 -17.26 37.72
CA ILE D 164 -19.44 -17.83 38.96
C ILE D 164 -20.95 -17.64 39.03
N ARG D 165 -21.41 -16.41 38.80
CA ARG D 165 -22.84 -16.13 38.82
C ARG D 165 -23.60 -17.02 37.85
N ASN D 166 -23.11 -17.15 36.61
CA ASN D 166 -23.87 -17.85 35.59
C ASN D 166 -23.85 -19.36 35.79
N ILE D 167 -22.69 -19.94 36.10
CA ILE D 167 -22.58 -21.39 36.16
C ILE D 167 -23.01 -21.91 37.53
N ALA D 168 -22.44 -21.36 38.61
CA ALA D 168 -22.60 -21.99 39.92
C ALA D 168 -24.04 -22.00 40.40
N ILE D 169 -24.81 -20.96 40.09
CA ILE D 169 -26.17 -20.87 40.61
C ILE D 169 -27.06 -21.96 40.02
N GLU D 170 -26.93 -22.22 38.72
CA GLU D 170 -27.65 -23.35 38.13
C GLU D 170 -27.09 -24.68 38.62
N HIS D 171 -25.78 -24.73 38.88
CA HIS D 171 -25.18 -25.93 39.44
C HIS D 171 -25.75 -26.23 40.82
N SER D 172 -26.17 -27.48 41.02
CA SER D 172 -26.70 -27.90 42.32
C SER D 172 -25.63 -28.52 43.22
N GLY D 173 -24.42 -28.73 42.71
CA GLY D 173 -23.37 -29.35 43.49
C GLY D 173 -22.51 -28.34 44.25
N TYR D 174 -21.66 -28.88 45.10
CA TYR D 174 -20.77 -28.05 45.91
C TYR D 174 -19.68 -27.43 45.04
N SER D 175 -19.12 -26.31 45.53
CA SER D 175 -18.08 -25.60 44.81
C SER D 175 -16.97 -25.19 45.77
N VAL D 176 -15.76 -25.05 45.22
CA VAL D 176 -14.59 -24.65 45.99
C VAL D 176 -13.96 -23.45 45.31
N PHE D 177 -13.61 -22.43 46.09
CA PHE D 177 -12.89 -21.26 45.62
C PHE D 177 -11.53 -21.22 46.31
N ALA D 178 -10.46 -21.23 45.52
CA ALA D 178 -9.09 -21.18 46.02
C ALA D 178 -8.50 -19.82 45.68
N GLY D 179 -8.42 -18.94 46.66
CA GLY D 179 -7.87 -17.62 46.46
C GLY D 179 -6.36 -17.59 46.58
N VAL D 180 -5.66 -18.08 45.56
CA VAL D 180 -4.21 -18.14 45.58
C VAL D 180 -3.66 -16.74 45.30
N GLY D 181 -3.03 -16.14 46.30
CA GLY D 181 -2.38 -14.84 46.14
C GLY D 181 -3.32 -13.70 45.79
N GLU D 182 -4.50 -13.66 46.39
CA GLU D 182 -5.51 -12.67 46.07
C GLU D 182 -5.33 -11.41 46.90
N ARG D 183 -5.85 -10.31 46.37
CA ARG D 183 -5.93 -9.08 47.14
C ARG D 183 -6.94 -9.26 48.27
N THR D 184 -6.61 -8.73 49.45
CA THR D 184 -7.46 -8.94 50.61
C THR D 184 -8.84 -8.32 50.41
N ARG D 185 -8.89 -7.12 49.83
CA ARG D 185 -10.16 -6.44 49.63
C ARG D 185 -11.08 -7.26 48.74
N GLU D 186 -10.54 -7.80 47.65
CA GLU D 186 -11.40 -8.51 46.71
C GLU D 186 -11.88 -9.84 47.28
N GLY D 187 -11.07 -10.48 48.13
CA GLY D 187 -11.56 -11.63 48.86
C GLY D 187 -12.69 -11.30 49.82
N ASN D 188 -12.56 -10.19 50.57
CA ASN D 188 -13.64 -9.78 51.45
C ASN D 188 -14.91 -9.45 50.67
N ASP D 189 -14.75 -8.76 49.54
CA ASP D 189 -15.90 -8.41 48.71
C ASP D 189 -16.59 -9.66 48.17
N PHE D 190 -15.81 -10.65 47.72
CA PHE D 190 -16.40 -11.90 47.27
C PHE D 190 -17.16 -12.59 48.40
N TYR D 191 -16.57 -12.65 49.59
CA TYR D 191 -17.24 -13.29 50.72
C TYR D 191 -18.57 -12.62 51.02
N HIS D 192 -18.58 -11.29 51.08
CA HIS D 192 -19.82 -10.59 51.39
C HIS D 192 -20.85 -10.72 50.26
N GLU D 193 -20.40 -10.74 49.00
CA GLU D 193 -21.33 -10.92 47.90
C GLU D 193 -22.02 -12.28 47.98
N MET D 194 -21.24 -13.34 48.22
CA MET D 194 -21.84 -14.67 48.36
C MET D 194 -22.76 -14.74 49.57
N THR D 195 -22.36 -14.10 50.69
CA THR D 195 -23.21 -14.11 51.88
C THR D 195 -24.54 -13.42 51.61
N ASP D 196 -24.52 -12.31 50.88
CA ASP D 196 -25.77 -11.63 50.55
C ASP D 196 -26.63 -12.46 49.60
N SER D 197 -26.02 -13.06 48.57
CA SER D 197 -26.79 -13.81 47.58
C SER D 197 -27.30 -15.14 48.11
N ASN D 198 -26.89 -15.55 49.32
CA ASN D 198 -27.33 -16.80 49.94
C ASN D 198 -26.86 -18.04 49.18
N VAL D 199 -25.70 -17.94 48.53
CA VAL D 199 -25.06 -19.09 47.89
C VAL D 199 -23.81 -19.52 48.64
N ILE D 200 -23.53 -18.91 49.80
CA ILE D 200 -22.35 -19.24 50.57
C ILE D 200 -22.46 -20.63 51.20
N ASP D 201 -23.67 -21.19 51.27
CA ASP D 201 -23.89 -22.47 51.92
C ASP D 201 -23.40 -23.64 51.07
N LYS D 202 -23.08 -23.40 49.80
CA LYS D 202 -22.59 -24.45 48.91
C LYS D 202 -21.20 -24.16 48.36
N VAL D 203 -20.45 -23.26 49.00
CA VAL D 203 -19.10 -22.91 48.56
C VAL D 203 -18.14 -23.02 49.75
N SER D 204 -16.98 -23.61 49.51
CA SER D 204 -15.89 -23.66 50.48
C SER D 204 -14.77 -22.75 50.00
N LEU D 205 -14.25 -21.94 50.91
CA LEU D 205 -13.30 -20.88 50.56
C LEU D 205 -11.97 -21.11 51.25
N VAL D 206 -10.89 -21.11 50.47
CA VAL D 206 -9.52 -21.17 51.00
C VAL D 206 -8.78 -19.96 50.45
N TYR D 207 -8.26 -19.13 51.36
CA TYR D 207 -7.64 -17.86 50.99
C TYR D 207 -6.20 -17.83 51.48
N GLY D 208 -5.27 -17.70 50.54
CA GLY D 208 -3.90 -17.34 50.87
C GLY D 208 -3.51 -16.08 50.12
N GLN D 209 -3.33 -14.97 50.83
CA GLN D 209 -3.29 -13.66 50.17
C GLN D 209 -1.85 -13.19 49.94
N MET D 210 -1.77 -11.98 49.37
CA MET D 210 -0.49 -11.42 48.91
C MET D 210 0.50 -11.21 50.06
N ASN D 211 -0.01 -10.88 51.24
CA ASN D 211 0.84 -10.48 52.37
C ASN D 211 1.50 -11.67 53.07
N GLU D 212 1.12 -12.88 52.75
CA GLU D 212 1.60 -14.00 53.56
C GLU D 212 2.90 -14.56 53.02
N PRO D 213 3.71 -15.16 53.89
CA PRO D 213 5.03 -15.65 53.49
C PRO D 213 4.93 -16.71 52.41
N PRO D 214 6.01 -16.96 51.67
CA PRO D 214 5.91 -17.74 50.43
C PRO D 214 5.32 -19.14 50.57
N GLY D 215 5.52 -19.81 51.71
CA GLY D 215 5.02 -21.18 51.84
C GLY D 215 3.52 -21.27 51.76
N ASN D 216 2.81 -20.33 52.39
CA ASN D 216 1.36 -20.32 52.34
C ASN D 216 0.87 -20.16 50.92
N ARG D 217 1.41 -19.17 50.20
CA ARG D 217 1.09 -18.94 48.80
C ARG D 217 1.48 -20.13 47.93
N LEU D 218 2.44 -20.94 48.38
CA LEU D 218 2.87 -22.11 47.63
C LEU D 218 1.90 -23.28 47.79
N ARG D 219 1.37 -23.50 48.99
CA ARG D 219 0.60 -24.71 49.28
C ARG D 219 -0.91 -24.52 49.36
N VAL D 220 -1.40 -23.28 49.28
CA VAL D 220 -2.85 -23.05 49.39
C VAL D 220 -3.61 -23.71 48.23
N ALA D 221 -3.01 -23.73 47.04
CA ALA D 221 -3.67 -24.38 45.90
C ALA D 221 -3.85 -25.88 46.15
N LEU D 222 -2.85 -26.52 46.74
CA LEU D 222 -2.99 -27.94 47.09
C LEU D 222 -4.08 -28.15 48.12
N THR D 223 -4.21 -27.23 49.08
CA THR D 223 -5.32 -27.34 50.03
C THR D 223 -6.67 -27.32 49.29
N GLY D 224 -6.82 -26.37 48.37
CA GLY D 224 -8.07 -26.29 47.60
C GLY D 224 -8.34 -27.56 46.81
N LEU D 225 -7.30 -28.09 46.16
CA LEU D 225 -7.46 -29.33 45.42
C LEU D 225 -7.85 -30.49 46.32
N THR D 226 -7.31 -30.53 47.53
CA THR D 226 -7.65 -31.61 48.45
C THR D 226 -9.15 -31.58 48.78
N MET D 227 -9.68 -30.40 49.07
CA MET D 227 -11.12 -30.31 49.35
C MET D 227 -11.95 -30.71 48.13
N ALA D 228 -11.58 -30.20 46.95
CA ALA D 228 -12.31 -30.53 45.74
C ALA D 228 -12.28 -32.03 45.46
N GLU D 229 -11.14 -32.67 45.72
CA GLU D 229 -11.01 -34.09 45.45
C GLU D 229 -11.78 -34.94 46.46
N LYS D 230 -11.90 -34.48 47.70
CA LYS D 230 -12.83 -35.14 48.62
C LYS D 230 -14.25 -35.13 48.05
N PHE D 231 -14.72 -33.96 47.61
CA PHE D 231 -16.06 -33.94 47.01
C PHE D 231 -16.15 -34.82 45.77
N ARG D 232 -15.10 -34.85 44.95
CA ARG D 232 -15.13 -35.69 43.76
C ARG D 232 -15.22 -37.17 44.13
N ASP D 233 -14.46 -37.60 45.15
CA ASP D 233 -14.50 -39.00 45.54
C ASP D 233 -15.81 -39.37 46.20
N GLU D 234 -16.52 -38.40 46.78
CA GLU D 234 -17.88 -38.73 47.22
C GLU D 234 -18.84 -38.97 46.05
N GLY D 235 -18.42 -38.65 44.82
CA GLY D 235 -19.26 -38.84 43.66
C GLY D 235 -19.97 -37.61 43.14
N ARG D 236 -19.71 -36.46 43.74
CA ARG D 236 -20.47 -35.26 43.31
C ARG D 236 -19.73 -34.53 42.20
N ASP D 237 -20.42 -33.64 41.49
CA ASP D 237 -19.88 -32.78 40.44
C ASP D 237 -19.48 -31.45 41.09
N VAL D 238 -18.21 -31.08 40.94
CA VAL D 238 -17.64 -29.98 41.70
C VAL D 238 -17.23 -28.86 40.76
N LEU D 239 -17.32 -27.63 41.26
CA LEU D 239 -16.88 -26.43 40.55
C LEU D 239 -15.71 -25.83 41.33
N LEU D 240 -14.56 -25.72 40.68
CA LEU D 240 -13.33 -25.26 41.33
C LEU D 240 -12.84 -24.01 40.63
N PHE D 241 -12.77 -22.91 41.38
CA PHE D 241 -12.31 -21.63 40.85
C PHE D 241 -10.98 -21.29 41.50
N VAL D 242 -9.95 -21.07 40.67
CA VAL D 242 -8.60 -20.75 41.14
C VAL D 242 -8.25 -19.35 40.65
N ASP D 243 -7.84 -18.48 41.57
CA ASP D 243 -7.73 -17.06 41.26
C ASP D 243 -6.48 -16.73 40.43
N ASN D 244 -5.36 -17.40 40.68
CA ASN D 244 -4.15 -17.16 39.88
C ASN D 244 -3.21 -18.35 40.02
N ILE D 245 -3.01 -19.10 38.93
CA ILE D 245 -1.98 -20.15 38.89
C ILE D 245 -0.60 -19.50 38.88
N TYR D 246 -0.51 -18.31 38.28
CA TYR D 246 0.73 -17.56 38.17
C TYR D 246 1.45 -17.41 39.51
N ARG D 247 0.72 -17.02 40.56
CA ARG D 247 1.41 -16.81 41.82
C ARG D 247 1.69 -18.10 42.59
N TYR D 248 1.07 -19.23 42.22
CA TYR D 248 1.63 -20.51 42.65
C TYR D 248 3.05 -20.68 42.09
N THR D 249 3.20 -20.49 40.77
CA THR D 249 4.53 -20.61 40.18
C THR D 249 5.49 -19.58 40.78
N LEU D 250 4.99 -18.37 41.04
CA LEU D 250 5.84 -17.30 41.56
C LEU D 250 6.27 -17.55 42.99
N ALA D 251 5.38 -18.10 43.82
CA ALA D 251 5.77 -18.53 45.16
C ALA D 251 6.82 -19.62 45.11
N GLY D 252 6.76 -20.48 44.09
CA GLY D 252 7.88 -21.40 43.87
C GLY D 252 9.18 -20.66 43.56
N THR D 253 9.10 -19.68 42.66
CA THR D 253 10.30 -18.97 42.21
C THR D 253 10.99 -18.24 43.36
N GLU D 254 10.21 -17.60 44.25
CA GLU D 254 10.83 -16.82 45.31
C GLU D 254 11.77 -17.66 46.17
N VAL D 255 11.35 -18.88 46.52
CA VAL D 255 12.11 -19.71 47.45
C VAL D 255 13.04 -20.70 46.75
N SER D 256 12.94 -20.83 45.42
CA SER D 256 13.74 -21.83 44.71
C SER D 256 15.24 -21.64 44.97
N ALA D 257 15.75 -20.42 44.80
CA ALA D 257 17.19 -20.19 44.91
C ALA D 257 17.68 -20.45 46.32
N LEU D 258 16.91 -20.05 47.33
CA LEU D 258 17.29 -20.29 48.72
C LEU D 258 17.38 -21.77 49.05
N LEU D 259 16.72 -22.62 48.26
CA LEU D 259 16.79 -24.06 48.43
C LEU D 259 18.03 -24.68 47.78
N GLY D 260 18.90 -23.86 47.21
CA GLY D 260 20.13 -24.35 46.61
C GLY D 260 20.05 -24.68 45.14
N ARG D 261 18.96 -24.34 44.47
CA ARG D 261 18.78 -24.70 43.06
C ARG D 261 19.44 -23.67 42.15
N MET D 262 19.87 -24.14 40.98
CA MET D 262 20.44 -23.30 39.93
C MET D 262 19.32 -22.69 39.09
N PRO D 263 19.40 -21.40 38.76
CA PRO D 263 18.28 -20.73 38.08
C PRO D 263 18.14 -21.14 36.62
N SER D 264 16.91 -21.02 36.12
CA SER D 264 16.50 -21.44 34.79
C SER D 264 16.50 -20.27 33.81
N ALA D 265 15.84 -20.49 32.67
CA ALA D 265 16.00 -19.62 31.49
C ALA D 265 15.69 -18.16 31.80
N VAL D 266 14.53 -17.88 32.42
CA VAL D 266 14.11 -16.49 32.62
C VAL D 266 14.11 -16.22 34.12
N GLY D 267 15.04 -16.83 34.84
CA GLY D 267 15.10 -16.68 36.28
C GLY D 267 14.15 -17.57 37.05
N TYR D 268 13.33 -18.36 36.36
CA TYR D 268 12.45 -19.30 37.03
C TYR D 268 13.26 -20.43 37.67
N GLN D 269 12.56 -21.22 38.47
CA GLN D 269 13.15 -22.43 39.02
C GLN D 269 13.36 -23.46 37.91
N PRO D 270 14.32 -24.38 38.08
CA PRO D 270 14.49 -25.45 37.10
C PRO D 270 13.33 -26.43 37.03
N THR D 271 12.42 -26.39 38.01
CA THR D 271 11.36 -27.39 38.13
C THR D 271 9.99 -26.81 37.80
N LEU D 272 9.94 -25.79 36.94
CA LEU D 272 8.66 -25.13 36.64
C LEU D 272 7.67 -26.11 36.00
N ALA D 273 8.12 -26.86 34.99
CA ALA D 273 7.22 -27.76 34.28
C ALA D 273 6.66 -28.83 35.21
N GLU D 274 7.51 -29.45 36.02
CA GLU D 274 7.05 -30.52 36.91
C GLU D 274 6.15 -29.96 38.01
N GLU D 275 6.48 -28.78 38.53
CA GLU D 275 5.65 -28.18 39.57
C GLU D 275 4.28 -27.83 39.04
N MET D 276 4.21 -27.34 37.80
CA MET D 276 2.89 -27.13 37.17
C MET D 276 2.16 -28.44 36.96
N GLY D 277 2.87 -29.46 36.47
CA GLY D 277 2.21 -30.70 36.09
C GLY D 277 1.64 -31.45 37.28
N VAL D 278 2.38 -31.52 38.39
CA VAL D 278 1.92 -32.28 39.55
C VAL D 278 0.63 -31.68 40.09
N LEU D 279 0.52 -30.35 40.07
CA LEU D 279 -0.70 -29.70 40.52
C LEU D 279 -1.84 -29.88 39.53
N GLN D 280 -1.56 -29.64 38.24
CA GLN D 280 -2.65 -29.52 37.28
C GLN D 280 -3.16 -30.87 36.77
N GLU D 281 -2.43 -31.95 36.97
CA GLU D 281 -2.95 -33.25 36.56
C GLU D 281 -3.88 -33.86 37.59
N ARG D 282 -3.93 -33.30 38.80
CA ARG D 282 -4.92 -33.72 39.79
C ARG D 282 -6.31 -33.16 39.49
N ILE D 283 -6.40 -32.09 38.70
CA ILE D 283 -7.68 -31.44 38.42
C ILE D 283 -8.24 -32.13 37.18
N THR D 284 -8.88 -33.28 37.40
CA THR D 284 -9.44 -34.07 36.32
C THR D 284 -10.75 -34.69 36.75
N SER D 285 -11.56 -35.04 35.77
CA SER D 285 -12.84 -35.72 35.99
C SER D 285 -12.63 -37.21 35.83
N THR D 286 -12.74 -37.94 36.93
CA THR D 286 -12.55 -39.39 36.92
C THR D 286 -13.89 -40.09 36.70
N LYS D 287 -13.88 -41.42 36.72
CA LYS D 287 -15.10 -42.17 36.51
C LYS D 287 -16.05 -42.10 37.70
N THR D 288 -15.52 -41.87 38.90
CA THR D 288 -16.40 -41.72 40.06
C THR D 288 -17.05 -40.34 40.12
N GLY D 289 -16.32 -39.29 39.78
CA GLY D 289 -16.85 -37.95 39.87
C GLY D 289 -16.09 -36.99 38.97
N SER D 290 -16.64 -35.80 38.81
CA SER D 290 -16.10 -34.80 37.89
C SER D 290 -15.82 -33.50 38.61
N ILE D 291 -14.66 -32.91 38.31
CA ILE D 291 -14.32 -31.55 38.72
C ILE D 291 -14.29 -30.68 37.48
N THR D 292 -15.08 -29.61 37.48
CA THR D 292 -15.02 -28.58 36.44
C THR D 292 -14.35 -27.35 37.02
N SER D 293 -13.32 -26.86 36.36
CA SER D 293 -12.45 -25.85 36.93
C SER D 293 -12.31 -24.65 35.99
N VAL D 294 -12.34 -23.45 36.58
CA VAL D 294 -12.06 -22.21 35.88
C VAL D 294 -10.87 -21.55 36.56
N GLN D 295 -9.86 -21.19 35.76
CA GLN D 295 -8.62 -20.65 36.29
C GLN D 295 -8.32 -19.31 35.62
N ALA D 296 -7.89 -18.34 36.41
CA ALA D 296 -7.41 -17.07 35.88
C ALA D 296 -5.90 -17.11 35.78
N VAL D 297 -5.37 -16.72 34.62
CA VAL D 297 -3.95 -16.84 34.32
C VAL D 297 -3.40 -15.46 34.03
N TYR D 298 -2.49 -15.00 34.87
CA TYR D 298 -1.81 -13.73 34.62
C TYR D 298 -0.79 -13.87 33.48
N VAL D 299 -0.69 -12.83 32.67
CA VAL D 299 0.25 -12.78 31.56
C VAL D 299 1.23 -11.65 31.80
N PRO D 300 2.45 -11.96 32.23
CA PRO D 300 3.43 -10.91 32.52
C PRO D 300 3.71 -10.05 31.29
N ALA D 301 3.69 -8.74 31.50
CA ALA D 301 3.97 -7.76 30.45
C ALA D 301 3.05 -7.92 29.24
N ASP D 302 1.91 -8.58 29.45
CA ASP D 302 0.96 -8.85 28.36
C ASP D 302 1.62 -9.59 27.21
N ASP D 303 2.59 -10.46 27.53
CA ASP D 303 3.34 -11.21 26.53
C ASP D 303 3.07 -12.69 26.74
N LEU D 304 2.38 -13.31 25.78
CA LEU D 304 2.07 -14.73 25.85
C LEU D 304 3.27 -15.63 25.61
N THR D 305 4.45 -15.05 25.33
CA THR D 305 5.65 -15.84 25.09
C THR D 305 6.30 -16.33 26.38
N ASP D 306 5.95 -15.74 27.52
CA ASP D 306 6.60 -16.09 28.77
C ASP D 306 6.36 -17.56 29.10
N PRO D 307 7.34 -18.24 29.71
CA PRO D 307 7.20 -19.67 29.96
C PRO D 307 5.97 -20.07 30.76
N SER D 308 5.53 -19.25 31.72
CA SER D 308 4.39 -19.64 32.54
C SER D 308 3.08 -19.72 31.74
N PRO D 309 2.62 -18.66 31.06
CA PRO D 309 1.44 -18.83 30.20
C PRO D 309 1.65 -19.86 29.11
N ALA D 310 2.88 -19.95 28.58
CA ALA D 310 3.16 -20.90 27.51
C ALA D 310 2.91 -22.33 27.97
N THR D 311 3.39 -22.68 29.17
CA THR D 311 3.20 -24.04 29.65
C THR D 311 1.74 -24.28 30.07
N THR D 312 1.08 -23.27 30.62
CA THR D 312 -0.30 -23.53 31.05
C THR D 312 -1.27 -23.56 29.89
N PHE D 313 -0.89 -23.06 28.72
CA PHE D 313 -1.72 -23.25 27.53
C PHE D 313 -1.93 -24.72 27.20
N ALA D 314 -0.93 -25.56 27.47
CA ALA D 314 -0.94 -26.96 27.07
C ALA D 314 -1.73 -27.85 28.02
N HIS D 315 -2.44 -27.27 28.98
CA HIS D 315 -3.15 -28.04 29.99
C HIS D 315 -4.67 -27.86 29.95
N LEU D 316 -5.21 -27.09 29.03
CA LEU D 316 -6.58 -26.61 29.11
C LEU D 316 -7.42 -27.05 27.91
N ASP D 317 -8.70 -27.33 28.18
CA ASP D 317 -9.63 -27.63 27.10
C ASP D 317 -10.00 -26.37 26.32
N ALA D 318 -10.34 -25.29 27.02
CA ALA D 318 -10.80 -24.05 26.41
C ALA D 318 -10.00 -22.89 26.99
N THR D 319 -9.51 -22.01 26.13
CA THR D 319 -8.64 -20.91 26.53
C THR D 319 -9.23 -19.61 25.98
N VAL D 320 -9.76 -18.77 26.86
CA VAL D 320 -10.27 -17.46 26.49
C VAL D 320 -9.14 -16.45 26.68
N VAL D 321 -8.60 -15.96 25.58
CA VAL D 321 -7.46 -15.04 25.62
C VAL D 321 -7.99 -13.61 25.64
N LEU D 322 -7.87 -12.95 26.78
CA LEU D 322 -8.13 -11.53 26.85
C LEU D 322 -6.89 -10.75 26.39
N SER D 323 -7.12 -9.57 25.84
CA SER D 323 -6.03 -8.75 25.32
C SER D 323 -6.15 -7.32 25.83
N ARG D 324 -5.02 -6.75 26.24
CA ARG D 324 -5.02 -5.36 26.69
C ARG D 324 -5.34 -4.39 25.55
N GLN D 325 -5.06 -4.77 24.30
CA GLN D 325 -5.40 -3.90 23.18
C GLN D 325 -6.90 -3.66 23.11
N ILE D 326 -7.68 -4.74 23.17
CA ILE D 326 -9.13 -4.61 23.07
C ILE D 326 -9.72 -3.95 24.31
N ALA D 327 -9.11 -4.18 25.48
CA ALA D 327 -9.56 -3.49 26.68
C ALA D 327 -9.29 -1.99 26.61
N SER D 328 -8.12 -1.60 26.09
CA SER D 328 -7.79 -0.19 25.95
C SER D 328 -8.72 0.51 24.96
N LEU D 329 -9.13 -0.20 23.91
CA LEU D 329 -10.08 0.34 22.95
C LEU D 329 -11.50 0.43 23.52
N GLY D 330 -11.76 -0.20 24.66
CA GLY D 330 -13.04 -0.06 25.32
C GLY D 330 -14.05 -1.14 25.03
N ILE D 331 -13.65 -2.26 24.43
CA ILE D 331 -14.55 -3.37 24.12
C ILE D 331 -14.46 -4.39 25.24
N TYR D 332 -15.62 -4.75 25.80
CA TYR D 332 -15.70 -5.46 27.07
C TYR D 332 -16.74 -6.57 26.96
N PRO D 333 -16.37 -7.84 27.19
CA PRO D 333 -15.06 -8.33 27.58
C PRO D 333 -14.03 -8.21 26.47
N ALA D 334 -12.74 -8.17 26.85
CA ALA D 334 -11.65 -7.89 25.92
C ALA D 334 -11.14 -9.13 25.22
N VAL D 335 -12.02 -10.14 25.05
CA VAL D 335 -11.62 -11.40 24.43
C VAL D 335 -11.12 -11.13 23.01
N ASP D 336 -10.01 -11.78 22.66
CA ASP D 336 -9.49 -11.73 21.29
C ASP D 336 -10.16 -12.86 20.53
N PRO D 337 -11.05 -12.58 19.59
CA PRO D 337 -11.74 -13.67 18.89
C PRO D 337 -10.84 -14.50 17.99
N LEU D 338 -9.68 -13.97 17.60
CA LEU D 338 -8.77 -14.73 16.76
C LEU D 338 -7.94 -15.72 17.58
N ASP D 339 -7.62 -15.40 18.82
CA ASP D 339 -6.78 -16.25 19.65
C ASP D 339 -7.57 -17.25 20.48
N SER D 340 -8.79 -16.90 20.88
CA SER D 340 -9.57 -17.78 21.75
C SER D 340 -10.17 -18.94 20.97
N THR D 341 -10.04 -20.14 21.53
CA THR D 341 -10.52 -21.38 20.91
C THR D 341 -10.89 -22.36 22.02
N SER D 342 -11.51 -23.46 21.59
CA SER D 342 -11.81 -24.58 22.48
C SER D 342 -11.78 -25.86 21.66
N ARG D 343 -11.31 -26.94 22.29
CA ARG D 343 -11.29 -28.25 21.63
C ARG D 343 -12.65 -28.93 21.58
N GLN D 344 -13.69 -28.33 22.17
CA GLN D 344 -15.06 -28.79 21.97
C GLN D 344 -15.72 -28.16 20.76
N LEU D 345 -15.04 -27.24 20.07
CA LEU D 345 -15.59 -26.57 18.90
C LEU D 345 -15.39 -27.44 17.66
N ASP D 346 -16.05 -28.60 17.67
CA ASP D 346 -16.06 -29.54 16.56
C ASP D 346 -17.44 -29.62 15.94
N PRO D 347 -17.54 -29.70 14.61
CA PRO D 347 -18.86 -29.85 13.98
C PRO D 347 -19.62 -31.06 14.47
N LEU D 348 -18.91 -32.07 14.98
CA LEU D 348 -19.53 -33.23 15.61
C LEU D 348 -19.99 -32.93 17.02
N VAL D 349 -19.15 -32.26 17.81
CA VAL D 349 -19.50 -32.01 19.22
C VAL D 349 -20.58 -30.94 19.34
N VAL D 350 -20.41 -29.82 18.63
CA VAL D 350 -21.40 -28.77 18.59
C VAL D 350 -22.22 -28.94 17.31
N GLY D 351 -23.31 -28.20 17.21
CA GLY D 351 -24.02 -28.17 15.94
C GLY D 351 -23.10 -27.78 14.79
N GLN D 352 -23.29 -28.46 13.66
CA GLN D 352 -22.51 -28.16 12.46
C GLN D 352 -22.65 -26.67 12.10
N GLU D 353 -23.87 -26.14 12.24
CA GLU D 353 -24.12 -24.72 12.08
C GLU D 353 -23.20 -23.89 12.99
N HIS D 354 -23.11 -24.27 14.27
CA HIS D 354 -22.29 -23.55 15.23
C HIS D 354 -20.84 -23.48 14.79
N TYR D 355 -20.31 -24.61 14.32
CA TYR D 355 -18.93 -24.67 13.85
C TYR D 355 -18.71 -23.74 12.68
N ASP D 356 -19.60 -23.79 11.68
CA ASP D 356 -19.41 -22.93 10.51
C ASP D 356 -19.48 -21.45 10.90
N THR D 357 -20.39 -21.10 11.81
CA THR D 357 -20.51 -19.71 12.25
C THR D 357 -19.21 -19.23 12.89
N ALA D 358 -18.65 -20.04 13.79
CA ALA D 358 -17.40 -19.65 14.45
C ALA D 358 -16.27 -19.50 13.43
N ARG D 359 -16.17 -20.45 12.50
CA ARG D 359 -15.08 -20.39 11.51
C ARG D 359 -15.20 -19.12 10.66
N GLY D 360 -16.41 -18.78 10.24
CA GLY D 360 -16.61 -17.59 9.42
C GLY D 360 -16.26 -16.30 10.16
N VAL D 361 -16.67 -16.20 11.43
CA VAL D 361 -16.34 -15.01 12.22
C VAL D 361 -14.82 -14.85 12.30
N GLN D 362 -14.12 -15.95 12.61
CA GLN D 362 -12.66 -15.87 12.73
C GLN D 362 -12.01 -15.48 11.41
N SER D 363 -12.49 -16.05 10.30
CA SER D 363 -11.93 -15.71 8.99
C SER D 363 -12.08 -14.22 8.69
N ILE D 364 -13.27 -13.66 8.96
CA ILE D 364 -13.50 -12.26 8.66
C ILE D 364 -12.58 -11.37 9.49
N LEU D 365 -12.46 -11.66 10.79
CA LEU D 365 -11.65 -10.78 11.64
C LEU D 365 -10.16 -10.90 11.29
N GLN D 366 -9.71 -12.11 10.95
CA GLN D 366 -8.35 -12.27 10.46
C GLN D 366 -8.12 -11.43 9.20
N ARG D 367 -9.09 -11.40 8.28
CA ARG D 367 -8.94 -10.58 7.09
C ARG D 367 -8.92 -9.09 7.40
N TYR D 368 -9.60 -8.67 8.48
CA TYR D 368 -9.55 -7.25 8.84
C TYR D 368 -8.18 -6.85 9.37
N GLN D 369 -7.57 -7.71 10.18
CA GLN D 369 -6.31 -7.33 10.81
C GLN D 369 -5.22 -7.02 9.79
N GLU D 370 -5.15 -7.78 8.69
CA GLU D 370 -4.15 -7.50 7.68
C GLU D 370 -4.40 -6.17 6.99
N LEU D 371 -5.67 -5.78 6.83
CA LEU D 371 -6.00 -4.51 6.20
C LEU D 371 -5.84 -3.32 7.12
N LYS D 372 -5.68 -3.54 8.43
CA LYS D 372 -5.59 -2.41 9.36
C LYS D 372 -4.49 -1.43 8.95
N ASP D 373 -3.26 -1.90 8.76
CA ASP D 373 -2.17 -0.98 8.44
C ASP D 373 -2.27 -0.45 7.01
N ILE D 374 -2.75 -1.28 6.08
CA ILE D 374 -3.00 -0.83 4.71
C ILE D 374 -3.87 0.42 4.72
N ILE D 375 -5.04 0.32 5.37
CA ILE D 375 -5.96 1.45 5.42
C ILE D 375 -5.37 2.60 6.21
N ALA D 376 -4.66 2.30 7.30
CA ALA D 376 -4.13 3.35 8.15
C ALA D 376 -3.17 4.27 7.40
N ILE D 377 -2.30 3.69 6.56
CA ILE D 377 -1.33 4.52 5.85
C ILE D 377 -1.86 5.02 4.52
N LEU D 378 -2.49 4.14 3.72
CA LEU D 378 -2.83 4.49 2.35
C LEU D 378 -4.22 5.08 2.16
N GLY D 379 -5.13 4.86 3.09
CA GLY D 379 -6.40 5.54 2.96
C GLY D 379 -7.56 4.58 2.70
N MET D 380 -8.75 4.98 3.15
CA MET D 380 -9.94 4.13 3.07
C MET D 380 -10.38 3.91 1.62
N ASP D 381 -10.29 4.93 0.77
CA ASP D 381 -10.86 4.83 -0.57
C ASP D 381 -9.96 4.08 -1.54
N GLU D 382 -8.76 3.68 -1.13
CA GLU D 382 -7.94 2.81 -1.98
C GLU D 382 -8.56 1.43 -2.13
N LEU D 383 -9.48 1.08 -1.24
CA LEU D 383 -10.09 -0.24 -1.21
C LEU D 383 -11.03 -0.45 -2.39
N SER D 384 -11.26 -1.72 -2.72
CA SER D 384 -12.35 -2.06 -3.62
C SER D 384 -13.67 -2.04 -2.86
N GLU D 385 -14.78 -1.97 -3.59
CA GLU D 385 -16.08 -1.91 -2.95
C GLU D 385 -16.38 -3.19 -2.18
N GLU D 386 -15.92 -4.34 -2.70
CA GLU D 386 -16.03 -5.58 -1.94
C GLU D 386 -15.20 -5.51 -0.66
N ASP D 387 -14.01 -4.92 -0.73
CA ASP D 387 -13.20 -4.75 0.47
C ASP D 387 -13.89 -3.81 1.46
N LYS D 388 -14.55 -2.77 0.97
CA LYS D 388 -15.22 -1.83 1.86
C LYS D 388 -16.44 -2.47 2.52
N LEU D 389 -17.14 -3.33 1.78
CA LEU D 389 -18.20 -4.14 2.37
C LEU D 389 -17.64 -5.03 3.48
N VAL D 390 -16.50 -5.68 3.22
CA VAL D 390 -15.88 -6.54 4.22
C VAL D 390 -15.50 -5.74 5.46
N VAL D 391 -14.97 -4.53 5.26
CA VAL D 391 -14.59 -3.67 6.38
C VAL D 391 -15.81 -3.34 7.23
N ALA D 392 -16.91 -2.96 6.57
CA ALA D 392 -18.14 -2.67 7.30
C ALA D 392 -18.57 -3.86 8.14
N ARG D 393 -18.70 -5.03 7.51
CA ARG D 393 -19.17 -6.21 8.23
C ARG D 393 -18.20 -6.57 9.36
N ALA D 394 -16.90 -6.38 9.15
CA ALA D 394 -15.92 -6.68 10.19
C ALA D 394 -16.13 -5.79 11.42
N ARG D 395 -16.33 -4.49 11.21
CA ARG D 395 -16.53 -3.60 12.35
C ARG D 395 -17.83 -3.92 13.08
N LYS D 396 -18.91 -4.21 12.34
CA LYS D 396 -20.16 -4.60 12.99
C LYS D 396 -19.98 -5.87 13.81
N ILE D 397 -19.31 -6.88 13.25
CA ILE D 397 -19.08 -8.13 13.96
C ILE D 397 -18.27 -7.88 15.23
N GLN D 398 -17.22 -7.07 15.13
CA GLN D 398 -16.35 -6.82 16.27
C GLN D 398 -17.06 -6.01 17.35
N ARG D 399 -18.09 -5.23 16.98
CA ARG D 399 -18.97 -4.66 18.00
C ARG D 399 -19.86 -5.71 18.64
N PHE D 400 -20.42 -6.64 17.86
CA PHE D 400 -21.40 -7.56 18.43
C PHE D 400 -20.79 -8.51 19.46
N LEU D 401 -19.45 -8.57 19.56
CA LEU D 401 -18.81 -9.41 20.57
C LEU D 401 -18.91 -8.85 21.98
N SER D 402 -19.22 -7.58 22.12
CA SER D 402 -19.25 -6.93 23.43
C SER D 402 -20.55 -7.27 24.16
N GLN D 403 -20.54 -7.02 25.48
CA GLN D 403 -21.67 -7.41 26.33
C GLN D 403 -21.61 -6.73 27.68
N PRO D 404 -22.74 -6.27 28.22
CA PRO D 404 -22.77 -5.82 29.62
C PRO D 404 -23.00 -6.99 30.55
N PHE D 405 -22.29 -6.97 31.68
CA PHE D 405 -22.43 -8.00 32.70
C PHE D 405 -23.17 -7.47 33.92
N PHE D 406 -23.84 -8.38 34.63
CA PHE D 406 -24.48 -8.00 35.90
C PHE D 406 -23.44 -7.56 36.92
N VAL D 407 -22.26 -8.21 36.92
CA VAL D 407 -21.20 -7.86 37.86
C VAL D 407 -20.30 -6.75 37.35
N ALA D 408 -20.48 -6.30 36.11
CA ALA D 408 -19.81 -5.13 35.57
C ALA D 408 -20.77 -3.96 35.45
N GLU D 409 -21.80 -3.97 36.29
CA GLU D 409 -22.81 -2.93 36.31
C GLU D 409 -22.37 -1.72 37.12
N VAL D 410 -21.55 -1.94 38.14
CA VAL D 410 -21.08 -0.85 38.99
C VAL D 410 -20.12 0.06 38.22
N PHE D 411 -19.36 -0.49 37.28
CA PHE D 411 -18.35 0.29 36.57
C PHE D 411 -18.92 1.17 35.46
N THR D 412 -20.08 0.81 34.91
CA THR D 412 -20.56 1.43 33.68
C THR D 412 -21.91 2.11 33.80
N GLY D 413 -22.79 1.64 34.69
CA GLY D 413 -24.10 2.26 34.85
C GLY D 413 -25.10 1.78 33.83
N SER D 414 -25.23 0.46 33.71
CA SER D 414 -26.14 -0.16 32.76
C SER D 414 -26.51 -1.54 33.29
N PRO D 415 -27.67 -2.06 32.90
CA PRO D 415 -28.06 -3.41 33.35
C PRO D 415 -27.23 -4.48 32.66
N GLY D 416 -27.32 -5.69 33.21
CA GLY D 416 -26.60 -6.83 32.70
C GLY D 416 -27.45 -7.69 31.78
N LYS D 417 -26.79 -8.36 30.84
CA LYS D 417 -27.46 -9.11 29.79
C LYS D 417 -26.96 -10.55 29.77
N TYR D 418 -27.89 -11.48 29.57
CA TYR D 418 -27.60 -12.91 29.41
C TYR D 418 -28.18 -13.35 28.08
N VAL D 419 -27.34 -13.93 27.23
CA VAL D 419 -27.72 -14.35 25.89
C VAL D 419 -27.62 -15.87 25.81
N SER D 420 -28.68 -16.50 25.31
CA SER D 420 -28.64 -17.94 25.06
C SER D 420 -27.79 -18.24 23.84
N LEU D 421 -27.22 -19.45 23.81
CA LEU D 421 -26.30 -19.84 22.75
C LEU D 421 -26.98 -19.80 21.38
N LYS D 422 -28.23 -20.29 21.30
CA LYS D 422 -28.95 -20.30 20.04
C LYS D 422 -29.08 -18.88 19.49
N ASP D 423 -29.40 -17.93 20.36
CA ASP D 423 -29.53 -16.53 19.94
C ASP D 423 -28.20 -15.97 19.45
N THR D 424 -27.10 -16.34 20.11
CA THR D 424 -25.78 -15.88 19.67
C THR D 424 -25.47 -16.38 18.26
N ILE D 425 -25.70 -17.68 18.03
CA ILE D 425 -25.45 -18.25 16.70
C ILE D 425 -26.31 -17.55 15.67
N ARG D 426 -27.59 -17.35 16.00
CA ARG D 426 -28.52 -16.71 15.07
C ARG D 426 -28.09 -15.29 14.74
N GLY D 427 -27.65 -14.53 15.74
CA GLY D 427 -27.22 -13.16 15.49
C GLY D 427 -25.99 -13.07 14.61
N PHE D 428 -24.97 -13.89 14.91
CA PHE D 428 -23.77 -13.83 14.10
C PHE D 428 -24.00 -14.37 12.68
N LYS D 429 -24.84 -15.40 12.55
CA LYS D 429 -25.22 -15.86 11.22
C LYS D 429 -25.92 -14.76 10.43
N GLY D 430 -26.83 -14.03 11.08
CA GLY D 430 -27.51 -12.94 10.41
C GLY D 430 -26.56 -11.83 9.99
N ILE D 431 -25.61 -11.49 10.86
CA ILE D 431 -24.66 -10.42 10.52
C ILE D 431 -23.79 -10.83 9.34
N MET D 432 -23.27 -12.06 9.37
CA MET D 432 -22.39 -12.49 8.28
C MET D 432 -23.16 -12.61 6.96
N GLU D 433 -24.41 -13.06 7.01
CA GLU D 433 -25.22 -13.17 5.81
C GLU D 433 -25.77 -11.83 5.33
N GLY D 434 -25.49 -10.74 6.05
CA GLY D 434 -25.87 -9.42 5.60
C GLY D 434 -27.28 -9.00 5.91
N GLU D 435 -28.02 -9.76 6.71
CA GLU D 435 -29.38 -9.39 7.05
C GLU D 435 -29.46 -8.09 7.84
N TYR D 436 -28.34 -7.65 8.41
CA TYR D 436 -28.28 -6.41 9.17
C TYR D 436 -27.15 -5.51 8.67
N ASP D 437 -26.87 -5.58 7.37
CA ASP D 437 -25.84 -4.75 6.77
C ASP D 437 -26.12 -3.26 6.98
N HIS D 438 -27.40 -2.90 6.93
CA HIS D 438 -27.85 -1.52 6.93
C HIS D 438 -27.90 -0.86 8.31
N LEU D 439 -27.67 -1.62 9.38
CA LEU D 439 -27.66 -0.99 10.70
C LEU D 439 -26.29 -0.39 11.01
N PRO D 440 -26.25 0.67 11.80
CA PRO D 440 -24.96 1.28 12.17
C PRO D 440 -24.20 0.41 13.15
N GLU D 441 -22.93 0.80 13.36
CA GLU D 441 -22.02 -0.01 14.18
C GLU D 441 -22.47 -0.07 15.63
N GLN D 442 -22.92 1.05 16.19
CA GLN D 442 -23.34 1.07 17.59
C GLN D 442 -24.66 0.34 17.83
N ALA D 443 -25.39 -0.02 16.78
CA ALA D 443 -26.62 -0.80 16.96
C ALA D 443 -26.33 -2.21 17.47
N PHE D 444 -25.09 -2.68 17.31
CA PHE D 444 -24.67 -3.98 17.83
C PHE D 444 -23.87 -3.87 19.12
N TYR D 445 -23.38 -2.68 19.44
CA TYR D 445 -22.51 -2.47 20.58
C TYR D 445 -23.29 -2.56 21.89
N MET D 446 -22.79 -3.40 22.82
CA MET D 446 -23.31 -3.47 24.18
C MET D 446 -24.80 -3.81 24.23
N VAL D 447 -25.20 -4.82 23.44
CA VAL D 447 -26.58 -5.29 23.43
C VAL D 447 -26.59 -6.80 23.63
N GLY D 448 -27.79 -7.35 23.79
CA GLY D 448 -27.96 -8.77 23.94
C GLY D 448 -28.21 -9.47 22.62
N SER D 449 -29.38 -10.09 22.47
CA SER D 449 -29.69 -10.81 21.24
C SER D 449 -29.89 -9.83 20.09
N ILE D 450 -29.97 -10.39 18.87
CA ILE D 450 -30.07 -9.56 17.68
C ILE D 450 -31.41 -8.85 17.60
N GLU D 451 -32.45 -9.41 18.23
CA GLU D 451 -33.72 -8.68 18.34
C GLU D 451 -33.53 -7.41 19.15
N GLU D 452 -32.74 -7.48 20.22
CA GLU D 452 -32.41 -6.27 20.95
C GLU D 452 -31.57 -5.32 20.09
N ALA D 453 -30.77 -5.88 19.17
CA ALA D 453 -30.02 -5.04 18.24
C ALA D 453 -30.97 -4.24 17.35
N VAL D 454 -32.00 -4.89 16.80
CA VAL D 454 -32.90 -4.14 15.93
C VAL D 454 -33.75 -3.16 16.76
N GLU D 455 -34.07 -3.50 18.00
CA GLU D 455 -34.81 -2.55 18.85
C GLU D 455 -33.98 -1.29 19.09
N LYS D 456 -32.71 -1.46 19.46
CA LYS D 456 -31.83 -0.31 19.66
C LYS D 456 -31.60 0.43 18.35
N ALA D 457 -31.57 -0.28 17.22
CA ALA D 457 -31.46 0.38 15.92
C ALA D 457 -32.67 1.26 15.66
N LYS D 458 -33.86 0.78 16.01
CA LYS D 458 -35.05 1.63 15.90
C LYS D 458 -34.91 2.86 16.78
N LYS D 459 -34.41 2.68 18.01
CA LYS D 459 -34.20 3.85 18.88
C LYS D 459 -33.15 4.78 18.30
N LEU D 460 -32.13 4.23 17.64
CA LEU D 460 -31.13 5.04 16.93
C LEU D 460 -31.72 5.66 15.66
N MET E 1 52.05 -51.12 30.38
CA MET E 1 51.74 -50.69 31.73
C MET E 1 50.93 -49.39 31.72
N ALA E 2 49.78 -49.42 32.39
CA ALA E 2 48.89 -48.27 32.49
C ALA E 2 49.06 -47.63 33.86
N THR E 3 49.22 -46.31 33.90
CA THR E 3 49.69 -45.62 35.09
C THR E 3 48.64 -44.70 35.71
N GLY E 4 47.40 -44.72 35.23
CA GLY E 4 46.40 -43.78 35.69
C GLY E 4 45.10 -44.46 36.08
N LYS E 5 44.31 -43.73 36.87
CA LYS E 5 43.01 -44.17 37.35
C LYS E 5 41.97 -43.11 37.04
N ILE E 6 40.76 -43.55 36.69
CA ILE E 6 39.63 -42.64 36.55
C ILE E 6 39.14 -42.25 37.94
N VAL E 7 38.78 -40.98 38.12
CA VAL E 7 38.31 -40.50 39.42
C VAL E 7 36.90 -39.92 39.31
N GLN E 8 36.55 -39.39 38.14
CA GLN E 8 35.19 -38.90 37.91
C GLN E 8 34.77 -39.18 36.48
N VAL E 9 33.45 -39.30 36.30
CA VAL E 9 32.81 -39.31 34.98
C VAL E 9 31.54 -38.48 35.10
N ILE E 10 31.49 -37.33 34.43
CA ILE E 10 30.31 -36.48 34.38
C ILE E 10 30.01 -36.24 32.90
N GLY E 11 28.99 -36.90 32.39
CA GLY E 11 28.67 -36.77 30.97
C GLY E 11 29.83 -37.23 30.10
N ALA E 12 30.23 -36.37 29.18
CA ALA E 12 31.34 -36.66 28.28
C ALA E 12 32.69 -36.25 28.86
N VAL E 13 32.72 -35.74 30.08
CA VAL E 13 33.95 -35.26 30.72
C VAL E 13 34.45 -36.32 31.68
N VAL E 14 35.71 -36.71 31.53
CA VAL E 14 36.35 -37.72 32.38
C VAL E 14 37.58 -37.10 33.02
N ASP E 15 37.69 -37.26 34.33
CA ASP E 15 38.87 -36.83 35.09
C ASP E 15 39.64 -38.07 35.53
N VAL E 16 40.94 -38.06 35.30
CA VAL E 16 41.80 -39.18 35.66
C VAL E 16 43.00 -38.68 36.44
N GLU E 17 43.55 -39.55 37.29
CA GLU E 17 44.59 -39.20 38.24
C GLU E 17 45.85 -39.99 37.94
N PHE E 18 46.98 -39.31 37.87
CA PHE E 18 48.29 -39.93 37.62
C PHE E 18 49.25 -39.64 38.77
N PRO E 19 50.37 -40.37 38.85
CA PRO E 19 51.45 -39.95 39.75
C PRO E 19 51.99 -38.59 39.32
N GLN E 20 52.55 -37.87 40.29
CA GLN E 20 52.98 -36.49 40.04
C GLN E 20 54.13 -36.39 39.06
N ASP E 21 54.87 -37.49 38.82
CA ASP E 21 55.91 -37.47 37.80
C ASP E 21 55.37 -37.69 36.39
N ALA E 22 54.21 -38.33 36.26
CA ALA E 22 53.72 -38.80 34.97
C ALA E 22 52.54 -38.00 34.43
N VAL E 23 52.31 -36.79 34.94
CA VAL E 23 51.13 -36.03 34.52
C VAL E 23 51.21 -35.71 33.03
N PRO E 24 50.17 -35.99 32.25
CA PRO E 24 50.24 -35.77 30.81
C PRO E 24 50.34 -34.29 30.46
N ARG E 25 50.91 -34.03 29.29
CA ARG E 25 50.88 -32.70 28.71
C ARG E 25 49.49 -32.39 28.16
N VAL E 26 49.28 -31.13 27.78
CA VAL E 26 47.94 -30.56 27.71
C VAL E 26 47.06 -31.31 26.70
N TYR E 27 47.59 -31.56 25.50
CA TYR E 27 46.82 -32.19 24.44
C TYR E 27 47.23 -33.64 24.18
N ASP E 28 47.73 -34.33 25.21
CA ASP E 28 48.06 -35.74 25.05
C ASP E 28 46.78 -36.58 24.92
N ALA E 29 46.95 -37.80 24.44
CA ALA E 29 45.86 -38.74 24.25
C ALA E 29 46.02 -39.91 25.21
N LEU E 30 44.90 -40.34 25.79
CA LEU E 30 44.86 -41.46 26.72
C LEU E 30 43.87 -42.49 26.20
N GLU E 31 44.08 -43.75 26.58
CA GLU E 31 43.19 -44.82 26.13
C GLU E 31 42.75 -45.68 27.30
N VAL E 32 41.47 -46.04 27.29
CA VAL E 32 40.84 -46.83 28.34
C VAL E 32 40.15 -48.03 27.68
N GLN E 33 40.06 -49.13 28.43
CA GLN E 33 39.37 -50.32 27.97
C GLN E 33 37.95 -50.28 28.54
N ASN E 34 37.06 -49.57 27.85
CA ASN E 34 35.66 -49.45 28.26
C ASN E 34 34.89 -50.62 27.67
N GLY E 35 34.33 -51.45 28.54
CA GLY E 35 33.71 -52.68 28.07
C GLY E 35 34.76 -53.54 27.40
N ASN E 36 34.51 -53.90 26.14
CA ASN E 36 35.53 -54.54 25.31
C ASN E 36 36.22 -53.56 24.38
N GLU E 37 35.65 -52.37 24.17
CA GLU E 37 36.19 -51.39 23.26
C GLU E 37 37.33 -50.61 23.90
N ARG E 38 38.09 -49.92 23.06
CA ARG E 38 39.10 -48.98 23.51
C ARG E 38 38.58 -47.57 23.30
N LEU E 39 38.67 -46.75 24.34
CA LEU E 39 38.16 -45.39 24.32
C LEU E 39 39.31 -44.41 24.41
N VAL E 40 39.36 -43.45 23.49
CA VAL E 40 40.41 -42.45 23.45
C VAL E 40 39.93 -41.20 24.15
N LEU E 41 40.74 -40.70 25.09
CA LEU E 41 40.48 -39.44 25.78
C LEU E 41 41.52 -38.42 25.38
N GLU E 42 41.09 -37.20 25.10
CA GLU E 42 41.99 -36.09 24.84
C GLU E 42 42.01 -35.19 26.07
N VAL E 43 43.21 -34.98 26.62
CA VAL E 43 43.35 -34.12 27.79
C VAL E 43 43.03 -32.69 27.41
N GLN E 44 42.37 -31.96 28.31
CA GLN E 44 42.02 -30.57 28.10
C GLN E 44 42.66 -29.63 29.11
N GLN E 45 42.70 -30.02 30.38
CA GLN E 45 43.20 -29.16 31.44
C GLN E 45 43.97 -30.00 32.46
N GLN E 46 45.06 -29.44 32.97
CA GLN E 46 45.79 -30.05 34.08
C GLN E 46 45.37 -29.36 35.37
N LEU E 47 44.43 -29.98 36.09
CA LEU E 47 44.13 -29.53 37.44
C LEU E 47 45.25 -29.96 38.39
N GLY E 48 45.20 -29.44 39.61
CA GLY E 48 46.25 -29.72 40.57
C GLY E 48 46.19 -31.15 41.11
N GLY E 49 47.34 -31.59 41.63
CA GLY E 49 47.42 -32.88 42.29
C GLY E 49 47.53 -34.09 41.39
N GLY E 50 47.92 -33.91 40.13
CA GLY E 50 48.02 -35.00 39.20
C GLY E 50 46.74 -35.35 38.48
N ILE E 51 45.65 -34.65 38.75
CA ILE E 51 44.39 -34.85 38.03
C ILE E 51 44.44 -34.08 36.73
N VAL E 52 43.98 -34.72 35.65
CA VAL E 52 43.81 -34.05 34.37
C VAL E 52 42.38 -34.28 33.89
N ARG E 53 41.78 -33.24 33.32
CA ARG E 53 40.41 -33.28 32.84
C ARG E 53 40.41 -33.47 31.33
N THR E 54 39.61 -34.43 30.86
CA THR E 54 39.66 -34.88 29.48
C THR E 54 38.27 -34.97 28.90
N ILE E 55 38.21 -34.97 27.57
CA ILE E 55 36.98 -35.18 26.81
C ILE E 55 37.08 -36.54 26.13
N ALA E 56 36.02 -37.33 26.24
CA ALA E 56 36.00 -38.67 25.66
C ALA E 56 35.76 -38.59 24.16
N MET E 57 36.66 -39.17 23.38
CA MET E 57 36.50 -39.21 21.93
C MET E 57 35.63 -40.40 21.53
N GLY E 58 34.46 -40.49 22.14
CA GLY E 58 33.59 -41.62 21.91
C GLY E 58 32.53 -41.69 22.99
N SER E 59 31.78 -42.80 22.97
CA SER E 59 30.70 -42.98 23.94
C SER E 59 31.26 -43.12 25.35
N SER E 60 30.65 -42.39 26.29
CA SER E 60 31.08 -42.42 27.69
C SER E 60 30.30 -43.44 28.52
N ASP E 61 29.29 -44.08 27.95
CA ASP E 61 28.49 -45.03 28.71
C ASP E 61 29.30 -46.27 29.07
N GLY E 62 29.10 -46.76 30.29
CA GLY E 62 29.75 -47.97 30.75
C GLY E 62 31.06 -47.78 31.47
N LEU E 63 31.50 -46.55 31.68
CA LEU E 63 32.79 -46.30 32.33
C LEU E 63 32.63 -46.32 33.84
N ARG E 64 33.46 -47.11 34.51
CA ARG E 64 33.48 -47.15 35.96
C ARG E 64 34.45 -46.11 36.50
N ARG E 65 34.58 -46.07 37.83
CA ARG E 65 35.39 -45.05 38.52
C ARG E 65 36.74 -45.58 38.99
N GLY E 66 37.15 -46.76 38.54
CA GLY E 66 38.41 -47.31 38.98
C GLY E 66 39.20 -47.93 37.85
N LEU E 67 38.79 -47.64 36.62
CA LEU E 67 39.43 -48.24 35.46
C LEU E 67 40.83 -47.66 35.25
N ASP E 68 41.73 -48.52 34.76
CA ASP E 68 43.10 -48.10 34.50
C ASP E 68 43.19 -47.42 33.14
N VAL E 69 43.96 -46.34 33.07
CA VAL E 69 44.08 -45.52 31.87
C VAL E 69 45.55 -45.52 31.43
N LYS E 70 45.77 -45.83 30.16
CA LYS E 70 47.12 -45.85 29.59
C LYS E 70 47.45 -44.48 29.00
N ASP E 71 48.66 -44.00 29.28
CA ASP E 71 49.08 -42.66 28.89
C ASP E 71 49.99 -42.75 27.66
N LEU E 72 49.45 -42.39 26.51
CA LEU E 72 50.24 -42.25 25.30
C LEU E 72 50.97 -40.91 25.32
N GLU E 73 52.22 -40.91 24.84
CA GLU E 73 53.03 -39.70 24.91
C GLU E 73 52.75 -38.73 23.78
N HIS E 74 52.10 -39.18 22.71
CA HIS E 74 51.81 -38.33 21.57
C HIS E 74 50.35 -37.88 21.59
N PRO E 75 50.01 -36.81 20.88
CA PRO E 75 48.60 -36.46 20.68
C PRO E 75 47.92 -37.44 19.74
N ILE E 76 46.67 -37.15 19.37
CA ILE E 76 45.98 -38.00 18.40
C ILE E 76 46.76 -38.00 17.10
N GLU E 77 47.16 -39.20 16.65
CA GLU E 77 47.96 -39.37 15.45
C GLU E 77 47.14 -40.10 14.41
N VAL E 78 47.16 -39.60 13.18
CA VAL E 78 46.33 -40.14 12.11
C VAL E 78 47.21 -40.52 10.92
N PRO E 79 46.81 -41.51 10.12
CA PRO E 79 47.58 -41.84 8.93
C PRO E 79 47.51 -40.74 7.89
N VAL E 80 48.64 -40.49 7.23
CA VAL E 80 48.74 -39.46 6.20
C VAL E 80 49.46 -40.06 4.99
N GLY E 81 49.29 -39.41 3.85
CA GLY E 81 49.93 -39.81 2.62
C GLY E 81 48.93 -40.31 1.58
N LYS E 82 49.48 -40.89 0.51
CA LYS E 82 48.68 -41.32 -0.63
C LYS E 82 47.75 -42.46 -0.28
N ALA E 83 48.05 -43.24 0.76
CA ALA E 83 47.20 -44.38 1.10
C ALA E 83 45.81 -43.96 1.54
N THR E 84 45.64 -42.72 2.00
CA THR E 84 44.35 -42.25 2.47
C THR E 84 43.38 -41.91 1.35
N LEU E 85 43.85 -41.82 0.11
CA LEU E 85 42.98 -41.43 -1.00
C LEU E 85 41.93 -42.50 -1.26
N GLY E 86 40.68 -42.06 -1.42
CA GLY E 86 39.58 -42.97 -1.67
C GLY E 86 38.98 -43.61 -0.44
N ARG E 87 39.42 -43.24 0.75
CA ARG E 87 38.99 -43.86 1.99
C ARG E 87 38.21 -42.85 2.84
N ILE E 88 37.29 -43.37 3.65
CA ILE E 88 36.55 -42.57 4.62
C ILE E 88 37.06 -42.92 6.01
N MET E 89 37.32 -41.91 6.82
CA MET E 89 37.91 -42.10 8.14
C MET E 89 37.17 -41.28 9.18
N ASN E 90 37.29 -41.70 10.43
CA ASN E 90 36.75 -40.96 11.56
C ASN E 90 37.83 -40.00 12.09
N VAL E 91 37.57 -39.40 13.25
CA VAL E 91 38.47 -38.40 13.80
C VAL E 91 39.84 -39.02 14.12
N LEU E 92 39.83 -40.27 14.59
CA LEU E 92 41.05 -40.92 15.05
C LEU E 92 41.86 -41.55 13.93
N GLY E 93 41.46 -41.37 12.68
CA GLY E 93 42.19 -41.96 11.58
C GLY E 93 41.92 -43.43 11.36
N GLU E 94 40.72 -43.91 11.71
CA GLU E 94 40.36 -45.29 11.53
C GLU E 94 39.23 -45.41 10.52
N PRO E 95 39.21 -46.49 9.73
CA PRO E 95 38.24 -46.59 8.63
C PRO E 95 36.82 -46.77 9.12
N VAL E 96 35.95 -45.80 8.78
CA VAL E 96 34.51 -46.03 8.88
C VAL E 96 33.98 -46.70 7.63
N ASP E 97 34.78 -46.78 6.57
CA ASP E 97 34.51 -47.68 5.45
C ASP E 97 34.79 -49.12 5.89
N MET E 98 34.42 -50.06 5.02
CA MET E 98 34.65 -51.47 5.29
C MET E 98 35.70 -52.09 4.37
N LYS E 99 36.49 -51.28 3.66
CA LYS E 99 37.44 -51.82 2.72
C LYS E 99 38.68 -52.41 3.39
N GLY E 100 39.07 -51.91 4.55
CA GLY E 100 40.10 -52.58 5.32
C GLY E 100 41.09 -51.59 5.89
N GLU E 101 42.24 -52.12 6.30
CA GLU E 101 43.28 -51.32 6.93
C GLU E 101 43.89 -50.34 5.93
N ILE E 102 44.18 -49.13 6.42
CA ILE E 102 44.92 -48.15 5.63
C ILE E 102 46.41 -48.49 5.74
N GLY E 103 47.04 -48.74 4.61
CA GLY E 103 48.43 -49.14 4.61
C GLY E 103 49.40 -47.96 4.65
N GLU E 104 49.28 -47.12 5.67
CA GLU E 104 50.08 -45.91 5.71
C GLU E 104 51.53 -46.21 6.10
N GLU E 105 52.43 -45.35 5.64
CA GLU E 105 53.82 -45.38 6.05
C GLU E 105 54.13 -44.40 7.16
N GLU E 106 53.30 -43.38 7.35
CA GLU E 106 53.56 -42.30 8.29
C GLU E 106 52.28 -41.93 9.01
N ARG E 107 52.41 -41.60 10.30
CA ARG E 107 51.30 -41.10 11.09
C ARG E 107 51.69 -39.78 11.73
N TRP E 108 50.88 -38.76 11.52
CA TRP E 108 51.15 -37.41 12.01
C TRP E 108 50.14 -37.01 13.09
N ALA E 109 50.61 -36.19 14.02
CA ALA E 109 49.73 -35.62 15.03
C ALA E 109 48.91 -34.48 14.42
N ILE E 110 47.65 -34.36 14.86
CA ILE E 110 46.74 -33.36 14.31
C ILE E 110 46.97 -31.97 14.87
N HIS E 111 47.72 -31.84 15.96
CA HIS E 111 48.01 -30.55 16.58
C HIS E 111 49.44 -30.13 16.24
N ARG E 112 49.55 -28.92 15.70
CA ARG E 112 50.89 -28.39 15.36
C ARG E 112 50.77 -26.88 15.18
N ALA E 113 51.89 -26.17 15.24
CA ALA E 113 51.92 -24.73 15.05
C ALA E 113 51.79 -24.39 13.56
N ALA E 114 51.28 -23.19 13.29
CA ALA E 114 51.10 -22.72 11.93
C ALA E 114 52.45 -22.42 11.28
N PRO E 115 52.51 -22.40 9.94
CA PRO E 115 53.78 -22.10 9.27
C PRO E 115 54.31 -20.73 9.67
N SER E 116 55.64 -20.65 9.80
CA SER E 116 56.28 -19.45 10.29
C SER E 116 56.37 -18.38 9.21
N TYR E 117 56.69 -17.16 9.64
CA TYR E 117 56.76 -16.01 8.74
C TYR E 117 57.78 -16.23 7.63
N GLU E 118 58.86 -16.95 7.90
CA GLU E 118 59.87 -17.22 6.89
C GLU E 118 59.50 -18.35 5.95
N GLU E 119 58.38 -19.04 6.21
CA GLU E 119 57.94 -20.14 5.35
C GLU E 119 56.93 -19.71 4.30
N LEU E 120 56.32 -18.53 4.43
CA LEU E 120 55.29 -18.10 3.50
C LEU E 120 55.87 -17.85 2.12
N SER E 121 55.01 -17.98 1.11
CA SER E 121 55.45 -17.82 -0.28
C SER E 121 55.93 -16.41 -0.54
N ASN E 122 56.95 -16.29 -1.39
CA ASN E 122 57.57 -15.01 -1.69
C ASN E 122 56.68 -14.09 -2.52
N SER E 123 55.58 -14.60 -3.08
CA SER E 123 54.74 -13.80 -3.95
C SER E 123 53.29 -14.26 -3.81
N GLN E 124 52.41 -13.60 -4.55
CA GLN E 124 50.97 -13.83 -4.51
C GLN E 124 50.51 -14.26 -5.90
N GLU E 125 49.79 -15.39 -5.96
CA GLU E 125 49.45 -16.01 -7.25
C GLU E 125 47.97 -16.35 -7.31
N LEU E 126 47.44 -16.35 -8.54
CA LEU E 126 46.07 -16.76 -8.79
C LEU E 126 46.00 -18.25 -9.12
N LEU E 127 44.86 -18.85 -8.81
CA LEU E 127 44.62 -20.27 -9.04
C LEU E 127 43.46 -20.42 -10.03
N GLU E 128 43.74 -20.98 -11.19
CA GLU E 128 42.68 -21.25 -12.16
C GLU E 128 41.78 -22.37 -11.66
N THR E 129 40.47 -22.17 -11.84
CA THR E 129 39.50 -23.24 -11.63
C THR E 129 39.00 -23.84 -12.93
N GLY E 130 39.18 -23.14 -14.04
CA GLY E 130 38.62 -23.54 -15.31
C GLY E 130 37.16 -23.18 -15.48
N ILE E 131 36.55 -22.56 -14.48
CA ILE E 131 35.16 -22.15 -14.53
C ILE E 131 35.13 -20.66 -14.82
N LYS E 132 34.39 -20.28 -15.86
CA LYS E 132 34.45 -18.89 -16.36
C LYS E 132 33.99 -17.90 -15.30
N VAL E 133 32.88 -18.19 -14.63
CA VAL E 133 32.31 -17.25 -13.66
C VAL E 133 33.30 -17.00 -12.52
N ILE E 134 33.85 -18.07 -11.96
CA ILE E 134 34.75 -17.92 -10.82
C ILE E 134 36.06 -17.26 -11.24
N ASP E 135 36.65 -17.74 -12.35
CA ASP E 135 37.94 -17.21 -12.76
C ASP E 135 37.86 -15.75 -13.20
N LEU E 136 36.67 -15.29 -13.60
CA LEU E 136 36.52 -13.89 -13.98
C LEU E 136 36.10 -13.03 -12.79
N MET E 137 34.98 -13.36 -12.15
CA MET E 137 34.38 -12.48 -11.16
C MET E 137 35.00 -12.61 -9.78
N ALA E 138 35.45 -13.80 -9.39
CA ALA E 138 35.97 -14.03 -8.04
C ALA E 138 37.13 -15.02 -8.08
N PRO E 139 38.25 -14.64 -8.66
CA PRO E 139 39.40 -15.55 -8.75
C PRO E 139 39.94 -15.92 -7.38
N PHE E 140 40.34 -17.18 -7.24
CA PHE E 140 40.93 -17.66 -6.00
C PHE E 140 42.41 -17.31 -5.93
N ALA E 141 42.87 -16.90 -4.76
CA ALA E 141 44.30 -16.79 -4.50
C ALA E 141 44.85 -18.16 -4.13
N LYS E 142 46.03 -18.49 -4.65
CA LYS E 142 46.65 -19.76 -4.32
C LYS E 142 46.99 -19.81 -2.84
N GLY E 143 46.23 -20.58 -2.07
CA GLY E 143 46.34 -20.58 -0.63
C GLY E 143 45.33 -19.72 0.09
N GLY E 144 44.31 -19.22 -0.60
CA GLY E 144 43.32 -18.36 0.01
C GLY E 144 42.05 -19.12 0.39
N LYS E 145 41.28 -18.49 1.27
CA LYS E 145 40.01 -19.05 1.73
C LYS E 145 38.87 -18.55 0.87
N VAL E 146 37.92 -19.44 0.58
CA VAL E 146 36.75 -19.12 -0.24
C VAL E 146 35.51 -19.59 0.50
N GLY E 147 34.52 -18.70 0.61
CA GLY E 147 33.28 -19.04 1.29
C GLY E 147 32.13 -19.29 0.35
N LEU E 148 31.55 -20.49 0.40
CA LEU E 148 30.36 -20.82 -0.37
C LEU E 148 29.13 -20.47 0.45
N PHE E 149 28.39 -19.46 0.00
CA PHE E 149 27.23 -18.96 0.73
C PHE E 149 25.91 -19.43 0.12
N GLY E 150 25.95 -20.46 -0.72
CA GLY E 150 24.74 -20.99 -1.31
C GLY E 150 23.97 -21.88 -0.36
N GLY E 151 22.74 -22.19 -0.76
CA GLY E 151 21.87 -23.03 0.05
C GLY E 151 21.75 -24.45 -0.47
N ALA E 152 20.52 -24.90 -0.70
CA ALA E 152 20.25 -26.24 -1.19
C ALA E 152 19.34 -26.15 -2.40
N GLY E 153 19.38 -27.19 -3.23
CA GLY E 153 18.72 -27.20 -4.52
C GLY E 153 19.65 -26.70 -5.61
N VAL E 154 20.44 -25.67 -5.30
CA VAL E 154 21.54 -25.26 -6.17
C VAL E 154 22.66 -26.30 -6.09
N GLY E 155 23.50 -26.31 -7.11
CA GLY E 155 24.52 -27.34 -7.26
C GLY E 155 25.81 -27.15 -6.49
N LYS E 156 25.73 -27.20 -5.16
CA LYS E 156 26.94 -27.11 -4.35
C LYS E 156 27.84 -28.32 -4.56
N THR E 157 27.25 -29.52 -4.49
CA THR E 157 28.02 -30.75 -4.64
C THR E 157 28.64 -30.85 -6.02
N VAL E 158 27.91 -30.42 -7.05
CA VAL E 158 28.41 -30.45 -8.41
C VAL E 158 29.66 -29.58 -8.54
N ASN E 159 29.60 -28.36 -7.98
CA ASN E 159 30.76 -27.47 -8.03
C ASN E 159 31.94 -28.09 -7.30
N MET E 160 31.70 -28.69 -6.13
CA MET E 160 32.80 -29.31 -5.38
C MET E 160 33.45 -30.42 -6.18
N MET E 161 32.65 -31.28 -6.81
CA MET E 161 33.20 -32.39 -7.60
C MET E 161 33.99 -31.86 -8.80
N GLU E 162 33.46 -30.83 -9.47
CA GLU E 162 34.15 -30.25 -10.61
C GLU E 162 35.52 -29.72 -10.19
N LEU E 163 35.58 -29.03 -9.06
CA LEU E 163 36.86 -28.51 -8.58
C LEU E 163 37.82 -29.64 -8.21
N ILE E 164 37.31 -30.71 -7.60
CA ILE E 164 38.18 -31.84 -7.27
C ILE E 164 38.82 -32.40 -8.54
N ARG E 165 37.99 -32.64 -9.57
CA ARG E 165 38.53 -33.17 -10.82
C ARG E 165 39.56 -32.23 -11.43
N ASN E 166 39.23 -30.94 -11.51
CA ASN E 166 40.12 -30.00 -12.18
C ASN E 166 41.44 -29.84 -11.44
N ILE E 167 41.41 -29.83 -10.10
CA ILE E 167 42.66 -29.72 -9.36
C ILE E 167 43.49 -30.98 -9.53
N ALA E 168 42.84 -32.13 -9.72
CA ALA E 168 43.63 -33.35 -9.91
C ALA E 168 44.24 -33.44 -11.31
N ILE E 169 43.49 -33.07 -12.34
CA ILE E 169 43.91 -33.30 -13.73
C ILE E 169 44.67 -32.12 -14.30
N GLU E 170 44.03 -30.94 -14.35
CA GLU E 170 44.65 -29.80 -15.00
C GLU E 170 45.91 -29.36 -14.28
N HIS E 171 45.87 -29.33 -12.96
CA HIS E 171 47.04 -29.24 -12.11
C HIS E 171 47.41 -30.66 -11.69
N SER E 172 48.32 -30.79 -10.74
CA SER E 172 48.64 -32.10 -10.16
C SER E 172 48.54 -31.96 -8.64
N GLY E 173 47.31 -32.09 -8.12
CA GLY E 173 47.07 -31.96 -6.70
C GLY E 173 45.94 -32.88 -6.26
N TYR E 174 45.83 -33.04 -4.95
CA TYR E 174 44.83 -33.90 -4.35
C TYR E 174 43.89 -33.04 -3.49
N SER E 175 42.84 -33.67 -2.98
CA SER E 175 41.84 -32.96 -2.20
C SER E 175 41.50 -33.72 -0.93
N VAL E 176 41.12 -32.97 0.10
CA VAL E 176 40.65 -33.52 1.36
C VAL E 176 39.30 -32.92 1.68
N PHE E 177 38.33 -33.78 2.01
CA PHE E 177 37.00 -33.35 2.40
C PHE E 177 36.81 -33.62 3.89
N ALA E 178 36.45 -32.58 4.63
CA ALA E 178 36.22 -32.68 6.08
C ALA E 178 34.72 -32.53 6.33
N GLY E 179 34.07 -33.65 6.63
CA GLY E 179 32.65 -33.63 6.96
C GLY E 179 32.42 -33.27 8.42
N VAL E 180 32.54 -31.98 8.74
CA VAL E 180 32.50 -31.51 10.12
C VAL E 180 31.04 -31.51 10.58
N GLY E 181 30.65 -32.55 11.30
CA GLY E 181 29.34 -32.61 11.93
C GLY E 181 28.17 -32.51 10.98
N GLU E 182 28.05 -33.47 10.06
CA GLU E 182 26.97 -33.42 9.08
C GLU E 182 26.34 -34.80 8.92
N ARG E 183 25.21 -34.81 8.21
CA ARG E 183 24.28 -35.93 8.25
C ARG E 183 24.87 -37.18 7.60
N THR E 184 24.57 -38.34 8.20
CA THR E 184 25.13 -39.60 7.72
C THR E 184 24.56 -39.99 6.37
N ARG E 185 23.25 -39.81 6.17
CA ARG E 185 22.63 -40.12 4.90
C ARG E 185 23.28 -39.35 3.76
N GLU E 186 23.50 -38.05 3.97
CA GLU E 186 24.04 -37.22 2.90
C GLU E 186 25.53 -37.45 2.69
N GLY E 187 26.26 -37.83 3.74
CA GLY E 187 27.63 -38.26 3.53
C GLY E 187 27.72 -39.53 2.71
N ASN E 188 26.86 -40.50 3.00
CA ASN E 188 26.79 -41.72 2.19
C ASN E 188 26.48 -41.39 0.74
N ASP E 189 25.49 -40.52 0.51
CA ASP E 189 25.12 -40.17 -0.86
C ASP E 189 26.25 -39.42 -1.57
N PHE E 190 26.96 -38.55 -0.85
CA PHE E 190 28.11 -37.86 -1.44
C PHE E 190 29.19 -38.84 -1.84
N TYR E 191 29.45 -39.84 -0.99
CA TYR E 191 30.45 -40.87 -1.32
C TYR E 191 30.05 -41.63 -2.57
N HIS E 192 28.79 -42.07 -2.65
CA HIS E 192 28.37 -42.82 -3.84
C HIS E 192 28.35 -41.94 -5.09
N GLU E 193 27.98 -40.66 -4.96
CA GLU E 193 27.99 -39.78 -6.12
C GLU E 193 29.41 -39.55 -6.63
N MET E 194 30.39 -39.45 -5.72
CA MET E 194 31.77 -39.32 -6.17
C MET E 194 32.30 -40.63 -6.75
N THR E 195 31.82 -41.78 -6.25
CA THR E 195 32.18 -43.04 -6.88
C THR E 195 31.64 -43.13 -8.31
N ASP E 196 30.38 -42.72 -8.51
CA ASP E 196 29.81 -42.73 -9.84
C ASP E 196 30.50 -41.71 -10.75
N SER E 197 30.94 -40.59 -10.18
CA SER E 197 31.56 -39.52 -10.95
C SER E 197 33.03 -39.79 -11.24
N ASN E 198 33.60 -40.87 -10.72
CA ASN E 198 35.00 -41.25 -10.95
C ASN E 198 35.98 -40.22 -10.39
N VAL E 199 35.57 -39.51 -9.33
CA VAL E 199 36.44 -38.55 -8.65
C VAL E 199 36.83 -39.03 -7.26
N ILE E 200 36.29 -40.16 -6.80
CA ILE E 200 36.65 -40.70 -5.49
C ILE E 200 38.12 -41.07 -5.45
N ASP E 201 38.71 -41.41 -6.60
CA ASP E 201 40.11 -41.80 -6.67
C ASP E 201 41.04 -40.67 -6.24
N LYS E 202 40.57 -39.42 -6.27
CA LYS E 202 41.44 -38.26 -6.18
C LYS E 202 41.09 -37.36 -5.00
N VAL E 203 40.41 -37.90 -3.99
CA VAL E 203 40.05 -37.17 -2.78
C VAL E 203 40.10 -38.13 -1.60
N SER E 204 40.35 -37.58 -0.41
CA SER E 204 40.32 -38.34 0.83
C SER E 204 39.30 -37.70 1.77
N LEU E 205 38.55 -38.55 2.49
CA LEU E 205 37.38 -38.12 3.24
C LEU E 205 37.56 -38.41 4.72
N VAL E 206 37.30 -37.40 5.55
CA VAL E 206 37.20 -37.57 6.99
C VAL E 206 35.82 -37.08 7.42
N TYR E 207 35.01 -37.98 7.95
CA TYR E 207 33.68 -37.65 8.45
C TYR E 207 33.64 -37.68 9.97
N GLY E 208 33.01 -36.66 10.55
CA GLY E 208 32.55 -36.72 11.92
C GLY E 208 31.05 -36.54 11.94
N GLN E 209 30.30 -37.59 12.29
CA GLN E 209 28.86 -37.52 12.19
C GLN E 209 28.28 -36.65 13.30
N MET E 210 27.04 -36.18 13.07
CA MET E 210 26.37 -35.35 14.06
C MET E 210 26.15 -36.08 15.37
N ASN E 211 25.89 -37.39 15.31
CA ASN E 211 25.59 -38.18 16.49
C ASN E 211 26.82 -38.54 17.31
N GLU E 212 27.97 -37.90 17.04
CA GLU E 212 29.17 -38.14 17.82
C GLU E 212 29.36 -37.03 18.85
N PRO E 213 30.06 -37.31 19.95
CA PRO E 213 30.23 -36.32 21.01
C PRO E 213 30.93 -35.08 20.49
N PRO E 214 30.76 -33.94 21.16
CA PRO E 214 31.25 -32.66 20.61
C PRO E 214 32.74 -32.64 20.31
N GLY E 215 33.56 -33.36 21.09
CA GLY E 215 34.99 -33.36 20.83
C GLY E 215 35.35 -33.92 19.47
N ASN E 216 34.67 -35.00 19.07
CA ASN E 216 34.92 -35.60 17.75
C ASN E 216 34.65 -34.59 16.65
N ARG E 217 33.47 -33.95 16.69
CA ARG E 217 33.10 -32.98 15.67
C ARG E 217 34.02 -31.76 15.71
N LEU E 218 34.58 -31.44 16.88
CA LEU E 218 35.51 -30.32 16.96
C LEU E 218 36.86 -30.65 16.32
N ARG E 219 37.34 -31.89 16.52
CA ARG E 219 38.69 -32.26 16.09
C ARG E 219 38.77 -32.81 14.66
N VAL E 220 37.63 -33.17 14.06
CA VAL E 220 37.67 -33.77 12.72
C VAL E 220 38.25 -32.79 11.70
N ALA E 221 38.00 -31.49 11.87
CA ALA E 221 38.55 -30.50 10.95
C ALA E 221 40.07 -30.50 11.00
N LEU E 222 40.64 -30.58 12.20
CA LEU E 222 42.10 -30.64 12.33
C LEU E 222 42.66 -31.92 11.73
N THR E 223 41.93 -33.03 11.84
CA THR E 223 42.37 -34.27 11.18
C THR E 223 42.50 -34.08 9.67
N GLY E 224 41.43 -33.57 9.04
CA GLY E 224 41.51 -33.30 7.61
C GLY E 224 42.62 -32.33 7.27
N LEU E 225 42.81 -31.33 8.13
CA LEU E 225 43.82 -30.30 7.90
C LEU E 225 45.23 -30.91 7.89
N THR E 226 45.52 -31.82 8.82
CA THR E 226 46.86 -32.39 8.84
C THR E 226 47.10 -33.31 7.65
N MET E 227 46.06 -34.02 7.17
CA MET E 227 46.25 -34.78 5.93
C MET E 227 46.59 -33.84 4.77
N ALA E 228 45.85 -32.74 4.67
CA ALA E 228 46.16 -31.73 3.64
C ALA E 228 47.58 -31.19 3.80
N GLU E 229 48.06 -31.08 5.04
CA GLU E 229 49.41 -30.58 5.27
C GLU E 229 50.46 -31.55 4.75
N LYS E 230 50.23 -32.86 4.90
CA LYS E 230 51.13 -33.83 4.29
C LYS E 230 51.17 -33.66 2.77
N PHE E 231 49.99 -33.60 2.13
CA PHE E 231 49.99 -33.37 0.69
C PHE E 231 50.66 -32.05 0.32
N ARG E 232 50.59 -31.03 1.17
CA ARG E 232 51.31 -29.79 0.90
C ARG E 232 52.82 -30.03 0.90
N ASP E 233 53.31 -30.74 1.92
CA ASP E 233 54.74 -31.03 1.98
C ASP E 233 55.22 -31.86 0.81
N GLU E 234 54.32 -32.57 0.12
CA GLU E 234 54.77 -33.21 -1.11
C GLU E 234 54.98 -32.21 -2.26
N GLY E 235 54.64 -30.94 -2.07
CA GLY E 235 54.83 -29.93 -3.09
C GLY E 235 53.62 -29.63 -3.94
N ARG E 236 52.44 -30.07 -3.53
CA ARG E 236 51.22 -29.95 -4.31
C ARG E 236 50.41 -28.74 -3.86
N ASP E 237 49.46 -28.35 -4.72
CA ASP E 237 48.46 -27.34 -4.36
C ASP E 237 47.16 -28.08 -4.07
N VAL E 238 46.75 -28.07 -2.80
CA VAL E 238 45.68 -28.92 -2.31
C VAL E 238 44.42 -28.09 -2.12
N LEU E 239 43.27 -28.73 -2.30
CA LEU E 239 41.97 -28.14 -1.99
C LEU E 239 41.39 -28.82 -0.76
N LEU E 240 41.05 -28.02 0.25
CA LEU E 240 40.46 -28.51 1.48
C LEU E 240 39.01 -28.03 1.56
N PHE E 241 38.07 -28.98 1.56
CA PHE E 241 36.67 -28.67 1.60
C PHE E 241 36.16 -28.87 3.03
N VAL E 242 35.49 -27.85 3.57
CA VAL E 242 34.91 -27.91 4.91
C VAL E 242 33.40 -27.89 4.73
N ASP E 243 32.74 -28.96 5.22
CA ASP E 243 31.32 -29.12 4.94
C ASP E 243 30.49 -28.03 5.62
N ASN E 244 30.88 -27.63 6.83
CA ASN E 244 30.29 -26.46 7.47
C ASN E 244 31.21 -25.98 8.58
N ILE E 245 31.72 -24.75 8.46
CA ILE E 245 32.57 -24.18 9.50
C ILE E 245 31.75 -23.74 10.71
N TYR E 246 30.48 -23.41 10.47
CA TYR E 246 29.59 -23.02 11.57
C TYR E 246 29.45 -24.17 12.57
N ARG E 247 29.45 -25.41 12.09
CA ARG E 247 29.40 -26.55 12.99
C ARG E 247 30.68 -26.67 13.82
N TYR E 248 31.83 -26.35 13.22
CA TYR E 248 33.07 -26.34 13.98
C TYR E 248 33.00 -25.32 15.12
N THR E 249 32.53 -24.11 14.80
CA THR E 249 32.38 -23.09 15.84
C THR E 249 31.40 -23.53 16.93
N LEU E 250 30.27 -24.11 16.54
CA LEU E 250 29.23 -24.47 17.50
C LEU E 250 29.69 -25.63 18.37
N ALA E 251 30.44 -26.59 17.80
CA ALA E 251 31.00 -27.67 18.60
C ALA E 251 32.04 -27.14 19.57
N GLY E 252 32.81 -26.12 19.16
CA GLY E 252 33.69 -25.45 20.11
C GLY E 252 32.91 -24.86 21.27
N THR E 253 31.78 -24.23 20.98
CA THR E 253 30.92 -23.71 22.05
C THR E 253 30.46 -24.83 22.98
N GLU E 254 30.03 -25.96 22.41
CA GLU E 254 29.54 -27.07 23.22
C GLU E 254 30.64 -27.63 24.12
N VAL E 255 31.85 -27.80 23.59
CA VAL E 255 32.96 -28.29 24.39
C VAL E 255 33.30 -27.32 25.51
N SER E 256 33.32 -26.01 25.20
CA SER E 256 33.60 -25.03 26.22
C SER E 256 32.55 -25.05 27.33
N ALA E 257 31.27 -25.22 26.95
CA ALA E 257 30.22 -25.32 27.95
C ALA E 257 30.39 -26.57 28.82
N LEU E 258 30.75 -27.70 28.20
CA LEU E 258 30.99 -28.92 28.98
C LEU E 258 32.13 -28.73 29.96
N LEU E 259 33.18 -28.03 29.56
CA LEU E 259 34.28 -27.77 30.47
C LEU E 259 33.93 -26.72 31.53
N GLY E 260 32.86 -25.95 31.32
CA GLY E 260 32.36 -25.04 32.33
C GLY E 260 32.87 -23.61 32.26
N ARG E 261 33.55 -23.23 31.18
CA ARG E 261 34.13 -21.91 31.07
C ARG E 261 33.06 -20.86 30.79
N MET E 262 33.29 -19.64 31.28
CA MET E 262 32.29 -18.59 31.18
C MET E 262 32.08 -18.18 29.72
N PRO E 263 30.83 -17.99 29.30
CA PRO E 263 30.53 -17.65 27.91
C PRO E 263 30.62 -16.15 27.64
N SER E 264 30.87 -15.83 26.38
CA SER E 264 31.05 -14.45 25.93
C SER E 264 29.98 -14.08 24.90
N ALA E 265 29.91 -12.77 24.63
CA ALA E 265 29.05 -12.21 23.59
C ALA E 265 27.63 -12.74 23.60
N VAL E 266 27.25 -13.47 22.55
CA VAL E 266 25.88 -13.93 22.35
C VAL E 266 25.80 -15.38 22.81
N GLY E 267 26.68 -15.75 23.74
CA GLY E 267 26.70 -17.10 24.27
C GLY E 267 27.82 -17.97 23.75
N TYR E 268 28.79 -17.39 23.05
CA TYR E 268 29.84 -18.19 22.44
C TYR E 268 30.94 -18.45 23.46
N GLN E 269 31.90 -19.28 23.06
CA GLN E 269 33.02 -19.62 23.92
C GLN E 269 33.95 -18.41 24.10
N PRO E 270 34.67 -18.33 25.22
CA PRO E 270 35.60 -17.22 25.42
C PRO E 270 36.77 -17.23 24.45
N THR E 271 37.04 -18.35 23.78
CA THR E 271 38.19 -18.50 22.90
C THR E 271 37.79 -18.65 21.44
N LEU E 272 36.67 -18.03 21.04
CA LEU E 272 36.16 -18.21 19.69
C LEU E 272 37.17 -17.76 18.64
N ALA E 273 37.70 -16.54 18.80
CA ALA E 273 38.63 -15.99 17.81
C ALA E 273 39.89 -16.85 17.71
N GLU E 274 40.40 -17.31 18.85
CA GLU E 274 41.62 -18.13 18.83
C GLU E 274 41.39 -19.45 18.12
N GLU E 275 40.28 -20.14 18.40
CA GLU E 275 40.02 -21.42 17.75
C GLU E 275 39.83 -21.23 16.24
N MET E 276 39.10 -20.19 15.85
CA MET E 276 38.96 -19.89 14.42
C MET E 276 40.31 -19.61 13.78
N GLY E 277 41.16 -18.82 14.46
CA GLY E 277 42.48 -18.53 13.91
C GLY E 277 43.36 -19.76 13.81
N VAL E 278 43.29 -20.64 14.81
CA VAL E 278 44.06 -21.88 14.77
C VAL E 278 43.66 -22.71 13.56
N LEU E 279 42.36 -22.75 13.25
CA LEU E 279 41.94 -23.48 12.05
C LEU E 279 42.40 -22.77 10.77
N GLN E 280 42.18 -21.46 10.69
CA GLN E 280 42.40 -20.74 9.43
C GLN E 280 43.87 -20.44 9.15
N GLU E 281 44.67 -20.15 10.17
CA GLU E 281 46.05 -19.75 9.93
C GLU E 281 46.92 -20.85 9.33
N ARG E 282 46.47 -22.09 9.39
CA ARG E 282 47.22 -23.20 8.83
C ARG E 282 46.94 -23.39 7.33
N ILE E 283 45.92 -22.72 6.80
CA ILE E 283 45.57 -22.81 5.39
C ILE E 283 46.24 -21.62 4.69
N THR E 284 47.50 -21.80 4.30
CA THR E 284 48.27 -20.76 3.63
C THR E 284 49.19 -21.39 2.59
N SER E 285 49.77 -20.54 1.74
CA SER E 285 50.74 -20.98 0.75
C SER E 285 52.15 -20.95 1.34
N THR E 286 52.87 -22.06 1.20
CA THR E 286 54.24 -22.19 1.65
C THR E 286 55.16 -22.06 0.44
N LYS E 287 56.43 -21.73 0.70
CA LYS E 287 57.44 -21.67 -0.37
C LYS E 287 57.41 -22.90 -1.26
N THR E 288 56.94 -24.04 -0.75
CA THR E 288 56.60 -25.19 -1.57
C THR E 288 55.20 -25.66 -1.18
N GLY E 289 54.37 -25.93 -2.19
CA GLY E 289 53.02 -26.40 -1.96
C GLY E 289 52.07 -25.36 -1.37
N SER E 290 50.78 -25.66 -1.40
CA SER E 290 49.77 -24.74 -0.89
C SER E 290 48.50 -25.52 -0.56
N ILE E 291 47.64 -24.89 0.22
CA ILE E 291 46.32 -25.42 0.56
C ILE E 291 45.31 -24.31 0.34
N THR E 292 44.52 -24.42 -0.73
CA THR E 292 43.38 -23.56 -0.94
C THR E 292 42.14 -24.24 -0.37
N SER E 293 41.22 -23.44 0.18
CA SER E 293 40.09 -24.01 0.91
C SER E 293 38.78 -23.39 0.47
N VAL E 294 37.78 -24.25 0.26
CA VAL E 294 36.40 -23.84 0.05
C VAL E 294 35.61 -24.24 1.28
N GLN E 295 34.94 -23.28 1.91
CA GLN E 295 34.27 -23.49 3.19
C GLN E 295 32.81 -23.06 3.07
N ALA E 296 31.90 -23.97 3.35
CA ALA E 296 30.48 -23.66 3.34
C ALA E 296 30.12 -22.88 4.61
N VAL E 297 29.41 -21.77 4.43
CA VAL E 297 29.11 -20.84 5.51
C VAL E 297 27.60 -20.70 5.65
N TYR E 298 27.11 -20.86 6.87
CA TYR E 298 25.72 -20.57 7.22
C TYR E 298 25.72 -19.45 8.26
N VAL E 299 24.84 -18.46 8.05
CA VAL E 299 24.74 -17.31 8.94
C VAL E 299 23.52 -17.49 9.83
N PRO E 300 23.67 -17.50 11.15
CA PRO E 300 22.51 -17.69 12.04
C PRO E 300 21.53 -16.54 11.95
N ALA E 301 20.24 -16.87 11.93
CA ALA E 301 19.15 -15.90 11.97
C ALA E 301 19.30 -14.83 10.89
N ASP E 302 20.03 -15.13 9.81
CA ASP E 302 20.29 -14.19 8.72
C ASP E 302 20.96 -12.91 9.23
N ASP E 303 21.68 -13.01 10.34
CA ASP E 303 22.28 -11.85 11.00
C ASP E 303 23.76 -11.79 10.61
N LEU E 304 24.11 -10.84 9.74
CA LEU E 304 25.49 -10.70 9.29
C LEU E 304 26.39 -10.07 10.34
N THR E 305 25.84 -9.56 11.44
CA THR E 305 26.62 -9.03 12.54
C THR E 305 26.82 -10.05 13.66
N ASP E 306 26.26 -11.25 13.52
CA ASP E 306 26.39 -12.26 14.56
C ASP E 306 27.86 -12.67 14.68
N PRO E 307 28.37 -12.91 15.89
CA PRO E 307 29.80 -13.14 16.07
C PRO E 307 30.40 -14.25 15.21
N SER E 308 29.68 -15.36 14.96
CA SER E 308 30.26 -16.38 14.10
C SER E 308 30.42 -15.89 12.66
N PRO E 309 29.41 -15.30 12.00
CA PRO E 309 29.69 -14.70 10.68
C PRO E 309 30.75 -13.62 10.71
N ALA E 310 30.71 -12.74 11.71
CA ALA E 310 31.65 -11.62 11.77
C ALA E 310 33.08 -12.11 11.91
N THR E 311 33.30 -13.12 12.76
CA THR E 311 34.62 -13.69 12.91
C THR E 311 35.06 -14.44 11.65
N THR E 312 34.13 -15.17 11.02
CA THR E 312 34.49 -15.95 9.84
C THR E 312 34.89 -15.05 8.68
N PHE E 313 34.15 -13.95 8.47
CA PHE E 313 34.43 -13.09 7.32
C PHE E 313 35.80 -12.44 7.38
N ALA E 314 36.38 -12.31 8.58
CA ALA E 314 37.71 -11.72 8.69
C ALA E 314 38.77 -12.57 8.01
N HIS E 315 38.49 -13.85 7.75
CA HIS E 315 39.46 -14.77 7.18
C HIS E 315 39.19 -15.12 5.72
N LEU E 316 37.97 -14.88 5.22
CA LEU E 316 37.65 -15.21 3.84
C LEU E 316 38.27 -14.20 2.89
N ASP E 317 38.90 -14.71 1.82
CA ASP E 317 39.41 -13.85 0.77
C ASP E 317 38.43 -13.66 -0.38
N ALA E 318 37.49 -14.59 -0.56
CA ALA E 318 36.53 -14.50 -1.66
C ALA E 318 35.21 -15.09 -1.21
N THR E 319 34.14 -14.70 -1.90
CA THR E 319 32.78 -15.09 -1.56
C THR E 319 32.07 -15.53 -2.83
N VAL E 320 31.57 -16.76 -2.84
CA VAL E 320 30.82 -17.31 -3.96
C VAL E 320 29.40 -17.60 -3.49
N VAL E 321 28.42 -17.05 -4.20
CA VAL E 321 27.01 -17.15 -3.84
C VAL E 321 26.29 -17.94 -4.92
N LEU E 322 25.55 -18.96 -4.51
CA LEU E 322 24.75 -19.78 -5.41
C LEU E 322 23.29 -19.38 -5.30
N SER E 323 22.62 -19.27 -6.44
CA SER E 323 21.29 -18.68 -6.52
C SER E 323 20.30 -19.64 -7.15
N ARG E 324 19.13 -19.80 -6.50
CA ARG E 324 18.04 -20.55 -7.11
C ARG E 324 17.54 -19.85 -8.37
N GLN E 325 17.55 -18.52 -8.38
CA GLN E 325 17.06 -17.78 -9.54
C GLN E 325 17.91 -18.06 -10.78
N ILE E 326 19.23 -18.06 -10.62
CA ILE E 326 20.11 -18.36 -11.75
C ILE E 326 19.92 -19.80 -12.20
N ALA E 327 19.72 -20.72 -11.26
CA ALA E 327 19.50 -22.11 -11.61
C ALA E 327 18.21 -22.31 -12.38
N SER E 328 17.16 -21.55 -12.01
CA SER E 328 15.88 -21.69 -12.69
C SER E 328 15.98 -21.33 -14.17
N LEU E 329 16.84 -20.38 -14.52
CA LEU E 329 17.06 -20.04 -15.91
C LEU E 329 17.79 -21.13 -16.68
N GLY E 330 18.32 -22.14 -16.00
CA GLY E 330 19.09 -23.18 -16.63
C GLY E 330 20.57 -22.91 -16.76
N ILE E 331 21.05 -21.78 -16.23
CA ILE E 331 22.47 -21.45 -16.29
C ILE E 331 23.19 -22.20 -15.18
N TYR E 332 24.19 -23.00 -15.55
CA TYR E 332 25.01 -23.71 -14.60
C TYR E 332 26.47 -23.49 -14.93
N PRO E 333 27.33 -23.25 -13.92
CA PRO E 333 27.02 -23.20 -12.50
C PRO E 333 26.18 -21.99 -12.10
N ALA E 334 25.28 -22.19 -11.14
CA ALA E 334 24.33 -21.16 -10.74
C ALA E 334 24.96 -20.19 -9.75
N VAL E 335 25.98 -19.48 -10.22
CA VAL E 335 26.70 -18.49 -9.43
C VAL E 335 26.19 -17.11 -9.80
N ASP E 336 25.73 -16.36 -8.81
CA ASP E 336 25.27 -15.00 -9.05
C ASP E 336 26.48 -14.09 -9.17
N PRO E 337 26.70 -13.45 -10.32
CA PRO E 337 27.91 -12.63 -10.48
C PRO E 337 27.88 -11.33 -9.72
N LEU E 338 26.71 -10.85 -9.30
CA LEU E 338 26.64 -9.55 -8.64
C LEU E 338 26.95 -9.64 -7.15
N ASP E 339 26.56 -10.73 -6.51
CA ASP E 339 26.82 -10.88 -5.08
C ASP E 339 28.16 -11.54 -4.77
N SER E 340 28.72 -12.30 -5.72
CA SER E 340 30.02 -12.91 -5.52
C SER E 340 31.13 -11.90 -5.70
N THR E 341 32.09 -11.91 -4.77
CA THR E 341 33.21 -10.98 -4.79
C THR E 341 34.49 -11.68 -4.36
N SER E 342 35.61 -11.07 -4.72
CA SER E 342 36.93 -11.51 -4.28
C SER E 342 37.81 -10.27 -4.11
N ARG E 343 38.60 -10.23 -3.05
CA ARG E 343 39.49 -9.10 -2.82
C ARG E 343 40.82 -9.25 -3.54
N GLN E 344 40.97 -10.30 -4.36
CA GLN E 344 42.03 -10.38 -5.36
C GLN E 344 41.73 -9.53 -6.59
N LEU E 345 40.48 -9.08 -6.75
CA LEU E 345 40.03 -8.40 -7.96
C LEU E 345 40.41 -6.92 -7.89
N ASP E 346 41.72 -6.68 -7.98
CA ASP E 346 42.27 -5.33 -8.05
C ASP E 346 43.28 -5.28 -9.17
N PRO E 347 43.40 -4.13 -9.86
CA PRO E 347 44.23 -4.08 -11.06
C PRO E 347 45.70 -4.43 -10.81
N LEU E 348 46.26 -4.02 -9.67
CA LEU E 348 47.65 -4.34 -9.37
C LEU E 348 47.83 -5.75 -8.84
N VAL E 349 46.76 -6.48 -8.60
CA VAL E 349 46.83 -7.88 -8.15
C VAL E 349 46.58 -8.83 -9.32
N VAL E 350 45.52 -8.58 -10.10
CA VAL E 350 45.14 -9.47 -11.19
C VAL E 350 45.60 -8.98 -12.56
N GLY E 351 45.99 -7.72 -12.68
CA GLY E 351 46.29 -7.17 -13.99
C GLY E 351 45.24 -6.16 -14.41
N GLN E 352 45.68 -5.06 -15.02
CA GLN E 352 44.76 -3.99 -15.38
C GLN E 352 43.68 -4.45 -16.35
N GLU E 353 44.07 -5.22 -17.36
CA GLU E 353 43.10 -5.67 -18.36
C GLU E 353 42.01 -6.52 -17.74
N HIS E 354 42.39 -7.52 -16.96
CA HIS E 354 41.42 -8.40 -16.31
C HIS E 354 40.52 -7.61 -15.37
N TYR E 355 41.10 -6.70 -14.60
CA TYR E 355 40.32 -5.89 -13.66
C TYR E 355 39.28 -5.04 -14.38
N ASP E 356 39.70 -4.31 -15.42
CA ASP E 356 38.75 -3.44 -16.11
C ASP E 356 37.69 -4.25 -16.85
N THR E 357 38.05 -5.44 -17.34
CA THR E 357 37.05 -6.33 -17.92
C THR E 357 36.00 -6.72 -16.88
N ALA E 358 36.46 -7.08 -15.67
CA ALA E 358 35.52 -7.47 -14.62
C ALA E 358 34.62 -6.32 -14.22
N ARG E 359 35.19 -5.12 -14.08
CA ARG E 359 34.38 -3.94 -13.78
C ARG E 359 33.33 -3.70 -14.85
N GLY E 360 33.71 -3.80 -16.12
CA GLY E 360 32.76 -3.62 -17.19
C GLY E 360 31.62 -4.63 -17.14
N VAL E 361 31.96 -5.91 -16.95
CA VAL E 361 30.94 -6.94 -16.91
C VAL E 361 29.98 -6.70 -15.75
N GLN E 362 30.52 -6.40 -14.57
CA GLN E 362 29.68 -6.21 -13.39
C GLN E 362 28.75 -5.02 -13.57
N SER E 363 29.28 -3.90 -14.06
CA SER E 363 28.45 -2.72 -14.26
C SER E 363 27.37 -2.95 -15.31
N ILE E 364 27.72 -3.63 -16.40
CA ILE E 364 26.75 -3.90 -17.46
C ILE E 364 25.60 -4.77 -16.94
N LEU E 365 25.94 -5.81 -16.19
CA LEU E 365 24.89 -6.68 -15.65
C LEU E 365 24.02 -5.93 -14.63
N GLN E 366 24.62 -5.05 -13.84
CA GLN E 366 23.84 -4.23 -12.91
C GLN E 366 22.84 -3.32 -13.66
N ARG E 367 23.33 -2.68 -14.73
CA ARG E 367 22.46 -1.81 -15.52
C ARG E 367 21.33 -2.60 -16.17
N TYR E 368 21.62 -3.83 -16.61
CA TYR E 368 20.56 -4.68 -17.15
C TYR E 368 19.56 -5.06 -16.06
N GLN E 369 20.03 -5.32 -14.84
CA GLN E 369 19.12 -5.62 -13.74
C GLN E 369 18.18 -4.46 -13.43
N GLU E 370 18.61 -3.23 -13.70
CA GLU E 370 17.68 -2.11 -13.52
C GLU E 370 16.72 -1.98 -14.70
N LEU E 371 17.25 -2.08 -15.93
CA LEU E 371 16.41 -2.01 -17.11
C LEU E 371 15.36 -3.11 -17.13
N LYS E 372 15.62 -4.24 -16.47
CA LYS E 372 14.65 -5.32 -16.44
C LYS E 372 13.39 -4.91 -15.67
N ASP E 373 13.58 -4.26 -14.52
CA ASP E 373 12.45 -3.69 -13.79
C ASP E 373 11.69 -2.69 -14.66
N ILE E 374 12.42 -1.77 -15.32
CA ILE E 374 11.75 -0.77 -16.14
C ILE E 374 10.96 -1.44 -17.27
N ILE E 375 11.57 -2.43 -17.95
CA ILE E 375 10.90 -3.09 -19.07
C ILE E 375 9.64 -3.81 -18.60
N ALA E 376 9.71 -4.44 -17.42
CA ALA E 376 8.52 -5.09 -16.88
C ALA E 376 7.42 -4.07 -16.62
N ILE E 377 7.76 -2.91 -16.05
CA ILE E 377 6.72 -1.98 -15.63
C ILE E 377 6.14 -1.22 -16.83
N LEU E 378 6.99 -0.66 -17.70
CA LEU E 378 6.51 0.12 -18.84
C LEU E 378 6.43 -0.70 -20.13
N GLY E 379 7.55 -1.19 -20.61
CA GLY E 379 7.60 -1.91 -21.87
C GLY E 379 8.84 -1.57 -22.68
N MET E 380 9.14 -2.43 -23.67
CA MET E 380 10.34 -2.28 -24.47
C MET E 380 10.24 -1.14 -25.50
N ASP E 381 9.05 -0.58 -25.71
CA ASP E 381 8.90 0.55 -26.62
C ASP E 381 9.57 1.81 -26.09
N GLU E 382 9.77 1.89 -24.77
CA GLU E 382 10.36 3.08 -24.17
C GLU E 382 11.87 3.17 -24.42
N LEU E 383 12.53 2.05 -24.68
CA LEU E 383 13.98 2.01 -24.77
C LEU E 383 14.49 2.73 -26.00
N SER E 384 15.71 3.26 -25.89
CA SER E 384 16.44 3.79 -27.03
C SER E 384 17.29 2.69 -27.67
N GLU E 385 17.91 3.02 -28.81
CA GLU E 385 18.74 2.04 -29.50
C GLU E 385 19.98 1.70 -28.68
N GLU E 386 20.58 2.69 -28.02
CA GLU E 386 21.71 2.42 -27.13
C GLU E 386 21.27 1.53 -25.96
N ASP E 387 20.11 1.84 -25.39
CA ASP E 387 19.54 1.04 -24.30
C ASP E 387 19.28 -0.39 -24.75
N LYS E 388 18.69 -0.54 -25.94
CA LYS E 388 18.42 -1.86 -26.50
C LYS E 388 19.71 -2.65 -26.72
N LEU E 389 20.75 -1.97 -27.21
CA LEU E 389 22.04 -2.63 -27.43
C LEU E 389 22.64 -3.12 -26.11
N VAL E 390 22.54 -2.29 -25.06
CA VAL E 390 23.03 -2.72 -23.75
C VAL E 390 22.28 -3.96 -23.29
N VAL E 391 20.96 -3.98 -23.47
CA VAL E 391 20.17 -5.14 -23.05
C VAL E 391 20.61 -6.40 -23.80
N ALA E 392 20.80 -6.28 -25.11
CA ALA E 392 21.19 -7.44 -25.92
C ALA E 392 22.56 -7.98 -25.49
N ARG E 393 23.53 -7.08 -25.31
CA ARG E 393 24.86 -7.53 -24.90
C ARG E 393 24.82 -8.16 -23.52
N ALA E 394 23.98 -7.64 -22.62
CA ALA E 394 23.84 -8.23 -21.30
C ALA E 394 23.28 -9.64 -21.37
N ARG E 395 22.30 -9.86 -22.24
CA ARG E 395 21.77 -11.21 -22.43
C ARG E 395 22.88 -12.16 -22.90
N LYS E 396 23.65 -11.72 -23.89
CA LYS E 396 24.75 -12.56 -24.40
C LYS E 396 25.75 -12.87 -23.30
N ILE E 397 26.08 -11.89 -22.46
CA ILE E 397 27.06 -12.09 -21.39
C ILE E 397 26.52 -13.10 -20.39
N GLN E 398 25.28 -12.90 -19.95
CA GLN E 398 24.64 -13.82 -19.00
C GLN E 398 24.73 -15.26 -19.50
N ARG E 399 24.45 -15.47 -20.80
CA ARG E 399 24.51 -16.83 -21.32
C ARG E 399 25.93 -17.34 -21.47
N PHE E 400 26.88 -16.46 -21.81
CA PHE E 400 28.27 -16.89 -21.92
C PHE E 400 28.86 -17.28 -20.57
N LEU E 401 28.25 -16.85 -19.46
CA LEU E 401 28.74 -17.30 -18.15
C LEU E 401 28.53 -18.80 -17.93
N SER E 402 27.59 -19.43 -18.61
CA SER E 402 27.32 -20.85 -18.38
C SER E 402 28.44 -21.72 -18.95
N GLN E 403 28.53 -22.95 -18.45
CA GLN E 403 29.62 -23.84 -18.83
C GLN E 403 29.24 -25.29 -18.64
N PRO E 404 29.56 -26.18 -19.60
CA PRO E 404 29.28 -27.60 -19.41
C PRO E 404 30.37 -28.28 -18.59
N PHE E 405 29.96 -28.97 -17.53
CA PHE E 405 30.88 -29.72 -16.69
C PHE E 405 30.99 -31.17 -17.17
N PHE E 406 32.09 -31.81 -16.78
CA PHE E 406 32.26 -33.23 -17.10
C PHE E 406 31.21 -34.08 -16.40
N VAL E 407 30.89 -33.74 -15.14
CA VAL E 407 29.78 -34.40 -14.47
C VAL E 407 28.46 -34.07 -15.17
N ALA E 408 28.40 -32.92 -15.84
CA ALA E 408 27.21 -32.53 -16.58
C ALA E 408 27.07 -33.29 -17.89
N GLU E 409 28.04 -34.15 -18.25
CA GLU E 409 27.85 -35.03 -19.40
C GLU E 409 26.66 -35.94 -19.20
N VAL E 410 26.55 -36.53 -18.01
CA VAL E 410 25.46 -37.47 -17.74
C VAL E 410 24.13 -36.75 -17.63
N PHE E 411 24.14 -35.47 -17.26
CA PHE E 411 22.90 -34.71 -17.12
C PHE E 411 22.46 -34.03 -18.41
N THR E 412 23.38 -33.76 -19.33
CA THR E 412 23.06 -33.03 -20.56
C THR E 412 23.59 -33.68 -21.83
N GLY E 413 24.61 -34.54 -21.77
CA GLY E 413 25.26 -35.05 -22.96
C GLY E 413 26.38 -34.19 -23.48
N SER E 414 26.55 -32.97 -22.98
CA SER E 414 27.62 -32.10 -23.45
C SER E 414 28.96 -32.58 -22.92
N PRO E 415 29.98 -32.70 -23.77
CA PRO E 415 31.24 -33.35 -23.35
C PRO E 415 31.96 -32.68 -22.19
N GLY E 416 31.74 -31.39 -21.95
CA GLY E 416 32.40 -30.70 -20.85
C GLY E 416 33.73 -30.11 -21.24
N LYS E 417 34.05 -28.92 -20.71
CA LYS E 417 35.24 -28.18 -21.15
C LYS E 417 35.89 -27.45 -19.98
N TYR E 418 37.14 -27.05 -20.21
CA TYR E 418 37.96 -26.33 -19.25
C TYR E 418 38.45 -25.05 -19.94
N VAL E 419 38.05 -23.90 -19.42
CA VAL E 419 38.37 -22.61 -20.04
C VAL E 419 39.53 -21.96 -19.29
N SER E 420 40.57 -21.56 -20.01
CA SER E 420 41.70 -20.89 -19.40
C SER E 420 41.34 -19.46 -19.03
N LEU E 421 42.18 -18.86 -18.18
CA LEU E 421 41.94 -17.49 -17.71
C LEU E 421 42.00 -16.50 -18.88
N LYS E 422 43.04 -16.60 -19.71
CA LYS E 422 43.13 -15.69 -20.85
C LYS E 422 42.00 -15.93 -21.84
N ASP E 423 41.55 -17.18 -21.99
CA ASP E 423 40.43 -17.45 -22.89
C ASP E 423 39.15 -16.76 -22.43
N THR E 424 38.81 -16.87 -21.15
CA THR E 424 37.58 -16.25 -20.67
C THR E 424 37.70 -14.73 -20.70
N ILE E 425 38.89 -14.19 -20.37
CA ILE E 425 39.07 -12.74 -20.45
C ILE E 425 38.88 -12.26 -21.88
N ARG E 426 39.46 -12.97 -22.85
CA ARG E 426 39.31 -12.59 -24.25
C ARG E 426 37.85 -12.67 -24.69
N GLY E 427 37.13 -13.72 -24.28
CA GLY E 427 35.74 -13.85 -24.67
C GLY E 427 34.88 -12.71 -24.15
N PHE E 428 35.03 -12.39 -22.85
CA PHE E 428 34.20 -11.32 -22.29
C PHE E 428 34.62 -9.94 -22.80
N LYS E 429 35.93 -9.74 -23.06
CA LYS E 429 36.36 -8.51 -23.71
C LYS E 429 35.73 -8.38 -25.08
N GLY E 430 35.70 -9.46 -25.85
CA GLY E 430 35.09 -9.41 -27.17
C GLY E 430 33.61 -9.09 -27.12
N ILE E 431 32.88 -9.70 -26.18
CA ILE E 431 31.45 -9.41 -26.09
C ILE E 431 31.22 -7.96 -25.63
N MET E 432 32.04 -7.47 -24.69
CA MET E 432 31.86 -6.09 -24.23
C MET E 432 32.15 -5.08 -25.33
N GLU E 433 33.23 -5.28 -26.09
CA GLU E 433 33.66 -4.28 -27.05
C GLU E 433 32.97 -4.39 -28.41
N GLY E 434 31.91 -5.18 -28.51
CA GLY E 434 31.04 -5.18 -29.68
C GLY E 434 31.26 -6.30 -30.66
N GLU E 435 32.38 -7.01 -30.58
CA GLU E 435 32.58 -8.15 -31.46
C GLU E 435 31.65 -9.30 -31.03
N TYR E 436 31.21 -10.08 -32.01
CA TYR E 436 30.16 -11.09 -31.86
C TYR E 436 28.79 -10.50 -31.53
N ASP E 437 28.56 -9.21 -31.81
CA ASP E 437 27.21 -8.68 -31.72
C ASP E 437 26.28 -9.31 -32.75
N HIS E 438 26.84 -9.94 -33.79
CA HIS E 438 26.07 -10.56 -34.85
C HIS E 438 25.74 -12.02 -34.58
N LEU E 439 26.19 -12.58 -33.44
CA LEU E 439 25.83 -13.95 -33.09
C LEU E 439 24.53 -13.98 -32.29
N PRO E 440 23.75 -15.05 -32.40
CA PRO E 440 22.59 -15.21 -31.53
C PRO E 440 23.02 -15.54 -30.10
N GLU E 441 22.16 -15.17 -29.15
CA GLU E 441 22.49 -15.34 -27.74
C GLU E 441 22.60 -16.81 -27.34
N GLN E 442 21.87 -17.71 -28.01
CA GLN E 442 21.98 -19.13 -27.73
C GLN E 442 23.30 -19.73 -28.21
N ALA E 443 24.08 -19.01 -29.01
CA ALA E 443 25.38 -19.52 -29.41
C ALA E 443 26.35 -19.59 -28.23
N PHE E 444 26.10 -18.80 -27.18
CA PHE E 444 27.00 -18.72 -26.04
C PHE E 444 26.63 -19.67 -24.91
N TYR E 445 25.47 -20.33 -24.99
CA TYR E 445 24.99 -21.17 -23.91
C TYR E 445 25.76 -22.49 -23.88
N MET E 446 26.40 -22.79 -22.75
CA MET E 446 27.07 -24.08 -22.52
C MET E 446 28.06 -24.41 -23.63
N VAL E 447 28.74 -23.40 -24.16
CA VAL E 447 29.58 -23.56 -25.34
C VAL E 447 31.07 -23.56 -25.02
N GLY E 448 31.44 -23.35 -23.76
CA GLY E 448 32.84 -23.32 -23.39
C GLY E 448 33.52 -22.01 -23.76
N SER E 449 34.53 -22.07 -24.62
CA SER E 449 35.27 -20.89 -25.03
C SER E 449 34.56 -20.19 -26.19
N ILE E 450 34.97 -18.94 -26.43
CA ILE E 450 34.33 -18.11 -27.45
C ILE E 450 34.59 -18.67 -28.85
N GLU E 451 35.80 -19.23 -29.06
CA GLU E 451 36.12 -19.84 -30.35
C GLU E 451 35.23 -21.02 -30.66
N GLU E 452 34.62 -21.62 -29.64
CA GLU E 452 33.63 -22.67 -29.85
C GLU E 452 32.21 -22.09 -29.95
N ALA E 453 31.98 -20.91 -29.37
CA ALA E 453 30.73 -20.20 -29.61
C ALA E 453 30.58 -19.87 -31.08
N VAL E 454 31.66 -19.45 -31.74
CA VAL E 454 31.55 -19.15 -33.17
C VAL E 454 31.31 -20.42 -33.98
N GLU E 455 31.83 -21.57 -33.53
CA GLU E 455 31.54 -22.82 -34.21
C GLU E 455 30.06 -23.19 -34.08
N LYS E 456 29.52 -23.08 -32.87
CA LYS E 456 28.11 -23.33 -32.65
C LYS E 456 27.25 -22.41 -33.50
N ALA E 457 27.62 -21.13 -33.58
CA ALA E 457 26.89 -20.19 -34.42
C ALA E 457 27.04 -20.54 -35.91
N LYS E 458 28.18 -21.09 -36.30
CA LYS E 458 28.34 -21.55 -37.68
C LYS E 458 27.34 -22.64 -38.00
N LYS E 459 27.17 -23.60 -37.09
CA LYS E 459 26.17 -24.64 -37.33
C LYS E 459 24.76 -24.07 -37.22
N LEU E 460 24.54 -23.16 -36.27
CA LEU E 460 23.23 -22.58 -36.04
C LEU E 460 22.89 -21.55 -37.11
N THR F 3 54.51 -2.18 60.71
CA THR F 3 53.96 -3.15 61.64
C THR F 3 53.24 -4.28 60.91
N GLY F 4 52.54 -3.94 59.82
CA GLY F 4 51.80 -4.90 59.04
C GLY F 4 52.55 -5.34 57.79
N LYS F 5 52.01 -6.38 57.14
CA LYS F 5 52.60 -6.95 55.94
C LYS F 5 51.55 -7.18 54.86
N ILE F 6 51.97 -7.04 53.61
CA ILE F 6 51.11 -7.32 52.46
C ILE F 6 51.01 -8.83 52.28
N VAL F 7 49.79 -9.32 52.07
CA VAL F 7 49.58 -10.74 51.86
C VAL F 7 49.04 -11.05 50.45
N GLN F 8 48.29 -10.15 49.83
CA GLN F 8 47.83 -10.35 48.46
C GLN F 8 47.93 -9.06 47.66
N VAL F 9 48.21 -9.20 46.38
CA VAL F 9 48.24 -8.09 45.42
C VAL F 9 47.43 -8.52 44.21
N ILE F 10 46.22 -7.97 44.07
CA ILE F 10 45.32 -8.29 42.96
C ILE F 10 45.03 -6.99 42.22
N GLY F 11 45.79 -6.73 41.16
CA GLY F 11 45.57 -5.54 40.36
C GLY F 11 45.66 -4.25 41.14
N ALA F 12 44.52 -3.59 41.34
CA ALA F 12 44.48 -2.32 42.05
C ALA F 12 44.26 -2.47 43.55
N VAL F 13 43.83 -3.63 44.01
CA VAL F 13 43.53 -3.86 45.42
C VAL F 13 44.63 -4.69 46.06
N VAL F 14 44.88 -4.44 47.34
CA VAL F 14 45.95 -5.09 48.09
C VAL F 14 45.42 -5.52 49.45
N ASP F 15 45.74 -6.75 49.84
CA ASP F 15 45.38 -7.27 51.15
C ASP F 15 46.56 -7.09 52.10
N VAL F 16 46.28 -6.58 53.30
CA VAL F 16 47.31 -6.29 54.29
C VAL F 16 46.91 -6.93 55.62
N GLU F 17 47.89 -7.52 56.30
CA GLU F 17 47.66 -8.17 57.59
C GLU F 17 48.25 -7.32 58.71
N PHE F 18 47.47 -7.13 59.76
CA PHE F 18 47.86 -6.37 60.94
C PHE F 18 47.64 -7.23 62.18
N PRO F 19 48.28 -6.89 63.30
CA PRO F 19 48.03 -7.63 64.54
C PRO F 19 46.56 -7.52 64.96
N GLN F 20 46.11 -8.54 65.70
CA GLN F 20 44.69 -8.63 66.06
C GLN F 20 44.24 -7.42 66.88
N ASP F 21 45.17 -6.75 67.55
CA ASP F 21 44.82 -5.61 68.42
C ASP F 21 45.24 -4.27 67.82
N ALA F 22 45.73 -4.25 66.58
CA ALA F 22 46.24 -3.01 65.98
C ALA F 22 45.75 -2.87 64.53
N VAL F 23 44.46 -3.07 64.31
CA VAL F 23 43.89 -3.00 62.96
C VAL F 23 43.41 -1.58 62.67
N PRO F 24 43.73 -1.04 61.50
CA PRO F 24 43.31 0.34 61.18
C PRO F 24 41.81 0.44 60.92
N ARG F 25 41.34 1.68 60.96
CA ARG F 25 39.92 1.98 60.76
C ARG F 25 39.54 1.92 59.28
N VAL F 26 38.24 2.07 59.01
CA VAL F 26 37.66 1.72 57.72
C VAL F 26 38.18 2.61 56.59
N TYR F 27 38.57 3.85 56.89
CA TYR F 27 39.10 4.73 55.86
C TYR F 27 40.47 5.30 56.20
N ASP F 28 41.24 4.60 57.03
CA ASP F 28 42.58 5.07 57.34
C ASP F 28 43.51 4.87 56.13
N ALA F 29 44.65 5.56 56.17
CA ALA F 29 45.62 5.54 55.10
C ALA F 29 46.89 4.81 55.53
N LEU F 30 47.43 4.00 54.64
CA LEU F 30 48.68 3.28 54.86
C LEU F 30 49.71 3.71 53.84
N GLU F 31 50.99 3.50 54.16
CA GLU F 31 52.08 3.88 53.27
C GLU F 31 53.07 2.73 53.18
N VAL F 32 53.45 2.39 51.94
CA VAL F 32 54.35 1.28 51.66
C VAL F 32 55.47 1.78 50.75
N GLN F 33 56.64 1.15 50.86
CA GLN F 33 57.80 1.49 50.05
C GLN F 33 57.91 0.49 48.89
N ASN F 34 57.47 0.91 47.71
CA ASN F 34 57.57 0.12 46.49
C ASN F 34 58.94 0.42 45.88
N GLY F 35 59.91 -0.44 46.15
CA GLY F 35 61.27 -0.17 45.70
C GLY F 35 61.80 1.09 46.36
N ASN F 36 62.25 2.03 45.54
CA ASN F 36 62.78 3.30 46.04
C ASN F 36 61.72 4.39 46.17
N GLU F 37 60.45 4.07 45.93
CA GLU F 37 59.38 5.04 45.94
C GLU F 37 58.28 4.62 46.92
N ARG F 38 57.55 5.60 47.42
CA ARG F 38 56.51 5.38 48.42
C ARG F 38 55.11 5.43 47.81
N LEU F 39 54.28 4.48 48.23
CA LEU F 39 52.92 4.30 47.74
C LEU F 39 51.95 4.39 48.92
N VAL F 40 50.77 4.96 48.66
CA VAL F 40 49.74 5.14 49.68
C VAL F 40 48.59 4.20 49.40
N LEU F 41 48.13 3.48 50.43
CA LEU F 41 47.01 2.57 50.33
C LEU F 41 45.88 3.06 51.21
N GLU F 42 44.63 2.87 50.76
CA GLU F 42 43.46 3.29 51.50
C GLU F 42 42.60 2.09 51.86
N VAL F 43 42.24 1.98 53.14
CA VAL F 43 41.45 0.85 53.62
C VAL F 43 40.04 0.93 53.08
N GLN F 44 39.45 -0.23 52.77
CA GLN F 44 38.07 -0.33 52.31
C GLN F 44 37.22 -1.27 53.15
N GLN F 45 37.76 -2.41 53.57
CA GLN F 45 37.00 -3.41 54.28
C GLN F 45 37.86 -4.06 55.35
N GLN F 46 37.27 -4.34 56.51
CA GLN F 46 37.93 -5.13 57.54
C GLN F 46 37.47 -6.57 57.42
N LEU F 47 38.35 -7.44 56.93
CA LEU F 47 38.06 -8.87 56.91
C LEU F 47 38.36 -9.49 58.27
N GLY F 48 38.13 -10.80 58.38
CA GLY F 48 38.40 -11.49 59.62
C GLY F 48 39.89 -11.71 59.85
N GLY F 49 40.24 -11.84 61.13
CA GLY F 49 41.60 -12.16 61.50
C GLY F 49 42.61 -11.03 61.34
N GLY F 50 42.15 -9.78 61.29
CA GLY F 50 43.06 -8.66 61.19
C GLY F 50 43.54 -8.33 59.80
N ILE F 51 42.93 -8.90 58.76
CA ILE F 51 43.28 -8.60 57.38
C ILE F 51 42.31 -7.56 56.84
N VAL F 52 42.83 -6.58 56.10
CA VAL F 52 42.02 -5.51 55.55
C VAL F 52 42.31 -5.38 54.06
N ARG F 53 41.27 -5.08 53.29
CA ARG F 53 41.41 -4.83 51.86
C ARG F 53 41.64 -3.35 51.63
N THR F 54 42.57 -3.03 50.73
CA THR F 54 42.96 -1.65 50.48
C THR F 54 43.01 -1.39 48.98
N ILE F 55 42.95 -0.10 48.63
CA ILE F 55 43.07 0.37 47.26
C ILE F 55 44.37 1.16 47.14
N ALA F 56 45.11 0.90 46.06
CA ALA F 56 46.41 1.51 45.84
C ALA F 56 46.23 2.88 45.18
N MET F 57 46.76 3.92 45.82
CA MET F 57 46.75 5.27 45.25
C MET F 57 48.01 5.51 44.42
N GLY F 58 48.21 4.62 43.47
CA GLY F 58 49.37 4.66 42.60
C GLY F 58 49.53 3.35 41.87
N SER F 59 50.65 3.26 41.14
CA SER F 59 50.92 2.06 40.37
C SER F 59 51.18 0.87 41.28
N SER F 60 50.58 -0.27 40.94
CA SER F 60 50.69 -1.48 41.75
C SER F 60 51.79 -2.42 41.31
N ASP F 61 52.39 -2.19 40.14
CA ASP F 61 53.47 -3.06 39.68
C ASP F 61 54.69 -2.94 40.58
N GLY F 62 55.43 -4.04 40.71
CA GLY F 62 56.62 -4.08 41.53
C GLY F 62 56.41 -4.42 42.98
N LEU F 63 55.15 -4.56 43.42
CA LEU F 63 54.85 -4.86 44.82
C LEU F 63 55.02 -6.36 45.06
N ARG F 64 56.04 -6.73 45.83
CA ARG F 64 56.18 -8.10 46.30
C ARG F 64 55.26 -8.31 47.51
N ARG F 65 54.83 -9.56 47.68
CA ARG F 65 54.09 -9.85 48.91
C ARG F 65 55.15 -9.88 50.01
N GLY F 66 54.75 -9.70 51.25
CA GLY F 66 55.72 -9.77 52.35
C GLY F 66 56.41 -8.44 52.56
N LEU F 67 55.88 -7.37 51.98
CA LEU F 67 56.46 -6.07 52.27
C LEU F 67 55.80 -5.44 53.50
N ASP F 68 56.58 -4.74 54.30
CA ASP F 68 56.09 -4.12 55.52
C ASP F 68 55.45 -2.77 55.22
N VAL F 69 54.43 -2.43 56.00
CA VAL F 69 53.66 -1.20 55.80
C VAL F 69 53.62 -0.40 57.10
N LYS F 70 53.38 0.89 56.95
CA LYS F 70 53.20 1.80 58.08
C LYS F 70 51.76 2.28 58.13
N ASP F 71 51.19 2.27 59.33
CA ASP F 71 49.79 2.63 59.54
C ASP F 71 49.72 4.08 59.98
N LEU F 72 49.26 4.96 59.09
CA LEU F 72 48.97 6.34 59.47
C LEU F 72 47.60 6.40 60.14
N GLU F 73 47.51 7.20 61.20
CA GLU F 73 46.36 7.19 62.11
C GLU F 73 45.36 8.29 61.77
N HIS F 74 45.17 8.56 60.48
CA HIS F 74 44.25 9.57 59.99
C HIS F 74 43.88 9.23 58.56
N PRO F 75 42.73 9.71 58.08
CA PRO F 75 42.38 9.48 56.67
C PRO F 75 43.25 10.31 55.73
N ILE F 76 42.97 10.22 54.43
CA ILE F 76 43.70 11.02 53.45
C ILE F 76 43.31 12.48 53.61
N GLU F 77 44.31 13.34 53.84
CA GLU F 77 44.10 14.74 54.13
C GLU F 77 44.79 15.60 53.08
N VAL F 78 44.11 16.65 52.64
CA VAL F 78 44.60 17.49 51.55
C VAL F 78 44.62 18.95 52.00
N PRO F 79 45.54 19.78 51.46
CA PRO F 79 45.51 21.20 51.77
C PRO F 79 44.24 21.85 51.23
N VAL F 80 43.77 22.87 51.95
CA VAL F 80 42.57 23.62 51.60
C VAL F 80 42.80 25.11 51.88
N GLY F 81 42.12 25.94 51.11
CA GLY F 81 42.10 27.37 51.36
C GLY F 81 42.88 28.18 50.34
N LYS F 82 43.28 29.37 50.78
CA LYS F 82 43.95 30.35 49.93
C LYS F 82 45.21 29.81 49.27
N ALA F 83 45.86 28.84 49.89
CA ALA F 83 47.10 28.30 49.34
C ALA F 83 46.84 27.52 48.06
N THR F 84 45.71 26.81 47.97
CA THR F 84 45.39 25.95 46.83
C THR F 84 44.53 26.70 45.81
N LEU F 85 45.02 27.84 45.32
CA LEU F 85 44.18 28.73 44.54
C LEU F 85 44.74 29.09 43.17
N GLY F 86 46.01 28.77 42.88
CA GLY F 86 46.56 29.04 41.56
C GLY F 86 47.41 27.89 41.05
N ARG F 87 47.11 26.69 41.54
CA ARG F 87 48.02 25.57 41.44
C ARG F 87 47.27 24.32 40.97
N ILE F 88 48.03 23.37 40.43
CA ILE F 88 47.51 22.07 40.01
C ILE F 88 47.90 21.03 41.05
N MET F 89 46.96 20.15 41.42
CA MET F 89 47.19 19.24 42.53
C MET F 89 46.73 17.82 42.19
N ASN F 90 47.35 16.87 42.90
CA ASN F 90 47.09 15.44 42.77
C ASN F 90 45.94 15.03 43.69
N VAL F 91 45.55 13.75 43.61
CA VAL F 91 44.46 13.24 44.46
C VAL F 91 44.85 13.33 45.93
N LEU F 92 46.11 13.06 46.25
CA LEU F 92 46.59 13.13 47.63
C LEU F 92 46.94 14.54 48.08
N GLY F 93 46.55 15.55 47.31
CA GLY F 93 46.83 16.92 47.68
C GLY F 93 48.26 17.37 47.43
N GLU F 94 49.05 16.59 46.71
CA GLU F 94 50.41 17.00 46.39
C GLU F 94 50.42 17.94 45.19
N PRO F 95 51.38 18.87 45.14
CA PRO F 95 51.45 19.77 43.99
C PRO F 95 51.89 19.03 42.74
N VAL F 96 51.23 19.34 41.63
CA VAL F 96 51.54 18.71 40.35
C VAL F 96 52.33 19.65 39.43
N ASP F 97 52.08 20.95 39.49
CA ASP F 97 52.93 21.89 38.77
C ASP F 97 54.32 21.90 39.39
N MET F 98 55.32 22.23 38.58
CA MET F 98 56.71 22.14 39.01
C MET F 98 57.12 23.28 39.96
N LYS F 99 56.16 24.05 40.46
CA LYS F 99 56.45 25.04 41.49
C LYS F 99 56.70 24.34 42.82
N GLY F 100 56.93 25.14 43.86
CA GLY F 100 57.30 24.62 45.17
C GLY F 100 56.12 24.05 45.92
N GLU F 101 56.32 23.88 47.22
CA GLU F 101 55.28 23.31 48.08
C GLU F 101 54.15 24.30 48.31
N ILE F 102 52.99 23.75 48.63
CA ILE F 102 51.79 24.54 48.91
C ILE F 102 51.84 24.96 50.38
N GLY F 103 51.79 26.26 50.62
CA GLY F 103 51.92 26.79 51.97
C GLY F 103 50.62 26.89 52.73
N GLU F 104 50.03 25.74 53.04
CA GLU F 104 48.72 25.70 53.66
C GLU F 104 48.81 25.80 55.18
N GLU F 105 47.80 26.46 55.76
CA GLU F 105 47.63 26.52 57.21
C GLU F 105 46.78 25.38 57.75
N GLU F 106 46.06 24.67 56.88
CA GLU F 106 45.07 23.70 57.33
C GLU F 106 44.92 22.61 56.28
N ARG F 107 44.69 21.38 56.75
CA ARG F 107 44.40 20.24 55.89
C ARG F 107 43.13 19.56 56.39
N TRP F 108 42.26 19.19 55.44
CA TRP F 108 41.00 18.55 55.75
C TRP F 108 41.00 17.12 55.23
N ALA F 109 40.40 16.21 56.01
CA ALA F 109 40.17 14.85 55.52
C ALA F 109 39.11 14.86 54.42
N ILE F 110 39.32 14.05 53.39
CA ILE F 110 38.44 14.08 52.23
C ILE F 110 37.13 13.34 52.45
N HIS F 111 37.04 12.51 53.49
CA HIS F 111 35.80 11.79 53.81
C HIS F 111 35.05 12.56 54.88
N ARG F 112 34.05 13.34 54.45
CA ARG F 112 33.26 14.17 55.34
C ARG F 112 31.78 13.87 55.13
N ALA F 113 30.95 14.46 55.99
CA ALA F 113 29.51 14.20 55.98
C ALA F 113 28.78 15.33 55.26
N ALA F 114 27.71 14.97 54.57
CA ALA F 114 26.89 15.94 53.87
C ALA F 114 26.21 16.87 54.88
N PRO F 115 25.93 18.12 54.49
CA PRO F 115 25.28 19.05 55.41
C PRO F 115 23.87 18.60 55.79
N SER F 116 23.45 19.00 57.00
CA SER F 116 22.18 18.56 57.54
C SER F 116 21.02 19.26 56.84
N TYR F 117 19.81 18.74 57.10
CA TYR F 117 18.61 19.25 56.45
C TYR F 117 18.35 20.71 56.82
N GLU F 118 18.48 21.05 58.10
CA GLU F 118 18.20 22.42 58.55
C GLU F 118 19.26 23.41 58.09
N GLU F 119 20.41 22.93 57.62
CA GLU F 119 21.49 23.78 57.17
C GLU F 119 21.35 24.22 55.71
N LEU F 120 20.43 23.62 54.97
CA LEU F 120 20.33 23.88 53.53
C LEU F 120 19.66 25.23 53.27
N SER F 121 19.83 25.69 52.03
CA SER F 121 19.19 26.90 51.54
C SER F 121 18.82 26.67 50.07
N ASN F 122 17.61 27.09 49.71
CA ASN F 122 17.14 26.97 48.34
C ASN F 122 16.80 28.36 47.81
N SER F 123 17.44 28.74 46.71
CA SER F 123 17.38 30.08 46.17
C SER F 123 16.86 30.04 44.73
N GLN F 124 15.98 30.99 44.40
CA GLN F 124 15.38 31.05 43.07
C GLN F 124 16.02 32.09 42.18
N GLU F 125 17.19 32.61 42.56
CA GLU F 125 17.81 33.75 41.87
C GLU F 125 18.42 33.27 40.55
N LEU F 126 17.82 33.68 39.44
CA LEU F 126 18.13 33.08 38.14
C LEU F 126 19.45 33.62 37.58
N LEU F 127 20.18 32.75 36.90
CA LEU F 127 21.48 33.06 36.32
C LEU F 127 21.38 32.98 34.80
N GLU F 128 22.07 33.87 34.11
CA GLU F 128 21.95 34.02 32.66
C GLU F 128 23.21 33.57 31.95
N THR F 129 23.04 32.82 30.87
CA THR F 129 24.12 32.38 30.00
C THR F 129 23.94 32.97 28.61
N GLY F 130 25.06 33.07 27.88
CA GLY F 130 24.99 33.53 26.51
C GLY F 130 24.44 32.51 25.54
N ILE F 131 24.26 31.26 25.97
CA ILE F 131 23.75 30.20 25.12
C ILE F 131 22.24 30.30 25.04
N LYS F 132 21.70 30.20 23.82
CA LYS F 132 20.27 30.43 23.60
C LYS F 132 19.44 29.28 24.17
N VAL F 133 19.69 28.07 23.69
CA VAL F 133 18.84 26.92 24.04
C VAL F 133 18.90 26.62 25.53
N ILE F 134 20.07 26.79 26.16
CA ILE F 134 20.22 26.38 27.55
C ILE F 134 19.35 27.22 28.46
N ASP F 135 19.42 28.55 28.34
CA ASP F 135 18.63 29.40 29.20
C ASP F 135 17.28 29.79 28.60
N LEU F 136 16.90 29.20 27.46
CA LEU F 136 15.49 29.16 27.08
C LEU F 136 14.80 27.93 27.65
N MET F 137 15.32 26.74 27.31
CA MET F 137 14.61 25.50 27.61
C MET F 137 14.82 25.04 29.05
N ALA F 138 16.05 25.11 29.55
CA ALA F 138 16.38 24.62 30.88
C ALA F 138 17.23 25.65 31.62
N PRO F 139 16.65 26.79 31.99
CA PRO F 139 17.42 27.80 32.73
C PRO F 139 17.73 27.31 34.13
N PHE F 140 18.94 27.65 34.62
CA PHE F 140 19.35 27.27 35.95
C PHE F 140 19.68 28.51 36.77
N ALA F 141 19.39 28.44 38.06
CA ALA F 141 19.60 29.54 38.99
C ALA F 141 20.93 29.37 39.72
N LYS F 142 21.29 30.40 40.49
CA LYS F 142 22.53 30.36 41.24
C LYS F 142 22.42 29.41 42.42
N GLY F 143 23.35 28.46 42.50
CA GLY F 143 23.38 27.50 43.58
C GLY F 143 22.81 26.14 43.27
N GLY F 144 22.42 25.89 42.02
CA GLY F 144 21.83 24.63 41.61
C GLY F 144 22.76 23.85 40.71
N LYS F 145 22.63 22.53 40.74
CA LYS F 145 23.49 21.65 39.96
C LYS F 145 23.00 21.57 38.52
N VAL F 146 23.93 21.66 37.57
CA VAL F 146 23.65 21.55 36.15
C VAL F 146 24.37 20.33 35.60
N GLY F 147 23.65 19.50 34.86
CA GLY F 147 24.24 18.32 34.27
C GLY F 147 24.24 18.33 32.75
N LEU F 148 25.36 17.96 32.14
CA LEU F 148 25.50 17.91 30.70
C LEU F 148 25.63 16.44 30.29
N PHE F 149 24.53 15.86 29.82
CA PHE F 149 24.50 14.48 29.39
C PHE F 149 24.96 14.38 27.94
N GLY F 150 25.06 13.16 27.43
CA GLY F 150 25.42 12.92 26.05
C GLY F 150 26.46 11.83 25.90
N GLY F 151 26.68 11.44 24.65
CA GLY F 151 27.63 10.40 24.32
C GLY F 151 29.03 10.91 24.08
N ALA F 152 29.73 10.30 23.12
CA ALA F 152 31.12 10.64 22.84
C ALA F 152 31.19 11.63 21.69
N GLY F 153 31.91 12.72 21.89
CA GLY F 153 32.10 13.72 20.86
C GLY F 153 30.86 14.49 20.47
N VAL F 154 30.04 14.88 21.44
CA VAL F 154 28.83 15.65 21.18
C VAL F 154 28.88 17.05 21.79
N GLY F 155 30.05 17.47 22.28
CA GLY F 155 30.27 18.85 22.67
C GLY F 155 30.16 19.18 24.14
N LYS F 156 30.17 18.18 25.03
CA LYS F 156 30.05 18.47 26.46
C LYS F 156 31.20 19.36 26.95
N THR F 157 32.44 19.00 26.58
CA THR F 157 33.59 19.79 27.02
C THR F 157 33.55 21.21 26.46
N VAL F 158 33.22 21.35 25.18
CA VAL F 158 33.16 22.68 24.56
C VAL F 158 32.05 23.52 25.20
N ASN F 159 30.88 22.92 25.43
CA ASN F 159 29.79 23.63 26.08
C ASN F 159 30.19 24.07 27.49
N MET F 160 30.89 23.21 28.23
CA MET F 160 31.32 23.58 29.57
C MET F 160 32.33 24.72 29.52
N MET F 161 33.23 24.70 28.54
CA MET F 161 34.19 25.80 28.41
C MET F 161 33.46 27.12 28.13
N GLU F 162 32.45 27.08 27.25
CA GLU F 162 31.67 28.28 26.98
C GLU F 162 30.96 28.77 28.24
N LEU F 163 30.40 27.85 29.03
CA LEU F 163 29.74 28.25 30.27
C LEU F 163 30.74 28.83 31.26
N ILE F 164 31.95 28.27 31.34
CA ILE F 164 32.97 28.85 32.20
C ILE F 164 33.21 30.30 31.80
N ARG F 165 33.44 30.52 30.51
CA ARG F 165 33.73 31.86 29.99
C ARG F 165 32.59 32.83 30.29
N ASN F 166 31.35 32.39 30.13
CA ASN F 166 30.24 33.34 30.24
C ASN F 166 29.79 33.56 31.69
N ILE F 167 29.61 32.48 32.46
CA ILE F 167 29.18 32.66 33.84
C ILE F 167 30.30 33.16 34.75
N ALA F 168 31.55 33.22 34.26
CA ALA F 168 32.56 33.96 34.99
C ALA F 168 32.43 35.46 34.82
N ILE F 169 31.62 35.93 33.87
CA ILE F 169 31.45 37.36 33.66
C ILE F 169 30.73 38.00 34.84
N GLU F 170 29.72 37.32 35.38
CA GLU F 170 28.90 37.86 36.46
C GLU F 170 29.23 37.25 37.82
N HIS F 171 30.33 36.52 37.92
CA HIS F 171 30.79 35.92 39.16
C HIS F 171 32.16 36.48 39.52
N SER F 172 32.34 36.83 40.79
CA SER F 172 33.56 37.50 41.24
C SER F 172 34.49 36.62 42.06
N GLY F 173 33.97 35.56 42.67
CA GLY F 173 34.71 34.78 43.64
C GLY F 173 35.58 33.70 43.03
N TYR F 174 35.98 32.76 43.88
CA TYR F 174 36.88 31.68 43.51
C TYR F 174 36.09 30.55 42.84
N SER F 175 36.84 29.67 42.16
CA SER F 175 36.24 28.54 41.47
C SER F 175 37.17 27.33 41.56
N VAL F 176 36.58 26.15 41.50
CA VAL F 176 37.31 24.89 41.58
C VAL F 176 37.00 24.07 40.33
N PHE F 177 38.05 23.56 39.69
CA PHE F 177 37.91 22.69 38.53
C PHE F 177 38.52 21.34 38.86
N ALA F 178 37.80 20.27 38.55
CA ALA F 178 38.22 18.90 38.88
C ALA F 178 38.29 18.08 37.60
N GLY F 179 39.50 17.75 37.18
CA GLY F 179 39.67 16.88 36.03
C GLY F 179 39.56 15.43 36.44
N VAL F 180 38.41 14.80 36.18
CA VAL F 180 38.15 13.47 36.70
C VAL F 180 38.16 12.47 35.55
N GLY F 181 39.30 11.83 35.31
CA GLY F 181 39.41 10.78 34.32
C GLY F 181 39.18 11.20 32.88
N GLU F 182 39.83 12.28 32.44
CA GLU F 182 39.69 12.76 31.08
C GLU F 182 41.07 13.01 30.48
N ARG F 183 41.08 13.55 29.25
CA ARG F 183 42.32 13.72 28.52
C ARG F 183 43.28 14.67 29.24
N THR F 184 44.55 14.26 29.30
CA THR F 184 45.59 15.12 29.85
C THR F 184 45.77 16.38 29.00
N ARG F 185 45.64 16.24 27.68
CA ARG F 185 45.82 17.38 26.79
C ARG F 185 44.78 18.47 27.08
N GLU F 186 43.54 18.07 27.34
CA GLU F 186 42.50 19.06 27.63
C GLU F 186 42.81 19.82 28.91
N GLY F 187 43.30 19.12 29.94
CA GLY F 187 43.72 19.81 31.15
C GLY F 187 44.89 20.75 30.93
N ASN F 188 45.87 20.32 30.15
CA ASN F 188 47.02 21.18 29.84
C ASN F 188 46.58 22.44 29.10
N ASP F 189 45.73 22.26 28.08
CA ASP F 189 45.26 23.40 27.31
C ASP F 189 44.41 24.33 28.16
N PHE F 190 43.59 23.77 29.04
CA PHE F 190 42.81 24.61 29.95
C PHE F 190 43.72 25.40 30.89
N TYR F 191 44.77 24.76 31.41
CA TYR F 191 45.70 25.47 32.29
C TYR F 191 46.37 26.63 31.58
N HIS F 192 46.87 26.39 30.36
CA HIS F 192 47.52 27.48 29.63
C HIS F 192 46.54 28.56 29.21
N GLU F 193 45.30 28.18 28.86
CA GLU F 193 44.28 29.19 28.52
C GLU F 193 43.94 30.03 29.74
N MET F 194 43.85 29.42 30.91
CA MET F 194 43.58 30.17 32.14
C MET F 194 44.75 31.10 32.49
N THR F 195 45.98 30.60 32.37
CA THR F 195 47.13 31.39 32.76
C THR F 195 47.51 32.44 31.71
N ASP F 196 46.98 32.35 30.49
CA ASP F 196 47.18 33.39 29.51
C ASP F 196 46.11 34.47 29.56
N SER F 197 45.04 34.26 30.32
CA SER F 197 44.02 35.28 30.55
C SER F 197 44.12 35.90 31.93
N ASN F 198 45.11 35.50 32.73
CA ASN F 198 45.34 36.06 34.07
C ASN F 198 44.13 35.88 34.99
N VAL F 199 43.38 34.81 34.78
CA VAL F 199 42.33 34.41 35.70
C VAL F 199 42.70 33.15 36.48
N ILE F 200 43.97 32.73 36.39
CA ILE F 200 44.45 31.55 37.10
C ILE F 200 44.57 31.79 38.60
N ASP F 201 44.52 33.05 39.04
CA ASP F 201 44.64 33.38 40.45
C ASP F 201 43.35 33.15 41.22
N LYS F 202 42.28 32.76 40.53
CA LYS F 202 41.00 32.45 41.17
C LYS F 202 40.52 31.03 40.93
N VAL F 203 40.99 30.38 39.86
CA VAL F 203 40.60 29.01 39.54
C VAL F 203 41.57 28.05 40.21
N SER F 204 41.04 27.09 40.95
CA SER F 204 41.83 26.07 41.62
C SER F 204 41.63 24.74 40.91
N LEU F 205 42.73 24.04 40.64
CA LEU F 205 42.70 22.87 39.77
C LEU F 205 43.15 21.60 40.49
N VAL F 206 42.38 20.54 40.31
CA VAL F 206 42.74 19.19 40.73
C VAL F 206 42.61 18.29 39.51
N TYR F 207 43.66 17.53 39.20
CA TYR F 207 43.69 16.69 37.98
C TYR F 207 44.08 15.26 38.33
N GLY F 208 43.12 14.35 38.23
CA GLY F 208 43.43 12.95 38.11
C GLY F 208 42.86 12.44 36.80
N GLN F 209 43.72 12.11 35.83
CA GLN F 209 43.25 11.91 34.46
C GLN F 209 43.19 10.43 34.07
N MET F 210 42.74 10.19 32.85
CA MET F 210 42.41 8.85 32.39
C MET F 210 43.63 7.95 32.19
N ASN F 211 44.82 8.45 32.52
CA ASN F 211 46.02 7.61 32.55
C ASN F 211 46.33 7.05 33.93
N GLU F 212 45.58 7.47 34.98
CA GLU F 212 45.85 7.17 36.38
C GLU F 212 45.20 5.84 36.78
N PRO F 213 45.76 5.16 37.78
CA PRO F 213 45.17 3.92 38.26
C PRO F 213 43.85 4.17 38.97
N PRO F 214 43.03 3.13 39.16
CA PRO F 214 41.66 3.35 39.64
C PRO F 214 41.58 4.09 40.97
N GLY F 215 42.54 3.86 41.88
CA GLY F 215 42.48 4.52 43.17
C GLY F 215 42.53 6.03 43.07
N ASN F 216 43.38 6.55 42.18
CA ASN F 216 43.50 8.00 42.02
C ASN F 216 42.22 8.60 41.44
N ARG F 217 41.70 7.97 40.38
CA ARG F 217 40.50 8.46 39.72
C ARG F 217 39.31 8.44 40.67
N LEU F 218 39.20 7.40 41.50
CA LEU F 218 38.05 7.29 42.39
C LEU F 218 37.99 8.44 43.39
N ARG F 219 39.11 8.75 44.07
CA ARG F 219 39.12 9.72 45.17
C ARG F 219 39.44 11.16 44.71
N VAL F 220 39.80 11.36 43.45
CA VAL F 220 40.10 12.72 42.97
C VAL F 220 38.84 13.60 42.97
N ALA F 221 37.69 13.01 42.63
CA ALA F 221 36.45 13.77 42.67
C ALA F 221 36.16 14.25 44.08
N LEU F 222 36.36 13.36 45.06
CA LEU F 222 36.09 13.70 46.45
C LEU F 222 37.01 14.83 46.93
N THR F 223 38.30 14.77 46.57
CA THR F 223 39.20 15.83 47.05
C THR F 223 38.83 17.18 46.42
N GLY F 224 38.45 17.20 45.14
CA GLY F 224 38.01 18.46 44.56
C GLY F 224 36.81 19.04 45.30
N LEU F 225 35.82 18.18 45.56
CA LEU F 225 34.64 18.66 46.28
C LEU F 225 35.00 19.16 47.68
N THR F 226 35.96 18.51 48.34
CA THR F 226 36.38 18.94 49.67
C THR F 226 36.96 20.35 49.65
N MET F 227 37.81 20.63 48.65
CA MET F 227 38.34 21.99 48.52
C MET F 227 37.20 22.99 48.34
N ALA F 228 36.22 22.60 47.53
CA ALA F 228 35.05 23.45 47.36
C ALA F 228 34.35 23.71 48.69
N GLU F 229 34.29 22.69 49.56
CA GLU F 229 33.69 22.90 50.88
C GLU F 229 34.44 23.96 51.68
N LYS F 230 35.78 23.87 51.70
CA LYS F 230 36.54 24.89 52.43
C LYS F 230 36.21 26.28 51.93
N PHE F 231 36.20 26.46 50.60
CA PHE F 231 35.90 27.81 50.10
C PHE F 231 34.47 28.24 50.42
N ARG F 232 33.52 27.29 50.37
CA ARG F 232 32.14 27.63 50.67
C ARG F 232 31.99 28.17 52.09
N ASP F 233 32.60 27.48 53.06
CA ASP F 233 32.35 27.78 54.46
C ASP F 233 33.02 29.05 54.94
N GLU F 234 33.80 29.72 54.10
CA GLU F 234 34.28 31.06 54.39
C GLU F 234 33.25 32.13 54.08
N GLY F 235 32.01 31.74 53.76
CA GLY F 235 30.99 32.69 53.37
C GLY F 235 30.99 33.07 51.91
N ARG F 236 31.77 32.39 51.08
CA ARG F 236 31.92 32.71 49.67
C ARG F 236 30.94 31.92 48.81
N ASP F 237 30.79 32.36 47.57
CA ASP F 237 30.02 31.64 46.56
C ASP F 237 31.01 31.06 45.55
N VAL F 238 30.99 29.75 45.38
CA VAL F 238 32.01 29.03 44.64
C VAL F 238 31.36 28.41 43.40
N LEU F 239 32.16 28.31 42.34
CA LEU F 239 31.77 27.63 41.11
C LEU F 239 32.62 26.37 40.98
N LEU F 240 31.97 25.22 40.85
CA LEU F 240 32.66 23.94 40.83
C LEU F 240 32.37 23.24 39.50
N PHE F 241 33.43 22.96 38.75
CA PHE F 241 33.32 22.33 37.44
C PHE F 241 33.96 20.95 37.50
N VAL F 242 33.24 19.93 37.05
CA VAL F 242 33.74 18.56 37.03
C VAL F 242 33.79 18.10 35.58
N ASP F 243 34.98 17.70 35.13
CA ASP F 243 35.16 17.35 33.71
C ASP F 243 34.33 16.13 33.32
N ASN F 244 34.30 15.11 34.17
CA ASN F 244 33.48 13.93 33.90
C ASN F 244 33.16 13.24 35.22
N ILE F 245 31.87 13.11 35.53
CA ILE F 245 31.44 12.46 36.76
C ILE F 245 31.10 10.99 36.53
N TYR F 246 31.17 10.52 35.28
CA TYR F 246 30.92 9.11 35.01
C TYR F 246 32.12 8.26 35.44
N ARG F 247 33.34 8.81 35.30
CA ARG F 247 34.54 8.02 35.59
C ARG F 247 34.63 7.62 37.05
N TYR F 248 34.01 8.39 37.95
CA TYR F 248 33.98 8.02 39.37
C TYR F 248 33.29 6.68 39.56
N THR F 249 32.08 6.54 39.03
CA THR F 249 31.37 5.27 39.09
C THR F 249 32.10 4.18 38.31
N LEU F 250 32.80 4.54 37.24
CA LEU F 250 33.52 3.53 36.46
C LEU F 250 34.73 2.99 37.24
N ALA F 251 35.43 3.85 37.98
CA ALA F 251 36.48 3.36 38.87
C ALA F 251 35.89 2.46 39.93
N GLY F 252 34.74 2.84 40.50
CA GLY F 252 34.04 1.94 41.40
C GLY F 252 33.74 0.60 40.76
N THR F 253 33.31 0.63 39.50
CA THR F 253 32.99 -0.61 38.78
C THR F 253 34.23 -1.48 38.58
N GLU F 254 35.35 -0.87 38.21
CA GLU F 254 36.58 -1.63 38.03
C GLU F 254 37.07 -2.23 39.34
N VAL F 255 36.87 -1.52 40.45
CA VAL F 255 37.40 -1.99 41.72
C VAL F 255 36.47 -3.01 42.38
N SER F 256 35.15 -2.87 42.21
CA SER F 256 34.20 -3.59 43.05
C SER F 256 34.30 -5.10 42.91
N ALA F 257 34.66 -5.59 41.72
CA ALA F 257 34.76 -7.04 41.54
C ALA F 257 35.88 -7.63 42.40
N LEU F 258 37.03 -6.94 42.47
CA LEU F 258 38.15 -7.43 43.23
C LEU F 258 37.93 -7.32 44.74
N LEU F 259 37.04 -6.44 45.17
CA LEU F 259 36.70 -6.34 46.58
C LEU F 259 35.72 -7.41 47.05
N GLY F 260 35.36 -8.35 46.18
CA GLY F 260 34.52 -9.47 46.55
C GLY F 260 33.03 -9.21 46.51
N ARG F 261 32.58 -8.06 46.00
CA ARG F 261 31.17 -7.75 45.94
C ARG F 261 30.54 -8.37 44.69
N MET F 262 29.43 -9.07 44.89
CA MET F 262 28.75 -9.74 43.78
C MET F 262 28.09 -8.70 42.87
N PRO F 263 28.30 -8.78 41.55
CA PRO F 263 27.85 -7.69 40.67
C PRO F 263 26.34 -7.58 40.58
N SER F 264 25.89 -6.34 40.34
CA SER F 264 24.48 -6.01 40.18
C SER F 264 24.12 -6.04 38.69
N ALA F 265 22.98 -5.45 38.33
CA ALA F 265 22.55 -5.37 36.94
C ALA F 265 23.66 -4.83 36.05
N VAL F 266 23.64 -5.25 34.78
CA VAL F 266 24.72 -4.99 33.84
C VAL F 266 26.01 -5.51 34.46
N GLY F 267 26.89 -4.62 34.92
CA GLY F 267 28.10 -5.03 35.58
C GLY F 267 28.44 -4.17 36.77
N TYR F 268 27.51 -3.31 37.17
CA TYR F 268 27.79 -2.31 38.20
C TYR F 268 27.83 -2.92 39.60
N GLN F 269 28.50 -2.20 40.49
CA GLN F 269 28.57 -2.57 41.89
C GLN F 269 27.20 -2.42 42.55
N PRO F 270 26.93 -3.22 43.59
CA PRO F 270 25.66 -3.04 44.31
C PRO F 270 25.53 -1.67 44.94
N THR F 271 26.64 -0.99 45.22
CA THR F 271 26.65 0.29 45.91
C THR F 271 26.66 1.48 44.96
N LEU F 272 26.20 1.30 43.71
CA LEU F 272 26.23 2.40 42.75
C LEU F 272 25.43 3.60 43.25
N ALA F 273 24.19 3.36 43.67
CA ALA F 273 23.34 4.44 44.15
C ALA F 273 23.93 5.10 45.39
N GLU F 274 24.41 4.29 46.35
CA GLU F 274 24.98 4.86 47.57
C GLU F 274 26.26 5.64 47.28
N GLU F 275 27.11 5.13 46.40
CA GLU F 275 28.35 5.83 46.08
C GLU F 275 28.06 7.19 45.43
N MET F 276 27.15 7.20 44.46
CA MET F 276 26.77 8.46 43.84
C MET F 276 26.10 9.40 44.84
N GLY F 277 25.30 8.86 45.76
CA GLY F 277 24.65 9.69 46.75
C GLY F 277 25.63 10.30 47.73
N VAL F 278 26.65 9.53 48.14
CA VAL F 278 27.66 10.06 49.05
C VAL F 278 28.45 11.17 48.36
N LEU F 279 28.74 10.99 47.06
CA LEU F 279 29.53 12.02 46.38
C LEU F 279 28.70 13.28 46.13
N GLN F 280 27.47 13.13 45.63
CA GLN F 280 26.69 14.28 45.14
C GLN F 280 25.78 14.94 46.17
N GLU F 281 25.81 14.51 47.45
CA GLU F 281 24.97 15.18 48.43
C GLU F 281 25.75 16.11 49.36
N ARG F 282 27.07 16.07 49.35
CA ARG F 282 27.87 17.06 50.07
C ARG F 282 28.28 18.21 49.17
N ILE F 283 27.67 18.31 48.00
CA ILE F 283 27.90 19.41 47.06
C ILE F 283 26.55 20.15 46.93
N THR F 284 26.34 21.14 47.79
CA THR F 284 25.09 21.88 47.84
C THR F 284 25.36 23.28 48.36
N SER F 285 24.36 24.14 48.27
CA SER F 285 24.41 25.49 48.82
C SER F 285 23.74 25.49 50.19
N THR F 286 24.52 25.77 51.24
CA THR F 286 24.00 25.87 52.59
C THR F 286 23.57 27.31 52.86
N LYS F 287 23.28 27.63 54.12
CA LYS F 287 22.91 28.98 54.49
C LYS F 287 24.11 29.90 54.69
N THR F 288 25.32 29.36 54.66
CA THR F 288 26.54 30.14 54.85
C THR F 288 27.47 30.05 53.65
N GLY F 289 26.93 29.71 52.48
CA GLY F 289 27.71 29.60 51.27
C GLY F 289 26.85 29.03 50.16
N SER F 290 27.44 28.98 48.97
CA SER F 290 26.72 28.48 47.80
C SER F 290 27.71 27.96 46.78
N ILE F 291 27.46 26.75 46.27
CA ILE F 291 28.33 26.12 45.28
C ILE F 291 27.48 25.91 44.03
N THR F 292 27.69 26.75 43.02
CA THR F 292 27.10 26.55 41.71
C THR F 292 27.98 25.60 40.92
N SER F 293 27.42 24.50 40.43
CA SER F 293 28.20 23.42 39.88
C SER F 293 27.71 23.01 38.50
N VAL F 294 28.65 22.72 37.61
CA VAL F 294 28.37 22.20 36.27
C VAL F 294 29.11 20.87 36.13
N GLN F 295 28.40 19.83 35.72
CA GLN F 295 28.95 18.49 35.66
C GLN F 295 28.63 17.85 34.32
N ALA F 296 29.62 17.15 33.75
CA ALA F 296 29.45 16.43 32.50
C ALA F 296 29.24 14.95 32.80
N VAL F 297 28.16 14.37 32.26
CA VAL F 297 27.79 12.99 32.50
C VAL F 297 27.89 12.25 31.18
N TYR F 298 28.98 11.51 31.00
CA TYR F 298 29.14 10.68 29.81
C TYR F 298 28.25 9.45 29.90
N VAL F 299 27.33 9.30 28.95
CA VAL F 299 26.46 8.13 28.91
C VAL F 299 27.15 7.05 28.07
N PRO F 300 27.15 5.80 28.54
CA PRO F 300 27.82 4.74 27.76
C PRO F 300 26.96 4.26 26.61
N ALA F 301 27.59 4.14 25.44
CA ALA F 301 26.97 3.57 24.25
C ALA F 301 25.67 4.29 23.88
N ASP F 302 25.60 5.59 24.17
CA ASP F 302 24.42 6.40 23.89
C ASP F 302 23.15 5.77 24.47
N ASP F 303 23.28 5.18 25.65
CA ASP F 303 22.18 4.48 26.31
C ASP F 303 21.74 5.29 27.52
N LEU F 304 20.67 6.07 27.36
CA LEU F 304 20.13 6.85 28.46
C LEU F 304 19.39 6.00 29.48
N THR F 305 19.19 4.71 29.20
CA THR F 305 18.56 3.79 30.13
C THR F 305 19.58 3.04 30.98
N ASP F 306 20.86 3.34 30.84
CA ASP F 306 21.88 2.67 31.64
C ASP F 306 21.79 3.13 33.09
N PRO F 307 22.05 2.23 34.05
CA PRO F 307 21.89 2.61 35.46
C PRO F 307 22.75 3.78 35.90
N SER F 308 23.92 3.98 35.29
CA SER F 308 24.77 5.08 35.74
C SER F 308 24.17 6.44 35.38
N PRO F 309 23.77 6.74 34.14
CA PRO F 309 23.03 7.98 33.90
C PRO F 309 21.66 8.01 34.58
N ALA F 310 20.99 6.86 34.64
CA ALA F 310 19.61 6.83 35.13
C ALA F 310 19.52 7.19 36.61
N THR F 311 20.56 6.89 37.39
CA THR F 311 20.59 7.23 38.80
C THR F 311 21.21 8.60 39.06
N THR F 312 21.56 9.35 38.02
CA THR F 312 22.05 10.70 38.16
C THR F 312 21.00 11.75 37.83
N PHE F 313 19.96 11.39 37.08
CA PHE F 313 18.93 12.36 36.71
C PHE F 313 18.19 12.90 37.94
N ALA F 314 18.11 12.12 39.00
CA ALA F 314 17.38 12.53 40.19
C ALA F 314 18.18 13.47 41.09
N HIS F 315 19.46 13.70 40.79
CA HIS F 315 20.33 14.50 41.64
C HIS F 315 20.58 15.90 41.10
N LEU F 316 19.92 16.30 40.01
CA LEU F 316 20.27 17.53 39.31
C LEU F 316 19.08 18.46 39.18
N ASP F 317 19.37 19.77 39.26
CA ASP F 317 18.33 20.79 39.06
C ASP F 317 18.07 21.06 37.59
N ALA F 318 19.09 20.97 36.74
CA ALA F 318 18.97 21.32 35.34
C ALA F 318 19.75 20.31 34.52
N THR F 319 19.05 19.41 33.83
CA THR F 319 19.66 18.39 33.01
C THR F 319 19.56 18.79 31.53
N VAL F 320 20.70 18.82 30.85
CA VAL F 320 20.77 19.16 29.44
C VAL F 320 21.29 17.94 28.70
N VAL F 321 20.50 17.41 27.76
CA VAL F 321 20.79 16.16 27.09
C VAL F 321 21.26 16.49 25.68
N LEU F 322 22.56 16.39 25.44
CA LEU F 322 23.09 16.42 24.08
C LEU F 322 22.84 15.07 23.40
N SER F 323 22.73 15.11 22.07
CA SER F 323 22.42 13.90 21.32
C SER F 323 23.22 13.88 20.02
N ARG F 324 23.48 12.66 19.53
CA ARG F 324 24.33 12.48 18.36
C ARG F 324 23.60 12.80 17.05
N GLN F 325 22.32 12.46 16.96
CA GLN F 325 21.58 12.73 15.72
C GLN F 325 21.53 14.22 15.42
N ILE F 326 21.26 15.04 16.45
CA ILE F 326 21.24 16.48 16.26
C ILE F 326 22.61 17.00 15.88
N ALA F 327 23.67 16.40 16.45
CA ALA F 327 25.03 16.81 16.11
C ALA F 327 25.37 16.48 14.65
N SER F 328 24.90 15.33 14.16
CA SER F 328 25.22 14.92 12.80
C SER F 328 24.66 15.90 11.77
N LEU F 329 23.59 16.60 12.11
CA LEU F 329 23.01 17.62 11.24
C LEU F 329 23.81 18.91 11.24
N GLY F 330 24.85 19.01 12.07
CA GLY F 330 25.64 20.21 12.19
C GLY F 330 25.09 21.23 13.15
N ILE F 331 24.02 20.91 13.87
CA ILE F 331 23.35 21.87 14.75
C ILE F 331 24.06 21.82 16.10
N TYR F 332 25.09 22.65 16.23
CA TYR F 332 25.85 22.87 17.47
C TYR F 332 25.40 24.15 18.14
N PRO F 333 25.14 24.16 19.45
CA PRO F 333 25.21 23.04 20.38
C PRO F 333 24.06 22.06 20.18
N ALA F 334 24.36 20.76 20.28
CA ALA F 334 23.40 19.71 19.94
C ALA F 334 22.53 19.36 21.16
N VAL F 335 21.85 20.36 21.69
CA VAL F 335 20.96 20.16 22.83
C VAL F 335 19.64 19.60 22.33
N ASP F 336 19.25 18.45 22.86
CA ASP F 336 17.94 17.90 22.53
C ASP F 336 16.89 18.60 23.39
N PRO F 337 15.97 19.35 22.79
CA PRO F 337 15.01 20.13 23.59
C PRO F 337 13.81 19.34 24.07
N LEU F 338 13.70 18.06 23.73
CA LEU F 338 12.61 17.22 24.21
C LEU F 338 13.02 16.31 25.35
N ASP F 339 14.26 16.42 25.83
CA ASP F 339 14.70 15.77 27.05
C ASP F 339 15.27 16.73 28.09
N SER F 340 15.75 17.90 27.67
CA SER F 340 16.33 18.85 28.60
C SER F 340 15.21 19.60 29.34
N THR F 341 15.28 19.61 30.66
CA THR F 341 14.29 20.28 31.51
C THR F 341 15.01 20.95 32.67
N SER F 342 14.23 21.58 33.54
CA SER F 342 14.77 22.20 34.75
C SER F 342 13.67 22.30 35.78
N ARG F 343 14.10 22.38 37.05
CA ARG F 343 13.19 22.64 38.15
C ARG F 343 12.74 24.09 38.20
N GLN F 344 13.46 25.01 37.55
CA GLN F 344 13.16 26.44 37.56
C GLN F 344 12.33 26.89 36.38
N LEU F 345 11.83 25.97 35.54
CA LEU F 345 10.99 26.35 34.42
C LEU F 345 9.53 26.38 34.87
N ASP F 346 9.23 27.37 35.71
CA ASP F 346 7.88 27.61 36.20
C ASP F 346 7.52 29.07 36.01
N PRO F 347 6.26 29.36 35.67
CA PRO F 347 5.87 30.77 35.46
C PRO F 347 5.99 31.62 36.72
N LEU F 348 5.92 31.02 37.91
CA LEU F 348 6.03 31.80 39.14
C LEU F 348 7.45 32.30 39.38
N VAL F 349 8.45 31.64 38.82
CA VAL F 349 9.84 32.04 38.99
C VAL F 349 10.45 32.62 37.72
N VAL F 350 10.07 32.11 36.55
CA VAL F 350 10.72 32.51 35.30
C VAL F 350 9.88 33.48 34.48
N GLY F 351 8.61 33.67 34.80
CA GLY F 351 7.74 34.54 34.05
C GLY F 351 6.85 33.80 33.08
N GLN F 352 5.73 34.42 32.73
CA GLN F 352 4.74 33.76 31.89
C GLN F 352 5.15 33.76 30.41
N GLU F 353 5.76 34.84 29.92
CA GLU F 353 6.15 34.88 28.52
C GLU F 353 7.22 33.83 28.21
N HIS F 354 8.24 33.74 29.07
CA HIS F 354 9.28 32.73 28.90
C HIS F 354 8.70 31.32 28.96
N TYR F 355 7.84 31.07 29.94
CA TYR F 355 7.22 29.76 30.11
C TYR F 355 6.41 29.37 28.88
N ASP F 356 5.57 30.30 28.40
CA ASP F 356 4.75 30.03 27.24
C ASP F 356 5.59 29.78 26.00
N THR F 357 6.66 30.56 25.82
CA THR F 357 7.52 30.37 24.66
C THR F 357 8.18 28.99 24.69
N ALA F 358 8.70 28.58 25.85
CA ALA F 358 9.34 27.27 25.95
C ALA F 358 8.34 26.15 25.68
N ARG F 359 7.14 26.26 26.26
CA ARG F 359 6.15 25.20 26.05
C ARG F 359 5.70 25.13 24.60
N GLY F 360 5.58 26.30 23.94
CA GLY F 360 5.24 26.29 22.52
C GLY F 360 6.31 25.63 21.67
N VAL F 361 7.58 25.91 21.98
CA VAL F 361 8.67 25.26 21.26
C VAL F 361 8.57 23.75 21.41
N GLN F 362 8.36 23.28 22.65
CA GLN F 362 8.25 21.84 22.87
C GLN F 362 7.07 21.24 22.11
N SER F 363 5.93 21.92 22.13
CA SER F 363 4.75 21.42 21.42
C SER F 363 5.01 21.27 19.93
N ILE F 364 5.59 22.31 19.32
CA ILE F 364 5.83 22.27 17.88
C ILE F 364 6.81 21.16 17.53
N LEU F 365 7.88 21.03 18.30
CA LEU F 365 8.89 20.02 17.98
C LEU F 365 8.35 18.60 18.18
N GLN F 366 7.50 18.40 19.20
CA GLN F 366 6.88 17.10 19.40
C GLN F 366 5.98 16.74 18.22
N ARG F 367 5.20 17.71 17.74
CA ARG F 367 4.36 17.47 16.57
C ARG F 367 5.20 17.13 15.35
N TYR F 368 6.35 17.80 15.21
CA TYR F 368 7.25 17.50 14.10
C TYR F 368 7.79 16.08 14.19
N GLN F 369 8.16 15.63 15.39
CA GLN F 369 8.57 14.24 15.57
C GLN F 369 7.47 13.29 15.13
N GLU F 370 6.23 13.59 15.49
CA GLU F 370 5.13 12.72 15.06
C GLU F 370 5.01 12.70 13.54
N LEU F 371 5.19 13.85 12.88
CA LEU F 371 5.05 13.90 11.42
C LEU F 371 6.22 13.25 10.69
N LYS F 372 7.37 13.09 11.35
CA LYS F 372 8.53 12.51 10.66
C LYS F 372 8.24 11.10 10.15
N ASP F 373 7.55 10.28 10.92
CA ASP F 373 7.35 8.89 10.51
C ASP F 373 6.36 8.78 9.34
N ILE F 374 5.43 9.73 9.24
CA ILE F 374 4.58 9.79 8.04
C ILE F 374 5.41 10.22 6.84
N ILE F 375 6.25 11.25 7.02
CA ILE F 375 7.06 11.77 5.93
C ILE F 375 8.03 10.72 5.42
N ALA F 376 8.54 9.86 6.31
CA ALA F 376 9.55 8.89 5.93
C ALA F 376 9.05 7.94 4.85
N ILE F 377 7.82 7.47 4.97
CA ILE F 377 7.26 6.55 3.99
C ILE F 377 6.60 7.31 2.83
N LEU F 378 5.79 8.32 3.12
CA LEU F 378 4.99 8.92 2.07
C LEU F 378 5.58 10.19 1.46
N GLY F 379 6.57 10.79 2.10
CA GLY F 379 7.04 12.09 1.64
C GLY F 379 6.14 13.20 2.15
N MET F 380 6.50 14.43 1.81
CA MET F 380 5.86 15.61 2.37
C MET F 380 4.54 15.96 1.67
N ASP F 381 4.22 15.34 0.53
CA ASP F 381 3.09 15.79 -0.26
C ASP F 381 1.74 15.42 0.36
N GLU F 382 1.67 14.29 1.06
CA GLU F 382 0.40 13.79 1.56
C GLU F 382 -0.03 14.43 2.89
N LEU F 383 0.68 15.45 3.36
CA LEU F 383 0.33 16.07 4.62
C LEU F 383 -0.78 17.09 4.45
N SER F 384 -1.43 17.42 5.57
CA SER F 384 -2.33 18.57 5.59
C SER F 384 -1.52 19.85 5.53
N GLU F 385 -2.18 20.92 5.06
CA GLU F 385 -1.48 22.19 4.87
C GLU F 385 -0.99 22.75 6.20
N GLU F 386 -1.80 22.61 7.25
CA GLU F 386 -1.38 23.01 8.59
C GLU F 386 -0.15 22.21 9.04
N ASP F 387 -0.13 20.92 8.72
CA ASP F 387 1.02 20.08 9.06
C ASP F 387 2.27 20.55 8.33
N LYS F 388 2.13 20.95 7.07
CA LYS F 388 3.29 21.48 6.34
C LYS F 388 3.78 22.78 6.96
N LEU F 389 2.85 23.63 7.40
CA LEU F 389 3.25 24.86 8.09
C LEU F 389 4.05 24.55 9.35
N VAL F 390 3.57 23.60 10.15
CA VAL F 390 4.29 23.29 11.38
C VAL F 390 5.63 22.61 11.07
N VAL F 391 5.72 21.85 9.97
CA VAL F 391 7.01 21.29 9.58
C VAL F 391 8.00 22.38 9.26
N ALA F 392 7.58 23.38 8.48
CA ALA F 392 8.48 24.48 8.13
C ALA F 392 8.93 25.22 9.38
N ARG F 393 7.99 25.54 10.27
CA ARG F 393 8.36 26.29 11.47
C ARG F 393 9.23 25.47 12.42
N ALA F 394 8.98 24.16 12.51
CA ALA F 394 9.83 23.32 13.36
C ALA F 394 11.25 23.24 12.83
N ARG F 395 11.40 23.12 11.51
CA ARG F 395 12.75 23.09 10.95
C ARG F 395 13.46 24.42 11.19
N LYS F 396 12.74 25.54 11.03
CA LYS F 396 13.35 26.84 11.29
C LYS F 396 13.73 27.00 12.76
N ILE F 397 12.88 26.48 13.67
CA ILE F 397 13.19 26.53 15.09
C ILE F 397 14.45 25.72 15.39
N GLN F 398 14.56 24.52 14.83
CA GLN F 398 15.74 23.70 15.05
C GLN F 398 17.00 24.41 14.57
N ARG F 399 16.93 25.04 13.40
CA ARG F 399 18.09 25.81 12.94
C ARG F 399 18.40 26.98 13.88
N PHE F 400 17.36 27.63 14.42
CA PHE F 400 17.59 28.79 15.28
C PHE F 400 18.15 28.43 16.64
N LEU F 401 18.00 27.17 17.07
CA LEU F 401 18.60 26.75 18.34
C LEU F 401 20.12 26.75 18.32
N SER F 402 20.73 26.71 17.14
CA SER F 402 22.18 26.70 17.04
C SER F 402 22.76 28.09 17.33
N GLN F 403 24.05 28.11 17.64
CA GLN F 403 24.74 29.34 18.01
C GLN F 403 26.25 29.16 17.92
N PRO F 404 26.97 30.07 17.27
CA PRO F 404 28.43 29.96 17.18
C PRO F 404 29.11 30.50 18.43
N PHE F 405 29.75 29.61 19.18
CA PHE F 405 30.45 30.00 20.39
C PHE F 405 31.80 30.64 20.09
N PHE F 406 32.24 31.49 21.02
CA PHE F 406 33.59 32.05 20.94
C PHE F 406 34.64 30.96 21.09
N VAL F 407 34.42 30.01 22.01
CA VAL F 407 35.39 28.96 22.26
C VAL F 407 35.45 27.92 21.16
N ALA F 408 34.47 27.92 20.25
CA ALA F 408 34.46 27.01 19.12
C ALA F 408 34.96 27.67 17.84
N GLU F 409 35.50 28.88 17.94
CA GLU F 409 35.94 29.64 16.76
C GLU F 409 37.07 28.93 16.01
N VAL F 410 37.75 27.98 16.65
CA VAL F 410 38.83 27.28 15.99
C VAL F 410 38.29 26.23 15.01
N PHE F 411 37.33 25.41 15.46
CA PHE F 411 36.79 24.36 14.60
C PHE F 411 36.06 24.94 13.41
N THR F 412 35.19 25.92 13.65
CA THR F 412 34.59 26.72 12.60
C THR F 412 35.49 27.92 12.33
N GLY F 413 34.96 28.92 11.64
CA GLY F 413 35.68 30.18 11.50
C GLY F 413 34.81 31.35 11.93
N SER F 414 33.55 31.07 12.21
CA SER F 414 32.58 32.13 12.47
C SER F 414 32.88 32.84 13.79
N PRO F 415 32.71 34.16 13.84
CA PRO F 415 32.86 34.87 15.11
C PRO F 415 31.81 34.43 16.12
N GLY F 416 32.19 34.47 17.40
CA GLY F 416 31.30 34.04 18.47
C GLY F 416 30.17 35.04 18.71
N LYS F 417 29.18 34.58 19.45
CA LYS F 417 27.98 35.37 19.71
C LYS F 417 27.52 35.13 21.15
N TYR F 418 27.08 36.21 21.80
CA TYR F 418 26.42 36.14 23.11
C TYR F 418 25.03 36.70 22.95
N VAL F 419 24.02 35.93 23.36
CA VAL F 419 22.62 36.28 23.16
C VAL F 419 21.95 36.43 24.52
N SER F 420 21.22 37.54 24.68
CA SER F 420 20.48 37.78 25.91
C SER F 420 19.14 37.03 25.90
N LEU F 421 18.58 36.85 27.10
CA LEU F 421 17.34 36.09 27.23
C LEU F 421 16.19 36.80 26.52
N LYS F 422 16.11 38.12 26.64
CA LYS F 422 15.03 38.87 25.99
C LYS F 422 15.09 38.69 24.48
N ASP F 423 16.30 38.75 23.90
CA ASP F 423 16.46 38.54 22.47
C ASP F 423 15.97 37.17 22.04
N THR F 424 16.34 36.13 22.78
CA THR F 424 16.01 34.77 22.35
C THR F 424 14.53 34.48 22.51
N ILE F 425 13.90 34.97 23.58
CA ILE F 425 12.46 34.77 23.71
C ILE F 425 11.71 35.57 22.65
N ARG F 426 12.21 36.77 22.31
CA ARG F 426 11.59 37.51 21.22
C ARG F 426 11.70 36.75 19.90
N GLY F 427 12.87 36.17 19.62
CA GLY F 427 13.04 35.45 18.37
C GLY F 427 12.15 34.23 18.26
N PHE F 428 12.10 33.41 19.31
CA PHE F 428 11.27 32.22 19.27
C PHE F 428 9.78 32.55 19.27
N LYS F 429 9.38 33.61 19.99
CA LYS F 429 8.01 34.08 19.91
C LYS F 429 7.65 34.53 18.51
N GLY F 430 8.58 35.23 17.84
CA GLY F 430 8.33 35.67 16.48
C GLY F 430 8.17 34.50 15.52
N ILE F 431 9.05 33.50 15.63
CA ILE F 431 8.95 32.34 14.75
C ILE F 431 7.66 31.57 15.00
N MET F 432 7.29 31.39 16.28
CA MET F 432 6.11 30.58 16.61
C MET F 432 4.84 31.17 16.01
N GLU F 433 4.67 32.48 16.08
CA GLU F 433 3.49 33.13 15.55
C GLU F 433 3.64 33.53 14.08
N GLY F 434 4.67 33.05 13.40
CA GLY F 434 4.76 33.16 11.95
C GLY F 434 5.15 34.52 11.42
N GLU F 435 5.76 35.38 12.23
CA GLU F 435 6.23 36.67 11.72
C GLU F 435 7.30 36.49 10.66
N TYR F 436 8.12 35.45 10.77
CA TYR F 436 9.26 35.24 9.90
C TYR F 436 9.05 34.08 8.94
N ASP F 437 7.80 33.83 8.53
CA ASP F 437 7.51 32.76 7.59
C ASP F 437 8.12 32.99 6.21
N HIS F 438 8.51 34.23 5.91
CA HIS F 438 9.00 34.58 4.58
C HIS F 438 10.50 34.39 4.41
N LEU F 439 11.19 33.88 5.44
CA LEU F 439 12.64 33.73 5.33
C LEU F 439 13.01 32.27 5.08
N PRO F 440 14.12 32.02 4.38
CA PRO F 440 14.55 30.64 4.16
C PRO F 440 15.14 30.01 5.41
N GLU F 441 15.19 28.68 5.40
CA GLU F 441 15.64 27.94 6.58
C GLU F 441 17.11 28.22 6.90
N GLN F 442 17.96 28.25 5.88
CA GLN F 442 19.40 28.42 6.11
C GLN F 442 19.76 29.78 6.69
N ALA F 443 18.83 30.74 6.66
CA ALA F 443 19.09 32.03 7.30
C ALA F 443 19.21 31.89 8.82
N PHE F 444 18.54 30.91 9.41
CA PHE F 444 18.52 30.74 10.86
C PHE F 444 19.70 29.92 11.37
N TYR F 445 20.49 29.33 10.48
CA TYR F 445 21.58 28.44 10.90
C TYR F 445 22.80 29.24 11.36
N MET F 446 23.28 28.92 12.56
CA MET F 446 24.48 29.54 13.13
C MET F 446 24.42 31.07 13.07
N VAL F 447 23.36 31.61 13.64
CA VAL F 447 23.22 33.06 13.80
C VAL F 447 22.96 33.35 15.27
N GLY F 448 23.04 34.62 15.62
CA GLY F 448 22.80 35.05 16.99
C GLY F 448 21.34 35.44 17.17
N SER F 449 21.10 36.75 17.31
CA SER F 449 19.72 37.23 17.40
C SER F 449 19.03 37.11 16.04
N ILE F 450 17.71 37.31 16.06
CA ILE F 450 16.88 37.14 14.87
C ILE F 450 17.24 38.17 13.80
N GLU F 451 17.61 39.38 14.24
CA GLU F 451 18.03 40.43 13.31
C GLU F 451 19.15 39.93 12.40
N GLU F 452 20.10 39.21 13.00
CA GLU F 452 21.20 38.63 12.24
C GLU F 452 20.69 37.65 11.19
N ALA F 453 19.66 36.88 11.54
CA ALA F 453 19.07 35.95 10.57
C ALA F 453 18.45 36.70 9.39
N VAL F 454 17.77 37.81 9.66
CA VAL F 454 17.23 38.62 8.57
C VAL F 454 18.36 39.11 7.66
N GLU F 455 19.42 39.64 8.27
CA GLU F 455 20.55 40.12 7.48
C GLU F 455 21.16 39.01 6.63
N LYS F 456 21.31 37.82 7.21
CA LYS F 456 21.82 36.69 6.45
C LYS F 456 20.89 36.33 5.29
N ALA F 457 19.57 36.38 5.54
CA ALA F 457 18.61 36.10 4.47
C ALA F 457 18.75 37.08 3.31
N LYS F 458 19.12 38.33 3.60
CA LYS F 458 19.31 39.28 2.51
C LYS F 458 20.40 38.82 1.53
N LYS F 459 21.49 38.25 2.06
CA LYS F 459 22.55 37.71 1.22
C LYS F 459 22.35 36.22 0.92
N LEU F 460 21.27 35.62 1.43
CA LEU F 460 20.90 34.22 1.20
C LEU F 460 21.93 33.20 1.67
N ALA G 1 13.64 -0.34 22.91
CA ALA G 1 13.49 -1.42 21.94
C ALA G 1 12.48 -2.46 22.41
N GLY G 2 12.71 -3.71 22.04
CA GLY G 2 11.80 -4.81 22.34
C GLY G 2 11.58 -5.69 21.14
N ALA G 3 11.84 -6.99 21.29
CA ALA G 3 11.96 -7.86 20.12
C ALA G 3 10.64 -8.01 19.38
N LYS G 4 9.57 -8.35 20.10
CA LYS G 4 8.31 -8.67 19.42
C LYS G 4 7.70 -7.45 18.73
N ASP G 5 7.75 -6.28 19.38
CA ASP G 5 7.16 -5.10 18.77
C ASP G 5 7.96 -4.64 17.55
N ILE G 6 9.29 -4.70 17.62
CA ILE G 6 10.10 -4.36 16.45
C ILE G 6 9.85 -5.34 15.30
N ARG G 7 9.72 -6.63 15.63
CA ARG G 7 9.44 -7.60 14.57
C ARG G 7 8.05 -7.38 13.97
N SER G 8 7.09 -6.95 14.78
CA SER G 8 5.77 -6.58 14.26
C SER G 8 5.87 -5.39 13.31
N LYS G 9 6.63 -4.37 13.69
CA LYS G 9 6.82 -3.22 12.79
C LYS G 9 7.50 -3.64 11.49
N ILE G 10 8.48 -4.55 11.59
CA ILE G 10 9.16 -5.03 10.39
C ILE G 10 8.19 -5.72 9.45
N ALA G 11 7.32 -6.58 10.02
CA ALA G 11 6.31 -7.24 9.20
C ALA G 11 5.39 -6.23 8.51
N SER G 12 4.93 -5.23 9.28
CA SER G 12 4.01 -4.24 8.72
C SER G 12 4.66 -3.46 7.59
N VAL G 13 5.91 -3.03 7.77
CA VAL G 13 6.57 -2.22 6.75
C VAL G 13 6.86 -3.07 5.51
N GLN G 14 7.23 -4.35 5.71
CA GLN G 14 7.40 -5.26 4.59
C GLN G 14 6.13 -5.33 3.75
N ASN G 15 4.99 -5.56 4.42
CA ASN G 15 3.71 -5.66 3.72
C ASN G 15 3.38 -4.36 2.99
N THR G 16 3.64 -3.22 3.63
CA THR G 16 3.36 -1.94 3.00
C THR G 16 4.20 -1.72 1.75
N GLN G 17 5.48 -2.11 1.79
CA GLN G 17 6.33 -1.98 0.61
C GLN G 17 5.79 -2.83 -0.55
N LYS G 18 5.38 -4.06 -0.24
CA LYS G 18 4.81 -4.91 -1.29
C LYS G 18 3.56 -4.27 -1.89
N ILE G 19 2.72 -3.68 -1.04
CA ILE G 19 1.50 -3.03 -1.54
C ILE G 19 1.83 -1.85 -2.43
N THR G 20 2.84 -1.05 -2.06
CA THR G 20 3.22 0.09 -2.89
C THR G 20 3.71 -0.36 -4.26
N LYS G 21 4.46 -1.47 -4.31
CA LYS G 21 4.85 -2.03 -5.60
C LYS G 21 3.62 -2.38 -6.45
N ALA G 22 2.63 -3.03 -5.83
CA ALA G 22 1.41 -3.39 -6.56
C ALA G 22 0.68 -2.15 -7.08
N MET G 23 0.60 -1.10 -6.25
CA MET G 23 -0.05 0.13 -6.68
C MET G 23 0.68 0.77 -7.85
N GLU G 24 2.02 0.65 -7.88
CA GLU G 24 2.77 1.09 -9.05
C GLU G 24 2.34 0.34 -10.31
N MET G 25 2.15 -0.99 -10.18
CA MET G 25 1.66 -1.77 -11.32
C MET G 25 0.35 -1.19 -11.86
N VAL G 26 -0.60 -0.97 -10.96
CA VAL G 26 -1.92 -0.46 -11.37
C VAL G 26 -1.78 0.89 -12.04
N ALA G 27 -0.96 1.77 -11.47
CA ALA G 27 -0.78 3.10 -12.03
C ALA G 27 -0.22 3.04 -13.45
N ALA G 28 0.76 2.16 -13.69
CA ALA G 28 1.35 2.06 -15.03
C ALA G 28 0.30 1.62 -16.05
N SER G 29 -0.50 0.60 -15.70
CA SER G 29 -1.52 0.15 -16.66
C SER G 29 -2.53 1.25 -16.97
N LYS G 30 -2.96 1.97 -15.93
CA LYS G 30 -3.90 3.06 -16.16
C LYS G 30 -3.29 4.17 -17.02
N MET G 31 -1.99 4.42 -16.87
CA MET G 31 -1.34 5.41 -17.73
C MET G 31 -1.36 4.98 -19.19
N ARG G 32 -1.13 3.69 -19.46
CA ARG G 32 -1.24 3.20 -20.84
C ARG G 32 -2.61 3.54 -21.43
N LYS G 33 -3.67 3.17 -20.71
CA LYS G 33 -5.01 3.43 -21.24
C LYS G 33 -5.24 4.93 -21.46
N SER G 34 -4.84 5.75 -20.47
CA SER G 34 -5.06 7.19 -20.56
C SER G 34 -4.34 7.79 -21.76
N GLN G 35 -3.10 7.37 -22.01
CA GLN G 35 -2.36 7.97 -23.10
C GLN G 35 -2.90 7.57 -24.46
N ASP G 36 -3.41 6.34 -24.61
CA ASP G 36 -4.03 6.03 -25.91
C ASP G 36 -5.32 6.84 -26.11
N ARG G 37 -6.09 7.04 -25.03
CA ARG G 37 -7.27 7.90 -25.15
C ARG G 37 -6.89 9.33 -25.54
N MET G 38 -5.80 9.84 -24.96
CA MET G 38 -5.29 11.15 -25.36
C MET G 38 -4.95 11.19 -26.84
N ALA G 39 -4.29 10.13 -27.33
CA ALA G 39 -3.95 10.08 -28.74
C ALA G 39 -5.19 10.17 -29.61
N ALA G 40 -6.26 9.50 -29.20
CA ALA G 40 -7.53 9.62 -29.93
C ALA G 40 -8.05 11.05 -29.91
N SER G 41 -7.99 11.71 -28.74
CA SER G 41 -8.58 13.04 -28.61
C SER G 41 -7.80 14.12 -29.36
N ARG G 42 -6.47 13.95 -29.49
CA ARG G 42 -5.63 15.01 -30.05
C ARG G 42 -6.04 15.51 -31.43
N PRO G 43 -6.28 14.66 -32.44
CA PRO G 43 -6.60 15.19 -33.78
C PRO G 43 -7.83 16.08 -33.83
N TYR G 44 -8.88 15.74 -33.08
CA TYR G 44 -10.13 16.48 -33.16
C TYR G 44 -9.95 17.92 -32.67
N ALA G 45 -9.35 18.06 -31.48
CA ALA G 45 -9.08 19.39 -30.94
C ALA G 45 -8.07 20.14 -31.82
N GLU G 46 -7.05 19.45 -32.33
CA GLU G 46 -6.05 20.11 -33.15
C GLU G 46 -6.68 20.71 -34.40
N THR G 47 -7.52 19.91 -35.08
CA THR G 47 -8.19 20.40 -36.28
C THR G 47 -9.14 21.54 -35.96
N MET G 48 -9.90 21.42 -34.88
CA MET G 48 -10.85 22.48 -34.54
C MET G 48 -10.15 23.80 -34.24
N ARG G 49 -9.04 23.74 -33.49
CA ARG G 49 -8.30 24.97 -33.24
C ARG G 49 -7.68 25.53 -34.52
N LYS G 50 -7.27 24.67 -35.46
CA LYS G 50 -6.84 25.22 -36.75
C LYS G 50 -7.98 25.94 -37.47
N VAL G 51 -9.19 25.40 -37.37
CA VAL G 51 -10.36 26.05 -37.97
C VAL G 51 -10.49 27.47 -37.43
N ILE G 52 -10.57 27.59 -36.10
CA ILE G 52 -10.82 28.90 -35.52
C ILE G 52 -9.61 29.80 -35.74
N GLY G 53 -8.43 29.20 -35.90
CA GLY G 53 -7.26 30.00 -36.23
C GLY G 53 -7.41 30.68 -37.58
N HIS G 54 -7.91 29.95 -38.58
CA HIS G 54 -8.09 30.64 -39.87
C HIS G 54 -9.24 31.64 -39.78
N LEU G 55 -10.26 31.36 -38.96
CA LEU G 55 -11.31 32.35 -38.76
C LEU G 55 -10.80 33.61 -38.07
N ALA G 56 -9.65 33.54 -37.41
CA ALA G 56 -9.08 34.73 -36.79
C ALA G 56 -8.64 35.78 -37.80
N HIS G 57 -8.47 35.42 -39.08
CA HIS G 57 -7.95 36.36 -40.07
C HIS G 57 -8.74 36.34 -41.38
N GLY G 58 -10.02 35.94 -41.36
CA GLY G 58 -10.80 35.88 -42.57
C GLY G 58 -11.39 37.23 -42.98
N ASN G 59 -11.82 37.31 -44.23
CA ASN G 59 -12.52 38.47 -44.76
C ASN G 59 -14.02 38.21 -44.83
N LEU G 60 -14.76 39.24 -45.26
CA LEU G 60 -16.22 39.24 -45.19
C LEU G 60 -16.69 38.90 -43.78
N GLU G 61 -16.03 39.51 -42.79
CA GLU G 61 -16.18 39.15 -41.38
C GLU G 61 -17.40 39.82 -40.76
N TYR G 62 -17.76 39.35 -39.56
CA TYR G 62 -18.77 39.97 -38.73
C TYR G 62 -18.44 39.67 -37.26
N LYS G 63 -19.06 40.44 -36.36
CA LYS G 63 -18.71 40.41 -34.95
C LYS G 63 -19.32 39.22 -34.21
N HIS G 64 -18.68 38.85 -33.09
CA HIS G 64 -19.15 37.79 -32.22
C HIS G 64 -18.52 37.94 -30.84
N PRO G 65 -19.30 37.83 -29.76
CA PRO G 65 -18.77 38.11 -28.42
C PRO G 65 -17.57 37.26 -28.04
N TYR G 66 -17.49 36.01 -28.50
CA TYR G 66 -16.37 35.14 -28.18
C TYR G 66 -15.13 35.46 -29.00
N LEU G 67 -15.23 36.39 -29.96
CA LEU G 67 -14.13 36.70 -30.88
C LEU G 67 -13.39 37.97 -30.52
N GLU G 68 -14.10 39.02 -30.09
CA GLU G 68 -13.48 40.31 -29.87
C GLU G 68 -12.66 40.34 -28.57
N ASP G 69 -11.77 41.32 -28.49
CA ASP G 69 -10.86 41.48 -27.35
C ASP G 69 -11.42 42.51 -26.37
N ARG G 70 -12.41 42.08 -25.61
CA ARG G 70 -13.07 42.98 -24.68
C ARG G 70 -12.22 43.16 -23.41
N ASP G 71 -12.51 44.22 -22.67
CA ASP G 71 -11.78 44.53 -21.45
C ASP G 71 -12.12 43.52 -20.36
N VAL G 72 -11.27 43.48 -19.34
CA VAL G 72 -11.37 42.48 -18.28
C VAL G 72 -11.84 43.16 -17.00
N LYS G 73 -13.01 42.76 -16.52
CA LYS G 73 -13.50 43.11 -15.20
C LYS G 73 -13.39 41.96 -14.21
N ARG G 74 -13.67 40.73 -14.65
CA ARG G 74 -13.44 39.54 -13.86
C ARG G 74 -12.97 38.42 -14.78
N VAL G 75 -12.33 37.42 -14.19
CA VAL G 75 -11.70 36.34 -14.93
C VAL G 75 -12.26 35.01 -14.43
N GLY G 76 -12.46 34.08 -15.35
CA GLY G 76 -12.94 32.74 -15.03
C GLY G 76 -11.85 31.71 -15.24
N TYR G 77 -11.83 30.69 -14.37
CA TYR G 77 -10.87 29.61 -14.45
C TYR G 77 -11.58 28.26 -14.41
N LEU G 78 -11.19 27.37 -15.31
CA LEU G 78 -11.66 25.99 -15.34
C LEU G 78 -10.53 25.13 -14.81
N VAL G 79 -10.72 24.54 -13.64
CA VAL G 79 -9.65 23.91 -12.88
C VAL G 79 -9.89 22.41 -12.85
N VAL G 80 -8.89 21.65 -13.27
CA VAL G 80 -8.93 20.19 -13.20
C VAL G 80 -8.06 19.74 -12.04
N SER G 81 -8.49 18.67 -11.37
CA SER G 81 -7.75 18.12 -10.25
C SER G 81 -8.14 16.66 -10.07
N THR G 82 -7.35 15.95 -9.28
CA THR G 82 -7.71 14.60 -8.90
C THR G 82 -8.77 14.63 -7.81
N ASP G 83 -9.40 13.47 -7.59
CA ASP G 83 -10.25 13.25 -6.43
C ASP G 83 -9.61 12.29 -5.44
N ARG G 84 -8.33 11.96 -5.65
CA ARG G 84 -7.63 10.94 -4.90
C ARG G 84 -6.28 11.49 -4.43
N GLY G 85 -5.67 10.76 -3.50
CA GLY G 85 -4.35 11.09 -3.02
C GLY G 85 -3.26 10.24 -3.66
N LEU G 86 -2.09 10.24 -3.03
CA LEU G 86 -0.95 9.43 -3.46
C LEU G 86 -0.53 9.74 -4.90
N ALA G 87 -0.75 10.97 -5.34
CA ALA G 87 -0.33 11.43 -6.66
C ALA G 87 0.79 12.46 -6.59
N GLY G 88 1.55 12.47 -5.50
CA GLY G 88 2.58 13.47 -5.35
C GLY G 88 2.00 14.85 -5.11
N GLY G 89 2.67 15.87 -5.65
CA GLY G 89 2.25 17.24 -5.45
C GLY G 89 1.72 17.92 -6.70
N LEU G 90 1.19 17.14 -7.64
CA LEU G 90 0.70 17.71 -8.89
C LEU G 90 -0.39 18.75 -8.65
N ASN G 91 -1.42 18.37 -7.90
CA ASN G 91 -2.50 19.30 -7.60
C ASN G 91 -2.00 20.52 -6.85
N ILE G 92 -1.06 20.31 -5.92
CA ILE G 92 -0.54 21.43 -5.13
C ILE G 92 0.16 22.45 -6.02
N ASN G 93 1.00 21.96 -6.94
CA ASN G 93 1.71 22.87 -7.84
C ASN G 93 0.76 23.62 -8.75
N LEU G 94 -0.22 22.91 -9.33
CA LEU G 94 -1.18 23.58 -10.20
C LEU G 94 -1.99 24.62 -9.43
N PHE G 95 -2.43 24.28 -8.22
CA PHE G 95 -3.18 25.23 -7.41
C PHE G 95 -2.32 26.45 -7.05
N LYS G 96 -1.05 26.23 -6.74
CA LYS G 96 -0.17 27.34 -6.41
C LYS G 96 0.00 28.28 -7.59
N LYS G 97 0.18 27.73 -8.79
CA LYS G 97 0.37 28.58 -9.97
C LYS G 97 -0.90 29.38 -10.28
N LEU G 98 -2.07 28.74 -10.16
CA LEU G 98 -3.31 29.46 -10.33
C LEU G 98 -3.46 30.54 -9.27
N LEU G 99 -3.06 30.25 -8.03
CA LEU G 99 -3.13 31.25 -6.97
C LEU G 99 -2.22 32.44 -7.30
N ALA G 100 -1.06 32.18 -7.90
CA ALA G 100 -0.18 33.27 -8.30
C ALA G 100 -0.86 34.19 -9.30
N GLU G 101 -1.46 33.61 -10.35
CA GLU G 101 -2.10 34.48 -11.35
C GLU G 101 -3.35 35.17 -10.79
N MET G 102 -4.09 34.47 -9.93
CA MET G 102 -5.27 35.07 -9.32
C MET G 102 -4.87 36.22 -8.39
N LYS G 103 -3.76 36.08 -7.70
CA LYS G 103 -3.20 37.18 -6.92
C LYS G 103 -2.83 38.35 -7.83
N THR G 104 -2.26 38.05 -9.00
CA THR G 104 -1.93 39.13 -9.93
C THR G 104 -3.17 39.91 -10.35
N TRP G 105 -4.26 39.20 -10.65
CA TRP G 105 -5.51 39.89 -10.97
C TRP G 105 -6.09 40.63 -9.76
N THR G 106 -5.96 40.05 -8.57
CA THR G 106 -6.46 40.71 -7.37
C THR G 106 -5.72 42.02 -7.10
N ASP G 107 -4.44 42.08 -7.49
CA ASP G 107 -3.70 43.34 -7.41
C ASP G 107 -4.34 44.40 -8.29
N LYS G 108 -4.84 44.00 -9.45
CA LYS G 108 -5.47 44.91 -10.40
C LYS G 108 -6.93 45.17 -10.10
N GLY G 109 -7.47 44.58 -9.02
CA GLY G 109 -8.88 44.74 -8.71
C GLY G 109 -9.81 43.87 -9.53
N VAL G 110 -9.29 42.81 -10.14
CA VAL G 110 -10.06 41.93 -11.01
C VAL G 110 -10.38 40.65 -10.24
N GLN G 111 -11.66 40.31 -10.17
CA GLN G 111 -12.11 39.17 -9.39
C GLN G 111 -11.99 37.88 -10.23
N ALA G 112 -11.98 36.75 -9.53
CA ALA G 112 -11.80 35.45 -10.15
C ALA G 112 -13.00 34.56 -9.86
N ASP G 113 -13.52 33.92 -10.90
CA ASP G 113 -14.57 32.91 -10.79
C ASP G 113 -13.98 31.56 -11.15
N LEU G 114 -14.24 30.54 -10.33
CA LEU G 114 -13.57 29.26 -10.44
C LEU G 114 -14.58 28.14 -10.61
N ALA G 115 -14.29 27.23 -11.54
CA ALA G 115 -15.06 26.02 -11.77
C ALA G 115 -14.12 24.82 -11.64
N MET G 116 -14.50 23.87 -10.80
CA MET G 116 -13.63 22.76 -10.44
C MET G 116 -14.13 21.45 -11.04
N ILE G 117 -13.18 20.64 -11.54
CA ILE G 117 -13.49 19.35 -12.13
C ILE G 117 -13.09 18.20 -11.21
N GLY G 118 -12.49 18.50 -10.06
CA GLY G 118 -12.05 17.47 -9.14
C GLY G 118 -12.30 17.85 -7.70
N SER G 119 -12.36 16.81 -6.85
CA SER G 119 -12.68 17.01 -5.44
C SER G 119 -11.59 17.76 -4.70
N LYS G 120 -10.32 17.46 -5.02
CA LYS G 120 -9.22 18.14 -4.35
C LYS G 120 -9.29 19.65 -4.57
N GLY G 121 -9.61 20.07 -5.79
CA GLY G 121 -9.77 21.50 -6.05
C GLY G 121 -10.91 22.11 -5.25
N VAL G 122 -12.04 21.40 -5.16
CA VAL G 122 -13.17 21.89 -4.38
C VAL G 122 -12.77 22.12 -2.93
N SER G 123 -12.13 21.10 -2.32
CA SER G 123 -11.72 21.22 -0.93
C SER G 123 -10.72 22.36 -0.76
N PHE G 124 -9.69 22.39 -1.60
CA PHE G 124 -8.62 23.37 -1.45
C PHE G 124 -9.17 24.79 -1.57
N PHE G 125 -9.98 25.06 -2.60
CA PHE G 125 -10.41 26.43 -2.83
C PHE G 125 -11.60 26.85 -1.98
N ASN G 126 -12.40 25.91 -1.46
CA ASN G 126 -13.41 26.33 -0.49
C ASN G 126 -12.78 26.60 0.87
N SER G 127 -11.72 25.87 1.23
CA SER G 127 -11.06 26.13 2.50
C SER G 127 -10.12 27.33 2.42
N VAL G 128 -9.58 27.64 1.25
CA VAL G 128 -8.71 28.80 1.11
C VAL G 128 -9.52 30.08 0.91
N GLY G 129 -10.59 30.00 0.13
CA GLY G 129 -11.44 31.17 -0.06
C GLY G 129 -11.55 31.67 -1.49
N GLY G 130 -11.49 30.75 -2.45
CA GLY G 130 -11.77 31.09 -3.83
C GLY G 130 -13.25 30.87 -4.15
N ASN G 131 -13.79 31.76 -4.98
CA ASN G 131 -15.22 31.74 -5.31
C ASN G 131 -15.48 30.62 -6.30
N VAL G 132 -15.84 29.44 -5.78
CA VAL G 132 -16.19 28.32 -6.62
C VAL G 132 -17.63 28.52 -7.12
N VAL G 133 -17.78 28.68 -8.44
CA VAL G 133 -19.08 28.91 -9.04
C VAL G 133 -19.65 27.64 -9.67
N ALA G 134 -18.80 26.68 -10.03
CA ALA G 134 -19.25 25.41 -10.57
C ALA G 134 -18.33 24.31 -10.04
N GLN G 135 -18.85 23.08 -10.01
CA GLN G 135 -18.09 21.97 -9.46
C GLN G 135 -18.70 20.64 -9.90
N VAL G 136 -17.83 19.69 -10.26
CA VAL G 136 -18.21 18.31 -10.51
C VAL G 136 -17.07 17.42 -10.02
N THR G 137 -17.42 16.27 -9.46
CA THR G 137 -16.43 15.40 -8.82
C THR G 137 -16.70 13.95 -9.17
N GLY G 138 -15.68 13.12 -8.99
CA GLY G 138 -15.80 11.69 -9.16
C GLY G 138 -16.10 11.24 -10.58
N MET G 139 -15.33 11.71 -11.55
CA MET G 139 -15.63 11.44 -12.96
C MET G 139 -15.51 9.95 -13.28
N GLY G 140 -14.47 9.30 -12.79
CA GLY G 140 -14.28 7.88 -13.00
C GLY G 140 -13.03 7.57 -13.81
N ASP G 141 -12.76 6.27 -13.95
CA ASP G 141 -11.56 5.82 -14.65
C ASP G 141 -11.61 6.22 -16.12
N ASN G 142 -12.77 6.11 -16.76
CA ASN G 142 -12.96 6.64 -18.10
C ASN G 142 -13.82 7.89 -18.02
N PRO G 143 -13.27 9.08 -18.19
CA PRO G 143 -14.08 10.29 -18.15
C PRO G 143 -14.74 10.58 -19.49
N SER G 144 -15.91 11.22 -19.42
CA SER G 144 -16.68 11.55 -20.61
C SER G 144 -17.04 13.03 -20.60
N LEU G 145 -17.07 13.63 -21.80
CA LEU G 145 -17.40 15.04 -21.93
C LEU G 145 -18.81 15.35 -21.45
N SER G 146 -19.71 14.36 -21.52
CA SER G 146 -21.12 14.60 -21.23
C SER G 146 -21.31 15.16 -19.82
N GLU G 147 -20.67 14.55 -18.83
CA GLU G 147 -20.79 15.04 -17.47
C GLU G 147 -20.06 16.35 -17.27
N LEU G 148 -18.96 16.58 -17.98
CA LEU G 148 -18.20 17.82 -17.85
C LEU G 148 -18.87 19.00 -18.51
N ILE G 149 -19.88 18.78 -19.36
CA ILE G 149 -20.50 19.89 -20.08
C ILE G 149 -21.15 20.88 -19.13
N GLY G 150 -21.74 20.38 -18.04
CA GLY G 150 -22.51 21.21 -17.13
C GLY G 150 -21.76 22.39 -16.55
N PRO G 151 -20.61 22.14 -15.90
CA PRO G 151 -19.79 23.27 -15.43
C PRO G 151 -19.38 24.21 -16.54
N VAL G 152 -19.04 23.66 -17.71
CA VAL G 152 -18.72 24.49 -18.87
C VAL G 152 -19.95 25.27 -19.31
N LYS G 153 -21.13 24.66 -19.21
CA LYS G 153 -22.37 25.36 -19.56
C LYS G 153 -22.58 26.56 -18.64
N VAL G 154 -22.31 26.38 -17.34
CA VAL G 154 -22.43 27.49 -16.39
C VAL G 154 -21.44 28.60 -16.71
N MET G 155 -20.19 28.23 -16.97
CA MET G 155 -19.18 29.25 -17.30
C MET G 155 -19.53 29.98 -18.58
N LEU G 156 -20.02 29.26 -19.59
CA LEU G 156 -20.44 29.87 -20.84
C LEU G 156 -21.59 30.84 -20.61
N GLN G 157 -22.54 30.46 -19.76
CA GLN G 157 -23.63 31.39 -19.43
C GLN G 157 -23.09 32.63 -18.73
N ALA G 158 -22.12 32.45 -17.84
CA ALA G 158 -21.52 33.59 -17.15
C ALA G 158 -20.87 34.55 -18.14
N TYR G 159 -20.21 34.01 -19.17
CA TYR G 159 -19.63 34.88 -20.19
C TYR G 159 -20.71 35.54 -21.05
N ASP G 160 -21.67 34.76 -21.54
CA ASP G 160 -22.62 35.26 -22.52
C ASP G 160 -23.73 36.12 -21.93
N GLU G 161 -23.91 36.10 -20.61
CA GLU G 161 -24.72 37.13 -19.97
C GLU G 161 -23.91 38.39 -19.67
N GLY G 162 -22.63 38.42 -20.06
CA GLY G 162 -21.83 39.62 -20.03
C GLY G 162 -21.00 39.83 -18.77
N ARG G 163 -21.19 39.00 -17.74
CA ARG G 163 -20.47 39.23 -16.49
C ARG G 163 -19.01 38.83 -16.59
N LEU G 164 -18.72 37.71 -17.25
CA LEU G 164 -17.36 37.16 -17.31
C LEU G 164 -16.73 37.58 -18.63
N ASP G 165 -15.55 38.20 -18.55
CA ASP G 165 -14.91 38.80 -19.72
C ASP G 165 -13.77 37.98 -20.29
N LYS G 166 -12.92 37.37 -19.46
CA LYS G 166 -11.83 36.54 -19.95
C LYS G 166 -11.83 35.22 -19.20
N LEU G 167 -11.56 34.13 -19.93
CA LEU G 167 -11.70 32.78 -19.41
C LEU G 167 -10.42 32.00 -19.68
N TYR G 168 -9.92 31.29 -18.66
CA TYR G 168 -8.71 30.50 -18.77
C TYR G 168 -9.00 29.05 -18.38
N ILE G 169 -8.12 28.16 -18.84
CA ILE G 169 -8.14 26.76 -18.46
C ILE G 169 -6.76 26.38 -17.93
N VAL G 170 -6.73 25.66 -16.82
CA VAL G 170 -5.49 25.26 -16.17
C VAL G 170 -5.43 23.73 -16.13
N SER G 171 -4.27 23.18 -16.51
CA SER G 171 -4.07 21.74 -16.57
C SER G 171 -2.58 21.46 -16.65
N ASN G 172 -2.24 20.20 -16.42
CA ASN G 172 -0.86 19.74 -16.50
C ASN G 172 -0.61 19.06 -17.84
N LYS G 173 0.48 19.46 -18.51
CA LYS G 173 0.81 18.94 -19.82
C LYS G 173 1.60 17.63 -19.71
N PHE G 174 1.16 16.61 -20.44
CA PHE G 174 1.86 15.33 -20.50
C PHE G 174 3.05 15.48 -21.43
N ILE G 175 4.09 16.14 -20.93
CA ILE G 175 5.26 16.42 -21.76
C ILE G 175 6.02 15.14 -22.09
N ASN G 176 6.12 14.22 -21.13
CA ASN G 176 6.79 12.95 -21.37
C ASN G 176 6.25 11.91 -20.40
N THR G 177 6.72 10.67 -20.59
CA THR G 177 6.33 9.58 -19.71
C THR G 177 6.73 9.85 -18.27
N MET G 178 7.78 10.66 -18.06
CA MET G 178 8.29 10.93 -16.72
C MET G 178 8.41 12.42 -16.43
N SER G 179 7.76 13.28 -17.21
CA SER G 179 7.87 14.72 -16.99
C SER G 179 6.57 15.41 -17.39
N GLN G 180 6.11 16.33 -16.54
CA GLN G 180 4.89 17.11 -16.76
C GLN G 180 5.07 18.48 -16.12
N VAL G 181 4.17 19.40 -16.49
CA VAL G 181 4.26 20.77 -15.98
C VAL G 181 2.86 21.40 -15.91
N PRO G 182 2.56 22.19 -14.87
CA PRO G 182 1.29 22.89 -14.81
C PRO G 182 1.28 24.14 -15.68
N THR G 183 0.13 24.39 -16.32
CA THR G 183 0.01 25.49 -17.27
C THR G 183 -1.33 26.20 -17.13
N ILE G 184 -1.34 27.48 -17.44
CA ILE G 184 -2.55 28.30 -17.52
C ILE G 184 -2.65 28.85 -18.93
N SER G 185 -3.82 28.67 -19.56
CA SER G 185 -3.97 29.00 -20.97
C SER G 185 -5.24 29.80 -21.23
N GLN G 186 -5.16 30.71 -22.20
CA GLN G 186 -6.30 31.53 -22.61
C GLN G 186 -7.30 30.68 -23.40
N LEU G 187 -8.56 30.63 -22.93
CA LEU G 187 -9.56 29.76 -23.55
C LEU G 187 -10.56 30.51 -24.41
N LEU G 188 -11.42 31.35 -23.82
CA LEU G 188 -12.60 31.77 -24.58
C LEU G 188 -12.32 32.91 -25.57
N PRO G 189 -11.89 34.10 -25.14
CA PRO G 189 -11.63 35.16 -26.12
C PRO G 189 -10.46 34.78 -27.00
N LEU G 190 -10.71 34.77 -28.32
CA LEU G 190 -9.84 34.05 -29.23
C LEU G 190 -8.40 34.55 -29.18
N PRO G 191 -7.42 33.68 -29.03
CA PRO G 191 -6.02 34.10 -29.01
C PRO G 191 -5.52 34.42 -30.42
N ALA G 192 -4.29 34.93 -30.46
CA ALA G 192 -3.71 35.44 -31.69
C ALA G 192 -3.28 34.30 -32.61
N SER G 193 -3.13 34.64 -33.89
CA SER G 193 -2.69 33.71 -34.92
C SER G 193 -1.85 34.49 -35.92
N ASP G 194 -1.04 33.78 -36.68
CA ASP G 194 -0.14 34.40 -37.65
C ASP G 194 -0.64 34.11 -39.07
N ASP G 195 -1.40 35.04 -39.64
CA ASP G 195 -1.92 34.87 -41.00
C ASP G 195 -2.52 36.17 -41.51
N ASP G 196 -2.95 36.10 -42.77
CA ASP G 196 -3.73 37.08 -43.49
C ASP G 196 -4.88 36.31 -44.15
N ASP G 197 -5.86 37.04 -44.68
CA ASP G 197 -7.09 36.36 -45.19
C ASP G 197 -6.83 35.47 -46.40
N LEU G 198 -7.43 34.27 -46.40
CA LEU G 198 -7.36 33.43 -47.62
C LEU G 198 -8.62 33.80 -48.41
N LYS G 199 -8.44 34.40 -49.59
CA LYS G 199 -9.61 34.94 -50.33
C LYS G 199 -10.62 33.88 -50.78
N HIS G 200 -10.17 32.75 -51.37
CA HIS G 200 -11.22 31.83 -51.90
C HIS G 200 -10.80 30.38 -52.06
N LYS G 201 -11.65 29.42 -51.66
CA LYS G 201 -11.44 27.98 -51.94
C LYS G 201 -12.85 27.36 -51.92
N SER G 202 -13.32 26.77 -53.01
CA SER G 202 -14.65 26.09 -53.00
C SER G 202 -15.83 27.03 -52.70
N TRP G 203 -16.70 26.73 -51.73
CA TRP G 203 -17.96 27.51 -51.54
C TRP G 203 -18.16 28.10 -50.15
N ASP G 204 -18.65 29.34 -50.06
CA ASP G 204 -18.83 30.06 -48.77
C ASP G 204 -20.11 29.61 -48.08
N TYR G 205 -20.22 28.33 -47.70
CA TYR G 205 -21.35 27.80 -46.96
C TYR G 205 -22.01 28.83 -46.04
N LEU G 206 -21.27 29.88 -45.66
CA LEU G 206 -21.68 30.76 -44.54
C LEU G 206 -23.16 31.15 -44.56
N TYR G 207 -23.67 31.59 -45.71
CA TYR G 207 -25.01 32.14 -45.84
C TYR G 207 -26.03 31.14 -46.35
N GLU G 208 -25.71 29.85 -46.38
CA GLU G 208 -26.75 28.86 -46.63
C GLU G 208 -27.68 28.77 -45.42
N PRO G 209 -27.20 28.46 -44.21
CA PRO G 209 -27.92 28.85 -43.01
C PRO G 209 -27.50 30.20 -42.47
N ASP G 210 -28.00 30.57 -41.29
CA ASP G 210 -27.64 31.84 -40.66
C ASP G 210 -26.18 31.79 -40.21
N PRO G 211 -25.35 32.75 -40.62
CA PRO G 211 -23.95 32.77 -40.14
C PRO G 211 -23.83 32.84 -38.61
N LYS G 212 -24.60 33.72 -37.96
CA LYS G 212 -24.43 33.95 -36.52
C LYS G 212 -24.70 32.68 -35.72
N ALA G 213 -25.83 32.02 -35.98
CA ALA G 213 -26.20 30.83 -35.21
C ALA G 213 -25.20 29.69 -35.42
N LEU G 214 -24.78 29.46 -36.67
CA LEU G 214 -23.83 28.40 -36.95
C LEU G 214 -22.48 28.67 -36.29
N LEU G 215 -22.03 29.93 -36.33
CA LEU G 215 -20.78 30.27 -35.66
C LEU G 215 -20.89 30.06 -34.15
N ASP G 216 -22.06 30.41 -33.58
CA ASP G 216 -22.32 30.14 -32.17
C ASP G 216 -22.14 28.66 -31.85
N THR G 217 -22.77 27.79 -32.65
CA THR G 217 -22.65 26.35 -32.42
C THR G 217 -21.20 25.88 -32.53
N LEU G 218 -20.51 26.38 -33.56
CA LEU G 218 -19.12 25.97 -33.78
C LEU G 218 -18.23 26.34 -32.60
N LEU G 219 -18.39 27.55 -32.07
CA LEU G 219 -17.55 27.95 -30.94
C LEU G 219 -17.91 27.19 -29.66
N ARG G 220 -19.19 26.83 -29.49
CA ARG G 220 -19.55 25.89 -28.44
C ARG G 220 -18.73 24.62 -28.54
N ARG G 221 -18.72 24.02 -29.73
CA ARG G 221 -17.93 22.81 -29.95
C ARG G 221 -16.45 23.04 -29.63
N TYR G 222 -15.92 24.20 -30.03
CA TYR G 222 -14.51 24.51 -29.83
C TYR G 222 -14.14 24.51 -28.35
N VAL G 223 -14.90 25.24 -27.55
CA VAL G 223 -14.60 25.31 -26.11
C VAL G 223 -14.70 23.93 -25.48
N GLU G 224 -15.75 23.17 -25.85
CA GLU G 224 -15.91 21.84 -25.26
C GLU G 224 -14.75 20.92 -25.60
N SER G 225 -14.29 20.97 -26.86
CA SER G 225 -13.17 20.12 -27.26
C SER G 225 -11.90 20.47 -26.50
N GLN G 226 -11.63 21.77 -26.34
CA GLN G 226 -10.45 22.17 -25.57
C GLN G 226 -10.53 21.62 -24.15
N VAL G 227 -11.69 21.74 -23.51
CA VAL G 227 -11.84 21.27 -22.14
C VAL G 227 -11.62 19.76 -22.04
N TYR G 228 -12.20 19.00 -22.98
CA TYR G 228 -12.07 17.55 -22.93
C TYR G 228 -10.61 17.11 -23.07
N GLN G 229 -9.88 17.71 -24.04
CA GLN G 229 -8.49 17.30 -24.19
C GLN G 229 -7.68 17.66 -22.96
N GLY G 230 -7.96 18.82 -22.35
CA GLY G 230 -7.27 19.17 -21.12
C GLY G 230 -7.49 18.14 -20.02
N VAL G 231 -8.73 17.70 -19.85
CA VAL G 231 -9.04 16.74 -18.80
C VAL G 231 -8.31 15.41 -19.03
N VAL G 232 -8.35 14.92 -20.28
CA VAL G 232 -7.71 13.64 -20.57
C VAL G 232 -6.20 13.72 -20.32
N GLU G 233 -5.58 14.81 -20.77
CA GLU G 233 -4.15 14.99 -20.55
C GLU G 233 -3.83 15.04 -19.06
N ASN G 234 -4.68 15.69 -18.27
CA ASN G 234 -4.42 15.74 -16.83
C ASN G 234 -4.54 14.37 -16.18
N LEU G 235 -5.47 13.53 -16.63
CA LEU G 235 -5.52 12.17 -16.08
C LEU G 235 -4.27 11.37 -16.41
N ALA G 236 -3.75 11.53 -17.64
CA ALA G 236 -2.48 10.87 -17.97
C ALA G 236 -1.36 11.34 -17.03
N SER G 237 -1.30 12.66 -16.80
CA SER G 237 -0.32 13.20 -15.87
C SER G 237 -0.50 12.64 -14.47
N GLU G 238 -1.75 12.47 -14.03
CA GLU G 238 -2.03 11.92 -12.71
C GLU G 238 -1.44 10.52 -12.56
N GLN G 239 -1.68 9.66 -13.57
CA GLN G 239 -1.13 8.32 -13.48
C GLN G 239 0.40 8.32 -13.43
N ALA G 240 1.02 9.18 -14.24
CA ALA G 240 2.49 9.27 -14.20
C ALA G 240 2.98 9.67 -12.81
N ALA G 241 2.36 10.71 -12.24
CA ALA G 241 2.78 11.19 -10.92
C ALA G 241 2.58 10.11 -9.85
N ARG G 242 1.46 9.40 -9.91
CA ARG G 242 1.21 8.35 -8.93
C ARG G 242 2.26 7.24 -9.02
N MET G 243 2.63 6.83 -10.24
CA MET G 243 3.62 5.76 -10.33
C MET G 243 4.97 6.21 -9.78
N VAL G 244 5.34 7.47 -10.03
CA VAL G 244 6.60 7.98 -9.47
C VAL G 244 6.54 7.96 -7.94
N ALA G 245 5.44 8.43 -7.37
CA ALA G 245 5.31 8.48 -5.91
C ALA G 245 5.36 7.08 -5.30
N MET G 246 4.70 6.12 -5.95
CA MET G 246 4.72 4.75 -5.43
C MET G 246 6.13 4.16 -5.47
N LYS G 247 6.88 4.43 -6.53
CA LYS G 247 8.27 3.98 -6.58
C LYS G 247 9.08 4.55 -5.42
N ALA G 248 8.93 5.85 -5.17
CA ALA G 248 9.65 6.47 -4.06
C ALA G 248 9.27 5.84 -2.73
N ALA G 249 7.97 5.58 -2.52
CA ALA G 249 7.51 4.97 -1.28
C ALA G 249 8.11 3.57 -1.11
N THR G 250 8.18 2.80 -2.20
CA THR G 250 8.76 1.46 -2.12
C THR G 250 10.21 1.52 -1.68
N ASP G 251 11.00 2.42 -2.29
CA ASP G 251 12.41 2.51 -1.90
C ASP G 251 12.55 2.95 -0.44
N ASN G 252 11.71 3.89 0.01
CA ASN G 252 11.80 4.32 1.41
C ASN G 252 11.42 3.19 2.37
N GLY G 253 10.42 2.38 2.01
CA GLY G 253 10.08 1.23 2.84
C GLY G 253 11.23 0.24 2.96
N GLY G 254 11.90 -0.05 1.85
CA GLY G 254 13.09 -0.88 1.93
C GLY G 254 14.17 -0.28 2.81
N SER G 255 14.34 1.04 2.74
CA SER G 255 15.32 1.72 3.58
C SER G 255 14.99 1.54 5.06
N LEU G 256 13.71 1.66 5.42
CA LEU G 256 13.32 1.45 6.81
C LEU G 256 13.52 0.00 7.24
N ILE G 257 13.26 -0.95 6.34
CA ILE G 257 13.46 -2.36 6.70
C ILE G 257 14.92 -2.62 7.03
N LYS G 258 15.83 -2.13 6.18
CA LYS G 258 17.26 -2.42 6.38
C LYS G 258 17.83 -1.82 7.65
N GLU G 259 17.12 -0.91 8.31
CA GLU G 259 17.57 -0.27 9.54
C GLU G 259 16.86 -0.81 10.78
N LEU G 260 15.55 -1.03 10.67
CA LEU G 260 14.82 -1.71 11.73
C LEU G 260 15.40 -3.10 11.98
N GLN G 261 15.89 -3.76 10.92
CA GLN G 261 16.50 -5.06 11.13
C GLN G 261 17.81 -4.96 11.91
N LEU G 262 18.59 -3.90 11.70
CA LEU G 262 19.79 -3.71 12.52
C LEU G 262 19.42 -3.48 13.98
N VAL G 263 18.41 -2.66 14.23
CA VAL G 263 17.96 -2.46 15.61
C VAL G 263 17.52 -3.78 16.22
N TYR G 264 16.78 -4.58 15.46
CA TYR G 264 16.30 -5.88 15.93
C TYR G 264 17.45 -6.83 16.26
N ASN G 265 18.46 -6.89 15.38
CA ASN G 265 19.58 -7.79 15.60
C ASN G 265 20.36 -7.39 16.84
N LYS G 266 20.63 -6.09 17.00
CA LYS G 266 21.32 -5.64 18.20
C LYS G 266 20.51 -5.93 19.45
N ALA G 267 19.18 -5.76 19.36
CA ALA G 267 18.32 -6.02 20.51
C ALA G 267 18.36 -7.50 20.91
N ARG G 268 18.35 -8.37 19.89
CA ARG G 268 18.31 -9.82 20.19
C ARG G 268 19.62 -10.19 20.85
N GLN G 269 20.71 -9.73 20.28
CA GLN G 269 22.03 -10.07 20.81
C GLN G 269 22.19 -9.58 22.25
N ALA G 270 21.79 -8.33 22.51
CA ALA G 270 21.91 -7.79 23.86
C ALA G 270 21.03 -8.54 24.84
N SER G 271 19.80 -8.89 24.44
CA SER G 271 18.90 -9.61 25.34
C SER G 271 19.47 -10.98 25.70
N ILE G 272 19.97 -11.70 24.71
CA ILE G 272 20.56 -13.01 24.98
C ILE G 272 21.76 -12.86 25.92
N THR G 273 22.60 -11.85 25.69
CA THR G 273 23.76 -11.64 26.54
C THR G 273 23.33 -11.36 27.98
N GLN G 274 22.34 -10.49 28.17
CA GLN G 274 21.87 -10.18 29.53
C GLN G 274 21.35 -11.42 30.23
N GLU G 275 20.49 -12.19 29.56
CA GLU G 275 19.90 -13.36 30.21
C GLU G 275 20.96 -14.40 30.56
N LEU G 276 21.90 -14.63 29.66
CA LEU G 276 22.97 -15.58 29.94
C LEU G 276 23.85 -15.11 31.10
N THR G 277 24.12 -13.80 31.16
CA THR G 277 24.89 -13.26 32.28
C THR G 277 24.15 -13.49 33.60
N GLU G 278 22.83 -13.26 33.61
CA GLU G 278 22.05 -13.53 34.81
C GLU G 278 22.17 -14.98 35.23
N ILE G 279 22.04 -15.91 34.28
CA ILE G 279 22.11 -17.33 34.62
C ILE G 279 23.48 -17.67 35.23
N VAL G 280 24.55 -17.28 34.54
CA VAL G 280 25.89 -17.66 34.97
C VAL G 280 26.22 -17.04 36.31
N SER G 281 25.86 -15.77 36.52
CA SER G 281 26.11 -15.12 37.80
C SER G 281 25.27 -15.74 38.91
N GLY G 282 24.03 -16.12 38.60
CA GLY G 282 23.15 -16.69 39.60
C GLY G 282 23.56 -18.09 40.02
N ALA G 283 24.34 -18.80 39.20
CA ALA G 283 24.90 -20.06 39.65
C ALA G 283 25.67 -19.91 40.96
N ALA G 284 26.37 -18.78 41.12
CA ALA G 284 27.09 -18.46 42.37
C ALA G 284 28.04 -19.57 42.81
N THR H 1 -0.56 21.24 -54.42
CA THR H 1 -1.91 21.73 -54.63
C THR H 1 -2.51 22.28 -53.34
N TYR H 2 -3.32 21.46 -52.67
CA TYR H 2 -3.81 21.89 -51.36
C TYR H 2 -3.93 20.70 -50.42
N HIS H 3 -4.08 21.05 -49.14
CA HIS H 3 -4.02 20.09 -48.03
C HIS H 3 -5.38 19.92 -47.37
N LEU H 4 -5.69 18.68 -46.98
CA LEU H 4 -6.99 18.42 -46.36
C LEU H 4 -6.83 17.50 -45.16
N ASP H 5 -7.75 17.64 -44.20
CA ASP H 5 -7.72 16.95 -42.92
C ASP H 5 -9.15 16.55 -42.57
N VAL H 6 -9.34 15.40 -41.93
CA VAL H 6 -10.68 14.97 -41.54
C VAL H 6 -10.60 14.26 -40.19
N VAL H 7 -11.56 14.54 -39.31
CA VAL H 7 -11.62 13.94 -37.99
C VAL H 7 -13.04 13.48 -37.71
N SER H 8 -13.15 12.38 -36.95
CA SER H 8 -14.43 11.81 -36.56
C SER H 8 -14.79 12.13 -35.11
N ALA H 9 -14.13 13.13 -34.53
CA ALA H 9 -14.37 13.66 -33.19
C ALA H 9 -13.90 12.72 -32.09
N GLU H 10 -13.55 11.48 -32.44
CA GLU H 10 -12.84 10.57 -31.55
C GLU H 10 -11.86 9.71 -32.33
N GLN H 11 -11.40 10.22 -33.48
CA GLN H 11 -10.52 9.53 -34.42
C GLN H 11 -10.13 10.51 -35.51
N GLN H 12 -8.91 10.38 -36.03
CA GLN H 12 -8.51 11.13 -37.20
C GLN H 12 -8.82 10.29 -38.45
N MET H 13 -9.46 10.92 -39.42
CA MET H 13 -9.89 10.22 -40.63
C MET H 13 -8.96 10.40 -41.81
N PHE H 14 -8.43 11.61 -42.01
CA PHE H 14 -7.47 11.84 -43.08
C PHE H 14 -6.60 13.04 -42.74
N SER H 15 -5.41 13.07 -43.33
CA SER H 15 -4.52 14.23 -43.27
C SER H 15 -3.47 14.08 -44.36
N GLY H 16 -3.39 15.04 -45.27
CA GLY H 16 -2.40 14.97 -46.32
C GLY H 16 -2.70 15.92 -47.46
N LEU H 17 -1.78 15.91 -48.44
CA LEU H 17 -1.89 16.75 -49.62
C LEU H 17 -2.90 16.18 -50.61
N VAL H 18 -3.63 17.07 -51.30
CA VAL H 18 -4.76 16.68 -52.12
C VAL H 18 -4.95 17.66 -53.30
N GLU H 19 -5.54 17.16 -54.38
CA GLU H 19 -5.84 17.96 -55.56
C GLU H 19 -7.27 18.51 -55.57
N LYS H 20 -8.29 17.65 -55.41
CA LYS H 20 -9.68 18.06 -55.55
C LYS H 20 -10.57 17.12 -54.74
N ILE H 21 -11.82 17.53 -54.51
CA ILE H 21 -12.77 16.77 -53.69
C ILE H 21 -14.20 16.98 -54.18
N GLN H 22 -15.12 16.18 -53.62
CA GLN H 22 -16.56 16.28 -53.81
C GLN H 22 -17.24 15.89 -52.49
N VAL H 23 -18.19 16.70 -52.01
CA VAL H 23 -18.68 16.57 -50.63
C VAL H 23 -20.14 16.96 -50.58
N THR H 24 -20.81 16.59 -49.47
CA THR H 24 -22.14 16.98 -49.06
C THR H 24 -22.12 18.32 -48.33
N GLY H 25 -23.32 18.87 -48.11
CA GLY H 25 -23.44 20.20 -47.53
C GLY H 25 -24.65 20.48 -46.67
N SER H 26 -25.04 21.74 -46.58
CA SER H 26 -26.14 22.14 -45.70
C SER H 26 -27.48 21.64 -46.20
N GLU H 27 -27.66 21.50 -47.51
CA GLU H 27 -28.90 21.02 -48.08
C GLU H 27 -28.74 19.72 -48.85
N GLY H 28 -27.65 19.59 -49.60
CA GLY H 28 -27.44 18.38 -50.39
C GLY H 28 -26.02 18.28 -50.89
N GLU H 29 -25.79 17.26 -51.71
CA GLU H 29 -24.47 17.01 -52.27
C GLU H 29 -24.04 18.18 -53.17
N LEU H 30 -22.74 18.32 -53.34
CA LEU H 30 -22.20 19.49 -54.01
C LEU H 30 -20.84 19.17 -54.64
N GLY H 31 -20.64 19.63 -55.87
CA GLY H 31 -19.38 19.50 -56.57
C GLY H 31 -18.37 20.57 -56.21
N ILE H 32 -17.33 20.14 -55.48
CA ILE H 32 -16.35 21.09 -54.91
C ILE H 32 -15.10 21.15 -55.78
N TYR H 33 -14.45 22.32 -55.86
CA TYR H 33 -13.18 22.46 -56.61
C TYR H 33 -12.33 23.51 -55.88
N PRO H 34 -10.99 23.52 -56.02
CA PRO H 34 -10.17 24.45 -55.25
C PRO H 34 -10.08 25.90 -55.72
N GLY H 35 -10.06 26.86 -54.78
CA GLY H 35 -9.89 28.28 -55.15
C GLY H 35 -11.16 29.09 -55.38
N HIS H 36 -12.34 28.58 -55.02
CA HIS H 36 -13.59 29.31 -55.38
C HIS H 36 -14.17 30.27 -54.32
N ALA H 37 -14.24 29.92 -53.02
CA ALA H 37 -14.93 30.82 -52.04
C ALA H 37 -14.35 30.87 -50.62
N PRO H 38 -14.65 31.91 -49.81
CA PRO H 38 -14.08 32.07 -48.46
C PRO H 38 -14.90 31.82 -47.19
N LEU H 39 -16.05 31.15 -47.23
CA LEU H 39 -16.86 31.05 -45.98
C LEU H 39 -17.33 29.61 -45.69
N LEU H 40 -17.91 29.35 -44.50
CA LEU H 40 -18.20 27.93 -44.12
C LEU H 40 -19.37 27.68 -43.17
N THR H 41 -20.00 26.49 -43.22
CA THR H 41 -21.10 26.02 -42.34
C THR H 41 -21.22 24.50 -42.40
N ALA H 42 -22.42 24.02 -42.05
CA ALA H 42 -22.74 22.68 -41.55
C ALA H 42 -22.85 21.64 -42.66
N ILE H 43 -23.00 20.39 -42.24
CA ILE H 43 -23.02 19.21 -43.11
C ILE H 43 -24.22 18.33 -42.77
N LYS H 44 -25.01 17.88 -43.87
CA LYS H 44 -26.03 16.84 -43.84
C LYS H 44 -25.39 15.48 -44.13
N PRO H 45 -25.95 14.39 -43.64
CA PRO H 45 -25.30 13.09 -43.79
C PRO H 45 -24.94 12.77 -45.24
N GLY H 46 -23.66 12.45 -45.46
CA GLY H 46 -23.15 12.26 -46.81
C GLY H 46 -21.79 11.59 -46.87
N MET H 47 -20.91 12.06 -47.75
CA MET H 47 -19.62 11.42 -47.98
C MET H 47 -18.67 12.40 -48.65
N ILE H 48 -17.41 11.97 -48.84
CA ILE H 48 -16.39 12.83 -49.43
C ILE H 48 -15.41 11.99 -50.26
N ARG H 49 -14.92 12.60 -51.35
CA ARG H 49 -13.95 12.01 -52.28
C ARG H 49 -12.64 12.80 -52.20
N ILE H 50 -11.51 12.09 -52.20
CA ILE H 50 -10.19 12.70 -51.98
C ILE H 50 -9.29 12.31 -53.13
N VAL H 51 -9.17 13.16 -54.16
CA VAL H 51 -8.25 12.86 -55.25
C VAL H 51 -6.89 13.53 -54.98
N LYS H 52 -5.84 12.71 -54.90
CA LYS H 52 -4.52 13.14 -54.51
C LYS H 52 -3.59 13.18 -55.73
N GLN H 53 -2.29 13.33 -55.47
CA GLN H 53 -1.29 13.43 -56.53
C GLN H 53 -1.27 12.15 -57.36
N HIS H 54 -1.01 12.32 -58.67
CA HIS H 54 -1.11 11.28 -59.69
C HIS H 54 -2.54 10.77 -59.88
N GLY H 55 -3.51 11.43 -59.26
CA GLY H 55 -4.92 11.12 -59.52
C GLY H 55 -5.47 9.93 -58.78
N HIS H 56 -5.17 9.79 -57.49
CA HIS H 56 -5.62 8.67 -56.69
C HIS H 56 -6.66 9.14 -55.68
N GLU H 57 -7.83 8.50 -55.69
CA GLU H 57 -8.94 8.90 -54.84
C GLU H 57 -9.13 7.97 -53.64
N GLU H 58 -9.98 8.43 -52.71
CA GLU H 58 -10.49 7.62 -51.62
C GLU H 58 -11.85 8.17 -51.21
N PHE H 59 -12.62 7.34 -50.49
CA PHE H 59 -14.05 7.59 -50.29
C PHE H 59 -14.44 7.39 -48.82
N ILE H 60 -14.89 8.45 -48.16
CA ILE H 60 -15.08 8.45 -46.70
C ILE H 60 -16.54 8.78 -46.37
N TYR H 61 -17.08 8.05 -45.40
CA TYR H 61 -18.43 8.31 -44.87
C TYR H 61 -18.41 9.50 -43.91
N LEU H 62 -19.38 10.41 -44.07
CA LEU H 62 -19.54 11.59 -43.21
C LEU H 62 -20.95 11.56 -42.61
N SER H 63 -21.04 11.24 -41.31
CA SER H 63 -22.34 11.12 -40.68
C SER H 63 -22.94 12.48 -40.28
N GLY H 64 -22.09 13.50 -40.10
CA GLY H 64 -22.55 14.84 -39.77
C GLY H 64 -21.42 15.72 -39.28
N GLY H 65 -21.45 17.01 -39.61
CA GLY H 65 -20.38 17.88 -39.15
C GLY H 65 -20.41 19.24 -39.83
N ILE H 66 -19.20 19.83 -39.96
CA ILE H 66 -18.99 21.19 -40.44
C ILE H 66 -17.77 21.20 -41.34
N LEU H 67 -17.77 22.10 -42.33
CA LEU H 67 -16.80 22.10 -43.42
C LEU H 67 -16.24 23.52 -43.61
N GLU H 68 -14.91 23.63 -43.71
CA GLU H 68 -14.30 24.98 -43.76
C GLU H 68 -14.30 25.59 -45.17
N VAL H 69 -13.86 24.83 -46.17
CA VAL H 69 -13.92 25.33 -47.57
C VAL H 69 -12.95 26.48 -47.84
N GLN H 70 -13.00 27.60 -47.10
CA GLN H 70 -12.21 28.81 -47.45
C GLN H 70 -10.70 28.64 -47.50
N PRO H 71 -10.03 28.00 -46.52
CA PRO H 71 -8.58 27.96 -46.53
C PRO H 71 -7.84 27.07 -47.52
N GLY H 72 -6.55 27.36 -47.74
CA GLY H 72 -5.72 26.45 -48.54
C GLY H 72 -5.75 25.11 -47.85
N ASN H 73 -5.30 25.04 -46.58
CA ASN H 73 -5.47 23.77 -45.88
C ASN H 73 -6.87 23.76 -45.29
N VAL H 74 -7.71 22.87 -45.78
CA VAL H 74 -9.07 22.77 -45.28
C VAL H 74 -9.20 21.48 -44.48
N THR H 75 -10.24 21.39 -43.67
CA THR H 75 -10.48 20.25 -42.80
C THR H 75 -11.99 20.06 -42.65
N VAL H 76 -12.40 18.86 -42.27
CA VAL H 76 -13.81 18.56 -42.02
C VAL H 76 -13.93 18.09 -40.57
N LEU H 77 -14.75 18.78 -39.78
CA LEU H 77 -15.04 18.40 -38.41
C LEU H 77 -16.34 17.62 -38.40
N ALA H 78 -16.24 16.30 -38.19
CA ALA H 78 -17.38 15.39 -38.27
C ALA H 78 -17.66 14.78 -36.90
N ASP H 79 -18.92 14.88 -36.46
CA ASP H 79 -19.33 14.28 -35.20
C ASP H 79 -19.18 12.77 -35.21
N THR H 80 -19.22 12.15 -36.41
CA THR H 80 -18.97 10.74 -36.59
C THR H 80 -18.59 10.53 -38.05
N ALA H 81 -17.49 9.83 -38.29
CA ALA H 81 -17.06 9.56 -39.65
C ALA H 81 -16.28 8.26 -39.67
N ILE H 82 -16.44 7.48 -40.76
CA ILE H 82 -15.86 6.15 -40.85
C ILE H 82 -15.10 6.02 -42.15
N ARG H 83 -13.95 5.34 -42.09
CA ARG H 83 -13.09 5.15 -43.25
C ARG H 83 -13.71 4.18 -44.24
N GLY H 84 -13.42 4.40 -45.53
CA GLY H 84 -14.11 3.75 -46.63
C GLY H 84 -13.91 2.24 -46.72
N GLN H 85 -12.89 1.69 -46.07
CA GLN H 85 -12.75 0.24 -45.97
C GLN H 85 -12.85 -0.25 -44.53
N ASP H 86 -13.16 0.63 -43.59
CA ASP H 86 -13.63 0.18 -42.29
C ASP H 86 -15.11 -0.18 -42.36
N LEU H 87 -15.88 0.64 -43.08
CA LEU H 87 -17.24 0.35 -43.48
C LEU H 87 -17.25 -0.59 -44.68
N ASP H 88 -18.43 -1.11 -45.01
CA ASP H 88 -18.56 -2.02 -46.14
C ASP H 88 -20.00 -2.03 -46.64
N GLU H 89 -20.20 -2.64 -47.80
CA GLU H 89 -21.53 -2.74 -48.39
C GLU H 89 -22.50 -3.48 -47.47
N ALA H 90 -22.01 -4.51 -46.77
CA ALA H 90 -22.86 -5.23 -45.83
C ALA H 90 -23.29 -4.32 -44.69
N ARG H 91 -22.40 -3.44 -44.22
CA ARG H 91 -22.75 -2.52 -43.14
C ARG H 91 -23.80 -1.52 -43.60
N ALA H 92 -23.65 -0.99 -44.82
CA ALA H 92 -24.64 -0.08 -45.36
C ALA H 92 -25.97 -0.78 -45.64
N MET H 93 -25.93 -2.07 -45.99
CA MET H 93 -27.18 -2.81 -46.19
C MET H 93 -27.87 -3.07 -44.85
N GLU H 94 -27.10 -3.31 -43.79
CA GLU H 94 -27.67 -3.38 -42.45
C GLU H 94 -28.29 -2.04 -42.06
N ALA H 95 -27.63 -0.93 -42.42
CA ALA H 95 -28.22 0.38 -42.19
C ALA H 95 -29.51 0.56 -42.98
N LYS H 96 -29.54 0.05 -44.21
CA LYS H 96 -30.77 0.06 -45.01
C LYS H 96 -31.89 -0.71 -44.31
N ARG H 97 -31.56 -1.89 -43.80
CA ARG H 97 -32.55 -2.71 -43.08
C ARG H 97 -33.07 -1.97 -41.85
N LYS H 98 -32.16 -1.39 -41.07
CA LYS H 98 -32.55 -0.61 -39.90
C LYS H 98 -33.47 0.54 -40.27
N ALA H 99 -33.09 1.31 -41.29
CA ALA H 99 -33.86 2.49 -41.66
C ALA H 99 -35.22 2.12 -42.22
N GLU H 100 -35.29 1.07 -43.04
CA GLU H 100 -36.58 0.65 -43.59
C GLU H 100 -37.49 0.07 -42.51
N GLU H 101 -36.92 -0.51 -41.46
CA GLU H 101 -37.75 -0.89 -40.32
C GLU H 101 -38.23 0.35 -39.56
N HIS H 102 -37.33 1.31 -39.32
CA HIS H 102 -37.66 2.46 -38.50
C HIS H 102 -38.68 3.37 -39.19
N ILE H 103 -38.67 3.41 -40.51
CA ILE H 103 -39.71 4.14 -41.24
C ILE H 103 -41.08 3.55 -40.94
N SER H 104 -41.17 2.22 -40.89
CA SER H 104 -42.42 1.57 -40.50
C SER H 104 -42.69 1.68 -39.01
N SER H 105 -41.67 1.93 -38.20
CA SER H 105 -41.81 1.97 -36.75
C SER H 105 -41.83 3.38 -36.17
N SER H 106 -41.79 4.41 -37.02
CA SER H 106 -41.91 5.79 -36.58
C SER H 106 -43.25 6.33 -37.03
N HIS H 107 -43.99 6.94 -36.10
CA HIS H 107 -45.36 7.36 -36.36
C HIS H 107 -45.67 8.79 -35.96
N GLY H 108 -44.82 9.44 -35.16
CA GLY H 108 -45.04 10.83 -34.80
C GLY H 108 -43.91 11.72 -35.25
N ASP H 109 -44.15 13.03 -35.26
CA ASP H 109 -43.11 13.97 -35.70
C ASP H 109 -41.91 13.94 -34.76
N VAL H 110 -42.15 13.83 -33.45
CA VAL H 110 -41.05 13.89 -32.48
C VAL H 110 -40.10 12.72 -32.65
N ASP H 111 -40.63 11.52 -32.90
CA ASP H 111 -39.77 10.36 -33.12
C ASP H 111 -39.23 10.32 -34.55
N TYR H 112 -39.99 10.87 -35.51
CA TYR H 112 -39.43 10.94 -36.86
C TYR H 112 -38.27 11.91 -36.94
N ALA H 113 -38.17 12.86 -36.00
CA ALA H 113 -37.00 13.73 -35.96
C ALA H 113 -35.71 12.93 -35.82
N GLN H 114 -35.79 11.73 -35.22
CA GLN H 114 -34.67 10.81 -35.12
C GLN H 114 -34.66 9.76 -36.23
N ALA H 115 -35.85 9.28 -36.61
CA ALA H 115 -35.93 8.28 -37.67
C ALA H 115 -35.38 8.83 -39.00
N SER H 116 -35.68 10.10 -39.30
CA SER H 116 -35.17 10.71 -40.52
C SER H 116 -33.65 10.81 -40.52
N ALA H 117 -33.07 11.16 -39.38
CA ALA H 117 -31.62 11.20 -39.28
C ALA H 117 -31.02 9.82 -39.46
N GLU H 118 -31.64 8.79 -38.86
CA GLU H 118 -31.16 7.43 -39.06
C GLU H 118 -31.20 7.02 -40.53
N LEU H 119 -32.32 7.35 -41.21
CA LEU H 119 -32.44 7.09 -42.65
C LEU H 119 -31.39 7.83 -43.44
N ALA H 120 -31.15 9.10 -43.11
CA ALA H 120 -30.14 9.88 -43.83
C ALA H 120 -28.75 9.28 -43.66
N LYS H 121 -28.43 8.82 -42.44
CA LYS H 121 -27.14 8.20 -42.19
C LYS H 121 -27.00 6.91 -43.01
N ALA H 122 -28.07 6.12 -43.07
CA ALA H 122 -28.08 4.91 -43.88
C ALA H 122 -27.88 5.22 -45.36
N ILE H 123 -28.59 6.23 -45.88
CA ILE H 123 -28.50 6.58 -47.29
C ILE H 123 -27.12 7.11 -47.63
N ALA H 124 -26.53 7.90 -46.72
CA ALA H 124 -25.16 8.36 -46.91
C ALA H 124 -24.20 7.19 -46.99
N GLN H 125 -24.37 6.20 -46.10
CA GLN H 125 -23.54 5.00 -46.19
C GLN H 125 -23.74 4.30 -47.53
N LEU H 126 -24.99 4.21 -47.99
CA LEU H 126 -25.28 3.52 -49.25
C LEU H 126 -24.73 4.25 -50.46
N ARG H 127 -24.54 5.56 -50.40
CA ARG H 127 -23.90 6.23 -51.52
C ARG H 127 -22.37 6.14 -51.46
N VAL H 128 -21.79 6.24 -50.24
CA VAL H 128 -20.34 6.14 -50.14
C VAL H 128 -19.87 4.73 -50.50
N ILE H 129 -20.67 3.70 -50.16
CA ILE H 129 -20.22 2.33 -50.46
C ILE H 129 -20.17 2.10 -51.96
N GLU H 130 -21.09 2.70 -52.73
CA GLU H 130 -21.02 2.58 -54.18
C GLU H 130 -19.86 3.41 -54.75
N LEU H 131 -19.64 4.62 -54.22
CA LEU H 131 -18.51 5.40 -54.70
C LEU H 131 -17.17 4.75 -54.35
N THR H 132 -17.16 3.90 -53.32
CA THR H 132 -15.93 3.24 -52.89
C THR H 132 -15.42 2.27 -53.95
N LYS H 133 -16.29 1.77 -54.81
CA LYS H 133 -15.88 0.77 -55.80
C LYS H 133 -15.03 1.35 -56.92
N LYS H 134 -14.91 2.67 -57.02
CA LYS H 134 -14.04 3.29 -58.00
C LYS H 134 -12.60 3.36 -57.49
N ASN I 1 -72.40 62.93 -77.67
CA ASN I 1 -71.53 63.79 -78.45
C ASN I 1 -70.12 63.71 -77.87
N LEU I 2 -69.11 63.79 -78.76
CA LEU I 2 -67.77 63.29 -78.45
C LEU I 2 -67.10 63.99 -77.26
N ASN I 3 -67.53 65.21 -76.93
CA ASN I 3 -66.78 66.03 -75.96
C ASN I 3 -66.74 65.38 -74.57
N MET I 4 -67.88 64.91 -74.07
CA MET I 4 -67.90 64.23 -72.77
C MET I 4 -67.65 62.73 -72.91
N ASP I 5 -68.00 62.19 -74.09
CA ASP I 5 -67.81 60.78 -74.36
C ASP I 5 -66.33 60.40 -74.33
N LEU I 6 -65.44 61.36 -74.62
CA LEU I 6 -64.01 61.08 -74.42
C LEU I 6 -63.54 61.42 -73.00
N LEU I 7 -64.30 62.23 -72.25
CA LEU I 7 -63.97 62.44 -70.85
C LEU I 7 -64.08 61.14 -70.05
N TYR I 8 -65.06 60.30 -70.40
CA TYR I 8 -65.06 58.96 -69.80
C TYR I 8 -63.75 58.21 -70.06
N MET I 9 -63.22 58.29 -71.29
CA MET I 9 -61.95 57.65 -71.59
C MET I 9 -60.80 58.26 -70.77
N ALA I 10 -60.81 59.58 -70.61
CA ALA I 10 -59.77 60.24 -69.83
C ALA I 10 -59.76 59.74 -68.39
N ALA I 11 -60.94 59.67 -67.78
CA ALA I 11 -61.02 59.15 -66.41
C ALA I 11 -60.59 57.69 -66.35
N ALA I 12 -60.95 56.91 -67.37
CA ALA I 12 -60.51 55.53 -67.43
C ALA I 12 -59.00 55.43 -67.35
N VAL I 13 -58.30 56.18 -68.22
CA VAL I 13 -56.83 56.17 -68.22
C VAL I 13 -56.30 56.55 -66.84
N MET I 14 -56.80 57.67 -66.31
CA MET I 14 -56.28 58.22 -65.06
C MET I 14 -56.38 57.20 -63.94
N MET I 15 -57.59 56.74 -63.65
CA MET I 15 -57.75 55.88 -62.47
C MET I 15 -57.31 54.44 -62.72
N GLY I 16 -57.21 53.98 -63.97
CA GLY I 16 -56.59 52.68 -64.21
C GLY I 16 -55.11 52.67 -63.91
N LEU I 17 -54.40 53.71 -64.38
CA LEU I 17 -52.98 53.82 -64.04
C LEU I 17 -52.80 53.97 -62.52
N ALA I 18 -53.66 54.76 -61.88
CA ALA I 18 -53.63 54.85 -60.43
C ALA I 18 -53.83 53.47 -59.78
N ALA I 19 -54.75 52.68 -60.32
CA ALA I 19 -55.03 51.37 -59.77
C ALA I 19 -53.81 50.47 -59.81
N ILE I 20 -53.16 50.39 -60.98
CA ILE I 20 -52.00 49.49 -61.07
C ILE I 20 -50.88 49.97 -60.14
N GLY I 21 -50.65 51.30 -60.10
CA GLY I 21 -49.60 51.81 -59.23
C GLY I 21 -49.84 51.46 -57.78
N ALA I 22 -51.04 51.78 -57.27
CA ALA I 22 -51.33 51.53 -55.87
C ALA I 22 -51.27 50.04 -55.54
N ALA I 23 -51.84 49.21 -56.42
CA ALA I 23 -51.87 47.78 -56.16
C ALA I 23 -50.47 47.21 -56.04
N ILE I 24 -49.59 47.52 -57.00
CA ILE I 24 -48.25 46.93 -56.97
C ILE I 24 -47.43 47.49 -55.81
N GLY I 25 -47.59 48.79 -55.51
CA GLY I 25 -46.85 49.34 -54.38
C GLY I 25 -47.22 48.67 -53.06
N ILE I 26 -48.52 48.56 -52.79
CA ILE I 26 -48.94 47.88 -51.57
C ILE I 26 -48.53 46.41 -51.61
N GLY I 27 -48.49 45.80 -52.80
CA GLY I 27 -48.06 44.42 -52.88
C GLY I 27 -46.63 44.21 -52.41
N ILE I 28 -45.71 45.03 -52.91
CA ILE I 28 -44.31 44.93 -52.49
C ILE I 28 -44.19 45.21 -50.99
N LEU I 29 -44.89 46.25 -50.54
CA LEU I 29 -44.77 46.67 -49.15
C LEU I 29 -45.27 45.59 -48.21
N GLY I 30 -46.42 45.00 -48.52
CA GLY I 30 -46.96 43.92 -47.71
C GLY I 30 -46.17 42.64 -47.82
N GLY I 31 -45.48 42.42 -48.95
CA GLY I 31 -44.59 41.28 -49.04
C GLY I 31 -43.46 41.36 -48.04
N LYS I 32 -42.83 42.52 -47.96
CA LYS I 32 -41.83 42.70 -46.90
C LYS I 32 -42.45 42.62 -45.51
N PHE I 33 -43.69 43.10 -45.34
CA PHE I 33 -44.37 42.95 -44.06
C PHE I 33 -44.46 41.48 -43.66
N LEU I 34 -44.93 40.62 -44.57
CA LEU I 34 -45.11 39.21 -44.21
C LEU I 34 -43.78 38.50 -43.99
N GLU I 35 -42.75 38.83 -44.77
CA GLU I 35 -41.46 38.19 -44.50
C GLU I 35 -40.92 38.62 -43.14
N GLY I 36 -41.10 39.89 -42.77
CA GLY I 36 -40.72 40.31 -41.44
C GLY I 36 -41.51 39.60 -40.36
N ALA I 37 -42.81 39.41 -40.58
CA ALA I 37 -43.65 38.66 -39.64
C ALA I 37 -43.23 37.21 -39.54
N ALA I 38 -42.62 36.65 -40.59
CA ALA I 38 -42.13 35.28 -40.52
C ALA I 38 -40.78 35.19 -39.81
N ARG I 39 -39.93 36.22 -39.93
CA ARG I 39 -38.65 36.17 -39.26
C ARG I 39 -38.79 36.42 -37.75
N GLN I 40 -39.65 37.35 -37.35
CA GLN I 40 -39.89 37.66 -35.94
C GLN I 40 -41.39 37.62 -35.69
N PRO I 41 -41.95 36.44 -35.41
CA PRO I 41 -43.40 36.35 -35.22
C PRO I 41 -43.89 37.02 -33.95
N ASP I 42 -43.06 37.13 -32.91
CA ASP I 42 -43.46 37.85 -31.70
C ASP I 42 -43.50 39.36 -31.91
N LEU I 43 -43.29 39.82 -33.14
CA LEU I 43 -43.12 41.24 -33.45
C LEU I 43 -44.23 41.80 -34.35
N ILE I 44 -45.21 40.98 -34.72
CA ILE I 44 -46.22 41.40 -35.71
C ILE I 44 -46.94 42.69 -35.35
N PRO I 45 -47.43 42.90 -34.12
CA PRO I 45 -48.22 44.12 -33.85
C PRO I 45 -47.43 45.42 -33.93
N LEU I 46 -46.10 45.36 -34.04
CA LEU I 46 -45.27 46.53 -34.26
C LEU I 46 -45.05 46.80 -35.76
N LEU I 47 -44.65 45.76 -36.49
CA LEU I 47 -44.44 45.89 -37.93
C LEU I 47 -45.73 46.22 -38.66
N ARG I 48 -46.87 45.71 -38.18
CA ARG I 48 -48.13 46.06 -38.83
C ARG I 48 -48.49 47.52 -38.60
N THR I 49 -48.13 48.06 -37.43
CA THR I 49 -48.27 49.49 -37.20
C THR I 49 -47.44 50.28 -38.20
N GLN I 50 -46.18 49.86 -38.42
CA GLN I 50 -45.35 50.54 -39.43
C GLN I 50 -45.93 50.40 -40.84
N PHE I 51 -46.54 49.24 -41.12
CA PHE I 51 -47.17 49.02 -42.42
C PHE I 51 -48.29 50.03 -42.64
N PHE I 52 -49.15 50.23 -41.63
CA PHE I 52 -50.18 51.26 -41.75
C PHE I 52 -49.61 52.67 -41.76
N ILE I 53 -48.43 52.88 -41.15
CA ILE I 53 -47.79 54.19 -41.25
C ILE I 53 -47.46 54.53 -42.69
N VAL I 54 -46.79 53.60 -43.38
CA VAL I 54 -46.29 53.92 -44.73
C VAL I 54 -47.30 53.63 -45.85
N MET I 55 -48.33 52.82 -45.61
CA MET I 55 -49.34 52.59 -46.64
C MET I 55 -50.15 53.83 -46.96
N GLY I 56 -50.33 54.72 -45.98
CA GLY I 56 -50.99 55.99 -46.26
C GLY I 56 -50.17 56.85 -47.20
N LEU I 57 -48.85 56.88 -47.01
CA LEU I 57 -48.00 57.61 -47.94
C LEU I 57 -48.03 56.98 -49.32
N VAL I 58 -48.10 55.65 -49.39
CA VAL I 58 -48.19 55.01 -50.71
C VAL I 58 -49.47 55.42 -51.42
N ASP I 59 -50.60 55.40 -50.71
CA ASP I 59 -51.88 55.69 -51.35
C ASP I 59 -52.21 57.18 -51.47
N ALA I 60 -51.39 58.06 -50.89
CA ALA I 60 -51.70 59.49 -50.89
C ALA I 60 -51.95 60.03 -52.30
N ILE I 61 -51.10 59.67 -53.26
CA ILE I 61 -51.21 60.18 -54.63
C ILE I 61 -52.28 59.40 -55.40
N PRO I 62 -52.29 58.06 -55.39
CA PRO I 62 -53.34 57.34 -56.12
C PRO I 62 -54.75 57.67 -55.66
N MET I 63 -54.95 57.97 -54.37
CA MET I 63 -56.29 58.29 -53.90
C MET I 63 -56.80 59.59 -54.50
N ILE I 64 -55.95 60.62 -54.58
CA ILE I 64 -56.39 61.86 -55.21
C ILE I 64 -56.57 61.66 -56.71
N ALA I 65 -55.77 60.79 -57.34
CA ALA I 65 -55.99 60.48 -58.74
C ALA I 65 -57.36 59.84 -58.96
N VAL I 66 -57.71 58.87 -58.11
CA VAL I 66 -59.00 58.19 -58.23
C VAL I 66 -60.14 59.17 -57.96
N GLY I 67 -59.98 60.05 -56.97
CA GLY I 67 -61.00 61.04 -56.68
C GLY I 67 -61.24 61.97 -57.86
N LEU I 68 -60.15 62.43 -58.49
CA LEU I 68 -60.32 63.29 -59.66
C LEU I 68 -60.94 62.53 -60.83
N GLY I 69 -60.64 61.24 -60.98
CA GLY I 69 -61.30 60.46 -62.01
C GLY I 69 -62.80 60.34 -61.80
N LEU I 70 -63.20 60.04 -60.56
CA LEU I 70 -64.63 60.00 -60.23
C LEU I 70 -65.28 61.35 -60.45
N TYR I 71 -64.58 62.43 -60.10
CA TYR I 71 -65.10 63.77 -60.36
C TYR I 71 -65.30 64.01 -61.85
N VAL I 72 -64.33 63.58 -62.67
CA VAL I 72 -64.43 63.79 -64.11
C VAL I 72 -65.63 63.04 -64.67
N MET I 73 -65.86 61.81 -64.21
CA MET I 73 -67.01 61.06 -64.73
C MET I 73 -68.32 61.65 -64.25
N PHE I 74 -68.49 61.83 -62.95
CA PHE I 74 -69.82 62.17 -62.44
C PHE I 74 -70.11 63.67 -62.43
N ALA I 75 -69.12 64.51 -62.14
CA ALA I 75 -69.38 65.94 -62.13
C ALA I 75 -69.28 66.54 -63.54
N VAL I 76 -68.11 66.41 -64.17
CA VAL I 76 -67.89 67.07 -65.45
C VAL I 76 -68.73 66.41 -66.54
N ALA I 77 -68.57 65.11 -66.72
CA ALA I 77 -69.28 64.42 -67.82
C ALA I 77 -70.61 63.84 -67.34
N ASN J 1 -47.90 74.94 -89.07
CA ASN J 1 -48.49 73.90 -89.89
C ASN J 1 -48.28 72.49 -89.30
N LEU J 2 -48.46 71.46 -90.13
CA LEU J 2 -48.48 70.08 -89.67
C LEU J 2 -47.12 69.58 -89.18
N ASN J 3 -46.04 70.33 -89.43
CA ASN J 3 -44.70 69.80 -89.17
C ASN J 3 -44.42 69.69 -87.66
N MET J 4 -44.57 70.82 -86.95
CA MET J 4 -44.02 70.93 -85.60
C MET J 4 -44.75 70.04 -84.60
N ASP J 5 -46.05 69.85 -84.78
CA ASP J 5 -46.82 68.95 -83.92
C ASP J 5 -46.13 67.59 -83.81
N LEU J 6 -46.02 66.91 -84.95
CA LEU J 6 -45.43 65.57 -84.95
C LEU J 6 -43.95 65.58 -84.68
N LEU J 7 -43.24 66.68 -85.02
CA LEU J 7 -41.80 66.69 -84.73
C LEU J 7 -41.53 66.78 -83.23
N TYR J 8 -42.28 67.64 -82.53
CA TYR J 8 -42.19 67.65 -81.07
C TYR J 8 -42.61 66.31 -80.48
N MET J 9 -43.65 65.68 -81.02
CA MET J 9 -44.05 64.38 -80.49
C MET J 9 -42.95 63.33 -80.69
N ALA J 10 -42.27 63.36 -81.83
CA ALA J 10 -41.18 62.43 -82.08
C ALA J 10 -40.04 62.64 -81.08
N ALA J 11 -39.64 63.90 -80.89
CA ALA J 11 -38.59 64.18 -79.91
C ALA J 11 -39.01 63.76 -78.51
N ALA J 12 -40.29 63.96 -78.17
CA ALA J 12 -40.78 63.58 -76.86
C ALA J 12 -40.69 62.06 -76.64
N VAL J 13 -41.15 61.28 -77.63
CA VAL J 13 -41.03 59.84 -77.52
C VAL J 13 -39.58 59.42 -77.35
N MET J 14 -38.70 59.99 -78.17
CA MET J 14 -37.28 59.64 -78.12
C MET J 14 -36.71 59.87 -76.72
N MET J 15 -36.84 61.09 -76.21
CA MET J 15 -36.19 61.38 -74.94
C MET J 15 -36.90 60.74 -73.77
N GLY J 16 -38.21 60.48 -73.86
CA GLY J 16 -38.88 59.76 -72.80
C GLY J 16 -38.40 58.33 -72.68
N LEU J 17 -38.25 57.64 -73.81
CA LEU J 17 -37.76 56.27 -73.75
C LEU J 17 -36.29 56.24 -73.31
N ALA J 18 -35.51 57.25 -73.71
CA ALA J 18 -34.13 57.35 -73.22
C ALA J 18 -34.11 57.57 -71.71
N ALA J 19 -35.04 58.38 -71.19
CA ALA J 19 -35.11 58.64 -69.76
C ALA J 19 -35.49 57.40 -68.98
N ILE J 20 -36.33 56.53 -69.57
CA ILE J 20 -36.56 55.22 -68.95
C ILE J 20 -35.27 54.41 -68.93
N GLY J 21 -34.61 54.29 -70.08
CA GLY J 21 -33.49 53.36 -70.19
C GLY J 21 -32.34 53.72 -69.28
N ALA J 22 -31.88 54.97 -69.36
CA ALA J 22 -30.72 55.37 -68.57
C ALA J 22 -31.00 55.26 -67.08
N ALA J 23 -32.18 55.71 -66.66
CA ALA J 23 -32.52 55.69 -65.24
C ALA J 23 -32.54 54.27 -64.70
N ILE J 24 -33.22 53.35 -65.40
CA ILE J 24 -33.30 51.98 -64.88
C ILE J 24 -31.93 51.30 -64.89
N GLY J 25 -31.16 51.49 -65.95
CA GLY J 25 -29.86 50.85 -66.01
C GLY J 25 -28.94 51.31 -64.90
N ILE J 26 -28.84 52.63 -64.70
CA ILE J 26 -28.00 53.14 -63.62
C ILE J 26 -28.57 52.74 -62.28
N GLY J 27 -29.89 52.58 -62.16
CA GLY J 27 -30.45 52.10 -60.92
C GLY J 27 -29.93 50.74 -60.53
N ILE J 28 -30.00 49.78 -61.47
CA ILE J 28 -29.51 48.43 -61.17
C ILE J 28 -28.01 48.46 -60.85
N LEU J 29 -27.24 49.14 -61.71
CA LEU J 29 -25.79 49.12 -61.55
C LEU J 29 -25.37 49.75 -60.23
N GLY J 30 -25.91 50.94 -59.92
CA GLY J 30 -25.62 51.58 -58.66
C GLY J 30 -26.11 50.82 -57.44
N GLY J 31 -27.24 50.12 -57.54
CA GLY J 31 -27.67 49.30 -56.42
C GLY J 31 -26.68 48.21 -56.07
N LYS J 32 -26.18 47.49 -57.08
CA LYS J 32 -25.16 46.49 -56.79
C LYS J 32 -23.85 47.14 -56.34
N PHE J 33 -23.50 48.30 -56.89
CA PHE J 33 -22.31 49.01 -56.42
C PHE J 33 -22.43 49.37 -54.93
N LEU J 34 -23.62 49.80 -54.48
CA LEU J 34 -23.78 50.14 -53.07
C LEU J 34 -23.80 48.91 -52.17
N GLU J 35 -24.42 47.80 -52.60
CA GLU J 35 -24.35 46.65 -51.71
C GLU J 35 -22.93 46.08 -51.66
N GLY J 36 -22.16 46.25 -52.72
CA GLY J 36 -20.75 45.95 -52.65
C GLY J 36 -19.99 46.88 -51.72
N ALA J 37 -20.32 48.18 -51.75
CA ALA J 37 -19.66 49.15 -50.87
C ALA J 37 -19.97 48.87 -49.40
N ALA J 38 -21.21 48.47 -49.11
CA ALA J 38 -21.56 48.06 -47.75
C ALA J 38 -20.87 46.76 -47.37
N ARG J 39 -20.73 45.83 -48.33
CA ARG J 39 -20.07 44.57 -48.03
C ARG J 39 -18.60 44.78 -47.69
N GLN J 40 -17.88 45.54 -48.51
CA GLN J 40 -16.46 45.82 -48.26
C GLN J 40 -16.19 47.31 -48.45
N PRO J 41 -16.34 48.11 -47.39
CA PRO J 41 -15.74 49.43 -47.41
C PRO J 41 -14.22 49.32 -47.35
N ASP J 42 -13.55 50.40 -47.73
CA ASP J 42 -12.12 50.52 -48.00
C ASP J 42 -11.79 49.93 -49.37
N LEU J 43 -12.79 49.43 -50.10
CA LEU J 43 -12.66 49.18 -51.54
C LEU J 43 -13.55 50.11 -52.34
N ILE J 44 -14.13 51.11 -51.69
CA ILE J 44 -15.01 52.06 -52.38
C ILE J 44 -14.34 52.72 -53.58
N PRO J 45 -13.10 53.23 -53.50
CA PRO J 45 -12.51 53.86 -54.70
C PRO J 45 -12.34 52.89 -55.88
N LEU J 46 -11.91 51.66 -55.62
CA LEU J 46 -11.73 50.69 -56.69
C LEU J 46 -13.06 50.32 -57.34
N LEU J 47 -14.04 49.98 -56.51
CA LEU J 47 -15.36 49.65 -57.03
C LEU J 47 -16.00 50.83 -57.74
N ARG J 48 -15.71 52.06 -57.29
CA ARG J 48 -16.22 53.24 -57.99
C ARG J 48 -15.54 53.42 -59.34
N THR J 49 -14.26 53.07 -59.45
CA THR J 49 -13.60 53.07 -60.76
C THR J 49 -14.32 52.12 -61.72
N GLN J 50 -14.53 50.88 -61.28
CA GLN J 50 -15.26 49.93 -62.12
C GLN J 50 -16.67 50.43 -62.43
N PHE J 51 -17.29 51.08 -61.45
CA PHE J 51 -18.64 51.62 -61.58
C PHE J 51 -18.72 52.67 -62.68
N PHE J 52 -17.74 53.58 -62.73
CA PHE J 52 -17.74 54.56 -63.81
C PHE J 52 -17.43 53.92 -65.16
N ILE J 53 -16.53 52.94 -65.19
CA ILE J 53 -16.26 52.26 -66.47
C ILE J 53 -17.54 51.67 -67.04
N VAL J 54 -18.32 50.99 -66.20
CA VAL J 54 -19.55 50.36 -66.71
C VAL J 54 -20.60 51.42 -67.04
N MET J 55 -20.69 52.47 -66.21
CA MET J 55 -21.69 53.52 -66.46
C MET J 55 -21.47 54.20 -67.80
N GLY J 56 -20.20 54.34 -68.20
CA GLY J 56 -19.91 54.90 -69.51
C GLY J 56 -20.57 54.13 -70.64
N LEU J 57 -20.55 52.80 -70.56
CA LEU J 57 -21.20 51.98 -71.57
C LEU J 57 -22.71 51.95 -71.40
N VAL J 58 -23.21 52.04 -70.18
CA VAL J 58 -24.66 52.07 -69.98
C VAL J 58 -25.26 53.29 -70.65
N ASP J 59 -24.63 54.45 -70.48
CA ASP J 59 -25.18 55.67 -71.05
C ASP J 59 -24.84 55.90 -72.52
N ALA J 60 -24.33 54.88 -73.23
CA ALA J 60 -23.93 55.08 -74.63
C ALA J 60 -25.11 55.43 -75.54
N ILE J 61 -26.02 54.49 -75.73
CA ILE J 61 -27.17 54.64 -76.63
C ILE J 61 -28.13 55.72 -76.14
N PRO J 62 -28.48 55.77 -74.83
CA PRO J 62 -29.38 56.83 -74.38
C PRO J 62 -28.88 58.24 -74.66
N MET J 63 -27.57 58.47 -74.63
CA MET J 63 -27.07 59.81 -74.94
C MET J 63 -27.19 60.12 -76.43
N ILE J 64 -27.05 59.12 -77.30
CA ILE J 64 -27.36 59.35 -78.71
C ILE J 64 -28.83 59.72 -78.88
N ALA J 65 -29.70 59.02 -78.15
CA ALA J 65 -31.13 59.35 -78.20
C ALA J 65 -31.38 60.78 -77.73
N VAL J 66 -30.74 61.19 -76.64
CA VAL J 66 -30.91 62.55 -76.13
C VAL J 66 -30.39 63.57 -77.12
N GLY J 67 -29.21 63.32 -77.70
CA GLY J 67 -28.64 64.25 -78.65
C GLY J 67 -29.52 64.45 -79.88
N LEU J 68 -30.04 63.35 -80.43
CA LEU J 68 -30.90 63.49 -81.61
C LEU J 68 -32.28 64.03 -81.24
N GLY J 69 -32.75 63.81 -80.01
CA GLY J 69 -33.96 64.48 -79.58
C GLY J 69 -33.79 65.98 -79.50
N LEU J 70 -32.66 66.43 -78.93
CA LEU J 70 -32.36 67.86 -78.93
C LEU J 70 -32.21 68.40 -80.34
N TYR J 71 -31.61 67.60 -81.23
CA TYR J 71 -31.49 68.00 -82.62
C TYR J 71 -32.86 68.20 -83.27
N VAL J 72 -33.77 67.24 -83.07
CA VAL J 72 -35.09 67.34 -83.66
C VAL J 72 -35.85 68.54 -83.08
N MET J 73 -35.74 68.76 -81.76
CA MET J 73 -36.47 69.85 -81.15
C MET J 73 -35.95 71.21 -81.57
N PHE J 74 -34.63 71.41 -81.52
CA PHE J 74 -34.07 72.75 -81.71
C PHE J 74 -33.38 72.96 -83.05
N ALA J 75 -33.38 71.97 -83.94
CA ALA J 75 -32.86 72.19 -85.28
C ALA J 75 -33.89 71.90 -86.36
N VAL J 76 -34.58 70.77 -86.30
CA VAL J 76 -35.55 70.43 -87.33
C VAL J 76 -36.91 71.10 -87.11
N ALA J 77 -37.33 71.26 -85.86
CA ALA J 77 -38.60 71.95 -85.60
C ALA J 77 -38.43 73.09 -84.60
N ASN K 1 -56.48 77.36 -84.05
CA ASN K 1 -55.18 76.87 -84.47
C ASN K 1 -54.80 75.66 -83.63
N LEU K 2 -54.93 74.48 -84.24
CA LEU K 2 -54.88 73.22 -83.51
C LEU K 2 -53.51 72.91 -82.92
N ASN K 3 -52.49 73.71 -83.27
CA ASN K 3 -51.11 73.37 -82.95
C ASN K 3 -50.88 73.18 -81.44
N MET K 4 -51.59 73.96 -80.61
CA MET K 4 -51.33 73.96 -79.17
C MET K 4 -51.64 72.62 -78.50
N ASP K 5 -52.75 71.99 -78.89
CA ASP K 5 -53.30 70.89 -78.13
C ASP K 5 -52.42 69.64 -78.21
N LEU K 6 -51.71 69.43 -79.32
CA LEU K 6 -50.71 68.37 -79.35
C LEU K 6 -49.47 68.72 -78.52
N LEU K 7 -49.13 70.00 -78.40
CA LEU K 7 -47.94 70.36 -77.62
C LEU K 7 -48.14 70.06 -76.14
N TYR K 8 -49.33 70.32 -75.61
CA TYR K 8 -49.57 69.86 -74.23
C TYR K 8 -49.45 68.35 -74.09
N MET K 9 -49.96 67.58 -75.05
CA MET K 9 -49.82 66.12 -74.98
C MET K 9 -48.35 65.71 -75.02
N ALA K 10 -47.56 66.37 -75.87
CA ALA K 10 -46.15 66.03 -76.00
C ALA K 10 -45.36 66.37 -74.74
N ALA K 11 -45.73 67.45 -74.05
CA ALA K 11 -45.12 67.71 -72.74
C ALA K 11 -45.53 66.67 -71.73
N ALA K 12 -46.80 66.24 -71.79
CA ALA K 12 -47.31 65.27 -70.82
C ALA K 12 -46.56 63.95 -70.92
N VAL K 13 -46.31 63.47 -72.13
CA VAL K 13 -45.63 62.17 -72.27
C VAL K 13 -44.21 62.25 -71.72
N MET K 14 -43.49 63.35 -71.99
CA MET K 14 -42.14 63.50 -71.48
C MET K 14 -42.12 63.49 -69.97
N MET K 15 -42.97 64.32 -69.34
CA MET K 15 -42.91 64.41 -67.89
C MET K 15 -43.44 63.15 -67.21
N GLY K 16 -44.39 62.44 -67.84
CA GLY K 16 -44.83 61.18 -67.26
C GLY K 16 -43.76 60.10 -67.29
N LEU K 17 -43.12 59.92 -68.45
CA LEU K 17 -42.06 58.92 -68.51
C LEU K 17 -40.87 59.31 -67.64
N ALA K 18 -40.56 60.61 -67.56
CA ALA K 18 -39.51 61.07 -66.65
C ALA K 18 -39.87 60.78 -65.19
N ALA K 19 -41.14 60.99 -64.82
CA ALA K 19 -41.55 60.67 -63.46
C ALA K 19 -41.37 59.20 -63.16
N ILE K 20 -41.78 58.33 -64.09
CA ILE K 20 -41.61 56.89 -63.86
C ILE K 20 -40.14 56.54 -63.68
N GLY K 21 -39.30 57.01 -64.61
CA GLY K 21 -37.89 56.65 -64.55
C GLY K 21 -37.22 57.15 -63.29
N ALA K 22 -37.39 58.44 -62.99
CA ALA K 22 -36.71 59.06 -61.86
C ALA K 22 -37.31 58.68 -60.52
N ALA K 23 -38.52 58.10 -60.50
CA ALA K 23 -39.03 57.59 -59.24
C ALA K 23 -38.56 56.16 -58.99
N ILE K 24 -38.68 55.29 -59.99
CA ILE K 24 -38.30 53.89 -59.76
C ILE K 24 -36.79 53.74 -59.61
N GLY K 25 -36.00 54.53 -60.34
CA GLY K 25 -34.55 54.44 -60.18
C GLY K 25 -34.11 54.79 -58.77
N ILE K 26 -34.61 55.92 -58.25
CA ILE K 26 -34.25 56.29 -56.89
C ILE K 26 -34.84 55.31 -55.88
N GLY K 27 -35.99 54.70 -56.19
CA GLY K 27 -36.50 53.66 -55.30
C GLY K 27 -35.55 52.49 -55.18
N ILE K 28 -35.10 51.98 -56.32
CA ILE K 28 -34.18 50.83 -56.31
C ILE K 28 -32.86 51.22 -55.63
N LEU K 29 -32.38 52.43 -55.87
CA LEU K 29 -31.09 52.85 -55.31
C LEU K 29 -31.19 53.02 -53.80
N GLY K 30 -32.21 53.76 -53.33
CA GLY K 30 -32.36 54.02 -51.93
C GLY K 30 -32.74 52.81 -51.11
N GLY K 31 -33.36 51.81 -51.74
CA GLY K 31 -33.63 50.57 -51.03
C GLY K 31 -32.35 49.88 -50.58
N LYS K 32 -31.40 49.75 -51.50
CA LYS K 32 -30.09 49.20 -51.15
C LYS K 32 -29.38 50.10 -50.16
N PHE K 33 -29.55 51.42 -50.29
CA PHE K 33 -28.98 52.31 -49.28
C PHE K 33 -29.53 51.99 -47.89
N LEU K 34 -30.84 51.75 -47.78
CA LEU K 34 -31.42 51.48 -46.47
C LEU K 34 -31.00 50.13 -45.92
N GLU K 35 -30.85 49.11 -46.77
CA GLU K 35 -30.35 47.84 -46.22
C GLU K 35 -28.89 47.97 -45.77
N GLY K 36 -28.10 48.75 -46.51
CA GLY K 36 -26.75 49.02 -46.07
C GLY K 36 -26.71 49.76 -44.74
N ALA K 37 -27.64 50.69 -44.52
CA ALA K 37 -27.74 51.34 -43.23
C ALA K 37 -28.20 50.37 -42.15
N ALA K 38 -29.06 49.41 -42.50
CA ALA K 38 -29.53 48.42 -41.54
C ALA K 38 -28.40 47.53 -41.06
N ARG K 39 -27.47 47.16 -41.95
CA ARG K 39 -26.33 46.36 -41.50
C ARG K 39 -25.29 47.17 -40.73
N GLN K 40 -24.98 48.39 -41.17
CA GLN K 40 -23.85 49.15 -40.66
C GLN K 40 -24.30 50.55 -40.25
N PRO K 41 -25.02 50.65 -39.12
CA PRO K 41 -25.58 51.96 -38.74
C PRO K 41 -24.55 53.02 -38.40
N ASP K 42 -23.30 52.65 -38.13
CA ASP K 42 -22.29 53.66 -37.84
C ASP K 42 -21.65 54.24 -39.11
N LEU K 43 -22.01 53.73 -40.29
CA LEU K 43 -21.47 54.23 -41.55
C LEU K 43 -22.43 55.14 -42.30
N ILE K 44 -23.61 55.42 -41.77
CA ILE K 44 -24.69 56.10 -42.50
C ILE K 44 -24.24 57.42 -43.12
N PRO K 45 -23.49 58.29 -42.42
CA PRO K 45 -23.04 59.54 -43.07
C PRO K 45 -22.04 59.36 -44.20
N LEU K 46 -21.48 58.16 -44.38
CA LEU K 46 -20.63 57.84 -45.53
C LEU K 46 -21.45 57.35 -46.71
N LEU K 47 -22.38 56.44 -46.44
CA LEU K 47 -23.26 55.95 -47.50
C LEU K 47 -24.21 57.02 -47.99
N ARG K 48 -24.54 58.02 -47.16
CA ARG K 48 -25.29 59.15 -47.69
C ARG K 48 -24.50 59.91 -48.74
N THR K 49 -23.20 60.10 -48.49
CA THR K 49 -22.34 60.77 -49.46
C THR K 49 -22.32 60.00 -50.78
N GLN K 50 -22.10 58.69 -50.70
CA GLN K 50 -22.11 57.89 -51.93
C GLN K 50 -23.48 57.91 -52.60
N PHE K 51 -24.56 57.89 -51.81
CA PHE K 51 -25.90 57.89 -52.36
C PHE K 51 -26.21 59.18 -53.11
N PHE K 52 -25.80 60.32 -52.56
CA PHE K 52 -25.96 61.57 -53.31
C PHE K 52 -24.99 61.70 -54.47
N ILE K 53 -23.88 60.97 -54.46
CA ILE K 53 -23.02 60.96 -55.64
C ILE K 53 -23.70 60.19 -56.78
N VAL K 54 -24.42 59.11 -56.46
CA VAL K 54 -25.03 58.27 -57.50
C VAL K 54 -26.40 58.79 -57.93
N MET K 55 -27.16 59.40 -57.02
CA MET K 55 -28.49 59.89 -57.34
C MET K 55 -28.45 61.01 -58.37
N GLY K 56 -27.39 61.83 -58.35
CA GLY K 56 -27.23 62.85 -59.36
C GLY K 56 -26.99 62.30 -60.75
N LEU K 57 -26.50 61.07 -60.85
CA LEU K 57 -26.41 60.41 -62.15
C LEU K 57 -27.73 59.77 -62.54
N VAL K 58 -28.47 59.25 -61.56
CA VAL K 58 -29.81 58.74 -61.86
C VAL K 58 -30.69 59.85 -62.43
N ASP K 59 -30.57 61.06 -61.88
CA ASP K 59 -31.37 62.20 -62.34
C ASP K 59 -30.68 63.03 -63.41
N ALA K 60 -29.79 62.43 -64.20
CA ALA K 60 -29.16 63.18 -65.29
C ALA K 60 -30.14 63.41 -66.42
N ILE K 61 -30.63 62.34 -67.04
CA ILE K 61 -31.58 62.41 -68.15
C ILE K 61 -32.96 62.86 -67.70
N PRO K 62 -33.54 62.31 -66.62
CA PRO K 62 -34.93 62.69 -66.28
C PRO K 62 -35.12 64.18 -66.01
N MET K 63 -34.13 64.85 -65.42
CA MET K 63 -34.30 66.28 -65.20
C MET K 63 -34.20 67.08 -66.49
N ILE K 64 -33.45 66.58 -67.48
CA ILE K 64 -33.51 67.20 -68.80
C ILE K 64 -34.88 66.96 -69.44
N ALA K 65 -35.43 65.77 -69.25
CA ALA K 65 -36.77 65.49 -69.77
C ALA K 65 -37.79 66.44 -69.17
N VAL K 66 -37.74 66.64 -67.86
CA VAL K 66 -38.65 67.58 -67.20
C VAL K 66 -38.38 69.00 -67.67
N GLY K 67 -37.11 69.39 -67.81
CA GLY K 67 -36.80 70.74 -68.25
C GLY K 67 -37.35 71.05 -69.62
N LEU K 68 -37.13 70.15 -70.58
CA LEU K 68 -37.61 70.41 -71.93
C LEU K 68 -39.12 70.22 -72.07
N GLY K 69 -39.72 69.32 -71.29
CA GLY K 69 -41.17 69.23 -71.31
C GLY K 69 -41.83 70.46 -70.73
N LEU K 70 -41.30 70.97 -69.61
CA LEU K 70 -41.78 72.19 -69.00
C LEU K 70 -41.50 73.41 -69.87
N TYR K 71 -40.45 73.33 -70.71
CA TYR K 71 -40.23 74.32 -71.76
C TYR K 71 -41.31 74.26 -72.83
N VAL K 72 -41.57 73.06 -73.36
CA VAL K 72 -42.56 72.91 -74.42
C VAL K 72 -43.93 73.38 -73.94
N MET K 73 -44.28 73.08 -72.69
CA MET K 73 -45.60 73.40 -72.19
C MET K 73 -45.83 74.91 -72.08
N PHE K 74 -44.78 75.69 -71.83
CA PHE K 74 -44.93 77.12 -71.60
C PHE K 74 -44.31 78.00 -72.67
N ALA K 75 -43.05 77.79 -73.00
CA ALA K 75 -42.38 78.69 -73.95
C ALA K 75 -42.91 78.49 -75.37
N VAL K 76 -43.02 77.24 -75.82
CA VAL K 76 -43.42 76.98 -77.19
C VAL K 76 -44.92 77.11 -77.37
N ALA K 77 -45.69 76.46 -76.51
CA ALA K 77 -47.15 76.45 -76.62
C ALA K 77 -47.73 77.84 -76.38
N ASN L 1 -43.98 67.22 -96.59
CA ASN L 1 -45.27 66.55 -96.50
C ASN L 1 -45.32 65.52 -95.37
N LEU L 2 -46.37 64.69 -95.38
CA LEU L 2 -46.62 63.75 -94.28
C LEU L 2 -45.49 62.73 -94.12
N ASN L 3 -44.76 62.45 -95.20
CA ASN L 3 -43.74 61.41 -95.17
C ASN L 3 -42.72 61.67 -94.06
N MET L 4 -42.15 62.87 -94.03
CA MET L 4 -41.10 63.18 -93.07
C MET L 4 -41.65 63.19 -91.64
N ASP L 5 -42.88 63.68 -91.48
CA ASP L 5 -43.50 63.72 -90.16
C ASP L 5 -43.64 62.31 -89.59
N LEU L 6 -44.01 61.34 -90.42
CA LEU L 6 -44.08 59.97 -89.91
C LEU L 6 -42.71 59.29 -89.82
N LEU L 7 -41.75 59.66 -90.67
CA LEU L 7 -40.46 58.97 -90.65
C LEU L 7 -39.64 59.37 -89.42
N TYR L 8 -39.70 60.63 -89.00
CA TYR L 8 -39.05 60.99 -87.75
C TYR L 8 -39.66 60.22 -86.57
N MET L 9 -40.99 60.04 -86.59
CA MET L 9 -41.65 59.23 -85.56
C MET L 9 -41.15 57.79 -85.58
N ALA L 10 -41.00 57.21 -86.77
CA ALA L 10 -40.53 55.83 -86.86
C ALA L 10 -39.12 55.67 -86.32
N ALA L 11 -38.21 56.57 -86.73
CA ALA L 11 -36.85 56.53 -86.21
C ALA L 11 -36.86 56.71 -84.69
N ALA L 12 -37.74 57.59 -84.19
CA ALA L 12 -37.81 57.83 -82.75
C ALA L 12 -38.20 56.57 -82.00
N VAL L 13 -39.25 55.87 -82.46
CA VAL L 13 -39.68 54.67 -81.74
C VAL L 13 -38.62 53.59 -81.79
N MET L 14 -38.00 53.39 -82.97
CA MET L 14 -36.99 52.35 -83.07
C MET L 14 -35.82 52.61 -82.13
N MET L 15 -35.29 53.84 -82.14
CA MET L 15 -34.12 54.11 -81.30
C MET L 15 -34.48 54.19 -79.82
N GLY L 16 -35.70 54.58 -79.47
CA GLY L 16 -36.10 54.54 -78.07
C GLY L 16 -36.12 53.12 -77.51
N LEU L 17 -36.74 52.19 -78.26
CA LEU L 17 -36.75 50.82 -77.80
C LEU L 17 -35.34 50.23 -77.79
N ALA L 18 -34.51 50.58 -78.77
CA ALA L 18 -33.12 50.13 -78.75
C ALA L 18 -32.40 50.60 -77.49
N ALA L 19 -32.60 51.87 -77.12
CA ALA L 19 -31.95 52.41 -75.93
C ALA L 19 -32.37 51.64 -74.68
N ILE L 20 -33.68 51.45 -74.50
CA ILE L 20 -34.15 50.73 -73.31
C ILE L 20 -33.50 49.35 -73.24
N GLY L 21 -33.58 48.60 -74.35
CA GLY L 21 -33.06 47.24 -74.33
C GLY L 21 -31.60 47.16 -73.96
N ALA L 22 -30.75 47.91 -74.68
CA ALA L 22 -29.31 47.82 -74.44
C ALA L 22 -28.96 48.23 -73.01
N ALA L 23 -29.50 49.36 -72.54
CA ALA L 23 -29.11 49.85 -71.23
C ALA L 23 -29.46 48.82 -70.15
N ILE L 24 -30.71 48.35 -70.14
CA ILE L 24 -31.12 47.51 -69.03
C ILE L 24 -30.43 46.14 -69.10
N GLY L 25 -30.16 45.64 -70.30
CA GLY L 25 -29.40 44.40 -70.39
C GLY L 25 -28.04 44.49 -69.74
N ILE L 26 -27.27 45.54 -70.09
CA ILE L 26 -25.95 45.63 -69.44
C ILE L 26 -26.11 45.88 -67.95
N GLY L 27 -27.16 46.58 -67.54
CA GLY L 27 -27.39 46.74 -66.11
C GLY L 27 -27.46 45.41 -65.39
N ILE L 28 -28.29 44.49 -65.91
CA ILE L 28 -28.45 43.18 -65.27
C ILE L 28 -27.10 42.46 -65.21
N LEU L 29 -26.36 42.46 -66.31
CA LEU L 29 -25.11 41.69 -66.30
C LEU L 29 -24.10 42.26 -65.29
N GLY L 30 -23.90 43.58 -65.34
CA GLY L 30 -22.90 44.20 -64.49
C GLY L 30 -23.17 44.09 -63.00
N GLY L 31 -24.44 44.04 -62.60
CA GLY L 31 -24.73 43.90 -61.18
C GLY L 31 -24.11 42.64 -60.56
N LYS L 32 -24.34 41.48 -61.21
CA LYS L 32 -23.76 40.23 -60.73
C LYS L 32 -22.24 40.29 -60.79
N PHE L 33 -21.69 40.91 -61.85
CA PHE L 33 -20.22 41.04 -61.85
C PHE L 33 -19.73 41.76 -60.59
N LEU L 34 -20.34 42.91 -60.25
CA LEU L 34 -19.86 43.67 -59.10
C LEU L 34 -20.01 42.90 -57.79
N GLU L 35 -21.15 42.23 -57.60
CA GLU L 35 -21.32 41.52 -56.34
C GLU L 35 -20.27 40.42 -56.19
N GLY L 36 -20.10 39.60 -57.24
CA GLY L 36 -19.10 38.55 -57.17
C GLY L 36 -17.71 39.09 -56.94
N ALA L 37 -17.39 40.24 -57.54
CA ALA L 37 -16.08 40.86 -57.32
C ALA L 37 -15.91 41.32 -55.88
N ALA L 38 -16.97 41.89 -55.29
CA ALA L 38 -16.90 42.29 -53.89
C ALA L 38 -16.58 41.11 -52.98
N ARG L 39 -17.14 39.94 -53.29
CA ARG L 39 -16.79 38.76 -52.48
C ARG L 39 -15.32 38.35 -52.63
N GLN L 40 -14.74 38.49 -53.82
CA GLN L 40 -13.37 38.05 -54.07
C GLN L 40 -12.76 38.87 -55.20
N PRO L 41 -11.94 39.88 -54.87
CA PRO L 41 -11.44 40.80 -55.90
C PRO L 41 -10.39 40.21 -56.83
N ASP L 42 -9.86 39.00 -56.54
CA ASP L 42 -8.80 38.46 -57.38
C ASP L 42 -9.28 38.17 -58.80
N LEU L 43 -10.58 38.12 -59.03
CA LEU L 43 -11.14 37.79 -60.33
C LEU L 43 -11.54 39.01 -61.15
N ILE L 44 -11.28 40.23 -60.70
CA ILE L 44 -11.83 41.42 -61.36
C ILE L 44 -11.36 41.57 -62.80
N PRO L 45 -10.06 41.55 -63.12
CA PRO L 45 -9.68 41.67 -64.54
C PRO L 45 -10.21 40.53 -65.39
N LEU L 46 -10.19 39.31 -64.86
CA LEU L 46 -10.69 38.16 -65.59
C LEU L 46 -12.17 38.34 -65.92
N LEU L 47 -12.97 38.65 -64.89
CA LEU L 47 -14.41 38.79 -65.10
C LEU L 47 -14.73 40.01 -65.96
N ARG L 48 -13.90 41.05 -65.94
CA ARG L 48 -14.11 42.19 -66.82
C ARG L 48 -13.84 41.84 -68.29
N THR L 49 -12.87 40.95 -68.55
CA THR L 49 -12.74 40.43 -69.91
C THR L 49 -13.96 39.61 -70.32
N GLN L 50 -14.42 38.70 -69.44
CA GLN L 50 -15.67 37.99 -69.71
C GLN L 50 -16.82 38.97 -69.96
N PHE L 51 -16.81 40.08 -69.23
CA PHE L 51 -17.86 41.08 -69.31
C PHE L 51 -17.93 41.69 -70.70
N PHE L 52 -16.79 42.09 -71.26
CA PHE L 52 -16.82 42.56 -72.65
C PHE L 52 -17.24 41.46 -73.62
N ILE L 53 -16.76 40.23 -73.40
CA ILE L 53 -17.11 39.14 -74.32
C ILE L 53 -18.62 39.01 -74.42
N VAL L 54 -19.33 39.10 -73.29
CA VAL L 54 -20.79 38.92 -73.30
C VAL L 54 -21.50 40.20 -73.75
N MET L 55 -20.96 41.35 -73.35
CA MET L 55 -21.59 42.63 -73.66
C MET L 55 -21.63 42.89 -75.16
N GLY L 56 -20.67 42.35 -75.91
CA GLY L 56 -20.77 42.44 -77.37
C GLY L 56 -22.05 41.85 -77.91
N LEU L 57 -22.40 40.63 -77.50
CA LEU L 57 -23.64 40.03 -77.97
C LEU L 57 -24.86 40.75 -77.43
N VAL L 58 -24.75 41.38 -76.25
CA VAL L 58 -25.87 42.21 -75.79
C VAL L 58 -26.10 43.37 -76.75
N ASP L 59 -25.03 44.03 -77.19
CA ASP L 59 -25.18 45.17 -78.09
C ASP L 59 -25.35 44.76 -79.56
N ALA L 60 -25.32 43.46 -79.88
CA ALA L 60 -25.51 43.03 -81.26
C ALA L 60 -26.75 43.67 -81.89
N ILE L 61 -27.94 43.30 -81.43
CA ILE L 61 -29.21 43.71 -82.04
C ILE L 61 -29.51 45.20 -81.89
N PRO L 62 -29.34 45.80 -80.70
CA PRO L 62 -29.68 47.21 -80.56
C PRO L 62 -28.93 48.12 -81.52
N MET L 63 -27.72 47.76 -81.95
CA MET L 63 -27.06 48.60 -82.93
C MET L 63 -27.52 48.34 -84.37
N ILE L 64 -28.11 47.18 -84.65
CA ILE L 64 -28.90 47.10 -85.89
C ILE L 64 -30.04 48.10 -85.83
N ALA L 65 -30.74 48.14 -84.69
CA ALA L 65 -31.84 49.09 -84.55
C ALA L 65 -31.35 50.53 -84.69
N VAL L 66 -30.23 50.86 -84.05
CA VAL L 66 -29.73 52.24 -84.10
C VAL L 66 -29.26 52.61 -85.50
N GLY L 67 -28.58 51.69 -86.19
CA GLY L 67 -28.15 51.96 -87.55
C GLY L 67 -29.33 52.19 -88.48
N LEU L 68 -30.36 51.37 -88.38
CA LEU L 68 -31.52 51.60 -89.24
C LEU L 68 -32.31 52.83 -88.83
N GLY L 69 -32.32 53.18 -87.54
CA GLY L 69 -32.94 54.44 -87.14
C GLY L 69 -32.22 55.65 -87.72
N LEU L 70 -30.89 55.66 -87.63
CA LEU L 70 -30.11 56.74 -88.23
C LEU L 70 -30.29 56.79 -89.73
N TYR L 71 -30.37 55.62 -90.37
CA TYR L 71 -30.63 55.55 -91.80
C TYR L 71 -31.98 56.18 -92.16
N VAL L 72 -33.04 55.81 -91.41
CA VAL L 72 -34.35 56.37 -91.68
C VAL L 72 -34.34 57.89 -91.47
N MET L 73 -33.63 58.34 -90.44
CA MET L 73 -33.70 59.76 -90.09
C MET L 73 -32.87 60.62 -91.05
N PHE L 74 -31.71 60.14 -91.51
CA PHE L 74 -30.83 60.95 -92.34
C PHE L 74 -30.80 60.56 -93.82
N ALA L 75 -31.28 59.38 -94.18
CA ALA L 75 -31.22 58.96 -95.57
C ALA L 75 -32.59 58.80 -96.22
N VAL L 76 -33.56 58.24 -95.50
CA VAL L 76 -34.93 58.23 -96.02
C VAL L 76 -35.58 59.60 -95.82
N ALA L 77 -35.43 60.17 -94.64
CA ALA L 77 -35.81 61.56 -94.31
C ALA L 77 -37.30 61.83 -94.54
N ASN M 1 -64.82 47.90 -95.92
CA ASN M 1 -63.73 46.96 -95.72
C ASN M 1 -63.19 46.99 -94.29
N LEU M 2 -63.39 48.10 -93.59
CA LEU M 2 -62.80 48.22 -92.25
C LEU M 2 -63.32 47.16 -91.29
N ASN M 3 -64.55 46.68 -91.51
CA ASN M 3 -65.10 45.62 -90.67
C ASN M 3 -64.23 44.38 -90.75
N MET M 4 -63.83 43.99 -91.96
CA MET M 4 -62.89 42.88 -92.11
C MET M 4 -61.54 43.22 -91.51
N ASP M 5 -61.05 44.44 -91.77
CA ASP M 5 -59.66 44.77 -91.51
C ASP M 5 -59.36 44.82 -90.02
N LEU M 6 -60.22 45.45 -89.22
CA LEU M 6 -59.87 45.71 -87.83
C LEU M 6 -59.82 44.45 -86.96
N LEU M 7 -60.53 43.38 -87.33
CA LEU M 7 -60.49 42.19 -86.48
C LEU M 7 -59.17 41.43 -86.61
N TYR M 8 -58.45 41.60 -87.72
CA TYR M 8 -57.09 41.10 -87.75
C TYR M 8 -56.24 41.69 -86.63
N MET M 9 -56.30 43.02 -86.44
CA MET M 9 -55.56 43.66 -85.36
C MET M 9 -56.10 43.27 -83.98
N ALA M 10 -57.42 43.14 -83.85
CA ALA M 10 -57.99 42.71 -82.57
C ALA M 10 -57.46 41.33 -82.18
N ALA M 11 -57.49 40.38 -83.12
CA ALA M 11 -56.96 39.05 -82.83
C ALA M 11 -55.46 39.12 -82.57
N ALA M 12 -54.77 40.00 -83.30
CA ALA M 12 -53.34 40.20 -83.10
C ALA M 12 -53.03 40.60 -81.66
N VAL M 13 -53.79 41.57 -81.12
CA VAL M 13 -53.51 42.04 -79.76
C VAL M 13 -53.85 40.95 -78.75
N MET M 14 -54.97 40.25 -78.94
CA MET M 14 -55.28 39.14 -78.03
C MET M 14 -54.13 38.13 -77.98
N MET M 15 -53.65 37.72 -79.15
CA MET M 15 -52.62 36.68 -79.16
C MET M 15 -51.28 37.19 -78.65
N GLY M 16 -50.94 38.45 -78.90
CA GLY M 16 -49.71 38.97 -78.32
C GLY M 16 -49.74 39.01 -76.80
N LEU M 17 -50.85 39.50 -76.24
CA LEU M 17 -50.97 39.48 -74.79
C LEU M 17 -50.95 38.06 -74.23
N ALA M 18 -51.64 37.13 -74.90
CA ALA M 18 -51.62 35.75 -74.45
C ALA M 18 -50.21 35.19 -74.47
N ALA M 19 -49.44 35.48 -75.53
CA ALA M 19 -48.08 34.97 -75.63
C ALA M 19 -47.21 35.48 -74.49
N ILE M 20 -47.24 36.78 -74.23
CA ILE M 20 -46.40 37.33 -73.16
C ILE M 20 -46.82 36.74 -71.81
N GLY M 21 -48.12 36.74 -71.52
CA GLY M 21 -48.57 36.21 -70.24
C GLY M 21 -48.12 34.78 -70.01
N ALA M 22 -48.43 33.90 -70.97
CA ALA M 22 -48.07 32.49 -70.83
C ALA M 22 -46.57 32.31 -70.73
N ALA M 23 -45.81 32.95 -71.62
CA ALA M 23 -44.37 32.72 -71.66
C ALA M 23 -43.71 33.15 -70.36
N ILE M 24 -44.03 34.35 -69.87
CA ILE M 24 -43.37 34.81 -68.65
C ILE M 24 -43.81 34.00 -67.43
N GLY M 25 -45.10 33.69 -67.34
CA GLY M 25 -45.56 32.87 -66.22
C GLY M 25 -44.88 31.52 -66.16
N ILE M 26 -44.83 30.82 -67.31
CA ILE M 26 -44.17 29.52 -67.35
C ILE M 26 -42.68 29.68 -67.08
N GLY M 27 -42.08 30.78 -67.54
CA GLY M 27 -40.68 31.01 -67.27
C GLY M 27 -40.37 31.06 -65.79
N ILE M 28 -41.14 31.87 -65.05
CA ILE M 28 -40.92 31.96 -63.61
C ILE M 28 -41.14 30.61 -62.93
N LEU M 29 -42.27 29.96 -63.26
CA LEU M 29 -42.62 28.71 -62.59
C LEU M 29 -41.57 27.63 -62.86
N GLY M 30 -41.21 27.44 -64.13
CA GLY M 30 -40.22 26.44 -64.48
C GLY M 30 -38.83 26.75 -63.97
N GLY M 31 -38.50 28.04 -63.82
CA GLY M 31 -37.23 28.39 -63.21
C GLY M 31 -37.13 27.94 -61.77
N LYS M 32 -38.19 28.18 -61.00
CA LYS M 32 -38.21 27.63 -59.64
C LYS M 32 -38.13 26.11 -59.66
N PHE M 33 -38.83 25.47 -60.61
CA PHE M 33 -38.73 24.01 -60.71
C PHE M 33 -37.29 23.57 -60.95
N LEU M 34 -36.58 24.26 -61.84
CA LEU M 34 -35.21 23.85 -62.16
C LEU M 34 -34.27 24.01 -60.96
N GLU M 35 -34.39 25.12 -60.22
CA GLU M 35 -33.51 25.25 -59.05
C GLU M 35 -33.82 24.17 -58.01
N GLY M 36 -35.11 23.89 -57.81
CA GLY M 36 -35.49 22.83 -56.89
C GLY M 36 -34.94 21.47 -57.32
N ALA M 37 -34.96 21.20 -58.62
CA ALA M 37 -34.35 19.98 -59.14
C ALA M 37 -32.84 19.98 -58.92
N ALA M 38 -32.22 21.16 -58.97
CA ALA M 38 -30.77 21.24 -58.79
C ALA M 38 -30.36 20.89 -57.36
N ARG M 39 -31.08 21.41 -56.36
CA ARG M 39 -30.64 21.12 -54.99
C ARG M 39 -30.89 19.66 -54.60
N GLN M 40 -32.09 19.14 -54.86
CA GLN M 40 -32.45 17.79 -54.45
C GLN M 40 -32.66 16.93 -55.68
N PRO M 41 -31.63 16.27 -56.20
CA PRO M 41 -31.79 15.47 -57.41
C PRO M 41 -32.77 14.31 -57.27
N ASP M 42 -33.05 13.88 -56.04
CA ASP M 42 -33.92 12.72 -55.84
C ASP M 42 -35.39 13.05 -56.03
N LEU M 43 -35.78 14.31 -55.88
CA LEU M 43 -37.18 14.71 -55.88
C LEU M 43 -37.68 15.19 -57.24
N ILE M 44 -36.88 15.04 -58.30
CA ILE M 44 -37.33 15.46 -59.63
C ILE M 44 -38.64 14.80 -60.05
N PRO M 45 -38.87 13.50 -59.87
CA PRO M 45 -40.18 12.93 -60.23
C PRO M 45 -41.34 13.47 -59.41
N LEU M 46 -41.07 14.07 -58.24
CA LEU M 46 -42.13 14.70 -57.44
C LEU M 46 -42.38 16.14 -57.87
N LEU M 47 -41.31 16.92 -57.92
CA LEU M 47 -41.43 18.32 -58.34
C LEU M 47 -41.94 18.43 -59.76
N ARG M 48 -41.63 17.46 -60.62
CA ARG M 48 -42.17 17.45 -61.97
C ARG M 48 -43.69 17.25 -61.96
N THR M 49 -44.18 16.35 -61.10
CA THR M 49 -45.62 16.15 -60.96
C THR M 49 -46.30 17.44 -60.52
N GLN M 50 -45.82 18.04 -59.43
CA GLN M 50 -46.43 19.28 -58.96
C GLN M 50 -46.25 20.43 -59.96
N PHE M 51 -45.16 20.39 -60.74
CA PHE M 51 -44.94 21.37 -61.78
C PHE M 51 -46.03 21.30 -62.84
N PHE M 52 -46.37 20.09 -63.30
CA PHE M 52 -47.46 19.98 -64.26
C PHE M 52 -48.79 20.38 -63.63
N ILE M 53 -49.00 20.01 -62.36
CA ILE M 53 -50.19 20.46 -61.62
C ILE M 53 -50.36 21.96 -61.76
N VAL M 54 -49.34 22.72 -61.35
CA VAL M 54 -49.44 24.17 -61.32
C VAL M 54 -49.45 24.76 -62.73
N MET M 55 -48.73 24.14 -63.66
CA MET M 55 -48.65 24.64 -65.02
C MET M 55 -49.99 24.61 -65.72
N GLY M 56 -50.80 23.57 -65.45
CA GLY M 56 -52.15 23.55 -65.98
C GLY M 56 -52.92 24.79 -65.61
N LEU M 57 -52.84 25.20 -64.35
CA LEU M 57 -53.56 26.38 -63.90
C LEU M 57 -52.96 27.67 -64.47
N VAL M 58 -51.63 27.73 -64.58
CA VAL M 58 -51.00 28.92 -65.16
C VAL M 58 -51.46 29.12 -66.60
N ASP M 59 -51.48 28.04 -67.37
CA ASP M 59 -51.84 28.13 -68.78
C ASP M 59 -53.35 28.09 -69.03
N ALA M 60 -54.15 27.88 -67.98
CA ALA M 60 -55.61 27.93 -68.12
C ALA M 60 -56.07 29.15 -68.92
N ILE M 61 -55.71 30.35 -68.45
CA ILE M 61 -56.26 31.60 -68.97
C ILE M 61 -55.61 32.00 -70.29
N PRO M 62 -54.28 31.87 -70.45
CA PRO M 62 -53.68 32.15 -71.76
C PRO M 62 -54.26 31.29 -72.87
N MET M 63 -54.64 30.05 -72.58
CA MET M 63 -55.33 29.24 -73.58
C MET M 63 -56.66 29.85 -73.97
N ILE M 64 -57.40 30.40 -72.99
CA ILE M 64 -58.63 31.13 -73.31
C ILE M 64 -58.33 32.23 -74.31
N ALA M 65 -57.34 33.06 -74.00
CA ALA M 65 -57.04 34.22 -74.85
C ALA M 65 -56.62 33.78 -76.25
N VAL M 66 -55.72 32.80 -76.35
CA VAL M 66 -55.17 32.42 -77.65
C VAL M 66 -56.22 31.70 -78.51
N GLY M 67 -57.04 30.85 -77.88
CA GLY M 67 -58.10 30.20 -78.62
C GLY M 67 -59.12 31.19 -79.16
N LEU M 68 -59.50 32.18 -78.35
CA LEU M 68 -60.45 33.16 -78.85
C LEU M 68 -59.81 34.07 -79.90
N GLY M 69 -58.50 34.30 -79.85
CA GLY M 69 -57.84 35.02 -80.92
C GLY M 69 -57.86 34.28 -82.24
N LEU M 70 -57.56 32.97 -82.20
CA LEU M 70 -57.72 32.15 -83.41
C LEU M 70 -59.14 32.22 -83.94
N TYR M 71 -60.11 32.10 -83.02
CA TYR M 71 -61.53 32.21 -83.38
C TYR M 71 -61.80 33.53 -84.10
N VAL M 72 -61.27 34.64 -83.59
CA VAL M 72 -61.52 35.94 -84.21
C VAL M 72 -60.94 35.99 -85.61
N MET M 73 -59.69 35.53 -85.78
CA MET M 73 -59.09 35.67 -87.11
C MET M 73 -59.71 34.72 -88.15
N PHE M 74 -60.18 33.54 -87.73
CA PHE M 74 -60.67 32.57 -88.72
C PHE M 74 -62.19 32.48 -88.82
N ALA M 75 -62.92 32.62 -87.71
CA ALA M 75 -64.36 32.44 -87.79
C ALA M 75 -65.06 33.69 -88.35
N VAL M 76 -64.84 34.85 -87.73
CA VAL M 76 -65.54 36.07 -88.14
C VAL M 76 -64.74 36.85 -89.19
N ALA M 77 -63.41 36.81 -89.09
CA ALA M 77 -62.50 37.34 -90.10
C ALA M 77 -62.85 38.75 -90.54
N ASN N 1 -72.06 49.46 -89.88
CA ASN N 1 -71.10 50.39 -89.30
C ASN N 1 -70.08 49.67 -88.44
N LEU N 2 -69.20 50.44 -87.82
CA LEU N 2 -68.01 49.90 -87.17
C LEU N 2 -68.24 49.42 -85.74
N ASN N 3 -69.46 49.52 -85.21
CA ASN N 3 -69.68 49.23 -83.79
C ASN N 3 -69.33 47.79 -83.43
N MET N 4 -69.58 46.85 -84.34
CA MET N 4 -69.28 45.45 -84.06
C MET N 4 -67.79 45.24 -83.78
N ASP N 5 -66.94 45.70 -84.70
CA ASP N 5 -65.51 45.45 -84.57
C ASP N 5 -64.89 46.32 -83.47
N LEU N 6 -65.44 47.52 -83.22
CA LEU N 6 -64.98 48.27 -82.05
C LEU N 6 -65.32 47.56 -80.75
N LEU N 7 -66.50 46.96 -80.66
CA LEU N 7 -66.85 46.22 -79.44
C LEU N 7 -65.96 45.00 -79.26
N TYR N 8 -65.68 44.27 -80.35
CA TYR N 8 -64.70 43.19 -80.28
C TYR N 8 -63.32 43.69 -79.88
N MET N 9 -62.91 44.88 -80.35
CA MET N 9 -61.63 45.41 -79.91
C MET N 9 -61.60 45.67 -78.40
N ALA N 10 -62.68 46.27 -77.88
CA ALA N 10 -62.74 46.52 -76.44
C ALA N 10 -62.65 45.22 -75.64
N ALA N 11 -63.48 44.23 -76.03
CA ALA N 11 -63.47 42.94 -75.34
C ALA N 11 -62.11 42.25 -75.49
N ALA N 12 -61.51 42.35 -76.67
CA ALA N 12 -60.20 41.75 -76.93
C ALA N 12 -59.13 42.31 -76.01
N VAL N 13 -59.06 43.65 -75.90
CA VAL N 13 -58.06 44.26 -75.02
C VAL N 13 -58.30 43.84 -73.57
N MET N 14 -59.56 43.89 -73.12
CA MET N 14 -59.84 43.51 -71.74
C MET N 14 -59.43 42.07 -71.45
N MET N 15 -59.78 41.15 -72.35
CA MET N 15 -59.49 39.74 -72.10
C MET N 15 -58.00 39.43 -72.21
N GLY N 16 -57.29 40.07 -73.14
CA GLY N 16 -55.85 39.89 -73.20
C GLY N 16 -55.15 40.36 -71.94
N LEU N 17 -55.55 41.53 -71.42
CA LEU N 17 -54.99 42.00 -70.16
C LEU N 17 -55.35 41.05 -69.00
N ALA N 18 -56.57 40.51 -69.03
CA ALA N 18 -56.95 39.52 -68.02
C ALA N 18 -56.03 38.29 -68.09
N ALA N 19 -55.71 37.85 -69.31
CA ALA N 19 -54.81 36.72 -69.48
C ALA N 19 -53.43 37.04 -68.91
N ILE N 20 -52.90 38.23 -69.20
CA ILE N 20 -51.63 38.67 -68.62
C ILE N 20 -51.68 38.54 -67.10
N GLY N 21 -52.69 39.18 -66.49
CA GLY N 21 -52.74 39.23 -65.04
C GLY N 21 -52.84 37.86 -64.42
N ALA N 22 -53.76 37.04 -64.91
CA ALA N 22 -53.94 35.71 -64.33
C ALA N 22 -52.70 34.85 -64.52
N ALA N 23 -52.14 34.85 -65.73
CA ALA N 23 -50.98 34.01 -66.01
C ALA N 23 -49.82 34.36 -65.09
N ILE N 24 -49.45 35.64 -65.03
CA ILE N 24 -48.26 35.99 -64.24
C ILE N 24 -48.53 35.87 -62.74
N GLY N 25 -49.74 36.21 -62.28
CA GLY N 25 -50.03 36.03 -60.87
C GLY N 25 -49.93 34.59 -60.43
N ILE N 26 -50.57 33.68 -61.18
CA ILE N 26 -50.48 32.27 -60.83
C ILE N 26 -49.06 31.77 -61.02
N GLY N 27 -48.30 32.34 -61.95
CA GLY N 27 -46.91 31.94 -62.10
C GLY N 27 -46.08 32.24 -60.87
N ILE N 28 -46.15 33.48 -60.38
CA ILE N 28 -45.41 33.85 -59.17
C ILE N 28 -45.87 32.98 -57.99
N LEU N 29 -47.18 32.83 -57.84
CA LEU N 29 -47.72 32.11 -56.69
C LEU N 29 -47.30 30.64 -56.69
N GLY N 30 -47.44 29.98 -57.85
CA GLY N 30 -47.03 28.60 -57.96
C GLY N 30 -45.54 28.39 -57.90
N GLY N 31 -44.76 29.39 -58.34
CA GLY N 31 -43.32 29.31 -58.15
C GLY N 31 -42.95 29.25 -56.69
N LYS N 32 -43.56 30.10 -55.87
CA LYS N 32 -43.33 29.97 -54.43
C LYS N 32 -43.90 28.67 -53.87
N PHE N 33 -45.01 28.17 -54.42
CA PHE N 33 -45.50 26.86 -54.01
C PHE N 33 -44.43 25.79 -54.21
N LEU N 34 -43.84 25.74 -55.40
CA LEU N 34 -42.83 24.72 -55.68
C LEU N 34 -41.57 24.92 -54.84
N GLU N 35 -41.17 26.18 -54.61
CA GLU N 35 -40.01 26.41 -53.76
C GLU N 35 -40.27 25.91 -52.34
N GLY N 36 -41.51 26.04 -51.85
CA GLY N 36 -41.84 25.47 -50.56
C GLY N 36 -41.93 23.96 -50.58
N ALA N 37 -42.40 23.39 -51.68
CA ALA N 37 -42.57 21.94 -51.77
C ALA N 37 -41.24 21.22 -51.89
N ALA N 38 -40.24 21.84 -52.53
CA ALA N 38 -38.92 21.23 -52.59
C ALA N 38 -38.30 21.13 -51.21
N ARG N 39 -38.52 22.13 -50.36
CA ARG N 39 -37.86 22.18 -49.06
C ARG N 39 -38.50 21.22 -48.06
N GLN N 40 -39.84 21.19 -48.02
CA GLN N 40 -40.58 20.30 -47.12
C GLN N 40 -41.47 19.41 -47.97
N PRO N 41 -40.93 18.31 -48.51
CA PRO N 41 -41.71 17.47 -49.43
C PRO N 41 -42.81 16.66 -48.75
N ASP N 42 -42.82 16.56 -47.42
CA ASP N 42 -43.91 15.90 -46.73
C ASP N 42 -45.08 16.83 -46.44
N LEU N 43 -44.96 18.12 -46.77
CA LEU N 43 -46.03 19.08 -46.61
C LEU N 43 -46.70 19.45 -47.92
N ILE N 44 -46.49 18.67 -48.99
CA ILE N 44 -47.17 18.92 -50.25
C ILE N 44 -48.70 18.91 -50.10
N PRO N 45 -49.33 17.99 -49.35
CA PRO N 45 -50.80 18.02 -49.29
C PRO N 45 -51.36 19.24 -48.56
N LEU N 46 -50.55 19.95 -47.77
CA LEU N 46 -50.99 21.12 -47.01
C LEU N 46 -50.76 22.42 -47.77
N LEU N 47 -49.52 22.60 -48.26
CA LEU N 47 -49.23 23.74 -49.13
C LEU N 47 -50.10 23.71 -50.37
N ARG N 48 -50.44 22.52 -50.87
CA ARG N 48 -51.27 22.43 -52.06
C ARG N 48 -52.73 22.80 -51.78
N THR N 49 -53.11 22.85 -50.51
CA THR N 49 -54.43 23.39 -50.13
C THR N 49 -54.39 24.90 -49.95
N GLN N 50 -53.38 25.40 -49.23
CA GLN N 50 -53.20 26.85 -49.13
C GLN N 50 -53.08 27.48 -50.51
N PHE N 51 -52.50 26.74 -51.47
CA PHE N 51 -52.42 27.22 -52.84
C PHE N 51 -53.80 27.38 -53.47
N PHE N 52 -54.70 26.40 -53.25
CA PHE N 52 -56.10 26.61 -53.64
C PHE N 52 -56.61 27.92 -53.07
N ILE N 53 -56.39 28.13 -51.77
CA ILE N 53 -57.00 29.25 -51.08
C ILE N 53 -56.60 30.57 -51.72
N VAL N 54 -55.30 30.79 -51.89
CA VAL N 54 -54.88 32.10 -52.40
C VAL N 54 -55.04 32.19 -53.93
N MET N 55 -54.92 31.07 -54.64
CA MET N 55 -55.15 31.07 -56.07
C MET N 55 -56.59 31.48 -56.40
N GLY N 56 -57.54 31.07 -55.56
CA GLY N 56 -58.91 31.52 -55.76
C GLY N 56 -59.06 33.02 -55.72
N LEU N 57 -58.29 33.70 -54.86
CA LEU N 57 -58.30 35.15 -54.82
C LEU N 57 -57.59 35.75 -56.04
N VAL N 58 -56.55 35.08 -56.53
CA VAL N 58 -55.75 35.65 -57.62
C VAL N 58 -56.60 35.85 -58.87
N ASP N 59 -57.42 34.88 -59.23
CA ASP N 59 -58.07 34.86 -60.53
C ASP N 59 -59.42 35.60 -60.57
N ALA N 60 -59.89 36.16 -59.45
CA ALA N 60 -61.24 36.70 -59.38
C ALA N 60 -61.50 37.79 -60.43
N ILE N 61 -60.76 38.90 -60.35
CA ILE N 61 -60.95 39.98 -61.31
C ILE N 61 -60.64 39.54 -62.73
N PRO N 62 -59.57 38.79 -63.03
CA PRO N 62 -59.38 38.31 -64.40
C PRO N 62 -60.53 37.48 -64.92
N MET N 63 -61.10 36.60 -64.09
CA MET N 63 -62.22 35.79 -64.55
C MET N 63 -63.46 36.65 -64.81
N ILE N 64 -63.68 37.66 -63.96
CA ILE N 64 -64.78 38.59 -64.21
C ILE N 64 -64.57 39.31 -65.54
N ALA N 65 -63.35 39.74 -65.80
CA ALA N 65 -63.03 40.40 -67.06
C ALA N 65 -63.29 39.48 -68.24
N VAL N 66 -62.93 38.20 -68.11
CA VAL N 66 -63.16 37.22 -69.18
C VAL N 66 -64.65 37.04 -69.43
N GLY N 67 -65.43 36.91 -68.35
CA GLY N 67 -66.87 36.79 -68.51
C GLY N 67 -67.49 37.99 -69.20
N LEU N 68 -67.11 39.19 -68.77
CA LEU N 68 -67.65 40.40 -69.39
C LEU N 68 -67.18 40.55 -70.84
N GLY N 69 -65.96 40.13 -71.14
CA GLY N 69 -65.51 40.10 -72.52
C GLY N 69 -66.32 39.17 -73.37
N LEU N 70 -66.63 37.97 -72.86
CA LEU N 70 -67.52 37.07 -73.59
C LEU N 70 -68.90 37.68 -73.79
N TYR N 71 -69.40 38.37 -72.77
CA TYR N 71 -70.65 39.11 -72.87
C TYR N 71 -70.63 40.11 -74.02
N VAL N 72 -69.57 40.92 -74.12
CA VAL N 72 -69.50 41.89 -75.20
C VAL N 72 -69.31 41.20 -76.54
N MET N 73 -68.51 40.13 -76.57
CA MET N 73 -68.21 39.44 -77.83
C MET N 73 -69.46 38.81 -78.43
N PHE N 74 -70.28 38.18 -77.59
CA PHE N 74 -71.38 37.34 -78.08
C PHE N 74 -72.76 37.90 -77.78
N ALA N 75 -72.95 38.59 -76.65
CA ALA N 75 -74.26 39.16 -76.37
C ALA N 75 -74.42 40.54 -76.99
N VAL N 76 -73.46 41.43 -76.78
CA VAL N 76 -73.59 42.81 -77.26
C VAL N 76 -73.30 42.88 -78.76
N ALA N 77 -72.12 42.43 -79.18
CA ALA N 77 -71.72 42.54 -80.58
C ALA N 77 -72.51 41.57 -81.45
N ASN O 1 -72.98 55.59 -83.44
CA ASN O 1 -71.75 54.88 -83.13
C ASN O 1 -71.05 55.42 -81.88
N LEU O 2 -70.66 56.71 -81.91
CA LEU O 2 -69.67 57.21 -80.96
C LEU O 2 -70.12 57.18 -79.51
N ASN O 3 -71.42 57.05 -79.24
CA ASN O 3 -71.86 57.10 -77.85
C ASN O 3 -71.57 55.79 -77.12
N MET O 4 -72.03 54.65 -77.66
CA MET O 4 -71.97 53.38 -76.95
C MET O 4 -70.59 52.73 -77.02
N ASP O 5 -69.97 52.71 -78.22
CA ASP O 5 -68.72 51.97 -78.37
C ASP O 5 -67.59 52.57 -77.51
N LEU O 6 -67.56 53.91 -77.39
CA LEU O 6 -66.60 54.50 -76.46
C LEU O 6 -66.87 54.11 -75.01
N LEU O 7 -68.13 53.93 -74.62
CA LEU O 7 -68.38 53.52 -73.24
C LEU O 7 -67.95 52.09 -72.98
N TYR O 8 -68.19 51.18 -73.95
CA TYR O 8 -67.64 49.84 -73.81
C TYR O 8 -66.11 49.87 -73.77
N MET O 9 -65.48 50.72 -74.59
CA MET O 9 -64.03 50.82 -74.55
C MET O 9 -63.53 51.34 -73.20
N ALA O 10 -64.19 52.35 -72.65
CA ALA O 10 -63.79 52.89 -71.35
C ALA O 10 -63.90 51.83 -70.26
N ALA O 11 -65.01 51.08 -70.27
CA ALA O 11 -65.15 49.99 -69.30
C ALA O 11 -64.09 48.91 -69.49
N ALA O 12 -63.76 48.61 -70.76
CA ALA O 12 -62.68 47.65 -71.01
C ALA O 12 -61.38 48.12 -70.39
N VAL O 13 -61.04 49.40 -70.57
CA VAL O 13 -59.80 49.92 -69.98
C VAL O 13 -59.85 49.80 -68.46
N MET O 14 -60.96 50.27 -67.85
CA MET O 14 -61.06 50.26 -66.40
C MET O 14 -60.87 48.85 -65.84
N MET O 15 -61.64 47.89 -66.34
CA MET O 15 -61.62 46.57 -65.75
C MET O 15 -60.41 45.74 -66.16
N GLY O 16 -59.79 46.04 -67.31
CA GLY O 16 -58.55 45.37 -67.64
C GLY O 16 -57.41 45.80 -66.76
N LEU O 17 -57.27 47.11 -66.54
CA LEU O 17 -56.24 47.59 -65.63
C LEU O 17 -56.53 47.15 -64.20
N ALA O 18 -57.81 47.06 -63.82
CA ALA O 18 -58.14 46.49 -62.52
C ALA O 18 -57.70 45.04 -62.41
N ALA O 19 -57.90 44.26 -63.49
CA ALA O 19 -57.44 42.88 -63.50
C ALA O 19 -55.95 42.80 -63.28
N ILE O 20 -55.17 43.55 -64.07
CA ILE O 20 -53.72 43.58 -63.88
C ILE O 20 -53.36 43.88 -62.43
N GLY O 21 -53.88 45.00 -61.91
CA GLY O 21 -53.48 45.44 -60.58
C GLY O 21 -53.82 44.41 -59.52
N ALA O 22 -55.08 43.99 -59.46
CA ALA O 22 -55.49 43.06 -58.40
C ALA O 22 -54.73 41.75 -58.50
N ALA O 23 -54.64 41.17 -59.71
CA ALA O 23 -54.01 39.86 -59.84
C ALA O 23 -52.54 39.91 -59.44
N ILE O 24 -51.79 40.89 -59.94
CA ILE O 24 -50.36 40.89 -59.68
C ILE O 24 -50.07 41.30 -58.24
N GLY O 25 -50.84 42.23 -57.67
CA GLY O 25 -50.64 42.57 -56.27
C GLY O 25 -50.87 41.40 -55.34
N ILE O 26 -51.97 40.66 -55.56
CA ILE O 26 -52.22 39.50 -54.71
C ILE O 26 -51.20 38.40 -54.99
N GLY O 27 -50.68 38.30 -56.21
CA GLY O 27 -49.61 37.34 -56.46
C GLY O 27 -48.38 37.62 -55.62
N ILE O 28 -47.93 38.89 -55.63
CA ILE O 28 -46.76 39.27 -54.85
C ILE O 28 -47.01 39.03 -53.36
N LEU O 29 -48.20 39.36 -52.88
CA LEU O 29 -48.48 39.22 -51.45
C LEU O 29 -48.57 37.74 -51.04
N GLY O 30 -49.27 36.93 -51.83
CA GLY O 30 -49.42 35.52 -51.50
C GLY O 30 -48.14 34.73 -51.63
N GLY O 31 -47.22 35.19 -52.48
CA GLY O 31 -45.91 34.53 -52.52
C GLY O 31 -45.21 34.56 -51.18
N LYS O 32 -45.21 35.74 -50.54
CA LYS O 32 -44.65 35.83 -49.19
C LYS O 32 -45.50 35.08 -48.17
N PHE O 33 -46.82 35.06 -48.34
CA PHE O 33 -47.63 34.22 -47.47
C PHE O 33 -47.12 32.77 -47.49
N LEU O 34 -46.94 32.21 -48.68
CA LEU O 34 -46.52 30.81 -48.76
C LEU O 34 -45.08 30.60 -48.32
N GLU O 35 -44.20 31.57 -48.56
CA GLU O 35 -42.83 31.44 -48.03
C GLU O 35 -42.84 31.40 -46.50
N GLY O 36 -43.59 32.30 -45.88
CA GLY O 36 -43.72 32.28 -44.43
C GLY O 36 -44.34 30.97 -43.94
N ALA O 37 -45.35 30.47 -44.64
CA ALA O 37 -45.95 29.19 -44.27
C ALA O 37 -44.98 28.03 -44.45
N ALA O 38 -43.99 28.16 -45.33
CA ALA O 38 -42.95 27.14 -45.44
C ALA O 38 -41.92 27.25 -44.33
N ARG O 39 -41.66 28.47 -43.84
CA ARG O 39 -40.67 28.63 -42.78
C ARG O 39 -41.26 28.32 -41.41
N GLN O 40 -42.52 28.65 -41.18
CA GLN O 40 -43.18 28.51 -39.89
C GLN O 40 -44.50 27.76 -40.07
N PRO O 41 -44.45 26.44 -40.27
CA PRO O 41 -45.68 25.69 -40.54
C PRO O 41 -46.61 25.58 -39.33
N ASP O 42 -46.28 26.17 -38.19
CA ASP O 42 -47.22 26.28 -37.09
C ASP O 42 -47.97 27.61 -37.09
N LEU O 43 -47.54 28.58 -37.90
CA LEU O 43 -48.08 29.93 -37.88
C LEU O 43 -49.11 30.21 -38.98
N ILE O 44 -49.42 29.24 -39.83
CA ILE O 44 -50.31 29.48 -40.98
C ILE O 44 -51.63 30.14 -40.60
N PRO O 45 -52.33 29.76 -39.51
CA PRO O 45 -53.52 30.54 -39.15
C PRO O 45 -53.20 32.02 -38.88
N LEU O 46 -52.14 32.30 -38.14
CA LEU O 46 -51.78 33.68 -37.84
C LEU O 46 -51.40 34.44 -39.10
N LEU O 47 -50.53 33.85 -39.93
CA LEU O 47 -50.11 34.53 -41.15
C LEU O 47 -51.26 34.65 -42.14
N ARG O 48 -52.21 33.73 -42.15
CA ARG O 48 -53.32 33.91 -43.09
C ARG O 48 -54.31 34.96 -42.59
N THR O 49 -54.45 35.14 -41.28
CA THR O 49 -55.23 36.29 -40.82
C THR O 49 -54.54 37.61 -41.17
N GLN O 50 -53.22 37.69 -40.98
CA GLN O 50 -52.50 38.87 -41.46
C GLN O 50 -52.66 39.05 -42.96
N PHE O 51 -52.66 37.94 -43.70
CA PHE O 51 -52.85 38.01 -45.15
C PHE O 51 -54.23 38.52 -45.51
N PHE O 52 -55.26 38.11 -44.76
CA PHE O 52 -56.59 38.68 -44.99
C PHE O 52 -56.57 40.19 -44.75
N ILE O 53 -55.91 40.62 -43.68
CA ILE O 53 -55.85 42.05 -43.35
C ILE O 53 -55.23 42.83 -44.51
N VAL O 54 -54.09 42.36 -45.01
CA VAL O 54 -53.43 43.07 -46.11
C VAL O 54 -54.21 42.92 -47.41
N MET O 55 -54.79 41.75 -47.64
CA MET O 55 -55.53 41.46 -48.87
C MET O 55 -56.72 42.40 -49.04
N GLY O 56 -57.42 42.71 -47.96
CA GLY O 56 -58.53 43.63 -48.07
C GLY O 56 -58.12 44.96 -48.67
N LEU O 57 -57.02 45.53 -48.17
CA LEU O 57 -56.54 46.81 -48.68
C LEU O 57 -56.04 46.69 -50.12
N VAL O 58 -55.39 45.57 -50.45
CA VAL O 58 -54.93 45.39 -51.83
C VAL O 58 -56.11 45.37 -52.79
N ASP O 59 -57.18 44.64 -52.43
CA ASP O 59 -58.32 44.51 -53.34
C ASP O 59 -59.22 45.75 -53.34
N ALA O 60 -59.18 46.56 -52.29
CA ALA O 60 -60.17 47.61 -52.13
C ALA O 60 -60.19 48.57 -53.31
N ILE O 61 -59.03 49.10 -53.70
CA ILE O 61 -59.00 50.15 -54.72
C ILE O 61 -59.26 49.60 -56.13
N PRO O 62 -58.88 48.35 -56.48
CA PRO O 62 -59.36 47.81 -57.77
C PRO O 62 -60.87 47.57 -57.81
N MET O 63 -61.49 47.30 -56.66
CA MET O 63 -62.91 46.96 -56.66
C MET O 63 -63.78 48.15 -57.02
N ILE O 64 -63.34 49.36 -56.66
CA ILE O 64 -64.01 50.58 -57.15
C ILE O 64 -64.03 50.56 -58.67
N ALA O 65 -62.89 50.27 -59.29
CA ALA O 65 -62.81 50.24 -60.75
C ALA O 65 -63.72 49.17 -61.34
N VAL O 66 -63.75 47.99 -60.72
CA VAL O 66 -64.56 46.89 -61.25
C VAL O 66 -66.05 47.26 -61.19
N GLY O 67 -66.51 47.71 -60.01
CA GLY O 67 -67.90 48.09 -59.88
C GLY O 67 -68.27 49.25 -60.77
N LEU O 68 -67.37 50.20 -60.94
CA LEU O 68 -67.65 51.36 -61.78
C LEU O 68 -67.67 50.99 -63.26
N GLY O 69 -66.83 50.05 -63.68
CA GLY O 69 -66.92 49.54 -65.04
C GLY O 69 -68.24 48.83 -65.30
N LEU O 70 -68.70 48.04 -64.31
CA LEU O 70 -70.03 47.45 -64.44
C LEU O 70 -71.11 48.52 -64.53
N TYR O 71 -70.97 49.59 -63.75
CA TYR O 71 -71.86 50.74 -63.88
C TYR O 71 -71.86 51.29 -65.30
N VAL O 72 -70.68 51.46 -65.88
CA VAL O 72 -70.57 52.06 -67.21
C VAL O 72 -71.19 51.16 -68.27
N MET O 73 -70.94 49.86 -68.20
CA MET O 73 -71.53 48.99 -69.22
C MET O 73 -73.03 48.81 -69.05
N PHE O 74 -73.51 48.74 -67.80
CA PHE O 74 -74.93 48.39 -67.62
C PHE O 74 -75.82 49.56 -67.27
N ALA O 75 -75.31 50.61 -66.63
CA ALA O 75 -76.15 51.76 -66.32
C ALA O 75 -76.07 52.86 -67.38
N VAL O 76 -74.86 53.27 -67.76
CA VAL O 76 -74.73 54.34 -68.76
C VAL O 76 -75.03 53.79 -70.16
N ALA O 77 -74.29 52.77 -70.58
CA ALA O 77 -74.47 52.23 -71.92
C ALA O 77 -75.38 51.01 -71.93
N ASN P 1 -65.13 71.83 -79.98
CA ASN P 1 -65.36 70.74 -79.02
C ASN P 1 -64.07 70.14 -78.48
N LEU P 2 -63.17 69.71 -79.38
CA LEU P 2 -62.12 68.76 -79.06
C LEU P 2 -60.80 69.39 -78.65
N ASN P 3 -60.78 70.67 -78.30
CA ASN P 3 -59.61 71.25 -77.65
C ASN P 3 -59.65 71.00 -76.15
N MET P 4 -60.76 71.38 -75.54
CA MET P 4 -60.93 71.28 -74.09
C MET P 4 -60.92 69.82 -73.66
N ASP P 5 -61.40 68.94 -74.53
CA ASP P 5 -61.38 67.49 -74.31
C ASP P 5 -59.95 66.95 -74.23
N LEU P 6 -59.13 67.30 -75.21
CA LEU P 6 -57.78 66.76 -75.23
C LEU P 6 -56.91 67.34 -74.14
N LEU P 7 -57.26 68.52 -73.61
CA LEU P 7 -56.57 68.99 -72.40
C LEU P 7 -56.76 68.02 -71.23
N TYR P 8 -58.01 67.57 -71.01
CA TYR P 8 -58.26 66.58 -69.96
C TYR P 8 -57.53 65.27 -70.24
N MET P 9 -57.48 64.87 -71.52
CA MET P 9 -56.72 63.66 -71.85
C MET P 9 -55.24 63.79 -71.49
N ALA P 10 -54.64 64.94 -71.79
CA ALA P 10 -53.24 65.17 -71.45
C ALA P 10 -53.02 65.12 -69.95
N ALA P 11 -53.91 65.74 -69.18
CA ALA P 11 -53.79 65.66 -67.73
C ALA P 11 -53.92 64.22 -67.25
N ALA P 12 -54.79 63.43 -67.89
CA ALA P 12 -54.95 62.03 -67.52
C ALA P 12 -53.64 61.28 -67.66
N VAL P 13 -53.00 61.39 -68.83
CA VAL P 13 -51.74 60.64 -69.03
C VAL P 13 -50.67 61.13 -68.05
N MET P 14 -50.58 62.45 -67.85
CA MET P 14 -49.59 63.00 -66.94
C MET P 14 -49.74 62.42 -65.54
N MET P 15 -50.93 62.54 -64.96
CA MET P 15 -51.09 62.12 -63.57
C MET P 15 -51.09 60.61 -63.42
N GLY P 16 -51.51 59.86 -64.44
CA GLY P 16 -51.42 58.41 -64.34
C GLY P 16 -49.99 57.93 -64.28
N LEU P 17 -49.14 58.46 -65.17
CA LEU P 17 -47.73 58.06 -65.13
C LEU P 17 -47.06 58.53 -63.85
N ALA P 18 -47.43 59.71 -63.36
CA ALA P 18 -46.90 60.17 -62.08
C ALA P 18 -47.31 59.25 -60.93
N ALA P 19 -48.56 58.78 -60.96
CA ALA P 19 -49.05 57.87 -59.93
C ALA P 19 -48.25 56.57 -59.93
N ILE P 20 -48.04 56.00 -61.12
CA ILE P 20 -47.23 54.79 -61.21
C ILE P 20 -45.85 55.03 -60.62
N GLY P 21 -45.21 56.13 -61.02
CA GLY P 21 -43.87 56.42 -60.54
C GLY P 21 -43.79 56.48 -59.03
N ALA P 22 -44.62 57.35 -58.43
CA ALA P 22 -44.57 57.54 -56.99
C ALA P 22 -44.87 56.24 -56.25
N ALA P 23 -45.93 55.55 -56.68
CA ALA P 23 -46.36 54.34 -55.96
C ALA P 23 -45.28 53.27 -55.99
N ILE P 24 -44.75 52.97 -57.17
CA ILE P 24 -43.75 51.89 -57.26
C ILE P 24 -42.47 52.28 -56.53
N GLY P 25 -42.01 53.53 -56.68
CA GLY P 25 -40.79 53.93 -56.02
C GLY P 25 -40.88 53.80 -54.52
N ILE P 26 -41.96 54.33 -53.92
CA ILE P 26 -42.09 54.22 -52.49
C ILE P 26 -42.35 52.78 -52.06
N GLY P 27 -42.99 51.98 -52.91
CA GLY P 27 -43.16 50.57 -52.57
C GLY P 27 -41.81 49.88 -52.36
N ILE P 28 -40.90 50.06 -53.32
CA ILE P 28 -39.58 49.44 -53.20
C ILE P 28 -38.85 49.99 -51.99
N LEU P 29 -38.83 51.32 -51.84
CA LEU P 29 -38.04 51.95 -50.80
C LEU P 29 -38.55 51.56 -49.42
N GLY P 30 -39.87 51.56 -49.23
CA GLY P 30 -40.45 51.18 -47.94
C GLY P 30 -40.34 49.69 -47.66
N GLY P 31 -40.32 48.85 -48.70
CA GLY P 31 -40.03 47.45 -48.47
C GLY P 31 -38.66 47.23 -47.87
N LYS P 32 -37.66 47.93 -48.42
CA LYS P 32 -36.33 47.83 -47.81
C LYS P 32 -36.30 48.44 -46.42
N PHE P 33 -37.06 49.52 -46.21
CA PHE P 33 -37.17 50.08 -44.86
C PHE P 33 -37.72 49.05 -43.88
N LEU P 34 -38.75 48.30 -44.28
CA LEU P 34 -39.33 47.30 -43.38
C LEU P 34 -38.38 46.14 -43.13
N GLU P 35 -37.61 45.73 -44.13
CA GLU P 35 -36.63 44.68 -43.86
C GLU P 35 -35.59 45.16 -42.85
N GLY P 36 -35.13 46.40 -42.99
CA GLY P 36 -34.23 46.96 -42.01
C GLY P 36 -34.85 47.05 -40.62
N ALA P 37 -36.15 47.37 -40.55
CA ALA P 37 -36.83 47.39 -39.27
C ALA P 37 -36.91 45.99 -38.66
N ALA P 38 -37.15 44.98 -39.51
CA ALA P 38 -37.28 43.61 -39.01
C ALA P 38 -35.96 43.09 -38.46
N ARG P 39 -34.84 43.45 -39.09
CA ARG P 39 -33.57 42.86 -38.66
C ARG P 39 -33.08 43.49 -37.36
N GLN P 40 -33.30 44.79 -37.15
CA GLN P 40 -32.88 45.47 -35.93
C GLN P 40 -33.99 46.41 -35.47
N PRO P 41 -34.96 45.89 -34.71
CA PRO P 41 -36.14 46.71 -34.37
C PRO P 41 -35.85 47.92 -33.49
N ASP P 42 -34.95 47.82 -32.51
CA ASP P 42 -34.68 48.99 -31.68
C ASP P 42 -33.98 50.11 -32.43
N LEU P 43 -33.72 49.94 -33.72
CA LEU P 43 -33.05 50.92 -34.55
C LEU P 43 -34.02 51.65 -35.49
N ILE P 44 -35.31 51.35 -35.43
CA ILE P 44 -36.33 51.96 -36.29
C ILE P 44 -36.37 53.49 -36.23
N PRO P 45 -36.27 54.14 -35.05
CA PRO P 45 -36.37 55.61 -35.06
C PRO P 45 -35.26 56.32 -35.82
N LEU P 46 -34.18 55.62 -36.17
CA LEU P 46 -33.13 56.18 -37.03
C LEU P 46 -33.38 55.89 -38.51
N LEU P 47 -33.73 54.64 -38.82
CA LEU P 47 -34.02 54.28 -40.21
C LEU P 47 -35.23 55.02 -40.74
N ARG P 48 -36.21 55.34 -39.89
CA ARG P 48 -37.37 56.08 -40.36
C ARG P 48 -36.98 57.53 -40.69
N THR P 49 -36.07 58.11 -39.91
CA THR P 49 -35.57 59.44 -40.19
C THR P 49 -34.76 59.48 -41.48
N GLN P 50 -34.08 58.37 -41.81
CA GLN P 50 -33.46 58.28 -43.13
C GLN P 50 -34.50 58.06 -44.23
N PHE P 51 -35.53 57.28 -43.94
CA PHE P 51 -36.57 56.99 -44.92
C PHE P 51 -37.22 58.26 -45.42
N PHE P 52 -37.72 59.09 -44.50
CA PHE P 52 -38.39 60.32 -44.94
C PHE P 52 -37.49 61.20 -45.80
N ILE P 53 -36.19 61.25 -45.50
CA ILE P 53 -35.28 62.01 -46.35
C ILE P 53 -35.27 61.46 -47.76
N VAL P 54 -35.14 60.13 -47.90
CA VAL P 54 -35.05 59.56 -49.24
C VAL P 54 -36.40 59.66 -49.96
N MET P 55 -37.49 59.43 -49.21
CA MET P 55 -38.84 59.51 -49.76
C MET P 55 -39.15 60.89 -50.32
N GLY P 56 -38.64 61.93 -49.66
CA GLY P 56 -38.83 63.28 -50.19
C GLY P 56 -38.28 63.42 -51.59
N LEU P 57 -37.06 62.92 -51.82
CA LEU P 57 -36.48 62.96 -53.15
C LEU P 57 -37.27 62.10 -54.12
N VAL P 58 -37.73 60.93 -53.68
CA VAL P 58 -38.44 60.02 -54.58
C VAL P 58 -39.71 60.69 -55.11
N ASP P 59 -40.48 61.33 -54.24
CA ASP P 59 -41.71 61.97 -54.70
C ASP P 59 -41.52 63.40 -55.19
N ALA P 60 -40.34 63.99 -55.05
CA ALA P 60 -40.16 65.38 -55.49
C ALA P 60 -40.52 65.55 -56.95
N ILE P 61 -40.04 64.67 -57.82
CA ILE P 61 -40.27 64.82 -59.25
C ILE P 61 -41.66 64.33 -59.68
N PRO P 62 -42.27 63.29 -59.08
CA PRO P 62 -43.68 63.02 -59.41
C PRO P 62 -44.62 64.16 -59.04
N MET P 63 -44.29 64.94 -58.02
CA MET P 63 -45.25 65.88 -57.48
C MET P 63 -45.35 67.16 -58.30
N ILE P 64 -44.28 67.58 -58.97
CA ILE P 64 -44.42 68.67 -59.92
C ILE P 64 -45.21 68.22 -61.14
N ALA P 65 -45.09 66.94 -61.52
CA ALA P 65 -45.95 66.41 -62.56
C ALA P 65 -47.41 66.46 -62.16
N VAL P 66 -47.71 66.07 -60.92
CA VAL P 66 -49.08 66.14 -60.42
C VAL P 66 -49.58 67.58 -60.39
N GLY P 67 -48.72 68.50 -59.94
CA GLY P 67 -49.10 69.90 -59.89
C GLY P 67 -49.44 70.44 -61.28
N LEU P 68 -48.62 70.11 -62.27
CA LEU P 68 -48.95 70.54 -63.63
C LEU P 68 -50.18 69.84 -64.17
N GLY P 69 -50.48 68.63 -63.71
CA GLY P 69 -51.73 67.99 -64.10
C GLY P 69 -52.95 68.75 -63.63
N LEU P 70 -52.97 69.10 -62.33
CA LEU P 70 -54.07 69.92 -61.83
C LEU P 70 -54.09 71.30 -62.48
N TYR P 71 -52.92 71.84 -62.81
CA TYR P 71 -52.89 73.11 -63.54
C TYR P 71 -53.55 72.98 -64.90
N VAL P 72 -53.26 71.90 -65.62
CA VAL P 72 -53.85 71.70 -66.94
C VAL P 72 -55.36 71.56 -66.84
N MET P 73 -55.86 70.78 -65.88
CA MET P 73 -57.30 70.60 -65.78
C MET P 73 -57.99 71.89 -65.37
N PHE P 74 -57.61 72.47 -64.22
CA PHE P 74 -58.41 73.54 -63.65
C PHE P 74 -58.06 74.91 -64.20
N ALA P 75 -56.76 75.20 -64.38
CA ALA P 75 -56.38 76.55 -64.78
C ALA P 75 -56.52 76.76 -66.28
N VAL P 76 -55.88 75.92 -67.09
CA VAL P 76 -56.02 76.05 -68.54
C VAL P 76 -57.45 75.72 -68.96
N ALA P 77 -58.13 74.84 -68.22
CA ALA P 77 -59.46 74.37 -68.56
C ALA P 77 -59.43 73.70 -69.92
N ASN Q 1 -46.18 57.69 -101.28
CA ASN Q 1 -47.47 58.01 -100.67
C ASN Q 1 -47.61 57.39 -99.28
N LEU Q 2 -48.86 57.23 -98.83
CA LEU Q 2 -49.14 56.80 -97.46
C LEU Q 2 -48.67 55.37 -97.18
N ASN Q 3 -48.44 54.57 -98.21
CA ASN Q 3 -48.12 53.15 -98.05
C ASN Q 3 -46.75 52.95 -97.38
N MET Q 4 -45.73 53.60 -97.91
CA MET Q 4 -44.36 53.21 -97.58
C MET Q 4 -43.92 53.68 -96.20
N ASP Q 5 -44.40 54.84 -95.75
CA ASP Q 5 -44.05 55.28 -94.40
C ASP Q 5 -44.69 54.40 -93.34
N LEU Q 6 -45.89 53.89 -93.60
CA LEU Q 6 -46.46 52.91 -92.68
C LEU Q 6 -45.69 51.59 -92.71
N LEU Q 7 -45.16 51.19 -93.87
CA LEU Q 7 -44.29 50.03 -93.87
C LEU Q 7 -43.02 50.25 -93.05
N TYR Q 8 -42.40 51.43 -93.15
CA TYR Q 8 -41.29 51.73 -92.26
C TYR Q 8 -41.70 51.69 -90.80
N MET Q 9 -42.90 52.19 -90.46
CA MET Q 9 -43.35 52.13 -89.07
C MET Q 9 -43.48 50.68 -88.58
N ALA Q 10 -44.07 49.82 -89.40
CA ALA Q 10 -44.22 48.41 -89.01
C ALA Q 10 -42.87 47.73 -88.83
N ALA Q 11 -41.93 48.01 -89.75
CA ALA Q 11 -40.57 47.48 -89.58
C ALA Q 11 -39.94 47.97 -88.29
N ALA Q 12 -40.10 49.26 -87.98
CA ALA Q 12 -39.62 49.80 -86.71
C ALA Q 12 -40.19 49.01 -85.53
N VAL Q 13 -41.50 48.70 -85.57
CA VAL Q 13 -42.13 47.99 -84.45
C VAL Q 13 -41.50 46.62 -84.25
N MET Q 14 -41.49 45.79 -85.30
CA MET Q 14 -40.89 44.47 -85.14
C MET Q 14 -39.45 44.55 -84.65
N MET Q 15 -38.65 45.42 -85.25
CA MET Q 15 -37.23 45.30 -85.01
C MET Q 15 -36.82 45.94 -83.68
N GLY Q 16 -37.57 46.94 -83.19
CA GLY Q 16 -37.40 47.42 -81.84
C GLY Q 16 -37.86 46.46 -80.77
N LEU Q 17 -39.02 45.81 -80.97
CA LEU Q 17 -39.43 44.81 -80.01
C LEU Q 17 -38.43 43.66 -79.96
N ALA Q 18 -37.90 43.26 -81.12
CA ALA Q 18 -36.89 42.22 -81.15
C ALA Q 18 -35.62 42.67 -80.43
N ALA Q 19 -35.27 43.95 -80.56
CA ALA Q 19 -34.15 44.49 -79.80
C ALA Q 19 -34.36 44.29 -78.31
N ILE Q 20 -35.54 44.68 -77.80
CA ILE Q 20 -35.86 44.47 -76.39
C ILE Q 20 -35.70 43.00 -76.02
N GLY Q 21 -36.33 42.13 -76.81
CA GLY Q 21 -36.33 40.71 -76.52
C GLY Q 21 -34.93 40.16 -76.38
N ALA Q 22 -34.12 40.31 -77.43
CA ALA Q 22 -32.77 39.76 -77.40
C ALA Q 22 -31.93 40.40 -76.30
N ALA Q 23 -32.04 41.72 -76.11
CA ALA Q 23 -31.18 42.39 -75.14
C ALA Q 23 -31.46 41.90 -73.74
N ILE Q 24 -32.73 41.92 -73.32
CA ILE Q 24 -33.05 41.51 -71.96
C ILE Q 24 -32.81 40.01 -71.76
N GLY Q 25 -33.11 39.20 -72.77
CA GLY Q 25 -32.85 37.77 -72.64
C GLY Q 25 -31.39 37.47 -72.39
N ILE Q 26 -30.51 38.05 -73.21
CA ILE Q 26 -29.08 37.80 -73.00
C ILE Q 26 -28.62 38.44 -71.70
N GLY Q 27 -29.23 39.55 -71.29
CA GLY Q 27 -28.88 40.13 -70.02
C GLY Q 27 -29.12 39.18 -68.86
N ILE Q 28 -30.32 38.60 -68.79
CA ILE Q 28 -30.63 37.68 -67.70
C ILE Q 28 -29.74 36.44 -67.77
N LEU Q 29 -29.61 35.87 -68.97
CA LEU Q 29 -28.86 34.63 -69.13
C LEU Q 29 -27.39 34.84 -68.79
N GLY Q 30 -26.79 35.91 -69.30
CA GLY Q 30 -25.39 36.19 -68.97
C GLY Q 30 -25.20 36.63 -67.54
N GLY Q 31 -26.23 37.19 -66.90
CA GLY Q 31 -26.13 37.47 -65.48
C GLY Q 31 -25.92 36.20 -64.68
N LYS Q 32 -26.74 35.18 -64.94
CA LYS Q 32 -26.46 33.91 -64.27
C LYS Q 32 -25.16 33.27 -64.73
N PHE Q 33 -24.78 33.43 -66.00
CA PHE Q 33 -23.48 32.89 -66.43
C PHE Q 33 -22.35 33.51 -65.61
N LEU Q 34 -22.35 34.84 -65.44
CA LEU Q 34 -21.27 35.47 -64.70
C LEU Q 34 -21.30 35.14 -63.21
N GLU Q 35 -22.49 35.06 -62.59
CA GLU Q 35 -22.41 34.74 -61.16
C GLU Q 35 -21.97 33.28 -60.97
N GLY Q 36 -22.41 32.37 -61.84
CA GLY Q 36 -21.96 31.00 -61.75
C GLY Q 36 -20.47 30.85 -62.02
N ALA Q 37 -19.95 31.62 -62.99
CA ALA Q 37 -18.53 31.58 -63.29
C ALA Q 37 -17.70 32.24 -62.20
N ALA Q 38 -18.22 33.29 -61.57
CA ALA Q 38 -17.56 33.84 -60.40
C ALA Q 38 -17.52 32.83 -59.27
N ARG Q 39 -18.58 32.03 -59.14
CA ARG Q 39 -18.53 30.95 -58.15
C ARG Q 39 -17.62 29.81 -58.62
N GLN Q 40 -17.54 29.58 -59.93
CA GLN Q 40 -16.77 28.46 -60.49
C GLN Q 40 -15.81 28.94 -61.58
N PRO Q 41 -14.77 29.70 -61.22
CA PRO Q 41 -13.83 30.15 -62.25
C PRO Q 41 -13.03 29.04 -62.92
N ASP Q 42 -12.91 27.85 -62.29
CA ASP Q 42 -12.26 26.75 -62.97
C ASP Q 42 -13.11 26.16 -64.08
N LEU Q 43 -14.43 26.34 -64.02
CA LEU Q 43 -15.36 25.77 -64.98
C LEU Q 43 -15.88 26.79 -65.99
N ILE Q 44 -15.18 27.90 -66.17
CA ILE Q 44 -15.62 28.91 -67.14
C ILE Q 44 -15.82 28.33 -68.54
N PRO Q 45 -14.91 27.54 -69.11
CA PRO Q 45 -15.17 27.00 -70.46
C PRO Q 45 -16.43 26.15 -70.55
N LEU Q 46 -16.69 25.33 -69.53
CA LEU Q 46 -17.87 24.48 -69.54
C LEU Q 46 -19.14 25.30 -69.55
N LEU Q 47 -19.25 26.26 -68.63
CA LEU Q 47 -20.43 27.11 -68.54
C LEU Q 47 -20.57 27.99 -69.79
N ARG Q 48 -19.45 28.39 -70.40
CA ARG Q 48 -19.50 29.17 -71.63
C ARG Q 48 -20.02 28.35 -72.79
N THR Q 49 -19.66 27.06 -72.85
CA THR Q 49 -20.26 26.15 -73.82
C THR Q 49 -21.78 26.07 -73.63
N GLN Q 50 -22.21 25.84 -72.38
CA GLN Q 50 -23.63 25.85 -72.07
C GLN Q 50 -24.26 27.18 -72.49
N PHE Q 51 -23.50 28.26 -72.34
CA PHE Q 51 -24.00 29.59 -72.67
C PHE Q 51 -24.25 29.74 -74.16
N PHE Q 52 -23.37 29.18 -74.99
CA PHE Q 52 -23.67 29.13 -76.43
C PHE Q 52 -24.94 28.35 -76.70
N ILE Q 53 -25.13 27.21 -76.04
CA ILE Q 53 -26.34 26.41 -76.33
C ILE Q 53 -27.61 27.20 -76.00
N VAL Q 54 -27.67 27.71 -74.77
CA VAL Q 54 -28.92 28.35 -74.33
C VAL Q 54 -29.03 29.72 -74.97
N MET Q 55 -27.92 30.29 -75.45
CA MET Q 55 -28.00 31.47 -76.29
C MET Q 55 -28.72 31.16 -77.58
N GLY Q 56 -28.40 30.02 -78.19
CA GLY Q 56 -29.14 29.59 -79.36
C GLY Q 56 -30.63 29.51 -79.05
N LEU Q 57 -30.98 28.89 -77.93
CA LEU Q 57 -32.41 28.85 -77.61
C LEU Q 57 -33.00 30.24 -77.34
N VAL Q 58 -32.31 31.08 -76.56
CA VAL Q 58 -32.90 32.34 -76.11
C VAL Q 58 -33.12 33.28 -77.30
N ASP Q 59 -32.21 33.26 -78.26
CA ASP Q 59 -32.37 34.08 -79.45
C ASP Q 59 -33.05 33.35 -80.60
N ALA Q 60 -33.46 32.10 -80.42
CA ALA Q 60 -34.21 31.43 -81.47
C ALA Q 60 -35.40 32.26 -81.97
N ILE Q 61 -36.33 32.56 -81.08
CA ILE Q 61 -37.51 33.36 -81.43
C ILE Q 61 -37.09 34.78 -81.80
N PRO Q 62 -36.19 35.43 -81.01
CA PRO Q 62 -35.75 36.77 -81.39
C PRO Q 62 -35.14 36.84 -82.79
N MET Q 63 -34.35 35.86 -83.21
CA MET Q 63 -33.81 35.95 -84.55
C MET Q 63 -34.87 35.72 -85.61
N ILE Q 64 -35.90 34.94 -85.31
CA ILE Q 64 -37.04 34.84 -86.22
C ILE Q 64 -37.67 36.21 -86.41
N ALA Q 65 -37.92 36.90 -85.30
CA ALA Q 65 -38.46 38.26 -85.36
C ALA Q 65 -37.57 39.16 -86.19
N VAL Q 66 -36.25 39.10 -85.96
CA VAL Q 66 -35.30 40.03 -86.60
C VAL Q 66 -35.24 39.77 -88.11
N GLY Q 67 -35.13 38.51 -88.50
CA GLY Q 67 -35.14 38.17 -89.92
C GLY Q 67 -36.40 38.64 -90.63
N LEU Q 68 -37.55 38.40 -90.01
CA LEU Q 68 -38.79 38.83 -90.65
C LEU Q 68 -38.89 40.35 -90.69
N GLY Q 69 -38.33 41.03 -89.70
CA GLY Q 69 -38.21 42.48 -89.77
C GLY Q 69 -37.31 42.94 -90.91
N LEU Q 70 -36.23 42.21 -91.18
CA LEU Q 70 -35.44 42.51 -92.37
C LEU Q 70 -36.26 42.33 -93.64
N TYR Q 71 -37.11 41.30 -93.69
CA TYR Q 71 -37.96 41.16 -94.86
C TYR Q 71 -38.92 42.33 -94.97
N VAL Q 72 -39.34 42.91 -93.85
CA VAL Q 72 -40.28 44.02 -93.94
C VAL Q 72 -39.58 45.33 -94.32
N MET Q 73 -38.33 45.52 -93.91
CA MET Q 73 -37.62 46.74 -94.30
C MET Q 73 -37.05 46.65 -95.72
N PHE Q 74 -36.40 45.54 -96.06
CA PHE Q 74 -35.59 45.50 -97.28
C PHE Q 74 -36.14 44.57 -98.36
N ALA Q 75 -37.05 43.66 -98.03
CA ALA Q 75 -37.52 42.70 -99.02
C ALA Q 75 -38.87 43.07 -99.63
N VAL Q 76 -39.35 44.28 -99.37
CA VAL Q 76 -40.62 44.71 -99.97
C VAL Q 76 -40.53 46.16 -100.40
N ASN R 1 -51.97 50.35 -101.81
CA ASN R 1 -53.33 50.87 -101.66
C ASN R 1 -53.89 50.65 -100.26
N LEU R 2 -55.16 51.03 -100.07
CA LEU R 2 -55.71 51.24 -98.74
C LEU R 2 -55.74 49.97 -97.90
N ASN R 3 -56.09 48.83 -98.50
CA ASN R 3 -56.43 47.64 -97.72
C ASN R 3 -55.23 47.09 -96.95
N MET R 4 -54.10 46.87 -97.63
CA MET R 4 -53.07 45.99 -97.09
C MET R 4 -52.14 46.60 -96.04
N ASP R 5 -52.07 47.93 -95.90
CA ASP R 5 -51.00 48.48 -95.08
C ASP R 5 -51.24 48.30 -93.58
N LEU R 6 -52.40 47.76 -93.17
CA LEU R 6 -52.66 47.47 -91.77
C LEU R 6 -52.40 46.01 -91.41
N LEU R 7 -52.48 45.11 -92.39
CA LEU R 7 -52.32 43.69 -92.11
C LEU R 7 -50.90 43.35 -91.65
N TYR R 8 -49.88 43.93 -92.31
CA TYR R 8 -48.51 43.74 -91.82
C TYR R 8 -48.28 44.34 -90.45
N MET R 9 -48.95 45.43 -90.08
CA MET R 9 -48.84 45.89 -88.70
C MET R 9 -49.43 44.87 -87.73
N ALA R 10 -50.57 44.28 -88.08
CA ALA R 10 -51.14 43.23 -87.22
C ALA R 10 -50.14 42.10 -87.01
N ALA R 11 -49.57 41.58 -88.12
CA ALA R 11 -48.60 40.50 -88.03
C ALA R 11 -47.36 40.92 -87.22
N ALA R 12 -46.90 42.15 -87.46
CA ALA R 12 -45.75 42.68 -86.75
C ALA R 12 -45.94 42.65 -85.26
N VAL R 13 -47.09 43.16 -84.77
CA VAL R 13 -47.33 43.18 -83.33
C VAL R 13 -47.40 41.75 -82.78
N MET R 14 -48.15 40.87 -83.46
CA MET R 14 -48.17 39.47 -83.02
C MET R 14 -46.76 38.97 -82.76
N MET R 15 -45.91 39.02 -83.78
CA MET R 15 -44.63 38.35 -83.67
C MET R 15 -43.69 39.07 -82.72
N GLY R 16 -43.73 40.40 -82.66
CA GLY R 16 -42.89 41.10 -81.71
C GLY R 16 -43.22 40.77 -80.26
N LEU R 17 -44.50 40.83 -79.89
CA LEU R 17 -44.85 40.52 -78.51
C LEU R 17 -44.55 39.07 -78.17
N ALA R 18 -44.85 38.15 -79.10
CA ALA R 18 -44.56 36.75 -78.84
C ALA R 18 -43.06 36.52 -78.70
N ALA R 19 -42.26 37.20 -79.51
CA ALA R 19 -40.81 37.04 -79.45
C ALA R 19 -40.25 37.52 -78.11
N ILE R 20 -40.68 38.70 -77.63
CA ILE R 20 -40.22 39.17 -76.33
C ILE R 20 -40.63 38.20 -75.22
N GLY R 21 -41.90 37.80 -75.24
CA GLY R 21 -42.40 36.86 -74.26
C GLY R 21 -41.57 35.60 -74.18
N ALA R 22 -41.40 34.92 -75.33
CA ALA R 22 -40.66 33.66 -75.38
C ALA R 22 -39.20 33.87 -75.02
N ALA R 23 -38.59 34.94 -75.52
CA ALA R 23 -37.18 35.20 -75.24
C ALA R 23 -36.94 35.33 -73.74
N ILE R 24 -37.76 36.14 -73.05
CA ILE R 24 -37.51 36.35 -71.63
C ILE R 24 -37.95 35.14 -70.80
N GLY R 25 -38.99 34.44 -71.22
CA GLY R 25 -39.34 33.20 -70.53
C GLY R 25 -38.21 32.18 -70.57
N ILE R 26 -37.66 31.95 -71.76
CA ILE R 26 -36.51 31.05 -71.89
C ILE R 26 -35.31 31.65 -71.18
N GLY R 27 -35.21 32.97 -71.12
CA GLY R 27 -34.13 33.58 -70.37
C GLY R 27 -34.17 33.20 -68.90
N ILE R 28 -35.31 33.40 -68.25
CA ILE R 28 -35.47 33.01 -66.85
C ILE R 28 -35.17 31.53 -66.69
N LEU R 29 -35.73 30.70 -67.58
CA LEU R 29 -35.64 29.26 -67.42
C LEU R 29 -34.20 28.78 -67.58
N GLY R 30 -33.53 29.21 -68.66
CA GLY R 30 -32.15 28.83 -68.86
C GLY R 30 -31.19 29.44 -67.86
N GLY R 31 -31.51 30.62 -67.32
CA GLY R 31 -30.70 31.15 -66.23
C GLY R 31 -30.74 30.22 -65.03
N LYS R 32 -31.93 29.72 -64.68
CA LYS R 32 -31.99 28.71 -63.64
C LYS R 32 -31.25 27.44 -64.03
N PHE R 33 -31.29 27.06 -65.31
CA PHE R 33 -30.54 25.88 -65.74
C PHE R 33 -29.06 26.04 -65.46
N LEU R 34 -28.47 27.18 -65.86
CA LEU R 34 -27.04 27.39 -65.62
C LEU R 34 -26.73 27.50 -64.14
N GLU R 35 -27.60 28.17 -63.36
CA GLU R 35 -27.39 28.20 -61.91
C GLU R 35 -27.30 26.79 -61.36
N GLY R 36 -28.23 25.93 -61.74
CA GLY R 36 -28.20 24.55 -61.27
C GLY R 36 -26.97 23.80 -61.73
N ALA R 37 -26.58 23.99 -62.98
CA ALA R 37 -25.38 23.35 -63.51
C ALA R 37 -24.11 23.85 -62.83
N ALA R 38 -24.19 24.95 -62.10
CA ALA R 38 -23.03 25.41 -61.33
C ALA R 38 -22.79 24.60 -60.05
N ARG R 39 -23.82 24.03 -59.43
CA ARG R 39 -23.62 23.30 -58.19
C ARG R 39 -22.99 21.93 -58.44
N GLN R 40 -23.64 21.10 -59.27
CA GLN R 40 -23.17 19.75 -59.57
C GLN R 40 -22.99 19.61 -61.07
N PRO R 41 -21.77 19.80 -61.58
CA PRO R 41 -21.55 19.60 -63.01
C PRO R 41 -21.92 18.20 -63.50
N ASP R 42 -21.88 17.21 -62.61
CA ASP R 42 -22.21 15.85 -63.02
C ASP R 42 -23.66 15.74 -63.50
N LEU R 43 -24.57 16.55 -62.95
CA LEU R 43 -25.97 16.51 -63.32
C LEU R 43 -26.30 17.38 -64.53
N ILE R 44 -25.30 17.97 -65.18
CA ILE R 44 -25.52 18.85 -66.32
C ILE R 44 -26.31 18.15 -67.44
N PRO R 45 -26.09 16.86 -67.74
CA PRO R 45 -26.94 16.24 -68.78
C PRO R 45 -28.38 16.02 -68.31
N LEU R 46 -28.55 15.56 -67.08
CA LEU R 46 -29.90 15.35 -66.54
C LEU R 46 -30.69 16.66 -66.51
N LEU R 47 -30.08 17.72 -65.98
CA LEU R 47 -30.73 19.03 -65.98
C LEU R 47 -30.92 19.55 -67.40
N ARG R 48 -30.06 19.17 -68.34
CA ARG R 48 -30.27 19.58 -69.72
C ARG R 48 -31.54 18.93 -70.30
N THR R 49 -31.78 17.67 -69.96
CA THR R 49 -33.04 17.03 -70.33
C THR R 49 -34.24 17.75 -69.72
N GLN R 50 -34.19 18.00 -68.41
CA GLN R 50 -35.28 18.74 -67.75
C GLN R 50 -35.49 20.11 -68.39
N PHE R 51 -34.39 20.80 -68.70
CA PHE R 51 -34.44 22.13 -69.29
C PHE R 51 -35.13 22.12 -70.64
N PHE R 52 -34.78 21.16 -71.51
CA PHE R 52 -35.47 21.12 -72.79
C PHE R 52 -36.93 20.73 -72.65
N ILE R 53 -37.28 19.89 -71.67
CA ILE R 53 -38.70 19.59 -71.46
C ILE R 53 -39.47 20.86 -71.11
N VAL R 54 -39.04 21.56 -70.06
CA VAL R 54 -39.77 22.74 -69.61
C VAL R 54 -39.71 23.83 -70.68
N MET R 55 -38.59 23.91 -71.41
CA MET R 55 -38.46 24.87 -72.49
C MET R 55 -39.43 24.58 -73.63
N GLY R 56 -39.66 23.30 -73.91
CA GLY R 56 -40.73 22.95 -74.82
C GLY R 56 -42.07 23.48 -74.34
N LEU R 57 -42.32 23.42 -73.03
CA LEU R 57 -43.55 24.05 -72.51
C LEU R 57 -43.56 25.56 -72.74
N VAL R 58 -42.41 26.24 -72.54
CA VAL R 58 -42.41 27.70 -72.50
C VAL R 58 -42.84 28.29 -73.85
N ASP R 59 -42.31 27.75 -74.94
CA ASP R 59 -42.52 28.35 -76.26
C ASP R 59 -43.84 27.94 -76.91
N ALA R 60 -44.74 27.26 -76.19
CA ALA R 60 -45.93 26.69 -76.82
C ALA R 60 -46.80 27.76 -77.48
N ILE R 61 -47.29 28.71 -76.69
CA ILE R 61 -48.20 29.76 -77.14
C ILE R 61 -47.50 30.69 -78.12
N PRO R 62 -46.26 31.14 -77.83
CA PRO R 62 -45.57 31.99 -78.80
C PRO R 62 -45.44 31.34 -80.17
N MET R 63 -45.29 30.01 -80.20
CA MET R 63 -45.22 29.32 -81.48
C MET R 63 -46.53 29.45 -82.27
N ILE R 64 -47.66 29.43 -81.57
CA ILE R 64 -48.94 29.68 -82.25
C ILE R 64 -48.94 31.06 -82.88
N ALA R 65 -48.52 32.06 -82.11
CA ALA R 65 -48.44 33.40 -82.68
C ALA R 65 -47.53 33.44 -83.90
N VAL R 66 -46.37 32.79 -83.83
CA VAL R 66 -45.40 32.81 -84.94
C VAL R 66 -45.99 32.13 -86.18
N GLY R 67 -46.66 31.00 -85.99
CA GLY R 67 -47.30 30.33 -87.11
C GLY R 67 -48.31 31.20 -87.82
N LEU R 68 -49.16 31.88 -87.05
CA LEU R 68 -50.10 32.79 -87.71
C LEU R 68 -49.40 33.97 -88.37
N GLY R 69 -48.26 34.40 -87.82
CA GLY R 69 -47.47 35.41 -88.49
C GLY R 69 -47.02 34.96 -89.87
N LEU R 70 -46.51 33.72 -89.95
CA LEU R 70 -46.12 33.19 -91.26
C LEU R 70 -47.32 33.07 -92.20
N TYR R 71 -48.47 32.65 -91.65
CA TYR R 71 -49.69 32.60 -92.45
C TYR R 71 -50.01 33.95 -93.07
N VAL R 72 -50.00 35.02 -92.27
CA VAL R 72 -50.28 36.35 -92.81
C VAL R 72 -49.23 36.75 -93.83
N MET R 73 -47.97 36.42 -93.54
CA MET R 73 -46.88 36.81 -94.42
C MET R 73 -47.03 36.19 -95.81
N PHE R 74 -47.46 34.94 -95.89
CA PHE R 74 -47.44 34.21 -97.15
C PHE R 74 -48.81 33.86 -97.71
N ALA R 75 -49.91 34.29 -97.07
CA ALA R 75 -51.22 34.06 -97.67
C ALA R 75 -52.17 35.26 -97.62
N VAL R 76 -52.00 36.17 -96.67
CA VAL R 76 -52.92 37.30 -96.50
C VAL R 76 -52.33 38.59 -97.08
N ALA R 77 -51.01 38.76 -96.96
CA ALA R 77 -50.29 39.92 -97.48
C ALA R 77 -50.87 41.23 -96.96
N GLU S 1 29.63 -31.78 55.74
CA GLU S 1 30.38 -32.97 55.35
C GLU S 1 31.49 -32.59 54.36
N PHE S 2 32.69 -33.09 54.64
CA PHE S 2 33.91 -32.71 53.91
C PHE S 2 34.85 -33.90 53.69
N ILE S 3 34.31 -35.01 53.18
CA ILE S 3 35.11 -36.19 52.87
C ILE S 3 36.25 -35.83 51.91
N THR S 4 35.90 -35.13 50.82
CA THR S 4 36.88 -34.81 49.80
C THR S 4 37.99 -33.92 50.34
N VAL S 5 37.69 -33.08 51.33
CA VAL S 5 38.75 -32.29 51.95
C VAL S 5 39.68 -33.19 52.76
N ALA S 6 39.12 -34.21 53.40
CA ALA S 6 39.93 -35.11 54.22
C ALA S 6 40.86 -35.96 53.37
N ARG S 7 40.46 -36.28 52.14
CA ARG S 7 41.31 -37.18 51.35
C ARG S 7 42.73 -36.67 51.11
N PRO S 8 42.98 -35.40 50.78
CA PRO S 8 44.37 -34.96 50.61
C PRO S 8 45.20 -35.10 51.88
N TYR S 9 44.70 -34.55 53.00
CA TYR S 9 45.45 -34.60 54.26
C TYR S 9 45.61 -36.03 54.74
N ALA S 10 44.57 -36.86 54.54
CA ALA S 10 44.67 -38.26 54.91
C ALA S 10 45.71 -39.00 54.06
N LYS S 11 45.76 -38.71 52.76
CA LYS S 11 46.79 -39.34 51.94
C LYS S 11 48.19 -38.90 52.36
N ALA S 12 48.35 -37.60 52.66
CA ALA S 12 49.65 -37.13 53.14
C ALA S 12 50.05 -37.87 54.41
N ALA S 13 49.13 -37.97 55.37
CA ALA S 13 49.41 -38.61 56.65
C ALA S 13 49.76 -40.08 56.47
N PHE S 14 48.96 -40.82 55.68
CA PHE S 14 49.22 -42.24 55.50
C PHE S 14 50.52 -42.48 54.72
N ASP S 15 50.76 -41.69 53.67
CA ASP S 15 52.00 -41.81 52.92
C ASP S 15 53.21 -41.52 53.79
N PHE S 16 53.03 -40.66 54.80
CA PHE S 16 54.13 -40.36 55.71
C PHE S 16 54.31 -41.44 56.76
N ALA S 17 53.22 -42.11 57.17
CA ALA S 17 53.30 -43.10 58.23
C ALA S 17 54.07 -44.34 57.79
N VAL S 18 53.99 -44.71 56.51
CA VAL S 18 54.75 -45.86 56.02
C VAL S 18 56.20 -45.49 55.72
N GLU S 19 56.50 -44.20 55.54
CA GLU S 19 57.88 -43.77 55.41
C GLU S 19 58.62 -43.81 56.74
N HIS S 20 57.88 -43.88 57.86
CA HIS S 20 58.49 -43.83 59.19
C HIS S 20 58.02 -44.98 60.07
N GLN S 21 57.39 -46.00 59.47
CA GLN S 21 57.14 -47.29 60.13
C GLN S 21 56.35 -47.13 61.43
N SER S 22 55.36 -46.23 61.43
CA SER S 22 54.59 -45.95 62.63
C SER S 22 53.11 -45.78 62.30
N VAL S 23 52.59 -46.61 61.39
CA VAL S 23 51.17 -46.55 61.07
C VAL S 23 50.33 -46.78 62.32
N GLU S 24 50.76 -47.74 63.15
CA GLU S 24 50.00 -48.07 64.36
C GLU S 24 49.99 -46.89 65.32
N ARG S 25 51.08 -46.13 65.39
CA ARG S 25 51.10 -44.93 66.24
C ARG S 25 50.29 -43.80 65.63
N TRP S 26 50.45 -43.59 64.32
CA TRP S 26 49.75 -42.50 63.63
C TRP S 26 48.23 -42.64 63.75
N GLN S 27 47.73 -43.88 63.74
CA GLN S 27 46.29 -44.08 63.82
C GLN S 27 45.75 -43.58 65.17
N ASP S 28 46.42 -43.93 66.27
CA ASP S 28 45.95 -43.49 67.58
C ASP S 28 46.22 -42.00 67.81
N MET S 29 47.27 -41.44 67.20
CA MET S 29 47.45 -40.00 67.28
C MET S 29 46.32 -39.26 66.58
N LEU S 30 45.89 -39.77 65.42
CA LEU S 30 44.75 -39.17 64.74
C LEU S 30 43.48 -39.29 65.59
N ALA S 31 43.33 -40.41 66.29
CA ALA S 31 42.21 -40.53 67.21
C ALA S 31 42.29 -39.48 68.32
N PHE S 32 43.49 -39.25 68.86
CA PHE S 32 43.72 -38.21 69.87
C PHE S 32 43.25 -36.85 69.35
N ALA S 33 43.68 -36.50 68.13
CA ALA S 33 43.28 -35.22 67.56
C ALA S 33 41.78 -35.13 67.35
N ALA S 34 41.15 -36.24 66.92
CA ALA S 34 39.69 -36.23 66.75
C ALA S 34 38.99 -35.95 68.08
N GLU S 35 39.46 -36.60 69.17
CA GLU S 35 38.86 -36.33 70.47
C GLU S 35 39.02 -34.87 70.87
N VAL S 36 40.16 -34.26 70.52
CA VAL S 36 40.28 -32.81 70.73
C VAL S 36 39.21 -32.07 69.93
N THR S 37 39.02 -32.47 68.66
CA THR S 37 38.00 -31.83 67.82
C THR S 37 36.61 -31.92 68.43
N LYS S 38 36.32 -32.97 69.20
CA LYS S 38 34.95 -33.15 69.69
C LYS S 38 34.57 -32.24 70.86
N ASN S 39 35.52 -31.55 71.50
CA ASN S 39 35.22 -30.85 72.75
C ASN S 39 34.36 -29.62 72.50
N GLU S 40 33.40 -29.37 73.42
CA GLU S 40 32.45 -28.29 73.24
C GLU S 40 33.12 -26.92 73.22
N GLN S 41 33.92 -26.61 74.25
CA GLN S 41 34.52 -25.28 74.34
C GLN S 41 35.59 -25.09 73.27
N MET S 42 36.31 -26.17 72.93
CA MET S 42 37.22 -26.10 71.80
C MET S 42 36.48 -25.85 70.50
N ALA S 43 35.29 -26.44 70.34
CA ALA S 43 34.51 -26.21 69.14
C ALA S 43 34.12 -24.75 69.00
N GLU S 44 33.76 -24.10 70.11
CA GLU S 44 33.47 -22.67 70.08
C GLU S 44 34.69 -21.85 69.68
N LEU S 45 35.86 -22.21 70.22
CA LEU S 45 37.09 -21.54 69.81
C LEU S 45 37.33 -21.71 68.31
N LEU S 46 37.09 -22.92 67.79
CA LEU S 46 37.24 -23.16 66.37
C LEU S 46 36.25 -22.34 65.55
N SER S 47 35.05 -22.10 66.09
CA SER S 47 34.07 -21.27 65.40
C SER S 47 34.45 -19.80 65.41
N GLY S 48 35.35 -19.40 66.31
CA GLY S 48 35.76 -18.01 66.37
C GLY S 48 36.62 -17.59 65.19
N ALA S 49 36.89 -16.30 65.11
CA ALA S 49 37.65 -15.69 64.02
C ALA S 49 39.11 -15.48 64.38
N LEU S 50 39.70 -16.39 65.14
CA LEU S 50 41.11 -16.30 65.47
C LEU S 50 41.96 -16.51 64.22
N ALA S 51 43.15 -15.91 64.23
CA ALA S 51 44.10 -16.13 63.15
C ALA S 51 44.59 -17.58 63.19
N PRO S 52 44.88 -18.16 62.01
CA PRO S 52 45.20 -19.59 61.97
C PRO S 52 46.37 -20.01 62.85
N GLU S 53 47.42 -19.18 62.97
CA GLU S 53 48.60 -19.60 63.72
C GLU S 53 48.30 -19.63 65.23
N THR S 54 47.67 -18.57 65.75
CA THR S 54 47.36 -18.54 67.17
C THR S 54 46.29 -19.56 67.52
N LEU S 55 45.33 -19.78 66.62
CA LEU S 55 44.35 -20.84 66.84
C LEU S 55 45.00 -22.21 66.85
N ALA S 56 45.95 -22.43 65.94
CA ALA S 56 46.68 -23.70 65.91
C ALA S 56 47.49 -23.90 67.17
N GLU S 57 48.11 -22.83 67.70
CA GLU S 57 48.82 -22.96 68.97
C GLU S 57 47.88 -23.21 70.14
N SER S 58 46.69 -22.61 70.13
CA SER S 58 45.71 -22.92 71.17
C SER S 58 45.24 -24.36 71.09
N PHE S 59 45.25 -24.93 69.88
CA PHE S 59 44.87 -26.32 69.68
C PHE S 59 46.00 -27.27 70.07
N ILE S 60 47.23 -26.92 69.68
CA ILE S 60 48.42 -27.70 70.03
C ILE S 60 48.58 -27.78 71.54
N ALA S 61 48.25 -26.69 72.23
CA ALA S 61 48.50 -26.63 73.67
C ALA S 61 47.71 -27.69 74.43
N VAL S 62 46.52 -28.06 73.94
CA VAL S 62 45.73 -29.12 74.57
C VAL S 62 46.10 -30.50 74.05
N ALA S 63 47.14 -30.61 73.23
CA ALA S 63 47.54 -31.88 72.64
C ALA S 63 49.07 -32.01 72.67
N GLY S 64 49.66 -31.76 73.84
CA GLY S 64 51.11 -31.83 73.99
C GLY S 64 51.69 -33.21 73.75
N GLU S 65 50.90 -34.27 73.91
CA GLU S 65 51.38 -35.64 73.71
C GLU S 65 51.31 -36.05 72.23
N GLN S 66 51.96 -35.25 71.39
CA GLN S 66 52.06 -35.50 69.96
C GLN S 66 53.49 -35.24 69.52
N LEU S 67 53.90 -35.93 68.46
CA LEU S 67 55.26 -35.76 67.96
C LEU S 67 55.39 -34.47 67.16
N ASP S 68 56.64 -34.03 67.00
CA ASP S 68 56.94 -32.83 66.22
C ASP S 68 56.51 -33.00 64.77
N GLU S 69 56.85 -34.13 64.16
CA GLU S 69 56.52 -34.35 62.76
C GLU S 69 55.02 -34.47 62.56
N ASN S 70 54.33 -35.17 63.46
CA ASN S 70 52.93 -35.51 63.25
C ASN S 70 51.99 -34.37 63.63
N GLY S 71 51.97 -34.01 64.92
CA GLY S 71 50.94 -33.13 65.43
C GLY S 71 51.13 -31.68 65.11
N GLN S 72 52.28 -31.14 65.57
CA GLN S 72 52.54 -29.70 65.48
C GLN S 72 52.50 -29.19 64.04
N ASN S 73 52.77 -30.03 63.06
CA ASN S 73 52.82 -29.58 61.67
C ASN S 73 51.50 -29.83 60.93
N LEU S 74 50.91 -31.01 61.08
CA LEU S 74 49.65 -31.29 60.40
C LEU S 74 48.53 -30.41 60.95
N ILE S 75 48.49 -30.21 62.28
CA ILE S 75 47.48 -29.34 62.87
C ILE S 75 47.60 -27.93 62.30
N ARG S 76 48.83 -27.41 62.24
CA ARG S 76 49.01 -26.04 61.77
C ARG S 76 48.71 -25.90 60.29
N VAL S 77 49.09 -26.89 59.47
CA VAL S 77 48.79 -26.82 58.04
C VAL S 77 47.28 -26.85 57.81
N MET S 78 46.57 -27.70 58.56
CA MET S 78 45.12 -27.73 58.45
C MET S 78 44.50 -26.43 58.97
N ALA S 79 45.10 -25.83 60.00
CA ALA S 79 44.57 -24.59 60.55
C ALA S 79 44.76 -23.42 59.58
N GLU S 80 45.85 -23.44 58.80
CA GLU S 80 46.06 -22.42 57.78
C GLU S 80 44.89 -22.34 56.82
N ASN S 81 44.22 -23.47 56.56
CA ASN S 81 43.08 -23.53 55.67
C ASN S 81 41.79 -23.87 56.39
N GLY S 82 41.82 -23.95 57.72
CA GLY S 82 40.62 -24.12 58.51
C GLY S 82 39.91 -25.45 58.38
N ARG S 83 40.63 -26.51 58.00
CA ARG S 83 40.06 -27.82 57.79
C ARG S 83 40.17 -28.73 59.01
N LEU S 84 40.25 -28.17 60.22
CA LEU S 84 40.46 -29.02 61.41
C LEU S 84 39.30 -29.97 61.64
N ASN S 85 38.08 -29.60 61.25
CA ASN S 85 36.95 -30.51 61.41
C ASN S 85 37.11 -31.77 60.57
N ALA S 86 38.02 -31.76 59.59
CA ALA S 86 38.24 -32.95 58.78
C ALA S 86 39.04 -34.03 59.50
N LEU S 87 39.60 -33.72 60.67
CA LEU S 87 40.32 -34.73 61.45
C LEU S 87 39.48 -35.98 61.72
N PRO S 88 38.21 -35.87 62.18
CA PRO S 88 37.39 -37.08 62.30
C PRO S 88 37.29 -37.87 61.01
N ASP S 89 37.19 -37.19 59.87
CA ASP S 89 37.10 -37.90 58.60
C ASP S 89 38.44 -38.51 58.22
N VAL S 90 39.53 -37.79 58.49
CA VAL S 90 40.86 -38.27 58.17
C VAL S 90 41.12 -39.59 58.88
N LEU S 91 40.62 -39.72 60.12
CA LEU S 91 40.85 -40.97 60.87
C LEU S 91 40.26 -42.18 60.14
N GLU S 92 38.99 -42.09 59.75
CA GLU S 92 38.34 -43.21 59.04
C GLU S 92 39.01 -43.47 57.69
N GLN S 93 39.37 -42.40 56.97
CA GLN S 93 40.09 -42.57 55.72
C GLN S 93 41.38 -43.35 55.95
N PHE S 94 42.09 -43.00 57.01
CA PHE S 94 43.38 -43.60 57.33
C PHE S 94 43.22 -45.09 57.59
N ILE S 95 42.17 -45.45 58.32
CA ILE S 95 41.90 -46.87 58.59
C ILE S 95 41.63 -47.63 57.30
N HIS S 96 40.79 -47.07 56.42
CA HIS S 96 40.49 -47.77 55.16
C HIS S 96 41.75 -47.93 54.32
N LEU S 97 42.57 -46.89 54.25
CA LEU S 97 43.81 -46.97 53.49
C LEU S 97 44.69 -48.10 54.01
N ARG S 98 44.86 -48.16 55.33
CA ARG S 98 45.65 -49.23 55.93
C ARG S 98 45.10 -50.60 55.56
N ALA S 99 43.78 -50.78 55.67
CA ALA S 99 43.18 -52.07 55.34
C ALA S 99 43.42 -52.44 53.89
N VAL S 100 43.48 -51.44 52.99
CA VAL S 100 43.79 -51.73 51.60
C VAL S 100 45.23 -52.24 51.47
N SER S 101 46.19 -51.55 52.09
CA SER S 101 47.58 -51.95 51.89
C SER S 101 47.88 -53.30 52.51
N GLU S 102 47.28 -53.59 53.66
CA GLU S 102 47.53 -54.84 54.38
C GLU S 102 46.73 -56.03 53.87
N ALA S 103 45.97 -55.85 52.78
CA ALA S 103 45.18 -56.92 52.16
C ALA S 103 44.22 -57.54 53.19
N THR S 104 43.37 -56.69 53.75
CA THR S 104 42.43 -57.08 54.79
C THR S 104 41.05 -56.53 54.45
N ALA S 105 40.02 -57.27 54.83
CA ALA S 105 38.64 -56.85 54.67
C ALA S 105 37.90 -57.03 55.98
N GLU S 106 37.30 -55.95 56.48
CA GLU S 106 36.52 -55.99 57.73
C GLU S 106 35.11 -56.47 57.43
N VAL S 107 35.01 -57.74 57.03
CA VAL S 107 33.72 -58.32 56.63
C VAL S 107 32.83 -58.41 57.85
N ASP S 108 31.58 -57.94 57.69
CA ASP S 108 30.62 -57.87 58.79
C ASP S 108 29.47 -58.82 58.55
N VAL S 109 29.03 -59.52 59.61
CA VAL S 109 27.96 -60.50 59.52
C VAL S 109 26.93 -60.23 60.62
N ILE S 110 25.68 -60.58 60.33
CA ILE S 110 24.57 -60.46 61.27
C ILE S 110 23.79 -61.77 61.24
N SER S 111 23.33 -62.22 62.41
CA SER S 111 22.69 -63.52 62.52
C SER S 111 21.56 -63.46 63.53
N ALA S 112 20.59 -64.38 63.33
CA ALA S 112 19.49 -64.54 64.28
C ALA S 112 19.91 -65.31 65.53
N ALA S 113 21.02 -66.05 65.48
CA ALA S 113 21.54 -66.74 66.65
C ALA S 113 23.06 -66.81 66.53
N ALA S 114 23.70 -67.06 67.67
CA ALA S 114 25.16 -67.07 67.73
C ALA S 114 25.71 -68.25 66.96
N LEU S 115 26.76 -68.00 66.18
CA LEU S 115 27.39 -69.04 65.36
C LEU S 115 28.44 -69.80 66.16
N SER S 116 28.58 -71.09 65.84
CA SER S 116 29.68 -71.87 66.40
C SER S 116 30.99 -71.47 65.73
N GLU S 117 32.10 -71.80 66.41
CA GLU S 117 33.41 -71.40 65.91
C GLU S 117 33.73 -72.08 64.58
N GLN S 118 33.31 -73.33 64.41
CA GLN S 118 33.54 -74.02 63.14
C GLN S 118 32.77 -73.34 62.02
N GLN S 119 31.52 -72.95 62.28
CA GLN S 119 30.74 -72.22 61.28
C GLN S 119 31.43 -70.90 60.92
N LEU S 120 31.84 -70.16 61.96
CA LEU S 120 32.50 -68.88 61.73
C LEU S 120 33.84 -69.07 61.03
N ALA S 121 34.57 -70.14 61.36
CA ALA S 121 35.85 -70.41 60.70
C ALA S 121 35.64 -70.75 59.23
N LYS S 122 34.63 -71.58 58.92
CA LYS S 122 34.34 -71.87 57.52
C LYS S 122 33.96 -70.62 56.77
N ILE S 123 33.15 -69.75 57.38
CA ILE S 123 32.77 -68.51 56.71
C ILE S 123 33.99 -67.62 56.48
N SER S 124 34.89 -67.56 57.47
CA SER S 124 36.11 -66.77 57.31
C SER S 124 36.94 -67.26 56.14
N ALA S 125 37.22 -68.58 56.10
CA ALA S 125 38.01 -69.12 55.00
C ALA S 125 37.29 -68.96 53.66
N ALA S 126 35.97 -69.17 53.65
CA ALA S 126 35.20 -69.07 52.42
C ALA S 126 35.23 -67.65 51.86
N MET S 127 35.20 -66.64 52.74
CA MET S 127 35.30 -65.27 52.25
C MET S 127 36.73 -64.90 51.89
N GLU S 128 37.73 -65.46 52.57
CA GLU S 128 39.11 -65.29 52.14
C GLU S 128 39.32 -65.88 50.74
N LYS S 129 38.52 -66.87 50.36
CA LYS S 129 38.63 -67.50 49.06
C LYS S 129 37.76 -66.83 48.01
N ARG S 130 36.58 -66.36 48.42
CA ARG S 130 35.75 -65.49 47.57
C ARG S 130 36.51 -64.21 47.24
N LEU S 131 37.05 -63.56 48.26
CA LEU S 131 37.90 -62.38 48.13
C LEU S 131 39.35 -62.85 47.94
N SER S 132 40.30 -61.92 48.05
CA SER S 132 41.72 -62.23 48.07
C SER S 132 42.40 -61.54 49.24
N ARG S 133 41.78 -61.63 50.42
CA ARG S 133 42.22 -60.89 51.59
C ARG S 133 42.08 -61.76 52.83
N LYS S 134 42.77 -61.35 53.90
CA LYS S 134 42.51 -61.90 55.22
C LYS S 134 41.29 -61.20 55.79
N VAL S 135 40.19 -61.94 55.95
CA VAL S 135 38.97 -61.35 56.46
C VAL S 135 39.02 -61.28 57.98
N LYS S 136 38.20 -60.39 58.55
CA LYS S 136 38.06 -60.26 60.00
C LYS S 136 36.57 -60.13 60.29
N LEU S 137 35.92 -61.27 60.50
CA LEU S 137 34.48 -61.27 60.74
C LEU S 137 34.14 -60.65 62.09
N ASN S 138 33.02 -59.92 62.12
CA ASN S 138 32.41 -59.50 63.37
C ASN S 138 30.91 -59.74 63.27
N ALA S 139 30.33 -60.29 64.34
CA ALA S 139 28.96 -60.76 64.31
C ALA S 139 28.10 -59.96 65.28
N LYS S 140 26.81 -59.87 64.95
CA LYS S 140 25.80 -59.26 65.79
C LYS S 140 24.55 -60.13 65.74
N ILE S 141 23.95 -60.37 66.91
CA ILE S 141 22.82 -61.29 67.01
C ILE S 141 21.55 -60.47 67.02
N ASP S 142 20.92 -60.34 65.85
CA ASP S 142 19.70 -59.56 65.68
C ASP S 142 18.56 -60.47 65.27
N LYS S 143 17.44 -60.36 66.00
CA LYS S 143 16.29 -61.21 65.71
C LYS S 143 15.58 -60.82 64.43
N SER S 144 15.84 -59.61 63.90
CA SER S 144 15.18 -59.19 62.66
C SER S 144 15.53 -60.12 61.51
N VAL S 145 16.67 -60.81 61.60
CA VAL S 145 17.10 -61.71 60.54
C VAL S 145 16.17 -62.92 60.44
N MET S 146 15.60 -63.35 61.58
CA MET S 146 14.70 -64.48 61.75
C MET S 146 15.39 -65.83 61.64
N ALA S 147 16.58 -65.86 61.03
CA ALA S 147 17.28 -67.08 60.62
C ALA S 147 18.14 -66.75 59.41
N GLY S 148 19.22 -67.49 59.25
CA GLY S 148 20.18 -67.19 58.20
C GLY S 148 21.12 -66.10 58.66
N VAL S 149 21.96 -65.64 57.74
CA VAL S 149 23.00 -64.67 58.06
C VAL S 149 23.11 -63.63 56.95
N ILE S 150 23.71 -62.50 57.33
CA ILE S 150 24.06 -61.41 56.42
C ILE S 150 25.57 -61.39 56.31
N ILE S 151 26.09 -61.08 55.12
CA ILE S 151 27.53 -60.95 54.92
C ILE S 151 27.78 -59.68 54.13
N ARG S 152 28.45 -58.71 54.76
CA ARG S 152 28.77 -57.44 54.14
C ARG S 152 30.28 -57.23 54.10
N ALA S 153 30.81 -56.90 52.92
CA ALA S 153 32.25 -56.73 52.71
C ALA S 153 32.56 -55.33 52.19
N GLY S 154 31.99 -54.32 52.82
CA GLY S 154 32.07 -52.95 52.33
C GLY S 154 30.84 -52.58 51.52
N ASP S 155 31.04 -52.29 50.24
CA ASP S 155 29.88 -52.05 49.38
C ASP S 155 29.17 -53.36 49.06
N MET S 156 29.92 -54.44 48.87
CA MET S 156 29.32 -55.71 48.51
C MET S 156 28.65 -56.37 49.72
N VAL S 157 27.54 -57.07 49.44
CA VAL S 157 26.78 -57.74 50.49
C VAL S 157 26.16 -59.01 49.90
N ILE S 158 26.03 -60.03 50.74
CA ILE S 158 25.38 -61.28 50.39
C ILE S 158 24.36 -61.59 51.48
N ASP S 159 23.10 -61.76 51.10
CA ASP S 159 21.99 -61.85 52.04
C ASP S 159 21.45 -63.28 52.05
N GLY S 160 21.55 -63.94 53.20
CA GLY S 160 21.03 -65.29 53.38
C GLY S 160 19.95 -65.39 54.44
N SER S 161 19.40 -64.24 54.84
CA SER S 161 18.33 -64.24 55.83
C SER S 161 17.02 -64.73 55.22
N VAL S 162 16.24 -65.46 56.01
CA VAL S 162 14.97 -65.99 55.52
C VAL S 162 13.95 -64.89 55.34
N ARG S 163 14.10 -63.75 56.03
CA ARG S 163 13.21 -62.63 55.78
C ARG S 163 13.36 -62.13 54.36
N GLY S 164 14.60 -62.05 53.88
CA GLY S 164 14.82 -61.64 52.50
C GLY S 164 14.18 -62.58 51.50
N ARG S 165 14.32 -63.89 51.73
CA ARG S 165 13.70 -64.86 50.83
C ARG S 165 12.17 -64.81 50.91
N LEU S 166 11.62 -64.63 52.11
CA LEU S 166 10.18 -64.47 52.29
C LEU S 166 9.65 -63.31 51.46
N GLU S 167 10.24 -62.13 51.64
CA GLU S 167 9.74 -60.97 50.91
C GLU S 167 10.13 -61.02 49.43
N ARG S 168 11.18 -61.77 49.07
CA ARG S 168 11.48 -61.99 47.67
C ARG S 168 10.38 -62.81 46.99
N LEU S 169 9.91 -63.85 47.68
CA LEU S 169 8.80 -64.62 47.15
C LEU S 169 7.52 -63.78 47.12
N ALA S 170 7.34 -62.90 48.11
CA ALA S 170 6.20 -62.00 48.08
C ALA S 170 6.26 -61.05 46.88
N ASP S 171 7.47 -60.65 46.46
CA ASP S 171 7.60 -59.80 45.29
C ASP S 171 7.53 -60.60 43.99
N VAL S 172 7.90 -61.88 44.03
CA VAL S 172 7.64 -62.75 42.89
C VAL S 172 6.13 -62.94 42.74
N LEU S 173 5.40 -62.91 43.85
CA LEU S 173 3.95 -62.90 43.83
C LEU S 173 3.44 -61.46 43.78
N MET T 1 -68.25 29.63 -82.55
CA MET T 1 -67.99 28.57 -83.52
C MET T 1 -69.23 27.71 -83.66
N ASN T 2 -69.05 26.39 -83.78
CA ASN T 2 -70.17 25.52 -84.12
C ASN T 2 -70.62 24.77 -82.87
N LEU T 3 -71.23 25.50 -81.95
CA LEU T 3 -71.96 24.84 -80.88
C LEU T 3 -73.21 24.16 -81.46
N ASN T 4 -73.32 22.86 -81.22
CA ASN T 4 -74.17 22.00 -82.02
C ASN T 4 -74.83 20.98 -81.08
N ALA T 5 -75.97 20.41 -81.51
CA ALA T 5 -76.60 19.32 -80.76
C ALA T 5 -75.64 18.15 -80.52
N THR T 6 -74.56 18.11 -81.32
CA THR T 6 -73.46 17.17 -81.09
C THR T 6 -72.95 17.24 -79.66
N ILE T 7 -72.95 18.43 -79.04
CA ILE T 7 -72.44 18.55 -77.68
C ILE T 7 -73.29 17.72 -76.71
N LEU T 8 -74.61 17.73 -76.90
CA LEU T 8 -75.48 16.96 -76.01
C LEU T 8 -75.42 15.47 -76.31
N GLY T 9 -75.40 15.12 -77.60
CA GLY T 9 -75.16 13.72 -77.95
C GLY T 9 -73.88 13.19 -77.33
N GLN T 10 -72.82 14.00 -77.36
CA GLN T 10 -71.55 13.60 -76.78
C GLN T 10 -71.54 13.64 -75.26
N ALA T 11 -72.40 14.43 -74.64
CA ALA T 11 -72.55 14.32 -73.19
C ALA T 11 -73.13 12.97 -72.81
N ILE T 12 -74.19 12.55 -73.51
CA ILE T 12 -74.75 11.21 -73.28
C ILE T 12 -73.70 10.15 -73.58
N ALA T 13 -72.94 10.33 -74.66
CA ALA T 13 -71.88 9.37 -74.99
C ALA T 13 -70.82 9.30 -73.91
N PHE T 14 -70.45 10.46 -73.36
CA PHE T 14 -69.48 10.51 -72.27
C PHE T 14 -69.96 9.68 -71.08
N VAL T 15 -71.21 9.89 -70.66
CA VAL T 15 -71.71 9.16 -69.49
C VAL T 15 -71.86 7.67 -69.82
N LEU T 16 -72.22 7.34 -71.07
CA LEU T 16 -72.33 5.93 -71.46
C LEU T 16 -70.98 5.22 -71.42
N PHE T 17 -69.93 5.87 -71.92
CA PHE T 17 -68.60 5.26 -71.81
C PHE T 17 -68.17 5.15 -70.36
N VAL T 18 -68.51 6.15 -69.53
CA VAL T 18 -68.22 6.03 -68.10
C VAL T 18 -68.94 4.84 -67.50
N LEU T 19 -70.21 4.64 -67.88
CA LEU T 19 -70.97 3.49 -67.38
C LEU T 19 -70.38 2.17 -67.85
N PHE T 20 -69.95 2.09 -69.11
CA PHE T 20 -69.36 0.84 -69.61
C PHE T 20 -68.07 0.52 -68.88
N ALA T 21 -67.23 1.53 -68.63
CA ALA T 21 -66.02 1.29 -67.84
C ALA T 21 -66.37 0.96 -66.38
N MET T 22 -67.45 1.55 -65.87
CA MET T 22 -67.83 1.37 -64.48
C MET T 22 -68.36 -0.04 -64.21
N LYS T 23 -69.12 -0.59 -65.15
CA LYS T 23 -69.73 -1.90 -64.95
C LYS T 23 -68.77 -3.04 -65.32
N TYR T 24 -68.19 -2.99 -66.52
CA TYR T 24 -67.44 -4.13 -67.04
C TYR T 24 -65.93 -4.04 -66.81
N VAL T 25 -65.32 -2.89 -67.04
CA VAL T 25 -63.86 -2.83 -67.16
C VAL T 25 -63.19 -2.83 -65.80
N TRP T 26 -63.52 -1.85 -64.96
CA TRP T 26 -62.79 -1.60 -63.71
C TRP T 26 -63.02 -2.61 -62.59
N PRO T 27 -64.25 -3.08 -62.32
CA PRO T 27 -64.48 -3.94 -61.14
C PRO T 27 -63.62 -5.19 -61.11
N PRO T 28 -63.35 -5.88 -62.24
CA PRO T 28 -62.61 -7.15 -62.15
C PRO T 28 -61.10 -7.02 -61.95
N LEU T 29 -60.54 -5.83 -61.72
CA LEU T 29 -59.09 -5.67 -61.80
C LEU T 29 -58.35 -5.72 -60.46
N MET T 30 -59.01 -5.40 -59.35
CA MET T 30 -58.31 -5.09 -58.10
C MET T 30 -57.53 -6.28 -57.54
N ALA T 31 -58.04 -7.50 -57.69
CA ALA T 31 -57.59 -8.63 -56.87
C ALA T 31 -56.12 -9.01 -57.12
N ALA T 32 -55.68 -8.96 -58.38
CA ALA T 32 -54.39 -9.53 -58.76
C ALA T 32 -53.23 -8.88 -58.00
N ILE T 33 -53.25 -7.55 -57.90
CA ILE T 33 -52.17 -6.83 -57.24
C ILE T 33 -52.06 -7.24 -55.79
N GLU T 34 -53.20 -7.33 -55.09
CA GLU T 34 -53.19 -7.72 -53.69
C GLU T 34 -52.67 -9.14 -53.50
N LYS T 35 -53.08 -10.06 -54.37
CA LYS T 35 -52.58 -11.43 -54.27
C LYS T 35 -51.06 -11.47 -54.42
N ARG T 36 -50.54 -10.73 -55.40
CA ARG T 36 -49.11 -10.74 -55.66
C ARG T 36 -48.33 -10.09 -54.52
N GLN T 37 -48.89 -9.04 -53.90
CA GLN T 37 -48.26 -8.42 -52.74
C GLN T 37 -48.23 -9.37 -51.54
N LYS T 38 -49.36 -10.04 -51.30
CA LYS T 38 -49.49 -10.98 -50.19
C LYS T 38 -48.44 -12.08 -50.25
N GLU T 39 -48.23 -12.64 -51.45
CA GLU T 39 -47.28 -13.74 -51.58
C GLU T 39 -45.82 -13.31 -51.46
N ILE T 40 -45.53 -12.01 -51.38
CA ILE T 40 -44.19 -11.55 -51.08
C ILE T 40 -44.03 -11.17 -49.61
N ALA T 41 -45.07 -10.57 -49.01
CA ALA T 41 -44.98 -10.20 -47.61
C ALA T 41 -44.94 -11.43 -46.69
N ASP T 42 -45.66 -12.49 -47.05
CA ASP T 42 -45.65 -13.68 -46.20
C ASP T 42 -44.26 -14.29 -46.08
N GLY T 43 -43.42 -14.14 -47.11
CA GLY T 43 -42.06 -14.66 -47.03
C GLY T 43 -41.22 -13.93 -46.00
N LEU T 44 -41.36 -12.61 -45.92
CA LEU T 44 -40.68 -11.86 -44.88
C LEU T 44 -41.17 -12.30 -43.50
N ALA T 45 -42.47 -12.53 -43.37
CA ALA T 45 -42.99 -13.06 -42.11
C ALA T 45 -42.35 -14.41 -41.78
N SER T 46 -42.20 -15.27 -42.79
CA SER T 46 -41.60 -16.59 -42.57
C SER T 46 -40.15 -16.49 -42.12
N ALA T 47 -39.39 -15.57 -42.73
CA ALA T 47 -38.00 -15.38 -42.31
C ALA T 47 -37.93 -14.89 -40.86
N GLU T 48 -38.81 -13.95 -40.49
CA GLU T 48 -38.84 -13.48 -39.12
C GLU T 48 -39.15 -14.62 -38.16
N ARG T 49 -40.11 -15.48 -38.52
CA ARG T 49 -40.46 -16.57 -37.61
C ARG T 49 -39.37 -17.62 -37.55
N ALA T 50 -38.62 -17.83 -38.64
CA ALA T 50 -37.45 -18.70 -38.56
C ALA T 50 -36.45 -18.18 -37.53
N HIS T 51 -36.07 -16.91 -37.68
CA HIS T 51 -35.12 -16.31 -36.73
C HIS T 51 -35.64 -16.37 -35.30
N LYS T 52 -36.95 -16.19 -35.12
CA LYS T 52 -37.53 -16.17 -33.78
C LYS T 52 -37.54 -17.55 -33.16
N ASP T 53 -38.20 -18.51 -33.82
CA ASP T 53 -38.41 -19.83 -33.25
C ASP T 53 -37.12 -20.63 -33.12
N LEU T 54 -36.12 -20.39 -33.97
CA LEU T 54 -34.87 -21.11 -33.79
C LEU T 54 -34.22 -20.75 -32.46
N ASP T 55 -34.14 -19.46 -32.16
CA ASP T 55 -33.56 -19.02 -30.89
C ASP T 55 -34.44 -19.40 -29.71
N LEU T 56 -35.77 -19.38 -29.89
CA LEU T 56 -36.65 -19.83 -28.82
C LEU T 56 -36.44 -21.31 -28.52
N ALA T 57 -36.20 -22.11 -29.56
CA ALA T 57 -35.90 -23.53 -29.36
C ALA T 57 -34.57 -23.72 -28.65
N LYS T 58 -33.55 -22.93 -29.01
CA LYS T 58 -32.30 -22.93 -28.26
C LYS T 58 -32.53 -22.68 -26.78
N ALA T 59 -33.27 -21.61 -26.47
CA ALA T 59 -33.54 -21.28 -25.07
C ALA T 59 -34.33 -22.38 -24.38
N SER T 60 -35.31 -22.97 -25.07
CA SER T 60 -36.11 -24.04 -24.48
C SER T 60 -35.25 -25.25 -24.17
N ALA T 61 -34.33 -25.61 -25.07
CA ALA T 61 -33.46 -26.75 -24.82
C ALA T 61 -32.57 -26.51 -23.61
N THR T 62 -31.96 -25.32 -23.53
CA THR T 62 -31.10 -25.01 -22.38
C THR T 62 -31.90 -25.03 -21.08
N ASP T 63 -33.08 -24.41 -21.10
CA ASP T 63 -33.92 -24.37 -19.90
C ASP T 63 -34.34 -25.76 -19.46
N GLN T 64 -34.69 -26.63 -20.42
CA GLN T 64 -35.10 -27.98 -20.07
C GLN T 64 -33.94 -28.78 -19.49
N LEU T 65 -32.73 -28.61 -20.05
CA LEU T 65 -31.55 -29.25 -19.47
C LEU T 65 -31.36 -28.83 -18.02
N LYS T 66 -31.39 -27.52 -17.75
CA LYS T 66 -31.14 -27.06 -16.39
C LYS T 66 -32.26 -27.48 -15.44
N LYS T 67 -33.51 -27.48 -15.91
CA LYS T 67 -34.61 -27.92 -15.06
C LYS T 67 -34.47 -29.39 -14.68
N ALA T 68 -34.11 -30.24 -15.66
CA ALA T 68 -33.89 -31.65 -15.36
C ALA T 68 -32.76 -31.83 -14.37
N LYS T 69 -31.68 -31.06 -14.53
CA LYS T 69 -30.55 -31.21 -13.61
C LYS T 69 -30.92 -30.79 -12.20
N ALA T 70 -31.69 -29.70 -12.05
CA ALA T 70 -32.14 -29.30 -10.72
C ALA T 70 -33.09 -30.33 -10.11
N GLU T 71 -33.93 -30.96 -10.92
CA GLU T 71 -34.82 -31.98 -10.41
C GLU T 71 -34.05 -33.24 -9.97
N ALA T 72 -32.91 -33.50 -10.61
CA ALA T 72 -32.00 -34.53 -10.07
C ALA T 72 -31.37 -34.06 -8.76
N GLN T 73 -31.06 -32.78 -8.67
CA GLN T 73 -30.40 -32.22 -7.49
C GLN T 73 -31.25 -32.39 -6.25
N VAL T 74 -32.56 -32.18 -6.37
CA VAL T 74 -33.42 -32.29 -5.19
C VAL T 74 -33.41 -33.73 -4.67
N ILE T 75 -33.39 -34.71 -5.57
CA ILE T 75 -33.29 -36.11 -5.17
C ILE T 75 -31.99 -36.34 -4.41
N ILE T 76 -30.88 -35.81 -4.93
CA ILE T 76 -29.58 -36.03 -4.29
C ILE T 76 -29.58 -35.46 -2.86
N GLU T 77 -30.10 -34.24 -2.70
CA GLU T 77 -30.06 -33.60 -1.39
C GLU T 77 -31.00 -34.30 -0.40
N GLN T 78 -32.16 -34.75 -0.87
CA GLN T 78 -33.05 -35.53 -0.01
C GLN T 78 -32.37 -36.83 0.44
N ALA T 79 -31.64 -37.48 -0.47
CA ALA T 79 -30.93 -38.70 -0.11
C ALA T 79 -29.86 -38.43 0.95
N ASN T 80 -29.15 -37.30 0.84
CA ASN T 80 -28.18 -36.95 1.87
C ASN T 80 -28.84 -36.80 3.23
N LYS T 81 -29.98 -36.10 3.28
CA LYS T 81 -30.71 -35.94 4.54
C LYS T 81 -31.09 -37.29 5.12
N ARG T 82 -31.61 -38.19 4.27
CA ARG T 82 -32.01 -39.52 4.73
C ARG T 82 -30.82 -40.31 5.28
N ARG T 83 -29.67 -40.22 4.61
CA ARG T 83 -28.49 -40.94 5.11
C ARG T 83 -28.12 -40.46 6.51
N SER T 84 -28.09 -39.13 6.70
CA SER T 84 -27.76 -38.63 8.04
C SER T 84 -28.75 -39.15 9.08
N GLN T 85 -30.05 -39.13 8.75
CA GLN T 85 -31.07 -39.61 9.68
C GLN T 85 -30.84 -41.06 10.07
N ILE T 86 -30.67 -41.94 9.07
CA ILE T 86 -30.58 -43.37 9.37
C ILE T 86 -29.28 -43.69 10.12
N LEU T 87 -28.19 -42.99 9.79
CA LEU T 87 -26.94 -43.22 10.52
C LEU T 87 -27.09 -42.81 11.98
N ASP T 88 -27.75 -41.69 12.24
CA ASP T 88 -27.98 -41.29 13.62
C ASP T 88 -28.82 -42.33 14.37
N GLU T 89 -29.87 -42.84 13.74
CA GLU T 89 -30.73 -43.82 14.39
C GLU T 89 -29.94 -45.09 14.73
N ALA T 90 -29.16 -45.59 13.78
CA ALA T 90 -28.38 -46.80 14.02
C ALA T 90 -27.36 -46.59 15.13
N LYS T 91 -26.71 -45.43 15.15
CA LYS T 91 -25.74 -45.14 16.20
C LYS T 91 -26.41 -45.17 17.57
N ALA T 92 -27.59 -44.54 17.69
CA ALA T 92 -28.29 -44.55 18.96
C ALA T 92 -28.65 -45.97 19.39
N GLU T 93 -29.17 -46.77 18.45
CA GLU T 93 -29.56 -48.14 18.76
C GLU T 93 -28.37 -48.93 19.31
N ALA T 94 -27.25 -48.93 18.57
CA ALA T 94 -26.08 -49.70 18.97
C ALA T 94 -25.52 -49.21 20.29
N GLU T 95 -25.50 -47.89 20.50
CA GLU T 95 -24.92 -47.33 21.72
C GLU T 95 -25.72 -47.72 22.96
N GLN T 96 -27.06 -47.64 22.88
CA GLN T 96 -27.86 -48.04 24.02
C GLN T 96 -27.69 -49.53 24.30
N GLU T 97 -27.60 -50.35 23.24
CA GLU T 97 -27.34 -51.77 23.45
C GLU T 97 -26.01 -51.99 24.16
N ARG T 98 -24.97 -51.25 23.76
CA ARG T 98 -23.68 -51.34 24.45
C ARG T 98 -23.85 -51.10 25.93
N THR T 99 -24.51 -49.99 26.29
CA THR T 99 -24.66 -49.65 27.70
C THR T 99 -25.30 -50.79 28.48
N LYS T 100 -26.46 -51.27 28.01
CA LYS T 100 -27.18 -52.25 28.83
C LYS T 100 -26.46 -53.59 28.87
N ILE T 101 -25.86 -54.02 27.75
CA ILE T 101 -25.20 -55.32 27.74
C ILE T 101 -24.00 -55.33 28.68
N VAL T 102 -23.17 -54.25 28.64
CA VAL T 102 -21.99 -54.24 29.50
C VAL T 102 -22.39 -54.13 30.97
N ALA T 103 -23.44 -53.36 31.27
CA ALA T 103 -23.89 -53.28 32.65
C ALA T 103 -24.30 -54.65 33.19
N GLN T 104 -25.14 -55.37 32.43
CA GLN T 104 -25.62 -56.66 32.91
C GLN T 104 -24.48 -57.66 33.08
N ALA T 105 -23.58 -57.72 32.09
CA ALA T 105 -22.45 -58.64 32.18
C ALA T 105 -21.53 -58.29 33.35
N GLN T 106 -21.38 -56.99 33.64
CA GLN T 106 -20.53 -56.58 34.74
C GLN T 106 -21.09 -57.06 36.09
N ALA T 107 -22.42 -56.94 36.27
CA ALA T 107 -23.01 -57.51 37.48
C ALA T 107 -22.81 -59.03 37.55
N GLU T 108 -22.98 -59.70 36.41
CA GLU T 108 -22.82 -61.15 36.35
C GLU T 108 -21.43 -61.57 36.83
N ILE T 109 -20.40 -60.91 36.32
CA ILE T 109 -19.04 -61.28 36.74
C ILE T 109 -18.70 -60.79 38.14
N GLU T 110 -19.42 -59.80 38.67
CA GLU T 110 -19.28 -59.48 40.10
C GLU T 110 -19.67 -60.68 40.96
N ALA T 111 -20.80 -61.30 40.62
CA ALA T 111 -21.19 -62.52 41.33
C ALA T 111 -20.15 -63.62 41.16
N GLU T 112 -19.60 -63.73 39.95
CA GLU T 112 -18.50 -64.66 39.73
C GLU T 112 -17.35 -64.41 40.70
N ARG T 113 -17.03 -63.13 40.94
CA ARG T 113 -15.95 -62.83 41.88
C ARG T 113 -16.29 -63.30 43.30
N LYS T 114 -17.54 -63.16 43.72
CA LYS T 114 -17.89 -63.68 45.04
C LYS T 114 -17.58 -65.18 45.13
N ARG T 115 -18.07 -65.95 44.15
CA ARG T 115 -17.80 -67.38 44.14
C ARG T 115 -16.30 -67.66 44.25
N ALA T 116 -15.52 -66.95 43.43
CA ALA T 116 -14.08 -67.17 43.39
C ALA T 116 -13.43 -66.84 44.74
N ARG T 117 -13.88 -65.78 45.39
CA ARG T 117 -13.33 -65.46 46.70
C ARG T 117 -13.46 -66.66 47.64
N GLU T 118 -14.68 -67.21 47.75
CA GLU T 118 -14.84 -68.35 48.64
C GLU T 118 -13.98 -69.52 48.20
N GLU T 119 -13.95 -69.82 46.90
CA GLU T 119 -13.22 -71.00 46.44
C GLU T 119 -11.71 -70.88 46.71
N LEU T 120 -11.11 -69.73 46.38
CA LEU T 120 -9.67 -69.56 46.59
C LEU T 120 -9.27 -69.37 48.05
N ARG T 121 -10.21 -69.02 48.94
CA ARG T 121 -9.81 -69.02 50.36
C ARG T 121 -9.45 -70.43 50.83
N LYS T 122 -10.10 -71.45 50.27
CA LYS T 122 -9.68 -72.81 50.57
C LYS T 122 -8.25 -73.07 50.08
N GLN T 123 -7.89 -72.51 48.93
CA GLN T 123 -6.56 -72.72 48.35
C GLN T 123 -5.46 -72.01 49.14
N VAL T 124 -5.79 -70.89 49.79
CA VAL T 124 -4.72 -70.12 50.44
C VAL T 124 -4.05 -70.91 51.55
N ALA T 125 -4.77 -71.83 52.20
CA ALA T 125 -4.14 -72.68 53.21
C ALA T 125 -3.05 -73.56 52.59
N ILE T 126 -3.41 -74.25 51.51
CA ILE T 126 -2.45 -75.07 50.79
C ILE T 126 -1.25 -74.23 50.38
N LEU T 127 -1.51 -73.05 49.80
CA LEU T 127 -0.43 -72.22 49.28
C LEU T 127 0.46 -71.70 50.41
N ALA T 128 -0.13 -71.31 51.54
CA ALA T 128 0.66 -70.86 52.69
C ALA T 128 1.62 -71.94 53.14
N VAL T 129 1.13 -73.17 53.35
CA VAL T 129 2.02 -74.22 53.84
C VAL T 129 3.06 -74.56 52.77
N ALA T 130 2.66 -74.54 51.49
CA ALA T 130 3.59 -74.81 50.42
C ALA T 130 4.75 -73.82 50.41
N GLY T 131 4.44 -72.52 50.52
CA GLY T 131 5.49 -71.52 50.53
C GLY T 131 6.41 -71.67 51.73
N ALA T 132 5.81 -71.87 52.91
CA ALA T 132 6.60 -72.02 54.13
C ALA T 132 7.56 -73.21 54.01
N GLU T 133 7.06 -74.36 53.53
CA GLU T 133 7.93 -75.53 53.40
C GLU T 133 8.97 -75.34 52.31
N LYS T 134 8.63 -74.60 51.25
CA LYS T 134 9.58 -74.36 50.17
C LYS T 134 10.76 -73.53 50.64
N ILE T 135 10.50 -72.49 51.42
CA ILE T 135 11.57 -71.54 51.75
C ILE T 135 12.47 -72.03 52.88
N ILE T 136 12.08 -73.05 53.64
CA ILE T 136 12.99 -73.70 54.58
C ILE T 136 13.31 -75.13 54.20
N GLU T 137 12.79 -75.61 53.07
CA GLU T 137 13.12 -76.94 52.54
C GLU T 137 12.90 -78.04 53.55
N ARG T 138 11.89 -77.84 54.42
CA ARG T 138 11.68 -78.83 55.51
C ARG T 138 10.19 -79.08 55.78
N SER T 139 9.85 -80.28 56.23
CA SER T 139 8.48 -80.70 56.53
C SER T 139 7.95 -79.89 57.71
N VAL T 140 7.06 -78.94 57.44
CA VAL T 140 6.59 -78.01 58.44
C VAL T 140 5.80 -78.74 59.52
N ASP T 141 6.04 -78.36 60.78
CA ASP T 141 5.30 -78.92 61.90
C ASP T 141 3.82 -78.57 61.78
N GLU T 142 2.97 -79.58 61.86
CA GLU T 142 1.53 -79.37 61.92
C GLU T 142 1.08 -79.21 63.37
N ALA T 143 1.43 -78.06 63.94
CA ALA T 143 1.08 -77.78 65.32
C ALA T 143 0.81 -76.31 65.47
N ALA T 144 0.05 -75.96 66.51
CA ALA T 144 -0.28 -74.58 66.86
C ALA T 144 -0.97 -73.86 65.71
N ASN T 145 -1.89 -74.56 65.06
CA ASN T 145 -2.63 -74.05 63.92
C ASN T 145 -3.83 -73.19 64.30
N SER T 146 -3.87 -72.66 65.52
CA SER T 146 -5.07 -71.95 65.97
C SER T 146 -5.34 -70.70 65.14
N ASP T 147 -4.31 -70.11 64.52
CA ASP T 147 -4.47 -68.86 63.79
C ASP T 147 -4.77 -69.02 62.31
N ILE T 148 -4.95 -70.26 61.83
CA ILE T 148 -5.12 -70.49 60.40
C ILE T 148 -6.46 -69.96 59.91
N VAL T 149 -7.46 -69.88 60.80
CA VAL T 149 -8.80 -69.51 60.36
C VAL T 149 -8.86 -68.04 59.96
N ASP T 150 -8.19 -67.17 60.72
CA ASP T 150 -8.16 -65.75 60.35
C ASP T 150 -7.41 -65.54 59.04
N LYS T 151 -6.38 -66.36 58.79
CA LYS T 151 -5.68 -66.33 57.51
C LYS T 151 -6.50 -67.00 56.41
N LEU T 152 -7.40 -67.91 56.77
CA LEU T 152 -8.19 -68.61 55.77
C LEU T 152 -9.28 -67.70 55.20
N VAL T 153 -10.13 -67.15 56.06
CA VAL T 153 -11.25 -66.34 55.61
C VAL T 153 -11.07 -64.90 56.06
N MET U 1 -51.62 26.74 -106.95
CA MET U 1 -50.92 25.72 -106.18
C MET U 1 -51.57 24.34 -106.39
N ASN U 2 -50.72 23.33 -106.58
CA ASN U 2 -51.17 21.98 -106.88
C ASN U 2 -51.41 21.19 -105.59
N LEU U 3 -52.54 20.47 -105.55
CA LEU U 3 -52.86 19.69 -104.35
C LEU U 3 -52.17 18.34 -104.34
N ASN U 4 -51.91 17.75 -105.50
CA ASN U 4 -51.11 16.53 -105.56
C ASN U 4 -49.74 16.78 -104.94
N ALA U 5 -49.16 17.95 -105.20
CA ALA U 5 -47.89 18.32 -104.60
C ALA U 5 -47.97 18.36 -103.08
N THR U 6 -49.07 18.91 -102.54
CA THR U 6 -49.22 18.98 -101.09
C THR U 6 -49.29 17.58 -100.49
N ILE U 7 -49.99 16.66 -101.15
CA ILE U 7 -50.05 15.28 -100.66
C ILE U 7 -48.66 14.65 -100.67
N LEU U 8 -47.88 14.90 -101.72
CA LEU U 8 -46.52 14.36 -101.78
C LEU U 8 -45.67 14.88 -100.64
N GLY U 9 -45.72 16.19 -100.38
CA GLY U 9 -44.97 16.77 -99.28
C GLY U 9 -45.38 16.22 -97.93
N GLN U 10 -46.69 16.08 -97.72
CA GLN U 10 -47.20 15.48 -96.49
C GLN U 10 -46.68 14.06 -96.32
N ALA U 11 -46.60 13.30 -97.42
CA ALA U 11 -46.08 11.94 -97.36
C ALA U 11 -44.63 11.92 -96.89
N ILE U 12 -43.80 12.80 -97.46
CA ILE U 12 -42.39 12.84 -97.03
C ILE U 12 -42.30 13.19 -95.55
N ALA U 13 -43.09 14.19 -95.12
CA ALA U 13 -43.05 14.61 -93.72
C ALA U 13 -43.45 13.47 -92.80
N PHE U 14 -44.51 12.75 -93.16
CA PHE U 14 -44.97 11.64 -92.32
C PHE U 14 -43.93 10.53 -92.24
N VAL U 15 -43.27 10.21 -93.35
CA VAL U 15 -42.25 9.16 -93.32
C VAL U 15 -41.12 9.55 -92.38
N LEU U 16 -40.65 10.80 -92.47
CA LEU U 16 -39.56 11.21 -91.59
C LEU U 16 -39.98 11.18 -90.13
N PHE U 17 -41.20 11.64 -89.83
CA PHE U 17 -41.70 11.57 -88.45
C PHE U 17 -41.73 10.13 -87.94
N VAL U 18 -42.26 9.21 -88.75
CA VAL U 18 -42.40 7.83 -88.29
C VAL U 18 -41.04 7.21 -88.02
N LEU U 19 -40.07 7.45 -88.91
CA LEU U 19 -38.73 6.91 -88.68
C LEU U 19 -38.10 7.49 -87.42
N PHE U 20 -38.26 8.80 -87.19
CA PHE U 20 -37.73 9.40 -85.98
C PHE U 20 -38.34 8.76 -84.74
N ALA U 21 -39.67 8.58 -84.75
CA ALA U 21 -40.34 7.97 -83.60
C ALA U 21 -39.88 6.54 -83.36
N MET U 22 -39.73 5.76 -84.44
CA MET U 22 -39.26 4.38 -84.29
C MET U 22 -37.83 4.32 -83.75
N LYS U 23 -37.01 5.34 -84.04
CA LYS U 23 -35.61 5.25 -83.59
C LYS U 23 -35.29 6.03 -82.31
N TYR U 24 -36.25 6.77 -81.73
CA TYR U 24 -35.99 7.37 -80.41
C TYR U 24 -37.01 7.09 -79.30
N VAL U 25 -38.21 6.60 -79.61
CA VAL U 25 -39.26 6.43 -78.59
C VAL U 25 -39.40 4.98 -78.17
N TRP U 26 -39.41 4.07 -79.14
CA TRP U 26 -39.65 2.64 -78.94
C TRP U 26 -38.48 1.88 -78.29
N PRO U 27 -37.21 2.24 -78.51
CA PRO U 27 -36.11 1.49 -77.87
C PRO U 27 -36.17 1.49 -76.35
N PRO U 28 -36.49 2.59 -75.67
CA PRO U 28 -36.54 2.54 -74.21
C PRO U 28 -37.90 2.21 -73.61
N LEU U 29 -38.89 1.86 -74.44
CA LEU U 29 -40.27 1.76 -73.98
C LEU U 29 -40.43 0.70 -72.89
N MET U 30 -39.81 -0.47 -73.06
CA MET U 30 -40.07 -1.64 -72.23
C MET U 30 -39.42 -1.56 -70.84
N ALA U 31 -38.94 -0.40 -70.42
CA ALA U 31 -38.25 -0.30 -69.13
C ALA U 31 -39.17 -0.65 -67.96
N ALA U 32 -40.42 -0.15 -67.98
CA ALA U 32 -41.34 -0.43 -66.89
C ALA U 32 -41.69 -1.91 -66.80
N ILE U 33 -41.84 -2.56 -67.96
CA ILE U 33 -42.10 -4.00 -67.99
C ILE U 33 -40.97 -4.75 -67.29
N GLU U 34 -39.73 -4.39 -67.64
CA GLU U 34 -38.56 -5.02 -67.03
C GLU U 34 -38.51 -4.77 -65.53
N LYS U 35 -38.82 -3.54 -65.11
CA LYS U 35 -38.82 -3.20 -63.69
C LYS U 35 -39.79 -4.09 -62.91
N ARG U 36 -41.04 -4.15 -63.37
CA ARG U 36 -42.03 -4.97 -62.69
C ARG U 36 -41.62 -6.43 -62.67
N GLN U 37 -41.14 -6.94 -63.82
CA GLN U 37 -40.75 -8.35 -63.92
C GLN U 37 -39.65 -8.68 -62.92
N LYS U 38 -38.59 -7.89 -62.89
CA LYS U 38 -37.45 -8.17 -62.03
C LYS U 38 -37.82 -8.05 -60.55
N GLU U 39 -38.54 -6.99 -60.19
CA GLU U 39 -38.95 -6.81 -58.80
C GLU U 39 -39.77 -8.01 -58.32
N ILE U 40 -40.79 -8.39 -59.11
CA ILE U 40 -41.66 -9.49 -58.75
C ILE U 40 -40.87 -10.79 -58.62
N ALA U 41 -39.98 -11.04 -59.58
CA ALA U 41 -39.23 -12.29 -59.60
C ALA U 41 -38.32 -12.42 -58.39
N ASP U 42 -37.57 -11.37 -58.07
CA ASP U 42 -36.67 -11.44 -56.92
C ASP U 42 -37.46 -11.62 -55.63
N GLY U 43 -38.57 -10.90 -55.46
CA GLY U 43 -39.38 -11.07 -54.26
C GLY U 43 -39.87 -12.49 -54.09
N LEU U 44 -40.40 -13.08 -55.17
CA LEU U 44 -40.97 -14.42 -55.06
C LEU U 44 -39.88 -15.47 -54.82
N ALA U 45 -38.73 -15.34 -55.47
CA ALA U 45 -37.64 -16.29 -55.24
C ALA U 45 -37.16 -16.24 -53.78
N SER U 46 -37.01 -15.03 -53.24
CA SER U 46 -36.58 -14.91 -51.85
C SER U 46 -37.62 -15.52 -50.92
N ALA U 47 -38.91 -15.34 -51.22
CA ALA U 47 -39.94 -15.96 -50.39
C ALA U 47 -39.88 -17.48 -50.45
N GLU U 48 -39.60 -18.04 -51.63
CA GLU U 48 -39.43 -19.48 -51.76
C GLU U 48 -38.33 -19.99 -50.84
N ARG U 49 -37.17 -19.34 -50.90
CA ARG U 49 -36.07 -19.70 -50.01
C ARG U 49 -36.48 -19.53 -48.54
N ALA U 50 -37.29 -18.52 -48.23
CA ALA U 50 -37.75 -18.32 -46.86
C ALA U 50 -38.57 -19.51 -46.38
N HIS U 51 -39.46 -20.03 -47.22
CA HIS U 51 -40.26 -21.19 -46.82
C HIS U 51 -39.38 -22.41 -46.53
N LYS U 52 -38.41 -22.69 -47.42
CA LYS U 52 -37.58 -23.87 -47.16
C LYS U 52 -36.73 -23.68 -45.90
N ASP U 53 -36.25 -22.46 -45.66
CA ASP U 53 -35.49 -22.18 -44.44
C ASP U 53 -36.35 -22.33 -43.18
N LEU U 54 -37.61 -21.92 -43.25
CA LEU U 54 -38.51 -22.10 -42.11
C LEU U 54 -38.71 -23.59 -41.82
N ASP U 55 -38.81 -24.40 -42.87
CA ASP U 55 -38.89 -25.85 -42.67
C ASP U 55 -37.65 -26.36 -41.92
N LEU U 56 -36.46 -25.89 -42.32
CA LEU U 56 -35.24 -26.28 -41.61
C LEU U 56 -35.29 -25.88 -40.14
N ALA U 57 -35.77 -24.66 -39.87
CA ALA U 57 -35.85 -24.18 -38.49
C ALA U 57 -36.73 -25.12 -37.65
N LYS U 58 -37.89 -25.49 -38.19
CA LYS U 58 -38.79 -26.37 -37.46
C LYS U 58 -38.15 -27.74 -37.22
N ALA U 59 -37.48 -28.29 -38.23
CA ALA U 59 -36.86 -29.61 -38.08
C ALA U 59 -35.79 -29.61 -36.98
N SER U 60 -34.88 -28.63 -37.04
CA SER U 60 -33.83 -28.57 -36.03
C SER U 60 -34.41 -28.33 -34.64
N ALA U 61 -35.47 -27.52 -34.56
CA ALA U 61 -36.10 -27.26 -33.26
C ALA U 61 -36.66 -28.55 -32.66
N THR U 62 -37.36 -29.34 -33.47
CA THR U 62 -37.91 -30.61 -32.95
C THR U 62 -36.79 -31.55 -32.52
N ASP U 63 -35.71 -31.62 -33.30
CA ASP U 63 -34.58 -32.46 -32.92
C ASP U 63 -34.01 -32.04 -31.57
N GLN U 64 -33.85 -30.72 -31.37
CA GLN U 64 -33.28 -30.23 -30.12
C GLN U 64 -34.20 -30.50 -28.93
N LEU U 65 -35.51 -30.33 -29.12
CA LEU U 65 -36.45 -30.60 -28.03
C LEU U 65 -36.39 -32.08 -27.62
N LYS U 66 -36.38 -32.98 -28.61
CA LYS U 66 -36.30 -34.41 -28.30
C LYS U 66 -34.98 -34.75 -27.62
N LYS U 67 -33.89 -34.13 -28.06
CA LYS U 67 -32.59 -34.35 -27.42
C LYS U 67 -32.62 -33.92 -25.96
N ALA U 68 -33.24 -32.77 -25.68
CA ALA U 68 -33.36 -32.32 -24.30
C ALA U 68 -34.17 -33.31 -23.47
N LYS U 69 -35.24 -33.86 -24.05
CA LYS U 69 -36.02 -34.86 -23.33
C LYS U 69 -35.18 -36.10 -22.99
N ALA U 70 -34.39 -36.57 -23.96
CA ALA U 70 -33.54 -37.75 -23.71
C ALA U 70 -32.50 -37.46 -22.64
N GLU U 71 -31.88 -36.28 -22.70
CA GLU U 71 -30.91 -35.90 -21.67
C GLU U 71 -31.57 -35.84 -20.29
N ALA U 72 -32.80 -35.33 -20.23
CA ALA U 72 -33.52 -35.30 -18.96
C ALA U 72 -33.74 -36.71 -18.43
N GLN U 73 -34.13 -37.63 -19.30
CA GLN U 73 -34.31 -39.02 -18.88
C GLN U 73 -33.03 -39.59 -18.29
N VAL U 74 -31.90 -39.39 -18.97
CA VAL U 74 -30.64 -39.95 -18.49
C VAL U 74 -30.23 -39.30 -17.17
N ILE U 75 -30.38 -37.98 -17.05
CA ILE U 75 -29.96 -37.28 -15.84
C ILE U 75 -30.78 -37.74 -14.64
N ILE U 76 -32.10 -37.86 -14.81
CA ILE U 76 -32.94 -38.29 -13.70
C ILE U 76 -32.69 -39.76 -13.38
N GLU U 77 -32.36 -40.57 -14.38
CA GLU U 77 -31.99 -41.96 -14.11
C GLU U 77 -30.74 -42.04 -13.25
N GLN U 78 -29.74 -41.20 -13.55
CA GLN U 78 -28.56 -41.17 -12.69
C GLN U 78 -28.89 -40.66 -11.30
N ALA U 79 -29.85 -39.74 -11.18
CA ALA U 79 -30.31 -39.32 -9.85
C ALA U 79 -30.88 -40.49 -9.07
N ASN U 80 -31.70 -41.32 -9.71
CA ASN U 80 -32.27 -42.48 -9.04
C ASN U 80 -31.18 -43.49 -8.67
N LYS U 81 -30.20 -43.68 -9.55
CA LYS U 81 -29.07 -44.55 -9.25
C LYS U 81 -28.33 -44.06 -8.02
N ARG U 82 -28.09 -42.75 -7.94
CA ARG U 82 -27.44 -42.16 -6.78
C ARG U 82 -28.25 -42.38 -5.51
N ARG U 83 -29.58 -42.24 -5.60
CA ARG U 83 -30.42 -42.45 -4.44
C ARG U 83 -30.32 -43.89 -3.93
N SER U 84 -30.40 -44.85 -4.84
CA SER U 84 -30.29 -46.26 -4.43
C SER U 84 -28.92 -46.54 -3.81
N GLN U 85 -27.87 -46.02 -4.43
CA GLN U 85 -26.52 -46.16 -3.90
C GLN U 85 -26.43 -45.63 -2.47
N ILE U 86 -26.94 -44.42 -2.25
CA ILE U 86 -26.85 -43.79 -0.93
C ILE U 86 -27.63 -44.61 0.09
N LEU U 87 -28.85 -45.02 -0.26
CA LEU U 87 -29.68 -45.73 0.71
C LEU U 87 -29.04 -47.06 1.14
N ASP U 88 -28.65 -47.88 0.17
CA ASP U 88 -28.12 -49.18 0.54
C ASP U 88 -26.73 -49.09 1.18
N GLU U 89 -25.91 -48.13 0.75
CA GLU U 89 -24.62 -47.95 1.42
C GLU U 89 -24.82 -47.49 2.85
N ALA U 90 -25.81 -46.63 3.11
CA ALA U 90 -26.08 -46.19 4.47
C ALA U 90 -26.52 -47.37 5.34
N LYS U 91 -27.36 -48.25 4.79
CA LYS U 91 -27.77 -49.43 5.54
C LYS U 91 -26.57 -50.30 5.91
N ALA U 92 -25.71 -50.59 4.93
CA ALA U 92 -24.55 -51.43 5.17
C ALA U 92 -23.60 -50.79 6.19
N GLU U 93 -23.37 -49.48 6.06
CA GLU U 93 -22.49 -48.77 6.98
C GLU U 93 -23.03 -48.82 8.41
N ALA U 94 -24.35 -48.64 8.55
CA ALA U 94 -24.98 -48.71 9.86
C ALA U 94 -24.75 -50.07 10.51
N GLU U 95 -24.99 -51.15 9.75
CA GLU U 95 -24.78 -52.48 10.31
C GLU U 95 -23.31 -52.71 10.68
N GLN U 96 -22.39 -52.23 9.84
CA GLN U 96 -20.96 -52.41 10.11
C GLN U 96 -20.58 -51.75 11.43
N GLU U 97 -21.02 -50.50 11.64
CA GLU U 97 -20.68 -49.78 12.86
C GLU U 97 -21.34 -50.42 14.09
N ARG U 98 -22.58 -50.90 13.94
CA ARG U 98 -23.27 -51.57 15.05
C ARG U 98 -22.54 -52.84 15.49
N THR U 99 -22.15 -53.67 14.52
CA THR U 99 -21.42 -54.89 14.84
C THR U 99 -20.10 -54.57 15.52
N LYS U 100 -19.42 -53.52 15.04
CA LYS U 100 -18.19 -53.11 15.72
C LYS U 100 -18.45 -52.72 17.18
N ILE U 101 -19.56 -52.03 17.44
CA ILE U 101 -19.85 -51.60 18.81
C ILE U 101 -20.07 -52.80 19.72
N VAL U 102 -20.82 -53.80 19.26
CA VAL U 102 -21.04 -54.96 20.14
C VAL U 102 -19.75 -55.76 20.33
N ALA U 103 -18.92 -55.84 19.29
CA ALA U 103 -17.62 -56.49 19.46
C ALA U 103 -16.78 -55.76 20.51
N GLN U 104 -16.80 -54.43 20.48
CA GLN U 104 -16.09 -53.65 21.49
C GLN U 104 -16.66 -53.90 22.89
N ALA U 105 -17.98 -54.03 23.00
CA ALA U 105 -18.59 -54.33 24.30
C ALA U 105 -18.06 -55.65 24.86
N GLN U 106 -18.04 -56.71 24.04
CA GLN U 106 -17.54 -57.99 24.55
C GLN U 106 -16.04 -57.91 24.87
N ALA U 107 -15.28 -57.16 24.08
CA ALA U 107 -13.87 -56.98 24.41
C ALA U 107 -13.71 -56.30 25.77
N GLU U 108 -14.50 -55.26 26.04
CA GLU U 108 -14.42 -54.57 27.32
C GLU U 108 -14.77 -55.51 28.47
N ILE U 109 -15.81 -56.35 28.29
CA ILE U 109 -16.18 -57.28 29.34
C ILE U 109 -15.07 -58.30 29.59
N GLU U 110 -14.44 -58.80 28.52
CA GLU U 110 -13.35 -59.76 28.68
C GLU U 110 -12.18 -59.12 29.43
N ALA U 111 -11.84 -57.88 29.08
CA ALA U 111 -10.76 -57.20 29.78
C ALA U 111 -11.11 -57.01 31.26
N GLU U 112 -12.36 -56.68 31.57
CA GLU U 112 -12.77 -56.54 32.96
C GLU U 112 -12.64 -57.87 33.71
N ARG U 113 -13.05 -58.97 33.06
CA ARG U 113 -12.89 -60.29 33.67
C ARG U 113 -11.43 -60.58 33.99
N LYS U 114 -10.55 -60.33 33.01
CA LYS U 114 -9.12 -60.57 33.23
C LYS U 114 -8.58 -59.74 34.39
N ARG U 115 -8.92 -58.44 34.40
CA ARG U 115 -8.47 -57.54 35.45
C ARG U 115 -8.92 -58.00 36.82
N ALA U 116 -10.21 -58.31 36.97
CA ALA U 116 -10.74 -58.71 38.26
C ALA U 116 -10.14 -60.04 38.72
N ARG U 117 -9.95 -60.97 37.80
CA ARG U 117 -9.34 -62.24 38.17
C ARG U 117 -7.92 -62.03 38.67
N GLU U 118 -7.15 -61.15 38.02
CA GLU U 118 -5.81 -60.84 38.52
C GLU U 118 -5.85 -60.15 39.88
N GLU U 119 -6.81 -59.23 40.07
CA GLU U 119 -6.94 -58.52 41.34
C GLU U 119 -7.18 -59.49 42.49
N LEU U 120 -8.15 -60.39 42.32
CA LEU U 120 -8.44 -61.36 43.37
C LEU U 120 -7.30 -62.34 43.57
N ARG U 121 -6.62 -62.73 42.48
CA ARG U 121 -5.45 -63.59 42.61
C ARG U 121 -4.39 -62.94 43.49
N LYS U 122 -4.14 -61.64 43.29
CA LYS U 122 -3.15 -60.95 44.10
C LYS U 122 -3.59 -60.84 45.57
N GLN U 123 -4.88 -60.60 45.82
CA GLN U 123 -5.34 -60.56 47.21
C GLN U 123 -5.06 -61.90 47.91
N VAL U 124 -5.45 -63.01 47.30
CA VAL U 124 -5.25 -64.32 47.92
C VAL U 124 -3.79 -64.67 48.00
N ALA U 125 -2.97 -64.18 47.07
CA ALA U 125 -1.54 -64.37 47.18
C ALA U 125 -0.98 -63.66 48.41
N ILE U 126 -1.45 -62.44 48.67
CA ILE U 126 -1.07 -61.73 49.89
C ILE U 126 -1.39 -62.60 51.11
N LEU U 127 -2.62 -63.13 51.16
CA LEU U 127 -3.02 -63.95 52.30
C LEU U 127 -2.11 -65.15 52.46
N ALA U 128 -1.84 -65.87 51.36
CA ALA U 128 -1.04 -67.08 51.42
C ALA U 128 0.36 -66.80 51.94
N VAL U 129 1.01 -65.74 51.43
CA VAL U 129 2.39 -65.50 51.84
C VAL U 129 2.45 -65.05 53.31
N ALA U 130 1.44 -64.28 53.77
CA ALA U 130 1.42 -63.92 55.18
C ALA U 130 1.28 -65.15 56.07
N GLY U 131 0.40 -66.07 55.67
CA GLY U 131 0.29 -67.33 56.41
C GLY U 131 1.60 -68.10 56.44
N ALA U 132 2.33 -68.10 55.32
CA ALA U 132 3.63 -68.76 55.28
C ALA U 132 4.62 -68.12 56.25
N GLU U 133 4.60 -66.79 56.35
CA GLU U 133 5.48 -66.11 57.30
C GLU U 133 5.18 -66.56 58.74
N LYS U 134 3.90 -66.58 59.11
CA LYS U 134 3.56 -67.02 60.46
C LYS U 134 3.94 -68.49 60.68
N ILE U 135 3.81 -69.32 59.65
CA ILE U 135 4.22 -70.72 59.76
C ILE U 135 5.71 -70.82 60.05
N ILE U 136 6.52 -70.03 59.33
CA ILE U 136 7.96 -70.02 59.60
C ILE U 136 8.22 -69.66 61.04
N GLU U 137 7.53 -68.63 61.54
CA GLU U 137 7.71 -68.24 62.94
C GLU U 137 7.35 -69.40 63.88
N ARG U 138 6.32 -70.16 63.55
CA ARG U 138 5.86 -71.26 64.38
C ARG U 138 6.67 -72.54 64.21
N SER U 139 7.67 -72.58 63.33
CA SER U 139 8.38 -73.81 63.02
C SER U 139 9.91 -73.72 63.01
N VAL U 140 10.49 -72.52 62.85
CA VAL U 140 11.94 -72.42 62.68
C VAL U 140 12.64 -72.60 64.02
N ASP U 141 13.86 -73.14 63.97
CA ASP U 141 14.66 -73.35 65.18
C ASP U 141 16.14 -73.39 64.80
N GLU U 142 16.99 -73.65 65.81
CA GLU U 142 18.43 -73.59 65.59
C GLU U 142 18.91 -74.68 64.63
N ALA U 143 18.33 -75.88 64.71
CA ALA U 143 18.75 -76.94 63.80
C ALA U 143 18.43 -76.58 62.35
N ALA U 144 17.24 -76.03 62.12
CA ALA U 144 16.89 -75.55 60.79
C ALA U 144 17.78 -74.40 60.37
N ASN U 145 18.12 -73.51 61.33
CA ASN U 145 19.01 -72.39 61.01
C ASN U 145 20.37 -72.90 60.55
N SER U 146 20.91 -73.90 61.23
CA SER U 146 22.21 -74.45 60.84
C SER U 146 22.13 -75.20 59.51
N ASP U 147 21.03 -75.91 59.26
CA ASP U 147 20.83 -76.56 57.96
C ASP U 147 20.85 -75.53 56.85
N ILE U 148 20.12 -74.42 57.04
CA ILE U 148 20.09 -73.37 56.03
C ILE U 148 21.48 -72.76 55.84
N VAL U 149 22.18 -72.53 56.95
CA VAL U 149 23.53 -71.96 56.86
C VAL U 149 24.45 -72.87 56.06
N ASP U 150 24.39 -74.19 56.33
CA ASP U 150 25.26 -75.12 55.63
C ASP U 150 24.88 -75.26 54.16
N LYS U 151 23.62 -75.03 53.80
CA LYS U 151 23.31 -74.94 52.38
C LYS U 151 23.80 -73.62 51.78
N LEU U 152 23.90 -72.56 52.59
CA LEU U 152 24.32 -71.25 52.07
C LEU U 152 25.84 -71.16 51.90
N VAL U 153 26.60 -71.52 52.95
CA VAL U 153 28.02 -71.20 53.04
C VAL U 153 28.86 -72.03 52.07
N ALA U 154 28.21 -72.92 51.31
CA ALA U 154 28.91 -73.60 50.24
C ALA U 154 29.36 -72.63 49.15
N GLU U 155 28.70 -71.48 49.05
CA GLU U 155 29.03 -70.46 48.07
C GLU U 155 29.04 -69.07 48.71
N GLU V 1 -58.75 23.54 -111.41
CA GLU V 1 -58.14 23.33 -110.11
C GLU V 1 -57.76 24.67 -109.49
N ASN V 2 -58.57 25.13 -108.54
CA ASN V 2 -58.47 26.47 -107.96
C ASN V 2 -57.89 26.42 -106.55
N MET V 3 -56.90 25.57 -106.31
CA MET V 3 -56.35 25.43 -104.97
C MET V 3 -55.37 26.55 -104.64
N THR V 4 -55.57 27.16 -103.48
CA THR V 4 -54.76 28.23 -102.92
C THR V 4 -54.62 27.95 -101.43
N PRO V 5 -53.66 28.59 -100.75
CA PRO V 5 -53.52 28.35 -99.31
C PRO V 5 -54.79 28.66 -98.51
N GLN V 6 -55.45 29.79 -98.78
CA GLN V 6 -56.64 30.15 -98.02
C GLN V 6 -57.81 29.23 -98.34
N ASP V 7 -57.98 28.86 -99.62
CA ASP V 7 -59.01 27.90 -99.98
C ASP V 7 -58.77 26.55 -99.31
N TYR V 8 -57.52 26.10 -99.30
CA TYR V 8 -57.16 24.84 -98.68
C TYR V 8 -57.47 24.86 -97.18
N ILE V 9 -57.11 25.96 -96.51
CA ILE V 9 -57.43 26.13 -95.10
C ILE V 9 -58.94 26.10 -94.89
N GLY V 10 -59.68 26.76 -95.79
CA GLY V 10 -61.14 26.76 -95.69
C GLY V 10 -61.72 25.37 -95.76
N HIS V 11 -61.24 24.56 -96.72
CA HIS V 11 -61.69 23.16 -96.77
C HIS V 11 -61.38 22.42 -95.48
N HIS V 12 -60.17 22.63 -94.92
CA HIS V 12 -59.80 21.83 -93.76
C HIS V 12 -60.42 22.30 -92.45
N LEU V 13 -60.96 23.52 -92.38
CA LEU V 13 -61.58 24.01 -91.15
C LEU V 13 -63.09 23.68 -91.05
N ASN V 14 -63.58 22.70 -91.82
CA ASN V 14 -65.01 22.44 -91.89
C ASN V 14 -65.33 21.01 -91.47
N ASN V 15 -66.36 20.87 -90.65
CA ASN V 15 -66.87 19.59 -90.20
C ASN V 15 -67.87 19.03 -91.21
N LEU V 16 -68.18 17.74 -91.05
CA LEU V 16 -69.20 17.09 -91.88
C LEU V 16 -70.55 17.27 -91.19
N GLN V 17 -71.11 18.46 -91.38
CA GLN V 17 -72.35 18.85 -90.71
C GLN V 17 -73.54 18.25 -91.42
N LEU V 18 -74.44 17.62 -90.66
CA LEU V 18 -75.67 17.06 -91.20
C LEU V 18 -76.87 17.67 -90.46
N ASP V 19 -77.72 18.37 -91.20
CA ASP V 19 -78.85 19.08 -90.60
C ASP V 19 -80.00 18.10 -90.37
N LEU V 20 -80.39 17.92 -89.11
CA LEU V 20 -81.43 16.95 -88.76
C LEU V 20 -82.85 17.50 -88.91
N ARG V 21 -83.03 18.73 -89.36
CA ARG V 21 -84.38 19.21 -89.60
C ARG V 21 -84.96 18.60 -90.88
N THR V 22 -84.10 18.37 -91.88
CA THR V 22 -84.46 17.61 -93.08
C THR V 22 -83.59 16.39 -93.29
N PHE V 23 -82.62 16.12 -92.41
CA PHE V 23 -81.64 15.05 -92.56
C PHE V 23 -80.95 15.13 -93.93
N ALA V 24 -80.24 16.24 -94.11
CA ALA V 24 -79.50 16.52 -95.33
C ALA V 24 -78.10 17.01 -94.99
N SER V 25 -77.18 16.83 -95.95
CA SER V 25 -75.80 17.22 -95.76
C SER V 25 -75.62 18.71 -96.00
N LEU V 26 -74.92 19.37 -95.09
CA LEU V 26 -74.68 20.81 -95.15
C LEU V 26 -73.35 21.06 -95.83
N VAL V 27 -73.38 21.58 -97.07
CA VAL V 27 -72.15 21.91 -97.76
C VAL V 27 -71.46 23.08 -97.04
N ASP V 28 -70.14 23.16 -97.21
CA ASP V 28 -69.35 24.15 -96.48
C ASP V 28 -69.87 25.59 -96.59
N PRO V 29 -70.25 26.11 -97.76
CA PRO V 29 -70.80 27.47 -97.82
C PRO V 29 -72.23 27.61 -97.33
N GLN V 30 -72.75 26.65 -96.56
CA GLN V 30 -74.17 26.61 -96.21
C GLN V 30 -74.28 26.20 -94.75
N ASN V 31 -74.34 27.19 -93.87
CA ASN V 31 -74.32 26.94 -92.42
C ASN V 31 -75.55 27.53 -91.75
N PRO V 32 -76.45 26.71 -91.20
CA PRO V 32 -77.71 27.21 -90.67
C PRO V 32 -77.58 27.59 -89.21
N PRO V 33 -78.57 28.31 -88.67
CA PRO V 33 -78.56 28.65 -87.24
C PRO V 33 -79.18 27.61 -86.32
N ALA V 34 -79.70 26.51 -86.85
CA ALA V 34 -80.44 25.56 -86.04
C ALA V 34 -79.51 24.74 -85.16
N TYR V 35 -80.10 24.17 -84.11
CA TYR V 35 -79.35 23.42 -83.10
C TYR V 35 -79.11 21.96 -83.50
N TRP V 36 -80.16 21.29 -84.02
CA TRP V 36 -80.11 19.86 -84.36
C TRP V 36 -79.49 19.68 -85.76
N THR V 37 -78.17 19.91 -85.83
CA THR V 37 -77.39 19.75 -87.06
C THR V 37 -76.09 18.98 -86.78
N ILE V 38 -76.22 17.81 -86.16
CA ILE V 38 -75.09 17.04 -85.64
C ILE V 38 -74.00 16.84 -86.70
N ASN V 39 -72.76 17.02 -86.27
CA ASN V 39 -71.58 16.81 -87.11
C ASN V 39 -71.24 15.32 -87.15
N ILE V 40 -71.11 14.76 -88.35
CA ILE V 40 -70.87 13.33 -88.46
C ILE V 40 -69.41 12.99 -88.16
N ASP V 41 -68.48 13.68 -88.81
CA ASP V 41 -67.11 13.18 -88.91
C ASP V 41 -66.40 13.10 -87.54
N SER V 42 -66.19 14.24 -86.90
CA SER V 42 -65.42 14.23 -85.66
C SER V 42 -66.16 13.52 -84.53
N PHE V 43 -67.49 13.60 -84.53
CA PHE V 43 -68.30 12.86 -83.57
C PHE V 43 -68.15 11.36 -83.78
N MET V 44 -68.16 10.91 -85.04
CA MET V 44 -67.94 9.49 -85.31
C MET V 44 -66.55 9.06 -84.88
N PHE V 45 -65.54 9.85 -85.21
CA PHE V 45 -64.19 9.58 -84.73
C PHE V 45 -64.15 9.46 -83.22
N SER V 46 -64.83 10.38 -82.52
CA SER V 46 -64.81 10.42 -81.07
C SER V 46 -65.37 9.14 -80.48
N VAL V 47 -66.58 8.76 -80.90
CA VAL V 47 -67.22 7.57 -80.32
C VAL V 47 -66.48 6.30 -80.73
N VAL V 48 -65.91 6.29 -81.95
CA VAL V 48 -65.15 5.12 -82.38
C VAL V 48 -63.91 4.94 -81.51
N LEU V 49 -63.22 6.04 -81.19
CA LEU V 49 -62.02 5.92 -80.36
C LEU V 49 -62.37 5.56 -78.93
N GLY V 50 -63.47 6.10 -78.40
CA GLY V 50 -63.92 5.66 -77.09
C GLY V 50 -64.24 4.18 -77.07
N LEU V 51 -64.90 3.69 -78.13
CA LEU V 51 -65.17 2.26 -78.24
C LEU V 51 -63.87 1.48 -78.36
N LEU V 52 -62.86 2.02 -79.04
CA LEU V 52 -61.57 1.34 -79.12
C LEU V 52 -60.94 1.19 -77.74
N PHE V 53 -60.98 2.26 -76.95
CA PHE V 53 -60.54 2.20 -75.56
C PHE V 53 -61.25 1.07 -74.83
N LEU V 54 -62.58 1.07 -74.88
CA LEU V 54 -63.34 0.05 -74.16
C LEU V 54 -63.09 -1.36 -74.70
N VAL V 55 -62.92 -1.50 -76.01
CA VAL V 55 -62.74 -2.83 -76.61
C VAL V 55 -61.40 -3.42 -76.22
N LEU V 56 -60.32 -2.64 -76.32
CA LEU V 56 -59.01 -3.16 -75.90
C LEU V 56 -59.01 -3.49 -74.41
N PHE V 57 -59.54 -2.57 -73.59
CA PHE V 57 -59.55 -2.80 -72.16
C PHE V 57 -60.45 -3.96 -71.76
N ARG V 58 -61.50 -4.25 -72.55
CA ARG V 58 -62.34 -5.41 -72.26
C ARG V 58 -61.71 -6.70 -72.75
N SER V 59 -61.04 -6.67 -73.91
CA SER V 59 -60.35 -7.85 -74.41
C SER V 59 -59.18 -8.24 -73.52
N VAL V 60 -58.69 -7.34 -72.68
CA VAL V 60 -57.73 -7.73 -71.65
C VAL V 60 -58.39 -7.99 -70.29
N ALA V 61 -59.40 -7.20 -69.93
CA ALA V 61 -60.04 -7.34 -68.62
C ALA V 61 -60.81 -8.65 -68.50
N LYS V 62 -61.28 -9.20 -69.61
CA LYS V 62 -61.99 -10.46 -69.61
C LYS V 62 -61.05 -11.66 -69.46
N LYS V 63 -59.74 -11.43 -69.45
CA LYS V 63 -58.75 -12.50 -69.38
C LYS V 63 -57.62 -12.27 -68.38
N ALA V 64 -57.39 -11.03 -67.94
CA ALA V 64 -56.17 -10.65 -67.24
C ALA V 64 -55.79 -11.64 -66.14
N THR V 65 -54.53 -12.08 -66.17
CA THR V 65 -54.01 -13.12 -65.29
C THR V 65 -53.04 -12.53 -64.28
N SER V 66 -52.94 -13.19 -63.13
CA SER V 66 -52.14 -12.70 -62.02
C SER V 66 -50.72 -13.25 -61.99
N GLY V 67 -50.33 -14.06 -62.97
CA GLY V 67 -48.96 -14.49 -63.12
C GLY V 67 -48.11 -13.38 -63.69
N VAL V 68 -47.03 -13.76 -64.37
CA VAL V 68 -46.26 -12.78 -65.12
C VAL V 68 -47.10 -12.40 -66.33
N PRO V 69 -47.51 -11.13 -66.46
CA PRO V 69 -48.45 -10.77 -67.51
C PRO V 69 -47.81 -10.81 -68.90
N GLY V 70 -48.65 -10.94 -69.91
CA GLY V 70 -48.20 -10.86 -71.28
C GLY V 70 -47.75 -9.46 -71.64
N LYS V 71 -47.13 -9.35 -72.81
CA LYS V 71 -46.57 -8.06 -73.22
C LYS V 71 -47.65 -7.05 -73.60
N PHE V 72 -48.85 -7.49 -73.95
CA PHE V 72 -49.95 -6.58 -74.19
C PHE V 72 -50.71 -6.24 -72.91
N GLN V 73 -50.97 -7.24 -72.07
CA GLN V 73 -51.65 -7.00 -70.81
C GLN V 73 -50.86 -6.04 -69.93
N THR V 74 -49.53 -6.09 -70.03
CA THR V 74 -48.69 -5.27 -69.17
C THR V 74 -48.88 -3.78 -69.46
N ALA V 75 -49.02 -3.41 -70.73
CA ALA V 75 -49.25 -2.00 -71.07
C ALA V 75 -50.54 -1.49 -70.48
N ILE V 76 -51.60 -2.30 -70.57
CA ILE V 76 -52.89 -1.87 -70.02
C ILE V 76 -52.84 -1.80 -68.50
N GLU V 77 -52.12 -2.73 -67.84
CA GLU V 77 -52.04 -2.59 -66.40
C GLU V 77 -51.14 -1.41 -66.01
N LEU V 78 -50.20 -1.03 -66.88
CA LEU V 78 -49.40 0.18 -66.61
C LEU V 78 -50.27 1.43 -66.65
N VAL V 79 -51.15 1.54 -67.65
CA VAL V 79 -52.03 2.71 -67.69
C VAL V 79 -53.03 2.66 -66.53
N ILE V 80 -53.51 1.46 -66.19
CA ILE V 80 -54.38 1.31 -65.02
C ILE V 80 -53.69 1.78 -63.76
N GLY V 81 -52.44 1.38 -63.57
CA GLY V 81 -51.70 1.81 -62.39
C GLY V 81 -51.41 3.28 -62.39
N PHE V 82 -51.15 3.86 -63.56
CA PHE V 82 -50.91 5.30 -63.66
C PHE V 82 -52.15 6.08 -63.23
N VAL V 83 -53.32 5.69 -63.74
CA VAL V 83 -54.56 6.35 -63.35
C VAL V 83 -54.87 6.12 -61.88
N ASN V 84 -54.68 4.88 -61.40
CA ASN V 84 -54.95 4.57 -60.00
C ASN V 84 -54.06 5.37 -59.07
N GLY V 85 -52.78 5.48 -59.39
CA GLY V 85 -51.88 6.28 -58.57
C GLY V 85 -52.23 7.75 -58.58
N SER V 86 -52.58 8.28 -59.75
CA SER V 86 -52.97 9.69 -59.82
C SER V 86 -54.22 9.97 -59.00
N VAL V 87 -55.23 9.09 -59.08
CA VAL V 87 -56.43 9.27 -58.29
C VAL V 87 -56.12 9.14 -56.80
N LYS V 88 -55.37 8.09 -56.44
CA LYS V 88 -55.04 7.82 -55.04
C LYS V 88 -54.21 8.93 -54.42
N ASP V 89 -53.47 9.68 -55.23
CA ASP V 89 -52.78 10.87 -54.72
C ASP V 89 -53.76 11.96 -54.33
N MET V 90 -54.88 12.06 -55.04
CA MET V 90 -55.76 13.22 -54.95
C MET V 90 -57.14 12.89 -54.42
N TYR V 91 -57.32 11.74 -53.77
CA TYR V 91 -58.66 11.40 -53.33
C TYR V 91 -58.60 10.42 -52.17
N HIS V 92 -59.46 10.64 -51.17
CA HIS V 92 -59.49 9.83 -49.95
C HIS V 92 -60.85 9.21 -49.67
N GLY V 93 -61.91 9.65 -50.37
CA GLY V 93 -63.21 9.06 -50.22
C GLY V 93 -63.28 7.64 -50.77
N LYS V 94 -64.42 6.98 -50.52
CA LYS V 94 -64.60 5.58 -50.87
C LYS V 94 -65.38 5.38 -52.16
N SER V 95 -65.87 6.43 -52.79
CA SER V 95 -66.65 6.26 -54.00
C SER V 95 -65.79 5.74 -55.14
N LYS V 96 -66.26 4.69 -55.80
CA LYS V 96 -65.53 4.04 -56.87
C LYS V 96 -65.66 4.75 -58.20
N LEU V 97 -66.45 5.83 -58.26
CA LEU V 97 -66.74 6.50 -59.54
C LEU V 97 -65.54 7.27 -60.08
N ILE V 98 -64.74 7.87 -59.18
CA ILE V 98 -63.65 8.75 -59.57
C ILE V 98 -62.70 8.04 -60.53
N ALA V 99 -62.38 6.78 -60.23
CA ALA V 99 -61.32 6.09 -60.98
C ALA V 99 -61.72 5.79 -62.42
N PRO V 100 -62.84 5.11 -62.69
CA PRO V 100 -63.24 4.93 -64.09
C PRO V 100 -63.50 6.26 -64.79
N LEU V 101 -64.04 7.26 -64.08
CA LEU V 101 -64.17 8.57 -64.71
C LEU V 101 -62.84 9.09 -65.25
N ALA V 102 -61.81 9.08 -64.38
CA ALA V 102 -60.49 9.55 -64.79
C ALA V 102 -59.90 8.69 -65.91
N LEU V 103 -60.08 7.37 -65.83
CA LEU V 103 -59.50 6.48 -66.84
C LEU V 103 -60.08 6.76 -68.22
N THR V 104 -61.42 6.84 -68.30
CA THR V 104 -62.07 7.16 -69.58
C THR V 104 -61.59 8.52 -70.09
N ILE V 105 -61.55 9.52 -69.21
CA ILE V 105 -61.11 10.85 -69.66
C ILE V 105 -59.71 10.77 -70.27
N PHE V 106 -58.78 10.17 -69.52
CA PHE V 106 -57.40 10.09 -69.98
C PHE V 106 -57.30 9.42 -71.35
N VAL V 107 -57.78 8.18 -71.45
CA VAL V 107 -57.53 7.43 -72.68
C VAL V 107 -58.32 8.00 -73.86
N TRP V 108 -59.57 8.39 -73.64
CA TRP V 108 -60.39 8.92 -74.72
C TRP V 108 -59.79 10.22 -75.27
N VAL V 109 -59.43 11.14 -74.38
CA VAL V 109 -58.79 12.39 -74.82
C VAL V 109 -57.48 12.09 -75.53
N PHE V 110 -56.69 11.15 -74.99
CA PHE V 110 -55.41 10.79 -75.62
C PHE V 110 -55.61 10.32 -77.05
N LEU V 111 -56.54 9.39 -77.26
CA LEU V 111 -56.75 8.86 -78.61
C LEU V 111 -57.23 9.94 -79.56
N MET V 112 -58.16 10.77 -79.10
CA MET V 112 -58.66 11.85 -79.96
C MET V 112 -57.55 12.83 -80.31
N ASN V 113 -56.64 13.10 -79.37
CA ASN V 113 -55.45 13.91 -79.70
C ASN V 113 -54.56 13.18 -80.68
N LEU V 114 -54.38 11.87 -80.49
CA LEU V 114 -53.48 11.08 -81.31
C LEU V 114 -53.88 11.13 -82.78
N MET V 115 -55.17 11.31 -83.04
CA MET V 115 -55.60 11.50 -84.42
C MET V 115 -54.90 12.68 -85.10
N ASP V 116 -54.48 13.69 -84.33
CA ASP V 116 -53.85 14.88 -84.89
C ASP V 116 -52.50 14.62 -85.55
N LEU V 117 -51.89 13.45 -85.30
CA LEU V 117 -50.59 13.13 -85.87
C LEU V 117 -50.66 12.71 -87.34
N LEU V 118 -51.85 12.39 -87.84
CA LEU V 118 -52.00 11.86 -89.18
C LEU V 118 -51.75 12.93 -90.24
N PRO V 119 -51.39 12.52 -91.45
CA PRO V 119 -51.32 13.49 -92.56
C PRO V 119 -52.67 14.15 -92.78
N ILE V 120 -52.64 15.47 -92.97
CA ILE V 120 -53.86 16.27 -92.91
C ILE V 120 -54.83 15.93 -94.04
N ASP V 121 -54.33 15.50 -95.20
CA ASP V 121 -55.19 15.25 -96.35
C ASP V 121 -55.53 13.78 -96.58
N LEU V 122 -55.02 12.86 -95.78
CA LEU V 122 -55.22 11.44 -96.08
C LEU V 122 -56.69 11.04 -96.02
N LEU V 123 -57.26 11.04 -94.82
CA LEU V 123 -58.65 10.66 -94.60
C LEU V 123 -59.62 11.64 -95.25
N PRO V 124 -59.40 12.96 -95.18
CA PRO V 124 -60.29 13.86 -95.94
C PRO V 124 -60.28 13.61 -97.44
N TYR V 125 -59.13 13.30 -98.03
CA TYR V 125 -59.11 12.92 -99.45
C TYR V 125 -59.95 11.68 -99.70
N ILE V 126 -59.72 10.63 -98.90
CA ILE V 126 -60.47 9.39 -99.11
C ILE V 126 -61.97 9.63 -98.91
N ALA V 127 -62.33 10.51 -97.99
CA ALA V 127 -63.73 10.86 -97.80
C ALA V 127 -64.31 11.56 -99.03
N GLU V 128 -63.55 12.49 -99.61
CA GLU V 128 -64.09 13.27 -100.73
C GLU V 128 -64.19 12.43 -102.00
N HIS V 129 -63.13 11.72 -102.37
CA HIS V 129 -63.12 11.04 -103.66
C HIS V 129 -63.67 9.61 -103.62
N VAL V 130 -63.24 8.80 -102.64
CA VAL V 130 -63.73 7.43 -102.59
C VAL V 130 -65.21 7.40 -102.23
N LEU V 131 -65.61 8.10 -101.16
CA LEU V 131 -66.99 8.06 -100.73
C LEU V 131 -67.84 9.12 -101.45
N GLY V 132 -67.38 10.36 -101.46
CA GLY V 132 -68.13 11.46 -102.01
C GLY V 132 -68.58 12.50 -101.01
N LEU V 133 -68.12 12.42 -99.76
CA LEU V 133 -68.53 13.36 -98.74
C LEU V 133 -67.94 14.74 -99.01
N PRO V 134 -68.67 15.80 -98.65
CA PRO V 134 -68.16 17.15 -98.92
C PRO V 134 -66.96 17.56 -98.09
N ALA V 135 -66.81 17.07 -96.86
CA ALA V 135 -65.69 17.53 -96.02
C ALA V 135 -65.42 16.52 -94.91
N LEU V 136 -64.25 16.66 -94.30
CA LEU V 136 -63.85 15.81 -93.19
C LEU V 136 -62.68 16.46 -92.44
N ARG V 137 -62.63 16.20 -91.14
CA ARG V 137 -61.48 16.57 -90.32
C ARG V 137 -61.36 15.57 -89.18
N VAL V 138 -60.12 15.34 -88.71
CA VAL V 138 -59.79 14.08 -88.06
C VAL V 138 -59.62 14.21 -86.55
N VAL V 139 -59.66 15.41 -85.98
CA VAL V 139 -59.33 15.52 -84.56
C VAL V 139 -60.57 15.86 -83.76
N PRO V 140 -61.17 14.89 -83.05
CA PRO V 140 -62.34 15.20 -82.22
C PRO V 140 -62.04 16.13 -81.06
N SER V 141 -60.90 15.96 -80.40
CA SER V 141 -60.59 16.78 -79.24
C SER V 141 -60.29 18.22 -79.63
N ALA V 142 -60.21 18.51 -80.92
CA ALA V 142 -60.10 19.88 -81.42
C ALA V 142 -61.46 20.52 -81.63
N ASP V 143 -62.47 20.07 -80.89
CA ASP V 143 -63.81 20.60 -81.01
C ASP V 143 -64.28 21.12 -79.66
N VAL V 144 -65.01 22.24 -79.70
CA VAL V 144 -65.70 22.73 -78.51
C VAL V 144 -66.75 21.71 -78.06
N ASN V 145 -67.38 21.02 -79.02
CA ASN V 145 -68.38 20.02 -78.66
C ASN V 145 -67.78 18.96 -77.74
N VAL V 146 -66.68 18.32 -78.17
CA VAL V 146 -66.09 17.26 -77.37
C VAL V 146 -65.61 17.80 -76.02
N THR V 147 -64.81 18.86 -76.07
CA THR V 147 -64.12 19.32 -74.86
C THR V 147 -65.12 19.85 -73.84
N LEU V 148 -66.03 20.74 -74.28
CA LEU V 148 -67.00 21.25 -73.32
C LEU V 148 -68.07 20.22 -72.95
N SER V 149 -68.34 19.23 -73.79
CA SER V 149 -69.23 18.17 -73.37
C SER V 149 -68.65 17.41 -72.18
N MET V 150 -67.38 17.03 -72.29
CA MET V 150 -66.71 16.36 -71.16
C MET V 150 -66.61 17.28 -69.94
N ALA V 151 -66.31 18.56 -70.18
CA ALA V 151 -66.25 19.53 -69.08
C ALA V 151 -67.60 19.69 -68.40
N LEU V 152 -68.69 19.68 -69.16
CA LEU V 152 -70.02 19.85 -68.57
C LEU V 152 -70.42 18.63 -67.74
N GLY V 153 -70.09 17.43 -68.23
CA GLY V 153 -70.25 16.26 -67.37
C GLY V 153 -69.47 16.40 -66.07
N VAL V 154 -68.24 16.92 -66.15
CA VAL V 154 -67.45 17.12 -64.94
C VAL V 154 -68.10 18.15 -64.02
N PHE V 155 -68.73 19.17 -64.60
CA PHE V 155 -69.43 20.18 -63.80
C PHE V 155 -70.60 19.57 -63.02
N ILE V 156 -71.40 18.74 -63.69
CA ILE V 156 -72.45 18.00 -63.01
C ILE V 156 -71.85 17.20 -61.85
N LEU V 157 -70.73 16.53 -62.11
CA LEU V 157 -70.11 15.71 -61.08
C LEU V 157 -69.55 16.55 -59.93
N ILE V 158 -69.11 17.78 -60.22
CA ILE V 158 -68.65 18.68 -59.16
C ILE V 158 -69.78 18.95 -58.18
N LEU V 159 -70.91 19.42 -58.73
CA LEU V 159 -72.04 19.69 -57.85
C LEU V 159 -72.56 18.43 -57.18
N PHE V 160 -72.30 17.25 -57.74
CA PHE V 160 -72.73 16.02 -57.10
C PHE V 160 -72.17 15.90 -55.67
N TYR V 161 -70.84 15.83 -55.54
CA TYR V 161 -70.25 15.73 -54.22
C TYR V 161 -70.40 17.03 -53.43
N SER V 162 -70.38 18.18 -54.10
CA SER V 162 -70.61 19.40 -53.34
C SER V 162 -71.99 19.42 -52.70
N ILE V 163 -72.95 18.66 -53.24
CA ILE V 163 -74.30 18.63 -52.70
C ILE V 163 -74.59 17.31 -51.97
N LYS V 164 -73.59 16.46 -51.76
CA LYS V 164 -73.96 15.32 -50.92
C LYS V 164 -73.97 15.63 -49.43
N MET V 165 -72.82 15.39 -48.77
CA MET V 165 -72.68 15.77 -47.37
C MET V 165 -72.39 17.24 -47.26
N LYS V 166 -71.52 17.73 -48.14
CA LYS V 166 -71.27 19.16 -48.22
C LYS V 166 -72.56 19.90 -48.48
N GLY V 167 -73.38 19.39 -49.39
CA GLY V 167 -74.62 20.07 -49.72
C GLY V 167 -75.56 20.21 -48.55
N ILE V 168 -75.75 19.14 -47.77
CA ILE V 168 -76.67 19.38 -46.65
C ILE V 168 -75.96 20.18 -45.54
N GLY V 169 -74.64 20.03 -45.41
CA GLY V 169 -73.88 20.63 -44.33
C GLY V 169 -73.06 21.81 -44.81
N GLY V 170 -71.84 21.49 -45.24
CA GLY V 170 -70.84 22.45 -45.60
C GLY V 170 -71.40 23.42 -46.61
N PHE V 171 -71.77 22.98 -47.83
CA PHE V 171 -72.10 23.95 -48.88
C PHE V 171 -72.97 25.10 -48.35
N THR V 172 -74.03 24.78 -47.61
CA THR V 172 -74.86 25.82 -47.00
C THR V 172 -74.08 26.63 -45.96
N LYS V 173 -73.43 25.93 -45.01
CA LYS V 173 -72.72 26.63 -43.94
C LYS V 173 -71.59 27.49 -44.50
N GLU V 174 -70.83 26.95 -45.45
CA GLU V 174 -69.70 27.62 -46.05
C GLU V 174 -70.15 28.86 -46.84
N LEU V 175 -71.20 28.72 -47.65
CA LEU V 175 -71.67 29.86 -48.44
C LEU V 175 -72.24 30.96 -47.56
N THR V 176 -72.94 30.60 -46.47
CA THR V 176 -73.54 31.63 -45.63
C THR V 176 -72.50 32.24 -44.68
N LEU V 177 -71.85 31.41 -43.86
CA LEU V 177 -70.93 31.94 -42.85
C LEU V 177 -69.55 32.28 -43.41
N GLN V 178 -68.80 31.28 -43.87
CA GLN V 178 -67.41 31.54 -44.21
C GLN V 178 -67.32 32.49 -45.41
N PRO V 179 -66.23 33.26 -45.51
CA PRO V 179 -65.10 33.33 -44.59
C PRO V 179 -65.27 34.19 -43.33
N PHE V 180 -65.95 35.33 -43.40
CA PHE V 180 -65.98 36.25 -42.27
C PHE V 180 -67.32 36.30 -41.55
N ASN V 181 -68.28 35.45 -41.91
CA ASN V 181 -69.56 35.39 -41.20
C ASN V 181 -70.25 36.75 -41.15
N HIS V 182 -70.34 37.43 -42.29
CA HIS V 182 -71.04 38.70 -42.37
C HIS V 182 -72.15 38.67 -43.41
N TRP V 183 -73.14 39.54 -43.18
CA TRP V 183 -74.28 39.62 -44.07
C TRP V 183 -73.90 40.25 -45.41
N ALA V 184 -72.95 41.21 -45.41
CA ALA V 184 -72.60 41.91 -46.63
C ALA V 184 -71.62 41.14 -47.50
N PHE V 185 -70.81 40.27 -46.91
CA PHE V 185 -69.88 39.42 -47.66
C PHE V 185 -70.49 38.08 -48.08
N ILE V 186 -71.75 37.83 -47.75
CA ILE V 186 -72.42 36.69 -48.36
C ILE V 186 -72.59 36.98 -49.85
N PRO V 187 -73.21 38.10 -50.27
CA PRO V 187 -73.36 38.32 -51.71
C PRO V 187 -72.03 38.46 -52.45
N VAL V 188 -71.07 39.18 -51.87
CA VAL V 188 -69.81 39.44 -52.57
C VAL V 188 -69.03 38.15 -52.79
N ASN V 189 -68.89 37.37 -51.72
CA ASN V 189 -68.17 36.11 -51.82
C ASN V 189 -68.97 35.07 -52.60
N LEU V 190 -70.30 35.19 -52.63
CA LEU V 190 -71.06 34.38 -53.57
C LEU V 190 -70.74 34.74 -55.02
N ILE V 191 -70.56 36.02 -55.32
CA ILE V 191 -70.18 36.41 -56.68
C ILE V 191 -68.82 35.81 -57.03
N LEU V 192 -67.85 35.98 -56.14
CA LEU V 192 -66.54 35.38 -56.36
C LEU V 192 -66.66 33.87 -56.56
N GLU V 193 -67.39 33.19 -55.66
CA GLU V 193 -67.57 31.75 -55.76
C GLU V 193 -68.24 31.37 -57.08
N GLY V 194 -69.24 32.12 -57.52
CA GLY V 194 -69.94 31.76 -58.73
C GLY V 194 -69.04 31.78 -59.94
N VAL V 195 -68.31 32.90 -60.12
CA VAL V 195 -67.47 32.99 -61.31
C VAL V 195 -66.34 31.95 -61.25
N SER V 196 -65.72 31.78 -60.07
CA SER V 196 -64.64 30.81 -59.93
C SER V 196 -65.14 29.39 -60.22
N LEU V 197 -66.24 29.01 -59.57
CA LEU V 197 -66.82 27.67 -59.72
C LEU V 197 -67.14 27.36 -61.17
N LEU V 198 -67.78 28.31 -61.87
CA LEU V 198 -68.13 28.02 -63.25
C LEU V 198 -66.92 28.07 -64.18
N SER V 199 -65.86 28.81 -63.82
CA SER V 199 -64.69 28.79 -64.67
C SER V 199 -63.91 27.48 -64.52
N LYS V 200 -64.06 26.80 -63.37
CA LYS V 200 -63.29 25.56 -63.21
C LYS V 200 -63.52 24.53 -64.33
N PRO V 201 -64.76 24.23 -64.76
CA PRO V 201 -64.91 23.23 -65.81
C PRO V 201 -64.69 23.77 -67.22
N VAL V 202 -65.19 24.99 -67.47
CA VAL V 202 -65.07 25.62 -68.78
C VAL V 202 -63.60 25.74 -69.14
N SER V 203 -62.74 25.99 -68.16
CA SER V 203 -61.31 26.06 -68.42
C SER V 203 -60.73 24.73 -68.87
N LEU V 204 -61.16 23.62 -68.26
CA LEU V 204 -60.78 22.31 -68.78
C LEU V 204 -61.12 22.22 -70.26
N GLY V 205 -62.37 22.53 -70.58
CA GLY V 205 -62.81 22.41 -71.96
C GLY V 205 -61.96 23.23 -72.90
N LEU V 206 -61.82 24.53 -72.62
CA LEU V 206 -61.12 25.41 -73.56
C LEU V 206 -59.62 25.17 -73.59
N ARG V 207 -59.02 24.74 -72.47
CA ARG V 207 -57.60 24.41 -72.48
C ARG V 207 -57.30 23.31 -73.50
N LEU V 208 -57.97 22.17 -73.33
CA LEU V 208 -57.71 21.05 -74.24
C LEU V 208 -58.09 21.42 -75.68
N PHE V 209 -59.22 22.12 -75.84
CA PHE V 209 -59.65 22.59 -77.16
C PHE V 209 -58.58 23.45 -77.82
N GLY V 210 -58.07 24.46 -77.12
CA GLY V 210 -57.08 25.33 -77.72
C GLY V 210 -55.86 24.59 -78.21
N ASN V 211 -55.34 23.68 -77.38
CA ASN V 211 -54.14 22.95 -77.81
C ASN V 211 -54.38 22.15 -79.07
N MET V 212 -55.45 21.33 -79.09
CA MET V 212 -55.66 20.49 -80.28
C MET V 212 -56.04 21.33 -81.51
N TYR V 213 -56.86 22.37 -81.31
CA TYR V 213 -57.28 23.24 -82.39
C TYR V 213 -56.09 23.89 -83.06
N ALA V 214 -55.15 24.40 -82.25
CA ALA V 214 -53.98 25.04 -82.82
C ALA V 214 -53.00 24.04 -83.43
N GLY V 215 -52.88 22.83 -82.90
CA GLY V 215 -51.99 21.87 -83.52
C GLY V 215 -52.48 21.44 -84.90
N GLU V 216 -53.77 21.13 -84.99
CA GLU V 216 -54.36 20.83 -86.29
C GLU V 216 -54.17 22.01 -87.24
N LEU V 217 -54.31 23.23 -86.71
CA LEU V 217 -54.07 24.42 -87.52
C LEU V 217 -52.64 24.49 -88.04
N ILE V 218 -51.66 24.15 -87.20
CA ILE V 218 -50.26 24.25 -87.62
C ILE V 218 -49.97 23.27 -88.75
N PHE V 219 -50.46 22.03 -88.62
CA PHE V 219 -50.30 21.08 -89.73
C PHE V 219 -50.94 21.63 -91.00
N ILE V 220 -52.16 22.19 -90.89
CA ILE V 220 -52.84 22.72 -92.06
C ILE V 220 -52.02 23.84 -92.69
N LEU V 221 -51.47 24.74 -91.87
CA LEU V 221 -50.71 25.87 -92.39
C LEU V 221 -49.47 25.41 -93.15
N ILE V 222 -48.72 24.47 -92.57
CA ILE V 222 -47.55 23.95 -93.27
C ILE V 222 -47.94 23.34 -94.60
N ALA V 223 -49.02 22.55 -94.62
CA ALA V 223 -49.43 21.91 -95.87
C ALA V 223 -49.88 22.94 -96.90
N GLY V 224 -50.57 23.99 -96.46
CA GLY V 224 -51.15 24.96 -97.38
C GLY V 224 -50.20 25.98 -97.96
N LEU V 225 -49.23 26.45 -97.17
CA LEU V 225 -48.39 27.55 -97.62
C LEU V 225 -47.19 27.11 -98.45
N LEU V 226 -46.44 26.14 -97.96
CA LEU V 226 -45.10 25.84 -98.43
C LEU V 226 -45.12 24.82 -99.58
N PRO V 227 -44.17 24.92 -100.50
CA PRO V 227 -44.07 23.92 -101.56
C PRO V 227 -43.57 22.58 -101.03
N TRP V 228 -43.91 21.53 -101.78
CA TRP V 228 -43.73 20.15 -101.31
C TRP V 228 -42.30 19.85 -100.88
N TRP V 229 -41.31 20.31 -101.63
CA TRP V 229 -39.92 20.01 -101.29
C TRP V 229 -39.47 20.66 -100.00
N SER V 230 -40.22 21.63 -99.46
CA SER V 230 -39.84 22.31 -98.23
C SER V 230 -40.78 22.08 -97.06
N GLN V 231 -41.93 21.43 -97.28
CA GLN V 231 -42.89 21.23 -96.19
C GLN V 231 -42.31 20.33 -95.10
N TRP V 232 -41.64 19.25 -95.49
CA TRP V 232 -41.16 18.24 -94.55
C TRP V 232 -40.32 18.81 -93.41
N ILE V 233 -39.38 19.71 -93.72
CA ILE V 233 -38.42 20.13 -92.70
C ILE V 233 -39.08 20.94 -91.60
N LEU V 234 -40.23 21.56 -91.86
CA LEU V 234 -40.98 22.24 -90.82
C LEU V 234 -42.15 21.43 -90.27
N ASN V 235 -42.62 20.42 -91.01
CA ASN V 235 -43.71 19.59 -90.53
C ASN V 235 -43.23 18.59 -89.48
N VAL V 236 -42.04 17.99 -89.67
CA VAL V 236 -41.56 16.97 -88.72
C VAL V 236 -41.37 17.52 -87.31
N PRO V 237 -40.67 18.65 -87.09
CA PRO V 237 -40.46 19.10 -85.70
C PRO V 237 -41.76 19.38 -84.96
N TRP V 238 -42.77 19.91 -85.65
CA TRP V 238 -44.05 20.15 -85.00
C TRP V 238 -44.69 18.86 -84.53
N ALA V 239 -44.62 17.80 -85.34
CA ALA V 239 -45.17 16.51 -84.90
C ALA V 239 -44.46 16.00 -83.66
N ILE V 240 -43.12 16.10 -83.65
CA ILE V 240 -42.35 15.65 -82.49
C ILE V 240 -42.78 16.43 -81.23
N PHE V 241 -42.96 17.74 -81.37
CA PHE V 241 -43.37 18.59 -80.26
C PHE V 241 -44.81 18.29 -79.84
N HIS V 242 -45.68 18.00 -80.80
CA HIS V 242 -47.08 17.77 -80.51
C HIS V 242 -47.31 16.45 -79.79
N ILE V 243 -46.40 15.48 -79.93
CA ILE V 243 -46.51 14.29 -79.09
C ILE V 243 -46.51 14.67 -77.60
N LEU V 244 -45.54 15.50 -77.20
CA LEU V 244 -45.51 16.00 -75.83
C LEU V 244 -46.78 16.76 -75.49
N ILE V 245 -47.23 17.63 -76.41
CA ILE V 245 -48.43 18.42 -76.14
C ILE V 245 -49.64 17.53 -75.85
N ILE V 246 -49.86 16.51 -76.68
CA ILE V 246 -51.05 15.68 -76.52
C ILE V 246 -50.97 14.86 -75.24
N THR V 247 -49.79 14.31 -74.93
CA THR V 247 -49.65 13.57 -73.68
C THR V 247 -49.99 14.46 -72.49
N LEU V 248 -49.42 15.67 -72.45
CA LEU V 248 -49.64 16.55 -71.32
C LEU V 248 -51.10 16.98 -71.21
N GLN V 249 -51.76 17.24 -72.35
CA GLN V 249 -53.14 17.71 -72.27
C GLN V 249 -54.09 16.61 -71.78
N ALA V 250 -53.91 15.37 -72.25
CA ALA V 250 -54.71 14.28 -71.69
C ALA V 250 -54.50 14.20 -70.19
N PHE V 251 -53.22 14.20 -69.76
CA PHE V 251 -52.90 14.12 -68.34
C PHE V 251 -53.58 15.22 -67.54
N ILE V 252 -53.50 16.46 -68.04
CA ILE V 252 -53.96 17.60 -67.26
C ILE V 252 -55.48 17.64 -67.15
N PHE V 253 -56.19 17.32 -68.25
CA PHE V 253 -57.65 17.25 -68.18
C PHE V 253 -58.07 16.24 -67.11
N MET V 254 -57.48 15.04 -67.15
CA MET V 254 -57.71 14.04 -66.10
C MET V 254 -57.46 14.61 -64.70
N VAL V 255 -56.27 15.19 -64.51
CA VAL V 255 -55.81 15.58 -63.17
C VAL V 255 -56.73 16.63 -62.57
N LEU V 256 -57.05 17.65 -63.35
CA LEU V 256 -57.88 18.73 -62.82
C LEU V 256 -59.30 18.24 -62.53
N THR V 257 -59.82 17.30 -63.33
CA THR V 257 -61.09 16.67 -62.96
C THR V 257 -61.01 16.04 -61.57
N ILE V 258 -59.96 15.25 -61.33
CA ILE V 258 -59.84 14.57 -60.05
C ILE V 258 -59.76 15.59 -58.91
N VAL V 259 -58.96 16.65 -59.10
CA VAL V 259 -58.81 17.64 -58.03
C VAL V 259 -60.15 18.29 -57.72
N TYR V 260 -60.90 18.68 -58.76
CA TYR V 260 -62.20 19.33 -58.52
C TYR V 260 -63.10 18.43 -57.69
N LEU V 261 -63.28 17.17 -58.12
CA LEU V 261 -64.23 16.33 -57.38
C LEU V 261 -63.73 16.04 -55.97
N SER V 262 -62.42 15.86 -55.81
CA SER V 262 -61.90 15.59 -54.48
C SER V 262 -62.19 16.73 -53.52
N MET V 263 -61.98 17.97 -53.97
CA MET V 263 -62.30 19.10 -53.11
C MET V 263 -63.80 19.21 -52.89
N ALA V 264 -64.60 18.77 -53.86
CA ALA V 264 -66.05 18.78 -53.68
C ALA V 264 -66.49 17.83 -52.56
N SER V 265 -65.87 16.65 -52.46
CA SER V 265 -66.27 15.72 -51.42
C SER V 265 -65.52 15.94 -50.10
N GLU V 266 -64.18 15.88 -50.15
CA GLU V 266 -63.37 16.12 -48.97
C GLU V 266 -63.16 17.62 -48.76
#